data_1COW
#
_entry.id   1COW
#
_cell.length_a   283.400
_cell.length_b   107.600
_cell.length_c   140.200
_cell.angle_alpha   90.00
_cell.angle_beta   90.00
_cell.angle_gamma   90.00
#
_symmetry.space_group_name_H-M   'P 21 21 21'
#
loop_
_entity.id
_entity.type
_entity.pdbx_description
1 polymer 'BOVINE MITOCHONDRIAL F1-ATPASE'
2 polymer 'BOVINE MITOCHONDRIAL F1-ATPASE'
3 polymer 'BOVINE MITOCHONDRIAL F1-ATPASE'
4 non-polymer 'MAGNESIUM ION'
5 non-polymer 'PHOSPHOAMINOPHOSPHONIC ACID-ADENYLATE ESTER'
6 non-polymer "ADENOSINE-5'-DIPHOSPHATE"
7 non-polymer 'AUROVERTIN B'
8 water water
#
loop_
_entity_poly.entity_id
_entity_poly.type
_entity_poly.pdbx_seq_one_letter_code
_entity_poly.pdbx_strand_id
1 'polypeptide(L)'
;EKTGTAEVSSILEERILGADTSVDLEETGRVLSIGDGIARVHGLRNVQAEEMVEFSSGLKGMSLNLEPDNVGVVVFGNDK
LIKEGDIVKRTGAIVDVPVGEELLGRVVDALGNAIDGKGPIGSKARRRVGLKAPGIIPRISVREPMQTGIKAVDSLVPIG
RGQRELIIGDRQTGKTSIAIDTIINQKRFNDGTDEKKKLYCIYVAIGQKRSTVAQLVKRLTDADAMKYTIVVSATASDAA
PLQYLAPYSGCSMGEYFRDNGKHALIIYDDLSKQAVAYRQMSLLLRRPPGREAYPGDVFYLHSRLLERAAKMNDAFGGGS
LTALPVIETQAGDVSAYIPTNVISITDGQIFLETELFYKGIRPAINVGLSVSRVGSAAQTRAMKQVAGTMKLELAQYREV
AAFAQFGSDLDAATQQLLSRGVRLTELLKQGQYSPMAIEEQVAVIYAGVRGYLDKLEPSKITKFENAFLSHVISQHQALL
GKIRTDGKISEESDAKLKEIVTNFLAGFEA
;
A,B,C
2 'polypeptide(L)'
;AAQASPSPKAGATTGRIVAVIGAVVDVQFDEGLPPILNALEVQGRETRLVLEVAQHLGESTVRTIAMDGTEGLVRGQKVL
DSGAPIRIPVGPETLGRIMNVIGEPIDERGPIKTKQFAAIHAEAPEFVEMSVEQEILVTGIKVVDLLAPYAKGGKIGLFG
GAGVGKTVLIMELINNVAKAHGGYSVFAGVGERTREGNDLYHEMIESGVINLKDATSKVALVYGQMNEPPGARARVALTG
LTVAEYFRDQEGQDVLLFIDNIFRFTQAGSEVSALLGRIPSAVGYQPTLATDMGTMQERITTTKKGSITSVQAIYVPADD
LTDPAPATTFAHLDATTVLSRAIAELGIYPAVDPLDSTSRIMDPNIVGSEHYDVARGVQKILQDYKSLQDIIAILGMDEL
SEEDKLTVSRARKIQRFLSQPFQVAEVFTGHLGKLVPLKETIKGFQQILAGEYDHLPEQAFYMVGPIEEAVAKADKLAEE
HS
;
D,E,F
3 'polypeptide(L)'
;ATLKDITRRLKSIKNIQKITKSMKMVAAAKYARAERELKPARVYGVGSLALYEKADIKTPEDKKKHLIIGVSSDRGLCGA
IHSSVAKQMKSEAANLAAAGKEVKIIGVGDKIRSILHRTHSDQFLVTFKEVGRRPPTFGDASVIALELLNSGYEFDEGSI
IFNRFRSVISYKTEEKPIFSLDTISSAESMSIYDDIDADVLRNYQEYSLANIIYYSLKESTTSEQSARMTAMDNASKNAS
EMIDKLTLTFNRTRQAVITKELIEIISGAAAL
;
G
#
# COMPACT_ATOMS: atom_id res chain seq x y z
N ASP A 24 29.94 -17.17 -42.27
CA ASP A 24 28.52 -17.14 -42.09
C ASP A 24 28.16 -17.83 -40.77
N LEU A 25 26.90 -17.73 -40.47
CA LEU A 25 26.19 -18.25 -39.33
C LEU A 25 26.86 -18.76 -38.08
N GLU A 26 27.71 -19.72 -38.21
CA GLU A 26 28.28 -20.27 -37.03
C GLU A 26 29.07 -19.25 -36.23
N GLU A 27 29.70 -18.34 -36.97
CA GLU A 27 30.52 -17.34 -36.33
C GLU A 27 30.10 -15.90 -36.53
N THR A 28 29.01 -15.69 -37.34
CA THR A 28 28.47 -14.36 -37.67
C THR A 28 26.94 -14.22 -37.66
N GLY A 29 26.43 -13.00 -37.56
CA GLY A 29 24.99 -12.85 -37.50
C GLY A 29 24.50 -11.61 -38.19
N ARG A 30 23.20 -11.52 -38.40
CA ARG A 30 22.61 -10.37 -39.02
C ARG A 30 21.56 -9.84 -38.06
N VAL A 31 21.47 -8.51 -37.89
CA VAL A 31 20.48 -7.92 -36.99
C VAL A 31 19.11 -8.04 -37.62
N LEU A 32 18.17 -8.56 -36.83
CA LEU A 32 16.80 -8.70 -37.30
C LEU A 32 16.01 -7.44 -36.94
N SER A 33 16.33 -6.88 -35.77
CA SER A 33 15.67 -5.70 -35.27
C SER A 33 16.53 -5.05 -34.24
N ILE A 34 16.41 -3.74 -34.09
CA ILE A 34 17.18 -3.03 -33.13
C ILE A 34 16.33 -1.91 -32.51
N GLY A 35 16.46 -1.82 -31.19
CA GLY A 35 15.74 -0.78 -30.51
C GLY A 35 15.98 -0.79 -29.02
N ASP A 36 15.77 0.38 -28.41
CA ASP A 36 15.92 0.58 -27.02
C ASP A 36 17.15 -0.13 -26.49
N GLY A 37 18.21 -0.15 -27.30
CA GLY A 37 19.48 -0.73 -26.94
C GLY A 37 19.56 -2.24 -27.03
N ILE A 38 18.48 -2.81 -27.48
CA ILE A 38 18.47 -4.23 -27.60
C ILE A 38 18.64 -4.58 -29.08
N ALA A 39 19.59 -5.44 -29.35
CA ALA A 39 19.78 -5.83 -30.71
C ALA A 39 19.30 -7.25 -30.84
N ARG A 40 18.59 -7.55 -31.90
CA ARG A 40 18.13 -8.95 -31.99
C ARG A 40 18.77 -9.61 -33.19
N VAL A 41 19.81 -10.40 -32.91
CA VAL A 41 20.59 -11.05 -33.95
C VAL A 41 20.18 -12.47 -34.31
N HIS A 42 20.18 -12.71 -35.62
CA HIS A 42 19.91 -13.97 -36.24
C HIS A 42 21.28 -14.53 -36.59
N GLY A 43 21.55 -15.81 -36.27
CA GLY A 43 22.84 -16.44 -36.62
C GLY A 43 23.70 -16.53 -35.37
N LEU A 44 25.03 -16.33 -35.48
CA LEU A 44 25.92 -16.37 -34.31
C LEU A 44 25.70 -17.66 -33.55
N ARG A 45 25.43 -18.72 -34.28
CA ARG A 45 25.16 -19.98 -33.64
C ARG A 45 26.19 -20.45 -32.63
N ASN A 46 27.40 -20.00 -32.73
CA ASN A 46 28.35 -20.47 -31.77
C ASN A 46 28.55 -19.63 -30.50
N VAL A 47 27.91 -18.48 -30.37
CA VAL A 47 28.19 -17.71 -29.17
C VAL A 47 27.92 -18.33 -27.83
N GLN A 48 28.76 -17.99 -26.89
CA GLN A 48 28.58 -18.43 -25.54
C GLN A 48 27.83 -17.34 -24.78
N ALA A 49 27.21 -17.69 -23.64
CA ALA A 49 26.49 -16.75 -22.81
C ALA A 49 27.38 -15.55 -22.40
N GLU A 50 26.90 -14.30 -22.44
CA GLU A 50 27.72 -13.16 -22.03
C GLU A 50 28.92 -12.84 -22.92
N GLU A 51 28.99 -13.41 -24.10
CA GLU A 51 30.15 -13.14 -24.93
C GLU A 51 30.11 -11.77 -25.56
N MET A 52 31.27 -11.18 -25.67
CA MET A 52 31.39 -9.88 -26.31
C MET A 52 31.33 -9.98 -27.82
N VAL A 53 30.44 -9.23 -28.44
CA VAL A 53 30.28 -9.35 -29.88
C VAL A 53 30.45 -8.00 -30.60
N GLU A 54 30.62 -7.96 -31.93
CA GLU A 54 30.83 -6.67 -32.55
C GLU A 54 29.99 -6.36 -33.77
N PHE A 55 29.33 -5.24 -33.73
CA PHE A 55 28.51 -4.83 -34.84
C PHE A 55 29.40 -4.22 -35.89
N SER A 56 28.94 -4.18 -37.14
CA SER A 56 29.71 -3.57 -38.24
C SER A 56 30.33 -2.21 -37.82
N SER A 57 29.47 -1.23 -37.63
CA SER A 57 29.78 0.10 -37.20
C SER A 57 30.93 0.20 -36.22
N GLY A 58 31.21 -0.90 -35.51
CA GLY A 58 32.30 -0.98 -34.54
C GLY A 58 31.87 -1.08 -33.07
N LEU A 59 30.59 -0.86 -32.83
CA LEU A 59 30.12 -0.97 -31.48
C LEU A 59 30.22 -2.40 -31.01
N LYS A 60 30.55 -2.56 -29.75
CA LYS A 60 30.57 -3.86 -29.16
C LYS A 60 29.14 -4.11 -28.65
N GLY A 61 28.88 -5.31 -28.18
CA GLY A 61 27.61 -5.71 -27.60
C GLY A 61 27.88 -7.01 -26.86
N MET A 62 27.09 -7.37 -25.87
CA MET A 62 27.29 -8.57 -25.09
C MET A 62 26.05 -9.43 -25.15
N SER A 63 26.20 -10.71 -25.44
CA SER A 63 25.05 -11.60 -25.58
C SER A 63 24.47 -12.07 -24.27
N LEU A 64 23.38 -11.42 -23.87
CA LEU A 64 22.82 -11.78 -22.61
C LEU A 64 21.69 -12.77 -22.71
N ASN A 65 21.13 -12.90 -23.90
CA ASN A 65 20.02 -13.82 -24.11
C ASN A 65 20.33 -14.66 -25.30
N LEU A 66 20.55 -15.93 -25.07
CA LEU A 66 20.81 -16.83 -26.15
C LEU A 66 19.54 -17.63 -26.29
N GLU A 67 18.81 -17.27 -27.31
CA GLU A 67 17.52 -17.84 -27.59
C GLU A 67 17.59 -18.83 -28.77
N PRO A 68 16.56 -19.69 -28.84
CA PRO A 68 16.39 -20.66 -29.89
C PRO A 68 16.53 -20.03 -31.25
N ASP A 69 15.72 -19.03 -31.54
CA ASP A 69 15.75 -18.36 -32.84
C ASP A 69 16.56 -17.04 -32.92
N ASN A 70 17.32 -16.66 -31.88
CA ASN A 70 18.03 -15.42 -31.97
C ASN A 70 18.89 -15.15 -30.77
N VAL A 71 19.69 -14.09 -30.90
CA VAL A 71 20.55 -13.64 -29.83
C VAL A 71 20.15 -12.23 -29.50
N GLY A 72 19.73 -12.01 -28.25
CA GLY A 72 19.35 -10.68 -27.84
C GLY A 72 20.61 -10.05 -27.32
N VAL A 73 21.17 -9.09 -28.09
CA VAL A 73 22.41 -8.45 -27.70
C VAL A 73 22.20 -7.08 -27.06
N VAL A 74 22.95 -6.85 -26.00
CA VAL A 74 22.96 -5.66 -25.19
C VAL A 74 23.96 -4.69 -25.81
N VAL A 75 23.47 -3.68 -26.49
CA VAL A 75 24.34 -2.75 -27.15
C VAL A 75 25.13 -1.80 -26.27
N PHE A 76 26.46 -1.81 -26.43
CA PHE A 76 27.32 -0.90 -25.66
C PHE A 76 27.50 0.46 -26.36
N GLY A 77 26.41 1.25 -26.58
CA GLY A 77 26.53 2.53 -27.26
C GLY A 77 25.22 2.95 -27.87
N ASN A 78 25.28 3.91 -28.78
CA ASN A 78 24.09 4.45 -29.41
C ASN A 78 23.57 3.56 -30.50
N ASP A 79 22.30 3.27 -30.49
CA ASP A 79 21.68 2.40 -31.46
C ASP A 79 21.64 3.03 -32.85
N LYS A 80 22.02 4.25 -32.93
CA LYS A 80 21.98 4.92 -34.20
C LYS A 80 22.88 4.23 -35.18
N LEU A 81 23.96 3.67 -34.68
CA LEU A 81 24.95 3.02 -35.52
C LEU A 81 24.65 1.62 -35.94
N ILE A 82 23.42 1.17 -35.70
CA ILE A 82 23.05 -0.21 -36.00
C ILE A 82 21.72 -0.27 -36.73
N LYS A 83 21.66 -1.06 -37.78
CA LYS A 83 20.43 -1.15 -38.51
C LYS A 83 20.09 -2.58 -38.74
N GLU A 84 18.86 -2.79 -39.18
CA GLU A 84 18.40 -4.14 -39.47
C GLU A 84 19.36 -4.63 -40.50
N GLY A 85 19.78 -5.86 -40.40
CA GLY A 85 20.73 -6.33 -41.37
C GLY A 85 22.19 -6.13 -40.98
N ASP A 86 22.55 -5.14 -40.13
CA ASP A 86 23.95 -4.99 -39.75
C ASP A 86 24.60 -6.36 -39.43
N ILE A 87 25.79 -6.58 -39.93
CA ILE A 87 26.40 -7.86 -39.69
C ILE A 87 27.10 -7.88 -38.34
N VAL A 88 26.79 -8.89 -37.53
CA VAL A 88 27.41 -9.03 -36.22
C VAL A 88 28.42 -10.19 -36.19
N LYS A 89 29.59 -9.96 -35.60
CA LYS A 89 30.62 -10.99 -35.54
C LYS A 89 31.02 -11.28 -34.12
N ARG A 90 31.51 -12.52 -33.90
CA ARG A 90 31.95 -12.90 -32.58
C ARG A 90 33.34 -12.40 -32.34
N THR A 91 33.68 -12.17 -31.10
CA THR A 91 35.06 -11.78 -30.82
C THR A 91 35.75 -13.01 -30.27
N GLY A 92 34.90 -13.91 -29.76
CA GLY A 92 35.33 -15.15 -29.13
C GLY A 92 35.76 -14.85 -27.71
N ALA A 93 36.01 -13.54 -27.48
CA ALA A 93 36.46 -12.95 -26.20
C ALA A 93 35.37 -12.53 -25.22
N ILE A 94 35.65 -12.75 -23.93
CA ILE A 94 34.72 -12.32 -22.89
C ILE A 94 35.32 -11.06 -22.25
N VAL A 95 34.50 -10.32 -21.53
CA VAL A 95 34.89 -9.09 -20.92
C VAL A 95 35.99 -9.13 -19.87
N ASP A 96 37.12 -8.50 -20.18
CA ASP A 96 38.25 -8.41 -19.26
C ASP A 96 38.77 -7.02 -19.23
N VAL A 97 39.48 -6.62 -18.17
CA VAL A 97 39.93 -5.24 -18.10
C VAL A 97 41.40 -5.09 -17.69
N PRO A 98 42.02 -3.92 -17.95
CA PRO A 98 43.37 -3.67 -17.55
C PRO A 98 43.47 -3.86 -16.06
N VAL A 99 44.68 -3.90 -15.55
CA VAL A 99 44.81 -4.08 -14.11
C VAL A 99 46.24 -3.82 -13.63
N GLY A 100 46.35 -3.57 -12.35
CA GLY A 100 47.65 -3.29 -11.79
C GLY A 100 47.95 -1.84 -11.49
N GLU A 101 49.10 -1.66 -10.87
CA GLU A 101 49.65 -0.40 -10.43
C GLU A 101 49.67 0.74 -11.45
N GLU A 102 49.71 0.46 -12.72
CA GLU A 102 49.73 1.60 -13.61
C GLU A 102 48.39 2.35 -13.62
N LEU A 103 47.31 1.69 -13.27
CA LEU A 103 46.03 2.38 -13.27
C LEU A 103 45.94 3.50 -12.22
N LEU A 104 46.79 3.47 -11.19
CA LEU A 104 46.76 4.46 -10.12
C LEU A 104 46.74 5.90 -10.63
N GLY A 105 45.99 6.77 -9.95
CA GLY A 105 45.91 8.16 -10.37
C GLY A 105 45.31 8.33 -11.77
N ARG A 106 44.49 7.39 -12.17
CA ARG A 106 43.87 7.51 -13.48
C ARG A 106 42.36 7.56 -13.39
N VAL A 107 41.75 8.02 -14.48
CA VAL A 107 40.33 8.08 -14.59
C VAL A 107 39.99 7.31 -15.84
N VAL A 108 39.40 6.13 -15.62
CA VAL A 108 39.01 5.18 -16.65
C VAL A 108 37.52 4.92 -16.71
N ASP A 109 37.07 4.57 -17.92
CA ASP A 109 35.67 4.27 -18.06
C ASP A 109 35.39 2.88 -17.56
N ALA A 110 34.23 2.31 -17.83
CA ALA A 110 33.90 0.94 -17.34
C ALA A 110 34.72 -0.12 -18.04
N LEU A 111 35.22 0.24 -19.17
CA LEU A 111 36.00 -0.74 -19.85
C LEU A 111 37.48 -0.59 -19.56
N GLY A 112 37.82 0.31 -18.64
CA GLY A 112 39.20 0.52 -18.26
C GLY A 112 39.90 1.51 -19.19
N ASN A 113 39.15 2.10 -20.10
CA ASN A 113 39.75 3.05 -20.97
C ASN A 113 40.01 4.35 -20.23
N ALA A 114 41.10 5.03 -20.59
CA ALA A 114 41.41 6.28 -19.93
C ALA A 114 40.56 7.42 -20.43
N ILE A 115 39.86 8.07 -19.51
CA ILE A 115 38.99 9.17 -19.85
C ILE A 115 39.45 10.53 -19.31
N ASP A 116 40.60 10.56 -18.64
CA ASP A 116 41.15 11.78 -18.03
C ASP A 116 42.05 12.50 -19.01
N GLY A 117 42.09 11.92 -20.18
CA GLY A 117 42.88 12.46 -21.24
C GLY A 117 44.35 12.57 -20.92
N LYS A 118 44.85 11.83 -19.93
CA LYS A 118 46.27 11.90 -19.61
C LYS A 118 47.10 10.84 -20.36
N GLY A 119 46.59 10.25 -21.42
CA GLY A 119 47.44 9.27 -22.08
C GLY A 119 47.10 7.90 -21.59
N PRO A 120 47.51 6.91 -22.36
CA PRO A 120 47.24 5.52 -22.08
C PRO A 120 47.74 5.02 -20.75
N ILE A 121 46.95 4.11 -20.21
CA ILE A 121 47.28 3.45 -18.98
C ILE A 121 48.29 2.36 -19.39
N GLY A 122 49.46 2.31 -18.76
CA GLY A 122 50.43 1.31 -19.23
C GLY A 122 50.21 -0.11 -18.74
N SER A 123 49.01 -0.61 -18.87
CA SER A 123 48.57 -1.88 -18.32
C SER A 123 49.13 -3.19 -18.81
N LYS A 124 49.94 -3.82 -17.96
CA LYS A 124 50.51 -5.12 -18.27
C LYS A 124 49.46 -6.24 -18.15
N ALA A 125 49.16 -6.58 -16.92
CA ALA A 125 48.17 -7.58 -16.62
C ALA A 125 46.75 -7.11 -16.97
N ARG A 126 45.93 -8.03 -17.49
CA ARG A 126 44.55 -7.74 -17.81
C ARG A 126 43.70 -8.79 -17.10
N ARG A 127 42.83 -8.39 -16.18
CA ARG A 127 41.96 -9.33 -15.48
C ARG A 127 40.54 -9.38 -16.07
N ARG A 128 39.84 -10.49 -15.84
CA ARG A 128 38.48 -10.69 -16.33
C ARG A 128 37.49 -10.07 -15.37
N VAL A 129 36.62 -9.21 -15.83
CA VAL A 129 35.66 -8.68 -14.87
C VAL A 129 34.75 -9.84 -14.57
N GLY A 130 34.24 -9.98 -13.36
CA GLY A 130 33.38 -11.13 -13.14
C GLY A 130 34.07 -12.49 -13.17
N LEU A 131 34.55 -12.84 -11.98
CA LEU A 131 35.22 -14.08 -11.64
C LEU A 131 34.58 -14.53 -10.34
N LYS A 132 34.75 -15.76 -9.91
CA LYS A 132 34.11 -16.19 -8.66
C LYS A 132 34.86 -15.64 -7.46
N ALA A 133 34.15 -15.40 -6.37
CA ALA A 133 34.79 -14.87 -5.17
C ALA A 133 35.74 -15.91 -4.62
N PRO A 134 36.70 -15.49 -3.84
CA PRO A 134 37.59 -16.45 -3.26
C PRO A 134 36.70 -17.34 -2.41
N GLY A 135 36.87 -18.66 -2.48
CA GLY A 135 36.05 -19.59 -1.73
C GLY A 135 36.05 -19.37 -0.23
N ILE A 136 35.48 -20.33 0.42
CA ILE A 136 35.37 -20.34 1.85
C ILE A 136 36.69 -20.64 2.57
N ILE A 137 37.49 -21.51 1.97
CA ILE A 137 38.75 -21.93 2.55
C ILE A 137 39.90 -20.91 2.54
N PRO A 138 40.10 -20.24 1.42
CA PRO A 138 41.19 -19.30 1.24
C PRO A 138 41.20 -18.09 2.07
N ARG A 139 40.33 -17.99 3.05
CA ARG A 139 40.25 -16.77 3.84
C ARG A 139 40.47 -17.01 5.28
N ILE A 140 40.39 -15.88 6.05
CA ILE A 140 40.65 -15.81 7.49
C ILE A 140 39.89 -14.61 8.09
N SER A 141 39.53 -14.69 9.37
CA SER A 141 38.79 -13.63 10.03
C SER A 141 39.25 -12.22 9.70
N VAL A 142 38.33 -11.29 9.54
CA VAL A 142 38.74 -9.92 9.28
C VAL A 142 39.39 -9.46 10.56
N ARG A 143 40.65 -9.06 10.47
CA ARG A 143 41.32 -8.68 11.69
C ARG A 143 42.07 -7.36 11.69
N GLU A 144 42.53 -6.93 10.51
CA GLU A 144 43.27 -5.68 10.40
C GLU A 144 42.36 -4.50 10.22
N PRO A 145 42.51 -3.48 11.01
CA PRO A 145 41.72 -2.27 10.90
C PRO A 145 41.80 -1.62 9.53
N MET A 146 40.70 -1.01 9.18
CA MET A 146 40.55 -0.25 7.99
C MET A 146 40.08 1.05 8.58
N GLN A 147 40.97 2.07 8.65
CA GLN A 147 40.59 3.31 9.36
C GLN A 147 40.04 4.37 8.45
N THR A 148 38.95 5.03 8.92
CA THR A 148 38.34 6.03 8.09
C THR A 148 38.82 7.43 8.39
N GLY A 149 39.08 7.68 9.66
CA GLY A 149 39.53 8.98 10.09
C GLY A 149 38.31 9.68 10.63
N ILE A 150 37.14 8.99 10.50
CA ILE A 150 35.87 9.53 11.00
C ILE A 150 35.64 9.00 12.41
N LYS A 151 35.60 9.86 13.40
CA LYS A 151 35.44 9.36 14.75
C LYS A 151 34.26 8.44 14.99
N ALA A 152 33.07 8.92 14.63
CA ALA A 152 31.88 8.13 14.81
C ALA A 152 32.04 6.75 14.20
N VAL A 153 32.52 6.66 12.98
CA VAL A 153 32.68 5.36 12.36
C VAL A 153 33.77 4.52 13.05
N ASP A 154 34.98 5.06 13.03
CA ASP A 154 36.15 4.43 13.60
C ASP A 154 35.99 3.96 15.02
N SER A 155 35.15 4.60 15.83
CA SER A 155 34.99 4.19 17.21
C SER A 155 33.77 3.33 17.47
N LEU A 156 32.74 3.49 16.65
CA LEU A 156 31.47 2.83 16.88
C LEU A 156 30.95 2.02 15.77
N VAL A 157 31.57 2.05 14.57
CA VAL A 157 31.08 1.23 13.47
C VAL A 157 32.32 0.76 12.68
N PRO A 158 33.33 0.28 13.39
CA PRO A 158 34.55 -0.11 12.84
C PRO A 158 34.51 -1.02 11.65
N ILE A 159 35.34 -0.67 10.65
CA ILE A 159 35.53 -1.43 9.41
C ILE A 159 36.92 -2.09 9.44
N GLY A 160 37.00 -3.36 9.10
CA GLY A 160 38.25 -4.07 9.06
C GLY A 160 38.52 -4.40 7.61
N ARG A 161 39.72 -4.81 7.28
CA ARG A 161 40.08 -5.15 5.90
C ARG A 161 39.52 -6.47 5.42
N GLY A 162 38.78 -6.45 4.30
CA GLY A 162 38.13 -7.62 3.74
C GLY A 162 36.63 -7.49 4.04
N GLN A 163 36.26 -6.62 4.98
CA GLN A 163 34.85 -6.39 5.32
C GLN A 163 34.16 -5.66 4.17
N ARG A 164 32.82 -5.75 4.20
CA ARG A 164 31.99 -5.05 3.23
C ARG A 164 30.99 -4.30 4.05
N GLU A 165 31.18 -3.01 4.25
CA GLU A 165 30.27 -2.21 5.06
C GLU A 165 29.49 -1.20 4.20
N LEU A 166 28.16 -1.21 4.21
CA LEU A 166 27.36 -0.34 3.38
C LEU A 166 27.12 1.01 3.99
N ILE A 167 27.24 2.03 3.12
CA ILE A 167 26.93 3.38 3.57
C ILE A 167 25.52 3.60 3.05
N ILE A 168 24.54 3.88 3.89
CA ILE A 168 23.22 4.00 3.30
C ILE A 168 22.45 5.19 3.82
N GLY A 169 21.67 5.80 2.97
CA GLY A 169 20.87 6.94 3.44
C GLY A 169 20.06 7.54 2.31
N ASP A 170 19.25 8.57 2.57
CA ASP A 170 18.51 9.21 1.49
C ASP A 170 19.47 10.13 0.70
N ARG A 171 18.94 10.84 -0.29
CA ARG A 171 19.73 11.72 -1.11
C ARG A 171 20.36 12.77 -0.22
N GLN A 172 21.54 13.24 -0.66
CA GLN A 172 22.24 14.29 0.00
C GLN A 172 22.34 14.20 1.53
N THR A 173 22.91 13.12 2.10
CA THR A 173 23.01 12.97 3.56
C THR A 173 24.44 12.94 4.02
N GLY A 174 25.35 12.73 3.05
CA GLY A 174 26.75 12.70 3.44
C GLY A 174 27.44 11.40 3.04
N LYS A 175 26.72 10.58 2.30
CA LYS A 175 27.21 9.28 1.88
C LYS A 175 28.57 9.31 1.25
N THR A 176 28.62 10.02 0.12
CA THR A 176 29.88 10.08 -0.62
C THR A 176 31.01 10.75 0.16
N SER A 177 30.66 11.69 1.01
CA SER A 177 31.67 12.32 1.81
C SER A 177 32.41 11.29 2.65
N ILE A 178 31.64 10.34 3.26
CA ILE A 178 32.23 9.27 4.05
C ILE A 178 33.32 8.54 3.29
N ALA A 179 32.96 8.09 2.14
CA ALA A 179 33.94 7.41 1.37
C ALA A 179 35.11 8.32 1.06
N ILE A 180 34.87 9.50 0.52
CA ILE A 180 35.93 10.43 0.25
C ILE A 180 36.86 10.65 1.44
N ASP A 181 36.34 11.12 2.60
CA ASP A 181 37.20 11.30 3.75
C ASP A 181 38.01 10.04 3.97
N THR A 182 37.35 8.90 3.85
CA THR A 182 38.04 7.63 3.97
C THR A 182 39.20 7.50 3.04
N ILE A 183 39.02 7.81 1.75
CA ILE A 183 40.10 7.71 0.79
C ILE A 183 41.23 8.63 1.15
N ILE A 184 40.87 9.89 1.44
CA ILE A 184 41.84 10.89 1.80
C ILE A 184 42.77 10.35 2.86
N ASN A 185 42.15 9.87 3.93
CA ASN A 185 42.77 9.31 5.11
C ASN A 185 43.92 8.32 4.91
N GLN A 186 43.90 7.53 3.85
CA GLN A 186 44.94 6.53 3.62
C GLN A 186 46.32 7.10 3.29
N LYS A 187 46.46 8.40 3.25
CA LYS A 187 47.75 8.98 2.91
C LYS A 187 48.74 8.84 4.07
N ARG A 188 48.19 8.83 5.30
CA ARG A 188 49.03 8.68 6.46
C ARG A 188 49.82 7.40 6.32
N PHE A 189 49.17 6.40 5.72
CA PHE A 189 49.82 5.13 5.56
C PHE A 189 50.47 4.97 4.22
N ASN A 190 49.98 5.72 3.23
CA ASN A 190 50.53 5.60 1.89
C ASN A 190 51.85 6.30 1.68
N ASP A 191 52.21 7.15 2.64
CA ASP A 191 53.45 7.90 2.55
C ASP A 191 54.52 7.27 3.42
N GLY A 192 54.03 6.39 4.29
CA GLY A 192 54.82 5.63 5.25
C GLY A 192 55.57 4.46 4.61
N THR A 193 56.44 3.87 5.45
CA THR A 193 57.27 2.75 5.08
C THR A 193 56.67 1.41 5.39
N ASP A 194 55.86 1.38 6.46
CA ASP A 194 55.18 0.15 6.82
C ASP A 194 54.27 -0.21 5.65
N GLU A 195 54.72 -1.17 4.83
CA GLU A 195 54.02 -1.59 3.63
C GLU A 195 52.79 -2.45 3.77
N LYS A 196 52.45 -2.85 5.00
CA LYS A 196 51.28 -3.69 5.23
C LYS A 196 50.08 -2.86 5.70
N LYS A 197 50.27 -1.54 5.66
CA LYS A 197 49.25 -0.64 6.07
C LYS A 197 48.74 0.16 4.90
N LYS A 198 49.53 0.20 3.84
CA LYS A 198 49.11 0.93 2.68
C LYS A 198 47.87 0.25 2.11
N LEU A 199 46.90 1.06 1.66
CA LEU A 199 45.61 0.63 1.12
C LEU A 199 45.30 1.39 -0.15
N TYR A 200 45.29 0.72 -1.29
CA TYR A 200 45.01 1.39 -2.56
C TYR A 200 43.55 1.68 -2.68
N CYS A 201 43.18 2.81 -3.26
CA CYS A 201 41.78 3.10 -3.34
C CYS A 201 41.22 3.01 -4.73
N ILE A 202 39.98 2.55 -4.81
CA ILE A 202 39.25 2.47 -6.08
C ILE A 202 37.84 3.09 -5.94
N TYR A 203 37.55 4.07 -6.77
CA TYR A 203 36.25 4.68 -6.68
C TYR A 203 35.51 4.36 -7.97
N VAL A 204 34.32 3.80 -7.83
CA VAL A 204 33.45 3.52 -8.95
C VAL A 204 32.25 4.44 -8.88
N ALA A 205 32.06 5.19 -9.98
CA ALA A 205 30.96 6.11 -10.06
C ALA A 205 30.00 5.61 -11.10
N ILE A 206 28.80 5.26 -10.64
CA ILE A 206 27.77 4.76 -11.53
C ILE A 206 26.61 5.71 -11.56
N GLY A 207 26.23 6.10 -12.78
CA GLY A 207 25.13 6.97 -13.06
C GLY A 207 25.23 8.42 -12.64
N GLN A 208 26.39 8.91 -12.16
CA GLN A 208 26.62 10.29 -11.72
C GLN A 208 26.79 11.25 -12.90
N LYS A 209 26.59 12.57 -12.73
CA LYS A 209 26.79 13.49 -13.85
C LYS A 209 28.27 13.80 -13.96
N ARG A 210 28.78 14.02 -15.18
CA ARG A 210 30.21 14.25 -15.27
C ARG A 210 30.80 15.29 -14.37
N SER A 211 30.13 16.41 -14.13
CA SER A 211 30.65 17.44 -13.25
C SER A 211 30.98 16.98 -11.94
N THR A 212 30.13 16.07 -11.42
CA THR A 212 30.32 15.58 -10.08
C THR A 212 31.63 14.85 -9.92
N VAL A 213 31.88 14.05 -10.86
CA VAL A 213 33.07 13.29 -10.81
C VAL A 213 34.27 14.21 -10.96
N ALA A 214 34.19 15.09 -11.94
CA ALA A 214 35.27 16.02 -12.13
C ALA A 214 35.53 16.78 -10.83
N GLN A 215 34.46 17.20 -10.19
CA GLN A 215 34.65 17.89 -8.92
C GLN A 215 35.33 16.97 -7.89
N LEU A 216 34.87 15.72 -7.92
CA LEU A 216 35.33 14.66 -7.06
C LEU A 216 36.83 14.54 -7.30
N VAL A 217 37.21 14.19 -8.54
CA VAL A 217 38.63 14.01 -8.75
C VAL A 217 39.43 15.20 -8.30
N LYS A 218 38.84 16.40 -8.39
CA LYS A 218 39.56 17.56 -7.96
C LYS A 218 39.86 17.46 -6.48
N ARG A 219 38.80 17.32 -5.68
CA ARG A 219 38.97 17.24 -4.24
C ARG A 219 40.03 16.24 -3.88
N LEU A 220 40.07 15.16 -4.66
CA LEU A 220 41.08 14.14 -4.43
C LEU A 220 42.45 14.57 -4.85
N THR A 221 42.56 15.24 -5.96
CA THR A 221 43.87 15.67 -6.32
C THR A 221 44.35 16.70 -5.34
N ASP A 222 43.49 17.63 -4.98
CA ASP A 222 43.87 18.64 -4.03
C ASP A 222 44.34 18.02 -2.75
N ALA A 223 43.88 16.82 -2.46
CA ALA A 223 44.35 16.30 -1.22
C ALA A 223 45.47 15.35 -1.39
N ASP A 224 45.87 15.25 -2.64
CA ASP A 224 46.98 14.40 -2.97
C ASP A 224 46.64 12.95 -2.65
N ALA A 225 45.44 12.51 -3.07
CA ALA A 225 45.00 11.13 -2.87
C ALA A 225 44.85 10.44 -4.20
N MET A 226 44.92 11.20 -5.27
CA MET A 226 44.82 10.61 -6.58
C MET A 226 46.01 9.73 -6.86
N LYS A 227 47.16 10.01 -6.23
CA LYS A 227 48.33 9.17 -6.44
C LYS A 227 48.01 7.71 -6.16
N TYR A 228 47.24 7.41 -5.05
CA TYR A 228 46.89 6.04 -4.70
C TYR A 228 45.47 5.61 -5.07
N THR A 229 44.80 6.34 -5.95
CA THR A 229 43.42 6.02 -6.25
C THR A 229 43.17 5.78 -7.72
N ILE A 230 42.21 4.92 -8.03
CA ILE A 230 41.83 4.66 -9.42
C ILE A 230 40.40 5.06 -9.58
N VAL A 231 40.04 5.77 -10.64
CA VAL A 231 38.65 6.15 -10.73
C VAL A 231 37.96 5.50 -11.88
N VAL A 232 36.97 4.61 -11.60
CA VAL A 232 36.26 3.96 -12.71
C VAL A 232 34.99 4.73 -12.88
N SER A 233 34.71 5.25 -14.08
CA SER A 233 33.55 6.06 -14.16
C SER A 233 32.55 5.72 -15.23
N ALA A 234 31.32 5.32 -14.80
CA ALA A 234 30.19 5.03 -15.72
C ALA A 234 29.06 6.03 -15.45
N THR A 235 29.10 7.14 -16.15
CA THR A 235 28.17 8.22 -15.92
C THR A 235 26.85 8.16 -16.68
N ALA A 236 25.96 9.03 -16.19
CA ALA A 236 24.60 9.19 -16.64
C ALA A 236 24.34 8.97 -18.14
N SER A 237 25.18 9.56 -19.00
CA SER A 237 24.98 9.40 -20.42
C SER A 237 25.64 8.14 -20.94
N ASP A 238 26.25 7.33 -20.05
CA ASP A 238 26.86 6.10 -20.57
C ASP A 238 25.79 4.99 -20.67
N ALA A 239 25.76 4.24 -21.80
CA ALA A 239 24.84 3.15 -22.01
C ALA A 239 24.69 2.27 -20.77
N ALA A 240 23.48 1.69 -20.63
CA ALA A 240 23.16 0.82 -19.49
C ALA A 240 24.21 -0.22 -19.12
N PRO A 241 24.54 -1.04 -20.08
CA PRO A 241 25.48 -2.09 -19.87
C PRO A 241 26.78 -1.64 -19.26
N LEU A 242 27.29 -0.47 -19.65
CA LEU A 242 28.54 0.01 -19.07
C LEU A 242 28.31 0.37 -17.61
N GLN A 243 27.17 0.99 -17.38
CA GLN A 243 26.84 1.30 -16.00
C GLN A 243 26.67 -0.02 -15.25
N TYR A 244 26.11 -1.02 -15.92
CA TYR A 244 25.96 -2.32 -15.31
C TYR A 244 27.32 -2.92 -14.87
N LEU A 245 28.21 -3.14 -15.84
CA LEU A 245 29.53 -3.70 -15.66
C LEU A 245 30.50 -3.01 -14.76
N ALA A 246 30.54 -1.65 -14.79
CA ALA A 246 31.45 -0.80 -14.02
C ALA A 246 31.96 -1.34 -12.69
N PRO A 247 31.06 -1.69 -11.79
CA PRO A 247 31.42 -2.16 -10.47
C PRO A 247 32.21 -3.41 -10.47
N TYR A 248 31.95 -4.21 -11.45
CA TYR A 248 32.69 -5.43 -11.51
C TYR A 248 34.07 -5.12 -12.00
N SER A 249 34.09 -4.46 -13.16
CA SER A 249 35.37 -4.13 -13.73
C SER A 249 36.24 -3.38 -12.73
N GLY A 250 35.60 -2.69 -11.79
CA GLY A 250 36.33 -1.98 -10.77
C GLY A 250 36.82 -2.95 -9.75
N CYS A 251 35.99 -3.98 -9.52
CA CYS A 251 36.31 -5.07 -8.60
C CYS A 251 37.56 -5.84 -9.01
N SER A 252 37.61 -6.28 -10.26
CA SER A 252 38.77 -6.97 -10.76
C SER A 252 40.05 -6.19 -10.44
N MET A 253 40.08 -4.94 -10.84
CA MET A 253 41.16 -4.06 -10.55
C MET A 253 41.65 -4.13 -9.15
N GLY A 254 40.70 -4.17 -8.25
CA GLY A 254 41.03 -4.20 -6.84
C GLY A 254 41.48 -5.55 -6.38
N GLU A 255 41.16 -6.57 -7.17
CA GLU A 255 41.51 -7.95 -6.86
C GLU A 255 42.99 -8.18 -7.07
N TYR A 256 43.49 -7.54 -8.14
CA TYR A 256 44.89 -7.63 -8.44
C TYR A 256 45.62 -7.36 -7.11
N PHE A 257 45.22 -6.30 -6.43
CA PHE A 257 45.89 -5.94 -5.22
C PHE A 257 45.71 -7.03 -4.20
N ARG A 258 44.47 -7.32 -3.88
CA ARG A 258 44.12 -8.30 -2.87
C ARG A 258 44.95 -9.56 -2.95
N ASP A 259 44.94 -10.12 -4.14
CA ASP A 259 45.66 -11.33 -4.42
C ASP A 259 47.17 -11.22 -4.18
N ASN A 260 47.75 -10.11 -4.57
CA ASN A 260 49.18 -9.96 -4.44
C ASN A 260 49.70 -9.48 -3.12
N GLY A 261 49.08 -9.94 -2.04
CA GLY A 261 49.55 -9.53 -0.72
C GLY A 261 49.39 -8.05 -0.40
N LYS A 262 48.73 -7.33 -1.32
CA LYS A 262 48.42 -5.93 -1.15
C LYS A 262 46.99 -5.72 -0.70
N HIS A 263 46.76 -4.60 -0.06
CA HIS A 263 45.44 -4.21 0.43
C HIS A 263 44.75 -3.19 -0.48
N ALA A 264 43.44 -3.33 -0.71
CA ALA A 264 42.70 -2.42 -1.55
C ALA A 264 41.30 -2.17 -1.01
N LEU A 265 40.90 -0.90 -1.06
CA LEU A 265 39.61 -0.34 -0.66
C LEU A 265 38.82 -0.01 -1.92
N ILE A 266 37.50 -0.30 -1.89
CA ILE A 266 36.64 -0.01 -3.06
C ILE A 266 35.29 0.52 -2.66
N ILE A 267 34.98 1.63 -3.33
CA ILE A 267 33.73 2.32 -3.09
C ILE A 267 32.82 2.19 -4.30
N TYR A 268 31.62 1.65 -4.11
CA TYR A 268 30.70 1.54 -5.21
C TYR A 268 29.70 2.65 -5.06
N ASP A 269 29.72 3.66 -5.95
CA ASP A 269 28.79 4.76 -5.75
C ASP A 269 27.89 4.96 -6.94
N ASP A 270 26.61 4.50 -6.91
CA ASP A 270 25.85 3.73 -5.92
C ASP A 270 25.49 2.39 -6.57
N LEU A 271 24.99 1.46 -5.74
CA LEU A 271 24.55 0.18 -6.25
C LEU A 271 23.13 0.32 -6.73
N SER A 272 22.52 1.37 -6.24
CA SER A 272 21.17 1.71 -6.60
C SER A 272 21.13 2.00 -8.10
N LYS A 273 21.97 2.91 -8.54
CA LYS A 273 21.97 3.21 -9.97
C LYS A 273 22.28 2.03 -10.85
N GLN A 274 23.18 1.16 -10.41
CA GLN A 274 23.53 0.01 -11.22
C GLN A 274 22.39 -0.94 -11.29
N ALA A 275 21.63 -1.06 -10.20
CA ALA A 275 20.46 -1.94 -10.16
C ALA A 275 19.48 -1.48 -11.20
N VAL A 276 19.37 -0.17 -11.26
CA VAL A 276 18.51 0.42 -12.26
C VAL A 276 18.98 0.08 -13.66
N ALA A 277 20.28 0.13 -13.95
CA ALA A 277 20.82 -0.17 -15.28
C ALA A 277 20.53 -1.57 -15.70
N TYR A 278 20.63 -2.47 -14.71
CA TYR A 278 20.37 -3.91 -14.88
C TYR A 278 18.88 -4.17 -15.13
N ARG A 279 18.06 -3.55 -14.26
CA ARG A 279 16.62 -3.64 -14.40
C ARG A 279 16.21 -3.23 -15.82
N GLN A 280 16.70 -2.08 -16.28
CA GLN A 280 16.44 -1.58 -17.63
C GLN A 280 16.76 -2.58 -18.74
N MET A 281 17.86 -3.32 -18.66
CA MET A 281 18.18 -4.30 -19.69
C MET A 281 17.27 -5.52 -19.56
N SER A 282 17.09 -5.95 -18.31
CA SER A 282 16.26 -7.12 -18.06
C SER A 282 14.88 -6.96 -18.72
N LEU A 283 14.19 -5.85 -18.41
CA LEU A 283 12.89 -5.58 -18.97
C LEU A 283 12.94 -5.41 -20.51
N LEU A 284 13.98 -4.77 -21.05
CA LEU A 284 14.03 -4.61 -22.47
C LEU A 284 14.29 -5.94 -23.20
N LEU A 285 14.90 -6.90 -22.51
CA LEU A 285 15.14 -8.21 -23.08
C LEU A 285 13.92 -9.07 -22.82
N ARG A 286 13.02 -8.46 -22.11
CA ARG A 286 11.78 -9.10 -21.81
C ARG A 286 11.78 -10.17 -20.75
N ARG A 287 12.76 -10.16 -19.91
CA ARG A 287 12.73 -11.15 -18.86
C ARG A 287 11.62 -10.79 -17.88
N PRO A 288 11.05 -11.72 -17.13
CA PRO A 288 9.99 -11.44 -16.19
C PRO A 288 10.39 -10.45 -15.09
N PRO A 289 9.47 -9.52 -14.77
CA PRO A 289 9.62 -8.50 -13.75
C PRO A 289 8.97 -8.92 -12.45
N GLY A 290 9.64 -8.66 -11.35
CA GLY A 290 9.15 -8.93 -10.02
C GLY A 290 9.13 -7.58 -9.35
N ARG A 291 8.93 -7.54 -8.03
CA ARG A 291 8.78 -6.32 -7.23
C ARG A 291 9.59 -5.15 -7.75
N GLU A 292 8.96 -4.00 -7.89
CA GLU A 292 9.67 -2.85 -8.38
C GLU A 292 10.14 -3.06 -9.80
N ALA A 293 9.64 -4.06 -10.48
CA ALA A 293 10.05 -4.34 -11.84
C ALA A 293 11.44 -4.91 -11.96
N TYR A 294 12.08 -5.23 -10.84
CA TYR A 294 13.41 -5.83 -10.87
C TYR A 294 13.40 -7.34 -11.23
N PRO A 295 14.36 -7.81 -12.03
CA PRO A 295 14.48 -9.21 -12.40
C PRO A 295 14.78 -10.05 -11.19
N GLY A 296 14.47 -11.35 -11.33
CA GLY A 296 14.64 -12.26 -10.19
C GLY A 296 16.08 -12.51 -9.81
N ASP A 297 17.04 -12.10 -10.66
CA ASP A 297 18.45 -12.25 -10.34
C ASP A 297 19.19 -10.95 -9.95
N VAL A 298 18.45 -9.98 -9.48
CA VAL A 298 19.09 -8.75 -9.08
C VAL A 298 19.83 -8.96 -7.77
N PHE A 299 19.30 -9.86 -6.94
CA PHE A 299 19.96 -10.14 -5.69
C PHE A 299 21.32 -10.68 -6.07
N TYR A 300 21.29 -11.66 -6.90
CA TYR A 300 22.45 -12.39 -7.30
C TYR A 300 23.47 -11.51 -7.99
N LEU A 301 23.02 -10.40 -8.53
CA LEU A 301 23.92 -9.49 -9.19
C LEU A 301 24.82 -8.81 -8.14
N HIS A 302 24.28 -8.48 -6.99
CA HIS A 302 25.08 -7.82 -6.00
C HIS A 302 25.93 -8.72 -5.16
N SER A 303 25.32 -9.83 -4.74
CA SER A 303 25.93 -10.88 -3.91
C SER A 303 27.18 -11.37 -4.64
N ARG A 304 27.03 -11.63 -5.94
CA ARG A 304 28.17 -12.04 -6.70
C ARG A 304 29.27 -10.99 -6.55
N LEU A 305 28.90 -9.73 -6.68
CA LEU A 305 29.80 -8.62 -6.55
C LEU A 305 30.38 -8.42 -5.15
N LEU A 306 29.54 -8.20 -4.17
CA LEU A 306 29.97 -7.96 -2.82
C LEU A 306 30.71 -9.09 -2.09
N GLU A 307 30.72 -10.26 -2.69
CA GLU A 307 31.37 -11.40 -2.09
C GLU A 307 32.82 -11.42 -2.54
N ARG A 308 33.08 -10.83 -3.71
CA ARG A 308 34.43 -10.78 -4.23
C ARG A 308 35.37 -10.03 -3.29
N ALA A 309 34.85 -9.45 -2.23
CA ALA A 309 35.68 -8.75 -1.28
C ALA A 309 35.99 -9.71 -0.17
N ALA A 310 37.21 -9.75 0.30
CA ALA A 310 37.48 -10.66 1.40
C ALA A 310 38.88 -10.54 1.92
N LYS A 311 39.12 -11.09 3.11
CA LYS A 311 40.43 -11.13 3.71
C LYS A 311 41.07 -12.48 3.38
N MET A 312 42.17 -12.50 2.66
CA MET A 312 42.84 -13.75 2.34
C MET A 312 43.73 -14.29 3.45
N ASN A 313 44.16 -15.53 3.28
CA ASN A 313 45.08 -16.19 4.20
C ASN A 313 46.49 -16.10 3.75
N ASP A 314 47.44 -15.98 4.70
CA ASP A 314 48.87 -15.87 4.40
C ASP A 314 49.24 -16.91 3.35
N ALA A 315 48.59 -18.04 3.48
CA ALA A 315 48.80 -19.12 2.55
C ALA A 315 48.52 -18.62 1.13
N PHE A 316 47.67 -17.58 1.07
CA PHE A 316 47.24 -16.92 -0.14
C PHE A 316 47.81 -15.50 -0.36
N GLY A 317 48.51 -14.97 0.63
CA GLY A 317 49.09 -13.66 0.48
C GLY A 317 48.69 -12.66 1.54
N GLY A 318 47.67 -13.00 2.32
CA GLY A 318 47.19 -12.13 3.38
C GLY A 318 46.62 -10.80 2.84
N GLY A 319 46.58 -10.64 1.51
CA GLY A 319 46.07 -9.43 0.89
C GLY A 319 44.56 -9.32 1.07
N SER A 320 44.02 -8.09 1.01
CA SER A 320 42.59 -7.92 1.22
C SER A 320 41.88 -7.00 0.22
N LEU A 321 40.54 -6.95 0.30
CA LEU A 321 39.72 -6.07 -0.52
C LEU A 321 38.49 -5.68 0.31
N THR A 322 38.46 -4.46 0.89
CA THR A 322 37.31 -4.02 1.69
C THR A 322 36.37 -3.31 0.75
N ALA A 323 35.05 -3.41 0.93
CA ALA A 323 34.23 -2.67 -0.01
C ALA A 323 33.21 -1.78 0.66
N LEU A 324 33.13 -0.55 0.18
CA LEU A 324 32.16 0.39 0.68
C LEU A 324 31.18 0.66 -0.47
N PRO A 325 30.05 0.01 -0.41
CA PRO A 325 29.06 0.11 -1.43
C PRO A 325 28.04 1.13 -0.97
N VAL A 326 27.52 1.94 -1.91
CA VAL A 326 26.54 2.94 -1.50
C VAL A 326 25.15 2.63 -1.97
N ILE A 327 24.15 2.76 -1.08
CA ILE A 327 22.77 2.53 -1.49
C ILE A 327 21.97 3.77 -1.13
N GLU A 328 21.12 4.22 -2.06
CA GLU A 328 20.35 5.41 -1.80
C GLU A 328 18.97 5.03 -1.40
N THR A 329 18.56 5.26 -0.15
CA THR A 329 17.19 4.88 0.21
C THR A 329 16.21 5.97 -0.19
N GLN A 330 14.91 5.70 -0.02
CA GLN A 330 13.92 6.69 -0.36
C GLN A 330 13.02 6.96 0.79
N ALA A 331 13.02 8.19 1.28
CA ALA A 331 12.19 8.52 2.41
C ALA A 331 12.53 7.54 3.54
N GLY A 332 13.83 7.27 3.68
CA GLY A 332 14.36 6.39 4.70
C GLY A 332 13.80 4.96 4.70
N ASP A 333 13.22 4.50 3.59
CA ASP A 333 12.66 3.16 3.42
C ASP A 333 13.77 2.13 3.21
N VAL A 334 14.36 1.79 4.32
CA VAL A 334 15.46 0.87 4.39
C VAL A 334 15.06 -0.56 3.98
N SER A 335 13.78 -0.78 3.90
CA SER A 335 13.31 -2.09 3.56
C SER A 335 12.73 -2.18 2.17
N ALA A 336 13.03 -1.24 1.32
CA ALA A 336 12.50 -1.33 -0.05
C ALA A 336 13.33 -2.43 -0.67
N TYR A 337 13.11 -2.77 -1.89
CA TYR A 337 13.85 -3.90 -2.47
C TYR A 337 15.40 -3.94 -2.44
N ILE A 338 16.05 -3.17 -3.30
CA ILE A 338 17.49 -3.12 -3.36
C ILE A 338 18.12 -2.82 -2.02
N PRO A 339 17.63 -1.84 -1.27
CA PRO A 339 18.22 -1.55 0.01
C PRO A 339 18.15 -2.79 0.86
N THR A 340 17.08 -3.56 0.65
CA THR A 340 16.93 -4.80 1.38
C THR A 340 18.01 -5.84 1.09
N ASN A 341 18.27 -6.00 -0.18
CA ASN A 341 19.27 -6.98 -0.61
C ASN A 341 20.62 -6.76 0.00
N VAL A 342 21.15 -5.63 -0.37
CA VAL A 342 22.46 -5.20 0.01
C VAL A 342 22.64 -5.10 1.51
N ILE A 343 21.60 -4.73 2.23
CA ILE A 343 21.81 -4.67 3.67
C ILE A 343 22.05 -6.11 4.14
N SER A 344 21.27 -6.99 3.55
CA SER A 344 21.34 -8.39 3.88
C SER A 344 22.62 -9.06 3.40
N ILE A 345 23.34 -8.48 2.52
CA ILE A 345 24.55 -9.11 2.02
C ILE A 345 25.83 -8.71 2.76
N THR A 346 25.82 -7.47 3.23
CA THR A 346 26.95 -6.80 3.86
C THR A 346 27.05 -7.07 5.31
N ASP A 347 28.22 -6.78 5.85
CA ASP A 347 28.64 -6.98 7.22
C ASP A 347 28.20 -5.91 8.21
N GLY A 348 27.50 -4.88 7.74
CA GLY A 348 27.07 -3.79 8.60
C GLY A 348 26.72 -2.62 7.75
N GLN A 349 26.11 -1.63 8.37
CA GLN A 349 25.60 -0.45 7.69
C GLN A 349 25.85 0.82 8.51
N ILE A 350 26.16 1.89 7.79
CA ILE A 350 26.34 3.21 8.38
C ILE A 350 25.08 3.94 7.92
N PHE A 351 24.15 4.14 8.84
CA PHE A 351 22.87 4.77 8.49
C PHE A 351 22.91 6.30 8.62
N LEU A 352 22.79 7.06 7.51
CA LEU A 352 22.80 8.51 7.58
C LEU A 352 21.41 9.08 7.60
N GLU A 353 21.17 10.22 8.27
CA GLU A 353 19.83 10.78 8.37
C GLU A 353 19.70 12.27 8.27
N THR A 354 18.70 12.70 7.53
CA THR A 354 18.42 14.11 7.35
C THR A 354 18.16 14.84 8.65
N GLU A 355 17.16 14.36 9.42
CA GLU A 355 16.88 15.00 10.68
C GLU A 355 18.18 15.22 11.48
N LEU A 356 19.02 14.23 11.58
CA LEU A 356 20.29 14.41 12.26
C LEU A 356 21.12 15.51 11.60
N PHE A 357 21.32 15.36 10.28
CA PHE A 357 22.06 16.31 9.48
C PHE A 357 21.60 17.70 9.83
N TYR A 358 20.37 18.04 9.49
CA TYR A 358 19.88 19.37 9.79
C TYR A 358 19.88 19.77 11.26
N LYS A 359 19.97 18.84 12.20
CA LYS A 359 20.01 19.18 13.62
C LYS A 359 21.43 19.53 14.00
N GLY A 360 22.36 19.44 13.06
CA GLY A 360 23.72 19.80 13.41
C GLY A 360 24.68 18.64 13.52
N ILE A 361 24.16 17.41 13.47
CA ILE A 361 25.00 16.25 13.55
C ILE A 361 25.58 16.03 12.21
N ARG A 362 26.82 16.33 12.01
CA ARG A 362 27.49 16.16 10.76
C ARG A 362 28.84 15.47 11.04
N PRO A 363 29.13 14.28 10.52
CA PRO A 363 28.33 13.45 9.64
C PRO A 363 27.07 12.84 10.29
N ALA A 364 26.04 12.78 9.48
CA ALA A 364 24.72 12.33 9.88
C ALA A 364 24.56 10.91 10.37
N ILE A 365 25.60 10.26 10.87
CA ILE A 365 25.49 8.86 11.26
C ILE A 365 24.49 8.58 12.37
N ASN A 366 23.56 7.71 12.11
CA ASN A 366 22.61 7.35 13.16
C ASN A 366 23.34 6.28 13.91
N VAL A 367 23.98 6.70 14.97
CA VAL A 367 24.78 5.76 15.71
C VAL A 367 24.04 4.52 16.24
N GLY A 368 22.83 4.74 16.69
CA GLY A 368 21.99 3.72 17.25
C GLY A 368 21.73 2.58 16.29
N LEU A 369 21.42 2.91 15.04
CA LEU A 369 21.12 1.89 14.05
C LEU A 369 22.26 1.44 13.19
N SER A 370 23.42 2.10 13.28
CA SER A 370 24.54 1.70 12.45
C SER A 370 25.18 0.48 13.02
N VAL A 371 25.84 -0.36 12.20
CA VAL A 371 26.39 -1.61 12.72
C VAL A 371 27.71 -2.07 12.13
N SER A 372 28.41 -2.95 12.84
CA SER A 372 29.61 -3.54 12.33
C SER A 372 29.67 -4.97 12.84
N ARG A 373 29.31 -5.95 11.98
CA ARG A 373 29.36 -7.32 12.43
C ARG A 373 30.77 -7.62 12.82
N VAL A 374 31.73 -7.24 12.00
CA VAL A 374 33.14 -7.42 12.35
C VAL A 374 33.51 -6.85 13.75
N GLY A 375 32.93 -5.70 14.14
CA GLY A 375 33.14 -5.05 15.43
C GLY A 375 34.59 -4.84 15.88
N SER A 376 34.81 -4.99 17.19
CA SER A 376 36.11 -4.86 17.80
C SER A 376 37.18 -5.72 17.19
N ALA A 377 36.84 -6.81 16.51
CA ALA A 377 37.86 -7.60 15.85
C ALA A 377 38.70 -6.74 14.88
N ALA A 378 38.24 -5.51 14.68
CA ALA A 378 38.88 -4.56 13.83
C ALA A 378 39.27 -3.24 14.51
N GLN A 379 38.98 -3.06 15.79
CA GLN A 379 39.37 -1.84 16.48
C GLN A 379 40.76 -2.09 17.08
N THR A 380 41.47 -1.02 17.41
CA THR A 380 42.79 -1.10 18.02
C THR A 380 42.58 -1.13 19.50
N ARG A 381 43.55 -1.60 20.26
CA ARG A 381 43.31 -1.63 21.70
C ARG A 381 43.13 -0.26 22.30
N ALA A 382 43.74 0.68 21.64
CA ALA A 382 43.71 2.04 22.04
C ALA A 382 42.28 2.52 22.02
N MET A 383 41.69 2.36 20.84
CA MET A 383 40.33 2.78 20.59
C MET A 383 39.33 2.13 21.53
N LYS A 384 39.43 0.82 21.59
CA LYS A 384 38.56 0.03 22.41
C LYS A 384 38.56 0.59 23.82
N GLN A 385 39.77 0.90 24.27
CA GLN A 385 40.00 1.42 25.60
C GLN A 385 39.06 2.60 25.87
N VAL A 386 38.63 3.25 24.77
CA VAL A 386 37.74 4.41 24.86
C VAL A 386 36.36 4.20 24.26
N ALA A 387 36.40 3.71 23.02
CA ALA A 387 35.20 3.41 22.27
C ALA A 387 34.14 2.73 23.12
N GLY A 388 34.60 1.77 23.91
CA GLY A 388 33.75 1.02 24.77
C GLY A 388 32.93 1.80 25.77
N THR A 389 33.49 2.74 26.52
CA THR A 389 32.61 3.39 27.45
C THR A 389 31.73 4.39 26.77
N MET A 390 32.24 4.91 25.69
CA MET A 390 31.49 5.87 24.93
C MET A 390 30.24 5.25 24.38
N LYS A 391 30.42 4.13 23.71
CA LYS A 391 29.32 3.42 23.13
C LYS A 391 28.22 3.23 24.16
N LEU A 392 28.63 2.93 25.38
CA LEU A 392 27.74 2.68 26.51
C LEU A 392 27.00 3.86 27.12
N GLU A 393 27.66 5.01 27.27
CA GLU A 393 26.96 6.17 27.84
C GLU A 393 25.98 6.72 26.80
N LEU A 394 26.42 6.65 25.54
CA LEU A 394 25.58 7.10 24.46
C LEU A 394 24.28 6.29 24.44
N ALA A 395 24.40 4.95 24.35
CA ALA A 395 23.23 4.08 24.38
C ALA A 395 22.31 4.46 25.52
N GLN A 396 22.95 4.77 26.64
CA GLN A 396 22.25 5.19 27.84
C GLN A 396 21.53 6.52 27.67
N TYR A 397 22.19 7.45 26.99
CA TYR A 397 21.63 8.74 26.70
C TYR A 397 20.42 8.52 25.83
N ARG A 398 20.64 7.81 24.73
CA ARG A 398 19.58 7.50 23.79
C ARG A 398 18.30 7.05 24.49
N GLU A 399 18.45 6.33 25.62
CA GLU A 399 17.26 5.90 26.36
C GLU A 399 16.47 7.07 26.90
N VAL A 400 17.20 8.01 27.45
CA VAL A 400 16.60 9.16 28.06
C VAL A 400 16.39 10.44 27.23
N ALA A 401 17.23 10.67 26.22
CA ALA A 401 17.21 11.83 25.32
C ALA A 401 15.91 12.59 25.17
N ALA A 402 14.89 11.88 24.75
CA ALA A 402 13.60 12.49 24.54
C ALA A 402 13.11 13.32 25.75
N PHE A 403 13.47 12.86 26.95
CA PHE A 403 13.07 13.53 28.17
C PHE A 403 13.61 14.93 28.37
N ALA A 404 14.87 15.10 27.97
CA ALA A 404 15.63 16.35 28.07
C ALA A 404 14.78 17.61 28.03
N GLN A 405 14.39 17.93 26.83
CA GLN A 405 13.58 19.07 26.48
C GLN A 405 12.38 19.35 27.33
N PHE A 406 12.14 18.52 28.35
CA PHE A 406 10.95 18.63 29.20
C PHE A 406 11.32 18.32 30.65
N GLY A 407 12.61 18.12 30.82
CA GLY A 407 13.16 17.83 32.08
C GLY A 407 13.09 18.92 33.17
N SER A 408 11.87 19.36 33.49
CA SER A 408 11.50 20.38 34.50
C SER A 408 11.87 20.01 35.96
N ASP A 409 12.29 18.74 36.19
CA ASP A 409 12.60 18.26 37.53
C ASP A 409 13.13 16.83 37.55
N LEU A 410 14.34 16.68 37.02
CA LEU A 410 14.98 15.41 36.93
C LEU A 410 15.82 15.06 38.10
N ASP A 411 15.83 13.76 38.40
CA ASP A 411 16.73 13.35 39.43
C ASP A 411 18.13 13.62 38.80
N ALA A 412 19.17 13.83 39.57
CA ALA A 412 20.45 14.05 38.95
C ALA A 412 21.04 12.76 38.43
N ALA A 413 20.37 11.63 38.68
CA ALA A 413 20.90 10.35 38.22
C ALA A 413 20.86 10.39 36.72
N THR A 414 19.64 10.45 36.22
CA THR A 414 19.41 10.50 34.82
C THR A 414 19.86 11.83 34.25
N GLN A 415 19.70 12.87 35.05
CA GLN A 415 20.14 14.17 34.58
C GLN A 415 21.62 14.13 34.25
N GLN A 416 22.31 13.18 34.87
CA GLN A 416 23.72 13.01 34.59
C GLN A 416 23.85 12.43 33.19
N LEU A 417 23.24 11.28 32.96
CA LEU A 417 23.31 10.70 31.65
C LEU A 417 22.87 11.66 30.56
N LEU A 418 21.98 12.60 30.90
CA LEU A 418 21.61 13.56 29.89
C LEU A 418 22.84 14.36 29.49
N SER A 419 23.56 14.86 30.49
CA SER A 419 24.76 15.64 30.23
C SER A 419 25.83 14.89 29.46
N ARG A 420 26.27 13.74 29.94
CA ARG A 420 27.29 12.97 29.23
C ARG A 420 26.82 12.80 27.77
N GLY A 421 25.54 12.56 27.61
CA GLY A 421 25.03 12.40 26.29
C GLY A 421 25.35 13.46 25.24
N VAL A 422 24.97 14.72 25.51
CA VAL A 422 25.20 15.84 24.61
C VAL A 422 26.66 16.14 24.34
N ARG A 423 27.51 15.94 25.33
CA ARG A 423 28.91 16.18 25.12
C ARG A 423 29.49 15.08 24.26
N LEU A 424 29.20 13.85 24.62
CA LEU A 424 29.74 12.77 23.82
C LEU A 424 29.31 12.93 22.37
N THR A 425 28.08 13.33 22.20
CA THR A 425 27.52 13.58 20.89
C THR A 425 28.22 14.67 20.11
N GLU A 426 28.54 15.74 20.81
CA GLU A 426 29.22 16.84 20.18
C GLU A 426 30.63 16.44 19.81
N LEU A 427 31.14 15.42 20.47
CA LEU A 427 32.51 15.01 20.16
C LEU A 427 32.54 14.22 18.89
N LEU A 428 31.40 13.61 18.55
CA LEU A 428 31.25 12.81 17.35
C LEU A 428 31.08 13.64 16.10
N LYS A 429 30.85 14.95 16.25
CA LYS A 429 30.70 15.83 15.10
C LYS A 429 32.00 15.93 14.30
N GLN A 430 31.96 16.37 13.06
CA GLN A 430 33.20 16.48 12.31
C GLN A 430 33.04 17.20 11.00
N GLY A 431 34.03 18.00 10.68
CA GLY A 431 34.00 18.69 9.43
C GLY A 431 34.52 17.68 8.45
N GLN A 432 34.35 17.98 7.18
CA GLN A 432 34.71 17.14 6.07
C GLN A 432 36.17 17.29 5.74
N TYR A 433 36.69 16.48 4.77
CA TYR A 433 38.08 16.64 4.26
C TYR A 433 39.20 16.71 5.33
N SER A 434 38.89 16.30 6.57
CA SER A 434 39.84 16.33 7.65
C SER A 434 39.72 15.10 8.53
N PRO A 435 40.23 14.01 7.98
CA PRO A 435 40.25 12.71 8.61
C PRO A 435 41.31 12.63 9.69
N MET A 436 41.02 12.09 10.86
CA MET A 436 42.07 12.05 11.84
C MET A 436 42.75 10.71 12.06
N ALA A 437 43.94 10.85 12.63
CA ALA A 437 44.77 9.74 13.01
C ALA A 437 44.18 9.15 14.30
N ILE A 438 44.12 7.84 14.31
CA ILE A 438 43.54 7.13 15.42
C ILE A 438 43.95 7.66 16.81
N GLU A 439 45.19 8.07 16.94
CA GLU A 439 45.71 8.56 18.19
C GLU A 439 45.02 9.85 18.65
N GLU A 440 44.73 10.71 17.66
CA GLU A 440 44.07 11.99 17.88
C GLU A 440 42.66 11.78 18.29
N GLN A 441 42.07 10.78 17.62
CA GLN A 441 40.71 10.45 17.94
C GLN A 441 40.58 10.02 19.37
N VAL A 442 41.44 9.10 19.80
CA VAL A 442 41.28 8.69 21.16
C VAL A 442 41.55 9.78 22.17
N ALA A 443 42.52 10.62 21.84
CA ALA A 443 42.84 11.70 22.74
C ALA A 443 41.62 12.56 22.99
N VAL A 444 40.98 12.90 21.90
CA VAL A 444 39.78 13.70 22.05
C VAL A 444 38.67 12.94 22.75
N ILE A 445 38.39 11.71 22.31
CA ILE A 445 37.34 10.94 22.93
C ILE A 445 37.59 10.79 24.42
N TYR A 446 38.85 10.55 24.77
CA TYR A 446 39.18 10.38 26.16
C TYR A 446 38.64 11.56 26.95
N ALA A 447 38.95 12.77 26.43
CA ALA A 447 38.56 14.02 27.08
C ALA A 447 37.15 14.07 27.63
N GLY A 448 36.15 13.73 26.83
CA GLY A 448 34.79 13.80 27.35
C GLY A 448 34.38 12.54 28.08
N VAL A 449 34.82 11.42 27.53
CA VAL A 449 34.53 10.13 28.08
C VAL A 449 34.98 10.08 29.55
N ARG A 450 36.17 10.65 29.81
CA ARG A 450 36.71 10.70 31.16
C ARG A 450 35.94 11.68 32.02
N GLY A 451 35.16 12.56 31.39
CA GLY A 451 34.39 13.52 32.14
C GLY A 451 34.90 14.92 32.06
N TYR A 452 36.06 15.16 31.50
CA TYR A 452 36.58 16.53 31.42
C TYR A 452 35.69 17.60 30.82
N LEU A 453 34.93 17.28 29.78
CA LEU A 453 34.10 18.31 29.21
C LEU A 453 32.70 18.37 29.83
N ASP A 454 32.42 17.54 30.85
CA ASP A 454 31.09 17.54 31.47
C ASP A 454 30.64 18.87 32.02
N LYS A 455 31.59 19.71 32.44
CA LYS A 455 31.24 21.01 33.00
C LYS A 455 31.36 22.12 31.95
N LEU A 456 31.90 21.75 30.83
CA LEU A 456 32.07 22.64 29.70
C LEU A 456 30.71 22.87 29.07
N GLU A 457 30.60 23.94 28.30
CA GLU A 457 29.34 24.24 27.64
C GLU A 457 29.23 23.53 26.30
N PRO A 458 28.10 22.85 26.08
CA PRO A 458 27.85 22.14 24.83
C PRO A 458 28.22 22.96 23.60
N SER A 459 27.86 24.23 23.66
CA SER A 459 28.17 25.16 22.61
C SER A 459 29.65 25.27 22.32
N LYS A 460 30.52 24.93 23.27
CA LYS A 460 31.97 25.06 23.08
C LYS A 460 32.76 23.80 22.70
N ILE A 461 32.22 22.60 22.94
CA ILE A 461 32.95 21.38 22.65
C ILE A 461 33.63 21.40 21.29
N THR A 462 32.91 21.91 20.33
CA THR A 462 33.45 21.98 19.00
C THR A 462 34.72 22.80 18.94
N LYS A 463 34.70 23.88 19.70
CA LYS A 463 35.81 24.80 19.78
C LYS A 463 36.95 24.19 20.58
N PHE A 464 36.54 23.56 21.66
CA PHE A 464 37.45 22.94 22.54
C PHE A 464 38.34 22.04 21.71
N GLU A 465 37.69 20.96 21.29
CA GLU A 465 38.34 19.89 20.57
C GLU A 465 39.36 20.39 19.58
N ASN A 466 38.87 21.27 18.79
CA ASN A 466 39.64 21.86 17.74
C ASN A 466 41.00 22.37 18.17
N ALA A 467 40.93 23.16 19.23
CA ALA A 467 42.07 23.80 19.85
C ALA A 467 42.85 22.83 20.68
N PHE A 468 42.10 21.99 21.37
CA PHE A 468 42.75 21.01 22.19
C PHE A 468 43.63 20.16 21.31
N LEU A 469 43.04 19.69 20.26
CA LEU A 469 43.75 18.83 19.37
C LEU A 469 44.85 19.55 18.63
N SER A 470 44.70 20.85 18.46
CA SER A 470 45.69 21.61 17.75
C SER A 470 46.90 21.67 18.60
N HIS A 471 46.59 21.77 19.89
CA HIS A 471 47.57 21.85 20.92
C HIS A 471 48.44 20.60 21.04
N VAL A 472 47.80 19.43 21.21
CA VAL A 472 48.54 18.18 21.35
C VAL A 472 49.23 17.71 20.10
N ILE A 473 48.71 18.11 18.96
CA ILE A 473 49.31 17.77 17.69
C ILE A 473 50.57 18.61 17.52
N SER A 474 50.58 19.70 18.25
CA SER A 474 51.68 20.62 18.20
C SER A 474 52.76 20.30 19.24
N GLN A 475 52.33 20.45 20.45
CA GLN A 475 53.13 20.29 21.62
C GLN A 475 53.40 18.86 22.02
N HIS A 476 52.38 18.02 22.03
CA HIS A 476 52.55 16.68 22.51
C HIS A 476 52.75 15.54 21.58
N GLN A 477 53.47 15.69 20.48
CA GLN A 477 53.66 14.57 19.55
C GLN A 477 54.35 13.36 20.09
N ALA A 478 54.73 13.44 21.34
CA ALA A 478 55.43 12.34 21.97
C ALA A 478 54.47 11.46 22.72
N LEU A 479 53.39 12.08 23.18
CA LEU A 479 52.37 11.35 23.87
C LEU A 479 51.66 10.54 22.79
N LEU A 480 51.20 11.23 21.77
CA LEU A 480 50.44 10.59 20.73
C LEU A 480 51.26 9.48 20.15
N GLY A 481 52.55 9.79 19.96
CA GLY A 481 53.50 8.82 19.44
C GLY A 481 53.51 7.61 20.38
N LYS A 482 53.31 7.89 21.68
CA LYS A 482 53.25 6.83 22.69
C LYS A 482 52.01 6.00 22.46
N ILE A 483 50.88 6.66 22.65
CA ILE A 483 49.56 6.09 22.45
C ILE A 483 49.56 5.24 21.21
N ARG A 484 50.10 5.83 20.15
CA ARG A 484 50.26 5.14 18.87
C ARG A 484 51.01 3.82 19.11
N THR A 485 52.32 3.92 19.34
CA THR A 485 53.18 2.79 19.61
C THR A 485 52.66 1.80 20.62
N ASP A 486 52.58 2.18 21.88
CA ASP A 486 52.07 1.30 22.92
C ASP A 486 50.72 0.71 22.57
N GLY A 487 50.10 1.28 21.54
CA GLY A 487 48.81 0.84 21.07
C GLY A 487 47.65 1.01 22.07
N LYS A 488 47.94 1.48 23.28
CA LYS A 488 46.88 1.68 24.25
C LYS A 488 47.20 2.87 25.16
N ILE A 489 46.38 3.11 26.16
CA ILE A 489 46.65 4.23 27.03
C ILE A 489 47.31 3.75 28.28
N SER A 490 48.64 3.91 28.31
CA SER A 490 49.41 3.49 29.47
C SER A 490 48.99 4.26 30.68
N GLU A 491 49.22 3.69 31.83
CA GLU A 491 48.87 4.32 33.06
C GLU A 491 49.49 5.72 33.12
N GLU A 492 50.65 5.77 32.50
CA GLU A 492 51.46 6.94 32.39
C GLU A 492 50.81 8.01 31.55
N SER A 493 50.79 7.71 30.25
CA SER A 493 50.20 8.56 29.25
C SER A 493 48.83 8.97 29.71
N ASP A 494 48.24 8.14 30.53
CA ASP A 494 46.98 8.45 31.07
C ASP A 494 47.05 9.68 31.93
N ALA A 495 48.00 9.68 32.85
CA ALA A 495 48.23 10.78 33.76
C ALA A 495 48.68 12.06 33.04
N LYS A 496 49.46 11.89 31.96
CA LYS A 496 49.95 13.04 31.20
C LYS A 496 48.80 13.77 30.53
N LEU A 497 47.83 12.98 30.06
CA LEU A 497 46.64 13.55 29.45
C LEU A 497 45.85 14.31 30.50
N LYS A 498 45.76 13.72 31.75
CA LYS A 498 45.02 14.38 32.81
C LYS A 498 45.45 15.85 32.96
N GLU A 499 46.75 16.07 33.21
CA GLU A 499 47.30 17.40 33.34
C GLU A 499 47.18 18.21 32.07
N ILE A 500 47.49 17.61 30.95
CA ILE A 500 47.34 18.29 29.71
C ILE A 500 45.94 18.84 29.52
N VAL A 501 44.91 18.10 29.93
CA VAL A 501 43.55 18.59 29.75
C VAL A 501 43.07 19.49 30.86
N THR A 502 43.51 19.27 32.08
CA THR A 502 43.04 20.09 33.21
C THR A 502 43.68 21.46 33.23
N ASN A 503 44.77 21.59 32.49
CA ASN A 503 45.46 22.85 32.45
C ASN A 503 44.99 23.63 31.25
N PHE A 504 44.68 22.89 30.22
CA PHE A 504 44.15 23.46 29.00
C PHE A 504 42.77 24.03 29.37
N LEU A 505 41.96 23.23 30.03
CA LEU A 505 40.61 23.65 30.34
C LEU A 505 40.65 24.98 31.05
N ALA A 506 41.49 25.01 32.11
CA ALA A 506 41.68 26.18 32.90
C ALA A 506 42.00 27.30 31.94
N GLY A 507 42.95 27.02 31.03
CA GLY A 507 43.28 28.01 30.05
C GLY A 507 41.97 28.50 29.44
N PHE A 508 41.23 27.56 28.91
CA PHE A 508 40.01 27.80 28.22
C PHE A 508 38.95 28.69 28.85
N GLU A 509 38.63 28.47 30.12
CA GLU A 509 37.57 29.18 30.84
C GLU A 509 38.05 30.36 31.70
N ALA A 510 38.98 31.03 31.07
CA ALA A 510 39.76 32.17 31.46
C ALA A 510 39.09 33.17 32.38
N ASP B 24 -7.23 -44.80 -29.07
CA ASP B 24 -6.94 -43.58 -29.80
C ASP B 24 -7.92 -42.46 -29.47
N LEU B 25 -7.36 -41.25 -29.62
CA LEU B 25 -7.80 -39.88 -29.45
C LEU B 25 -9.22 -39.51 -29.08
N GLU B 26 -10.15 -40.45 -28.95
CA GLU B 26 -11.49 -40.06 -28.58
C GLU B 26 -11.68 -40.21 -27.09
N GLU B 27 -11.05 -41.21 -26.53
CA GLU B 27 -11.13 -41.47 -25.12
C GLU B 27 -9.78 -41.37 -24.44
N THR B 28 -8.76 -41.11 -25.25
CA THR B 28 -7.42 -41.04 -24.72
C THR B 28 -6.72 -39.75 -25.15
N GLY B 29 -5.54 -39.46 -24.58
CA GLY B 29 -4.79 -38.29 -24.92
C GLY B 29 -3.36 -38.47 -24.49
N ARG B 30 -2.45 -37.86 -25.23
CA ARG B 30 -1.06 -37.94 -24.86
C ARG B 30 -0.70 -36.56 -24.30
N VAL B 31 0.00 -36.46 -23.18
CA VAL B 31 0.35 -35.16 -22.60
C VAL B 31 1.21 -34.31 -23.56
N LEU B 32 0.92 -33.00 -23.70
CA LEU B 32 1.70 -32.10 -24.56
C LEU B 32 2.71 -31.39 -23.73
N SER B 33 2.38 -31.24 -22.46
CA SER B 33 3.30 -30.53 -21.58
C SER B 33 2.81 -30.45 -20.15
N ILE B 34 3.69 -30.68 -19.20
CA ILE B 34 3.35 -30.55 -17.80
C ILE B 34 4.25 -29.42 -17.30
N GLY B 35 3.73 -28.60 -16.38
CA GLY B 35 4.43 -27.47 -15.84
C GLY B 35 3.42 -26.56 -15.17
N ASP B 36 3.78 -26.16 -13.99
CA ASP B 36 2.91 -25.29 -13.25
C ASP B 36 1.54 -25.94 -12.99
N GLY B 37 1.61 -27.23 -12.69
CA GLY B 37 0.47 -28.04 -12.34
C GLY B 37 -0.72 -28.02 -13.26
N ILE B 38 -0.46 -27.78 -14.51
CA ILE B 38 -1.52 -27.84 -15.47
C ILE B 38 -1.01 -28.67 -16.61
N ALA B 39 -1.57 -29.87 -16.78
CA ALA B 39 -1.10 -30.72 -17.86
C ALA B 39 -1.91 -30.39 -19.10
N ARG B 40 -1.22 -30.07 -20.19
CA ARG B 40 -1.93 -29.74 -21.39
C ARG B 40 -1.95 -30.97 -22.28
N VAL B 41 -3.08 -31.67 -22.28
CA VAL B 41 -3.28 -32.91 -23.02
C VAL B 41 -3.78 -32.72 -24.45
N HIS B 42 -3.38 -33.62 -25.33
CA HIS B 42 -3.82 -33.55 -26.69
C HIS B 42 -4.72 -34.73 -26.96
N GLY B 43 -5.89 -34.49 -27.49
CA GLY B 43 -6.80 -35.61 -27.69
C GLY B 43 -7.94 -35.58 -26.66
N LEU B 44 -8.43 -36.75 -26.18
CA LEU B 44 -9.53 -36.72 -25.23
C LEU B 44 -10.75 -35.98 -25.83
N ARG B 45 -10.95 -36.15 -27.15
CA ARG B 45 -12.03 -35.46 -27.83
C ARG B 45 -13.37 -35.67 -27.18
N ASN B 46 -13.52 -36.65 -26.31
CA ASN B 46 -14.81 -36.89 -25.70
C ASN B 46 -14.96 -36.48 -24.27
N VAL B 47 -13.91 -35.98 -23.61
CA VAL B 47 -14.13 -35.65 -22.23
C VAL B 47 -15.19 -34.63 -22.05
N GLN B 48 -15.84 -34.67 -20.89
CA GLN B 48 -16.81 -33.67 -20.57
C GLN B 48 -16.10 -32.66 -19.69
N ALA B 49 -16.68 -31.49 -19.48
CA ALA B 49 -15.97 -30.55 -18.64
C ALA B 49 -16.05 -31.01 -17.20
N GLU B 50 -14.93 -31.02 -16.49
CA GLU B 50 -14.91 -31.43 -15.09
C GLU B 50 -14.98 -32.95 -14.86
N GLU B 51 -14.57 -33.69 -15.86
CA GLU B 51 -14.61 -35.13 -15.72
C GLU B 51 -13.27 -35.52 -15.20
N MET B 52 -13.20 -36.57 -14.39
CA MET B 52 -11.94 -37.09 -13.86
C MET B 52 -11.26 -37.86 -14.96
N VAL B 53 -9.93 -37.79 -15.11
CA VAL B 53 -9.25 -38.53 -16.19
C VAL B 53 -8.09 -39.21 -15.49
N GLU B 54 -7.38 -40.16 -16.14
CA GLU B 54 -6.28 -40.85 -15.43
C GLU B 54 -4.94 -40.83 -16.14
N PHE B 55 -3.87 -40.68 -15.36
CA PHE B 55 -2.58 -40.61 -15.98
C PHE B 55 -1.90 -41.96 -16.00
N SER B 56 -1.01 -42.23 -16.99
CA SER B 56 -0.27 -43.48 -17.08
C SER B 56 0.19 -43.94 -15.69
N SER B 57 0.55 -42.98 -14.85
CA SER B 57 1.02 -43.19 -13.48
C SER B 57 -0.09 -43.26 -12.43
N GLY B 58 -1.28 -43.67 -12.83
CA GLY B 58 -2.40 -43.74 -11.88
C GLY B 58 -2.65 -42.45 -11.08
N LEU B 59 -2.30 -41.31 -11.68
CA LEU B 59 -2.50 -40.03 -11.03
C LEU B 59 -3.84 -39.54 -11.55
N LYS B 60 -4.49 -38.67 -10.78
CA LYS B 60 -5.77 -38.21 -11.25
C LYS B 60 -5.87 -36.76 -11.60
N GLY B 61 -6.82 -36.37 -12.45
CA GLY B 61 -6.96 -35.00 -12.85
C GLY B 61 -8.39 -34.63 -13.20
N MET B 62 -8.66 -33.32 -13.27
CA MET B 62 -9.97 -32.84 -13.61
C MET B 62 -9.83 -32.06 -14.89
N SER B 63 -10.66 -32.34 -15.91
CA SER B 63 -10.63 -31.60 -17.16
C SER B 63 -11.25 -30.25 -16.86
N LEU B 64 -10.42 -29.20 -16.89
CA LEU B 64 -10.82 -27.81 -16.59
C LEU B 64 -11.27 -27.03 -17.81
N ASN B 65 -10.32 -26.88 -18.75
CA ASN B 65 -10.52 -26.18 -19.99
C ASN B 65 -10.70 -27.07 -21.21
N LEU B 66 -11.78 -26.89 -21.93
CA LEU B 66 -11.97 -27.66 -23.16
C LEU B 66 -11.77 -26.67 -24.29
N GLU B 67 -10.56 -26.71 -24.80
CA GLU B 67 -10.08 -25.81 -25.84
C GLU B 67 -10.01 -26.54 -27.17
N PRO B 68 -10.12 -25.74 -28.24
CA PRO B 68 -10.11 -26.25 -29.59
C PRO B 68 -9.06 -27.23 -29.92
N ASP B 69 -8.09 -27.43 -29.06
CA ASP B 69 -7.07 -28.34 -29.51
C ASP B 69 -6.17 -28.80 -28.39
N ASN B 70 -6.79 -29.02 -27.24
CA ASN B 70 -6.12 -29.51 -26.08
C ASN B 70 -7.07 -29.38 -24.94
N VAL B 71 -6.78 -30.11 -23.86
CA VAL B 71 -7.59 -30.09 -22.65
C VAL B 71 -6.71 -29.61 -21.51
N GLY B 72 -7.07 -28.59 -20.78
CA GLY B 72 -6.16 -28.29 -19.70
C GLY B 72 -6.63 -29.13 -18.53
N VAL B 73 -5.75 -29.93 -17.91
CA VAL B 73 -6.26 -30.68 -16.79
C VAL B 73 -5.48 -30.35 -15.56
N VAL B 74 -6.22 -30.27 -14.45
CA VAL B 74 -5.69 -29.97 -13.13
C VAL B 74 -5.29 -31.24 -12.47
N VAL B 75 -4.00 -31.43 -12.25
CA VAL B 75 -3.45 -32.65 -11.65
C VAL B 75 -3.65 -32.69 -10.14
N PHE B 76 -4.30 -33.77 -9.61
CA PHE B 76 -4.58 -33.99 -8.20
C PHE B 76 -3.46 -34.65 -7.46
N GLY B 77 -2.22 -34.17 -7.64
CA GLY B 77 -1.02 -34.68 -6.98
C GLY B 77 0.24 -34.05 -7.60
N ASN B 78 1.42 -34.46 -7.14
CA ASN B 78 2.68 -33.97 -7.67
C ASN B 78 2.77 -34.11 -9.19
N ASP B 79 3.10 -33.05 -9.91
CA ASP B 79 3.19 -33.13 -11.36
C ASP B 79 4.56 -33.59 -11.83
N LYS B 80 5.39 -34.04 -10.91
CA LYS B 80 6.67 -34.52 -11.34
C LYS B 80 6.46 -35.76 -12.15
N LEU B 81 5.52 -36.56 -11.65
CA LEU B 81 5.08 -37.83 -12.18
C LEU B 81 4.60 -37.76 -13.61
N ILE B 82 4.09 -36.63 -14.02
CA ILE B 82 3.61 -36.54 -15.37
C ILE B 82 4.67 -36.07 -16.29
N LYS B 83 4.67 -36.57 -17.55
CA LYS B 83 5.70 -36.18 -18.51
C LYS B 83 5.14 -35.99 -19.88
N GLU B 84 5.89 -35.28 -20.71
CA GLU B 84 5.44 -35.02 -22.05
C GLU B 84 5.19 -36.35 -22.69
N GLY B 85 4.08 -36.52 -23.34
CA GLY B 85 3.80 -37.80 -24.00
C GLY B 85 3.08 -38.88 -23.20
N ASP B 86 2.89 -38.75 -21.88
CA ASP B 86 2.18 -39.78 -21.10
C ASP B 86 0.77 -40.04 -21.62
N ILE B 87 0.17 -41.17 -21.23
CA ILE B 87 -1.17 -41.40 -21.69
C ILE B 87 -2.17 -40.93 -20.68
N VAL B 88 -3.23 -40.31 -21.18
CA VAL B 88 -4.28 -39.83 -20.32
C VAL B 88 -5.55 -40.50 -20.80
N LYS B 89 -6.30 -41.11 -19.86
CA LYS B 89 -7.55 -41.81 -20.22
C LYS B 89 -8.77 -41.28 -19.50
N ARG B 90 -9.89 -41.16 -20.23
CA ARG B 90 -11.10 -40.68 -19.63
C ARG B 90 -11.59 -41.68 -18.66
N THR B 91 -12.70 -41.32 -17.98
CA THR B 91 -13.30 -42.16 -16.97
C THR B 91 -14.78 -41.95 -17.03
N GLY B 92 -15.15 -41.06 -17.92
CA GLY B 92 -16.56 -40.70 -18.09
C GLY B 92 -17.27 -40.26 -16.79
N ALA B 93 -16.52 -39.97 -15.71
CA ALA B 93 -17.11 -39.56 -14.45
C ALA B 93 -16.80 -38.14 -14.02
N ILE B 94 -17.83 -37.32 -13.83
CA ILE B 94 -17.54 -35.95 -13.33
C ILE B 94 -16.99 -36.18 -11.96
N VAL B 95 -15.93 -35.49 -11.58
CA VAL B 95 -15.32 -35.65 -10.29
C VAL B 95 -16.30 -35.99 -9.17
N ASP B 96 -16.04 -37.12 -8.48
CA ASP B 96 -16.93 -37.52 -7.40
C ASP B 96 -16.16 -38.23 -6.33
N VAL B 97 -16.84 -38.69 -5.27
CA VAL B 97 -16.18 -39.38 -4.17
C VAL B 97 -17.07 -40.34 -3.42
N PRO B 98 -16.37 -41.34 -2.89
CA PRO B 98 -16.94 -42.35 -2.03
C PRO B 98 -17.79 -41.72 -0.95
N VAL B 99 -19.04 -42.19 -0.82
CA VAL B 99 -19.95 -41.63 0.15
C VAL B 99 -20.72 -42.73 0.82
N GLY B 100 -21.06 -42.53 2.09
CA GLY B 100 -21.81 -43.55 2.80
C GLY B 100 -21.28 -43.81 4.18
N GLU B 101 -22.09 -44.44 5.01
CA GLU B 101 -21.73 -44.75 6.38
C GLU B 101 -20.40 -45.50 6.60
N GLU B 102 -19.85 -46.14 5.56
CA GLU B 102 -18.63 -46.88 5.70
C GLU B 102 -17.36 -46.05 5.72
N LEU B 103 -17.48 -44.75 5.87
CA LEU B 103 -16.33 -43.88 5.89
C LEU B 103 -16.07 -43.52 7.32
N LEU B 104 -17.14 -43.63 8.10
CA LEU B 104 -17.04 -43.34 9.50
C LEU B 104 -15.85 -44.09 10.10
N GLY B 105 -14.99 -43.45 10.89
CA GLY B 105 -13.84 -44.12 11.44
C GLY B 105 -12.74 -44.23 10.42
N ARG B 106 -12.97 -43.75 9.20
CA ARG B 106 -11.88 -43.81 8.22
C ARG B 106 -11.16 -42.49 8.09
N VAL B 107 -9.87 -42.54 7.78
CA VAL B 107 -9.07 -41.35 7.53
C VAL B 107 -8.72 -41.44 6.05
N VAL B 108 -9.44 -40.67 5.23
CA VAL B 108 -9.24 -40.69 3.81
C VAL B 108 -8.56 -39.42 3.31
N ASP B 109 -8.08 -39.48 2.07
CA ASP B 109 -7.44 -38.36 1.47
C ASP B 109 -8.52 -37.55 0.75
N ALA B 110 -8.16 -36.51 0.01
CA ALA B 110 -9.12 -35.67 -0.66
C ALA B 110 -9.92 -36.35 -1.75
N LEU B 111 -9.44 -37.52 -2.12
CA LEU B 111 -10.07 -38.27 -3.19
C LEU B 111 -10.96 -39.39 -2.70
N GLY B 112 -10.88 -39.62 -1.39
CA GLY B 112 -11.67 -40.67 -0.81
C GLY B 112 -10.80 -41.85 -0.46
N ASN B 113 -9.57 -41.89 -1.01
CA ASN B 113 -8.62 -42.95 -0.73
C ASN B 113 -8.31 -43.01 0.75
N ALA B 114 -8.23 -44.24 1.31
CA ALA B 114 -7.97 -44.46 2.74
C ALA B 114 -6.53 -44.14 3.01
N ILE B 115 -6.24 -43.56 4.19
CA ILE B 115 -4.86 -43.21 4.54
C ILE B 115 -4.51 -43.68 5.93
N ASP B 116 -5.48 -44.39 6.53
CA ASP B 116 -5.26 -44.96 7.86
C ASP B 116 -4.58 -46.30 7.65
N GLY B 117 -4.37 -46.64 6.34
CA GLY B 117 -3.75 -47.90 5.96
C GLY B 117 -4.52 -49.11 6.56
N LYS B 118 -5.78 -48.86 6.97
CA LYS B 118 -6.68 -49.84 7.55
C LYS B 118 -7.54 -50.53 6.50
N GLY B 119 -7.03 -50.83 5.33
CA GLY B 119 -7.87 -51.50 4.36
C GLY B 119 -8.89 -50.60 3.67
N PRO B 120 -9.17 -50.98 2.43
CA PRO B 120 -10.10 -50.33 1.52
C PRO B 120 -11.45 -49.91 2.09
N ILE B 121 -11.94 -48.76 1.61
CA ILE B 121 -13.23 -48.25 2.07
C ILE B 121 -14.23 -49.03 1.23
N GLY B 122 -15.13 -49.75 1.90
CA GLY B 122 -16.11 -50.50 1.15
C GLY B 122 -17.33 -49.63 0.89
N SER B 123 -17.23 -48.70 -0.06
CA SER B 123 -18.36 -47.83 -0.29
C SER B 123 -19.30 -48.27 -1.40
N LYS B 124 -20.62 -48.12 -1.15
CA LYS B 124 -21.59 -48.48 -2.16
C LYS B 124 -21.95 -47.31 -3.02
N ALA B 125 -22.22 -46.15 -2.39
CA ALA B 125 -22.53 -44.93 -3.13
C ALA B 125 -21.29 -44.08 -3.51
N ARG B 126 -21.55 -43.21 -4.47
CA ARG B 126 -20.63 -42.21 -4.97
C ARG B 126 -21.40 -40.89 -5.08
N ARG B 127 -20.66 -39.77 -5.13
CA ARG B 127 -21.30 -38.46 -5.15
C ARG B 127 -20.39 -37.33 -5.66
N ARG B 128 -20.85 -36.53 -6.64
CA ARG B 128 -20.04 -35.47 -7.23
C ARG B 128 -19.67 -34.51 -6.13
N VAL B 129 -18.49 -33.96 -6.30
CA VAL B 129 -17.98 -33.00 -5.32
C VAL B 129 -18.63 -31.65 -5.54
N GLY B 130 -18.94 -31.40 -6.81
CA GLY B 130 -19.50 -30.16 -7.26
C GLY B 130 -21.01 -29.91 -7.30
N LEU B 131 -21.83 -30.68 -6.68
CA LEU B 131 -23.25 -30.39 -6.75
C LEU B 131 -23.67 -29.06 -6.15
N LYS B 132 -24.75 -28.53 -6.74
CA LYS B 132 -25.31 -27.25 -6.32
C LYS B 132 -26.13 -27.40 -5.06
N ALA B 133 -26.07 -26.45 -4.16
CA ALA B 133 -26.85 -26.54 -2.93
C ALA B 133 -28.33 -26.52 -3.20
N PRO B 134 -29.07 -27.13 -2.27
CA PRO B 134 -30.52 -27.12 -2.30
C PRO B 134 -31.08 -25.68 -2.28
N GLY B 135 -32.13 -25.50 -3.07
CA GLY B 135 -32.83 -24.25 -3.24
C GLY B 135 -33.63 -23.84 -2.04
N ILE B 136 -34.55 -22.92 -2.31
CA ILE B 136 -35.40 -22.33 -1.30
C ILE B 136 -36.43 -23.28 -0.69
N ILE B 137 -37.18 -23.91 -1.57
CA ILE B 137 -38.27 -24.80 -1.22
C ILE B 137 -38.03 -25.97 -0.24
N PRO B 138 -37.00 -26.74 -0.50
CA PRO B 138 -36.68 -27.87 0.34
C PRO B 138 -36.21 -27.58 1.77
N ARG B 139 -35.73 -26.35 2.08
CA ARG B 139 -35.23 -25.99 3.41
C ARG B 139 -36.32 -25.57 4.41
N ILE B 140 -35.89 -25.37 5.65
CA ILE B 140 -36.70 -24.96 6.80
C ILE B 140 -35.77 -24.32 7.85
N SER B 141 -36.28 -23.35 8.58
CA SER B 141 -35.51 -22.69 9.59
C SER B 141 -34.85 -23.65 10.56
N VAL B 142 -33.54 -23.54 10.85
CA VAL B 142 -32.92 -24.43 11.81
C VAL B 142 -33.70 -24.34 13.12
N ARG B 143 -34.05 -25.51 13.69
CA ARG B 143 -34.84 -25.58 14.90
C ARG B 143 -34.30 -26.56 15.90
N GLU B 144 -33.33 -27.33 15.46
CA GLU B 144 -32.71 -28.31 16.34
C GLU B 144 -31.37 -27.84 16.78
N PRO B 145 -31.16 -27.86 18.04
CA PRO B 145 -29.90 -27.48 18.60
C PRO B 145 -28.78 -28.38 18.11
N MET B 146 -27.57 -27.85 18.03
CA MET B 146 -26.40 -28.60 17.66
C MET B 146 -25.44 -28.31 18.78
N GLN B 147 -25.61 -29.02 19.91
CA GLN B 147 -24.82 -28.80 21.13
C GLN B 147 -23.33 -28.98 20.91
N THR B 148 -22.53 -28.06 21.50
CA THR B 148 -21.10 -28.09 21.38
C THR B 148 -20.54 -28.68 22.63
N GLY B 149 -21.25 -28.37 23.74
CA GLY B 149 -20.85 -28.82 25.07
C GLY B 149 -19.98 -27.77 25.73
N ILE B 150 -19.71 -26.71 24.97
CA ILE B 150 -18.92 -25.55 25.42
C ILE B 150 -19.85 -24.46 25.96
N LYS B 151 -19.72 -24.15 27.24
CA LYS B 151 -20.59 -23.20 27.89
C LYS B 151 -20.87 -21.91 27.19
N ALA B 152 -19.80 -21.23 26.81
CA ALA B 152 -19.93 -19.93 26.17
C ALA B 152 -20.73 -20.07 24.90
N VAL B 153 -20.33 -21.08 24.13
CA VAL B 153 -20.99 -21.27 22.87
C VAL B 153 -22.43 -21.61 23.02
N ASP B 154 -22.71 -22.64 23.78
CA ASP B 154 -24.07 -23.07 23.95
C ASP B 154 -24.94 -22.11 24.69
N SER B 155 -24.38 -21.20 25.42
CA SER B 155 -25.27 -20.31 26.09
C SER B 155 -25.48 -19.01 25.32
N LEU B 156 -24.36 -18.45 24.80
CA LEU B 156 -24.42 -17.17 24.14
C LEU B 156 -24.41 -17.19 22.70
N VAL B 157 -23.96 -18.33 22.07
CA VAL B 157 -23.85 -18.38 20.60
C VAL B 157 -24.34 -19.70 20.02
N PRO B 158 -25.56 -19.99 20.36
CA PRO B 158 -26.23 -21.16 19.93
C PRO B 158 -26.16 -21.50 18.45
N ILE B 159 -25.65 -22.69 18.15
CA ILE B 159 -25.61 -23.19 16.79
C ILE B 159 -26.87 -24.05 16.54
N GLY B 160 -27.50 -23.88 15.40
CA GLY B 160 -28.64 -24.69 15.00
C GLY B 160 -28.21 -25.77 14.07
N ARG B 161 -29.02 -26.79 13.86
CA ARG B 161 -28.62 -27.82 12.92
C ARG B 161 -28.98 -27.41 11.53
N GLY B 162 -27.97 -27.24 10.68
CA GLY B 162 -28.15 -26.79 9.29
C GLY B 162 -27.64 -25.34 9.17
N GLN B 163 -27.01 -24.83 10.21
CA GLN B 163 -26.50 -23.49 10.23
C GLN B 163 -25.10 -23.53 9.70
N ARG B 164 -24.53 -22.37 9.40
CA ARG B 164 -23.14 -22.20 9.00
C ARG B 164 -22.69 -21.20 10.05
N GLU B 165 -21.73 -21.57 10.90
CA GLU B 165 -21.28 -20.68 11.94
C GLU B 165 -19.81 -20.66 11.81
N LEU B 166 -19.23 -19.48 11.72
CA LEU B 166 -17.79 -19.39 11.50
C LEU B 166 -16.96 -19.30 12.76
N ILE B 167 -15.85 -20.02 12.78
CA ILE B 167 -14.94 -19.94 13.91
C ILE B 167 -13.84 -19.06 13.36
N ILE B 168 -13.63 -17.87 13.98
CA ILE B 168 -12.61 -17.00 13.44
C ILE B 168 -11.68 -16.41 14.49
N GLY B 169 -10.38 -16.36 14.19
CA GLY B 169 -9.42 -15.81 15.15
C GLY B 169 -7.99 -15.92 14.60
N ASP B 170 -6.98 -15.34 15.31
CA ASP B 170 -5.62 -15.45 14.82
C ASP B 170 -5.09 -16.86 15.08
N ARG B 171 -3.81 -17.09 14.75
CA ARG B 171 -3.17 -18.36 14.96
C ARG B 171 -3.13 -18.73 16.43
N GLN B 172 -3.23 -20.03 16.75
CA GLN B 172 -3.16 -20.49 18.11
C GLN B 172 -4.12 -19.75 19.05
N THR B 173 -5.39 -19.50 18.71
CA THR B 173 -6.26 -18.86 19.69
C THR B 173 -7.26 -19.91 20.22
N GLY B 174 -7.09 -21.14 19.73
CA GLY B 174 -7.92 -22.25 20.14
C GLY B 174 -9.10 -22.43 19.24
N LYS B 175 -8.86 -22.26 17.96
CA LYS B 175 -9.95 -22.40 17.02
C LYS B 175 -10.36 -23.82 16.89
N THR B 176 -9.48 -24.65 16.37
CA THR B 176 -9.78 -26.04 16.23
C THR B 176 -10.33 -26.63 17.51
N SER B 177 -9.73 -26.21 18.63
CA SER B 177 -10.21 -26.71 19.91
C SER B 177 -11.72 -26.63 20.06
N ILE B 178 -12.37 -25.77 19.32
CA ILE B 178 -13.82 -25.70 19.43
C ILE B 178 -14.45 -26.78 18.62
N ALA B 179 -13.88 -27.02 17.49
CA ALA B 179 -14.40 -28.06 16.63
C ALA B 179 -14.38 -29.40 17.38
N ILE B 180 -13.24 -29.69 17.94
CA ILE B 180 -13.10 -30.91 18.66
C ILE B 180 -14.07 -31.09 19.80
N ASP B 181 -14.02 -30.28 20.83
CA ASP B 181 -14.95 -30.50 21.88
C ASP B 181 -16.36 -30.70 21.34
N THR B 182 -16.63 -30.08 20.23
CA THR B 182 -17.92 -30.30 19.64
C THR B 182 -18.06 -31.73 19.14
N ILE B 183 -17.06 -32.20 18.40
CA ILE B 183 -17.13 -33.55 17.88
C ILE B 183 -17.36 -34.54 19.02
N ILE B 184 -16.50 -34.46 20.00
CA ILE B 184 -16.54 -35.30 21.15
C ILE B 184 -17.88 -35.29 21.88
N ASN B 185 -18.46 -34.12 22.09
CA ASN B 185 -19.71 -33.99 22.81
C ASN B 185 -20.80 -34.78 22.17
N GLN B 186 -20.59 -35.11 20.91
CA GLN B 186 -21.61 -35.85 20.17
C GLN B 186 -21.87 -37.28 20.62
N LYS B 187 -20.83 -37.91 21.13
CA LYS B 187 -20.94 -39.27 21.60
C LYS B 187 -22.08 -39.47 22.53
N ARG B 188 -22.36 -38.47 23.32
CA ARG B 188 -23.42 -38.60 24.26
C ARG B 188 -24.71 -38.91 23.61
N PHE B 189 -24.85 -38.57 22.31
CA PHE B 189 -26.10 -38.83 21.57
C PHE B 189 -25.93 -39.98 20.58
N ASN B 190 -24.76 -40.07 20.00
CA ASN B 190 -24.56 -41.15 19.09
C ASN B 190 -24.64 -42.52 19.83
N ASP B 191 -24.26 -42.56 21.11
CA ASP B 191 -24.31 -43.81 21.89
C ASP B 191 -25.67 -43.96 22.51
N GLY B 192 -26.57 -43.05 22.11
CA GLY B 192 -27.93 -42.98 22.61
C GLY B 192 -28.94 -43.77 21.84
N THR B 193 -30.15 -43.43 22.33
CA THR B 193 -31.47 -43.91 22.04
C THR B 193 -31.98 -43.65 20.60
N ASP B 194 -32.20 -42.38 20.32
CA ASP B 194 -32.78 -41.87 19.06
C ASP B 194 -31.85 -41.42 17.93
N GLU B 195 -32.17 -41.79 16.70
CA GLU B 195 -31.39 -41.41 15.52
C GLU B 195 -31.41 -39.91 15.12
N LYS B 196 -32.51 -39.34 15.47
CA LYS B 196 -32.74 -37.96 15.19
C LYS B 196 -32.06 -37.05 16.18
N LYS B 197 -31.37 -37.61 17.15
CA LYS B 197 -30.69 -36.80 18.12
C LYS B 197 -29.20 -36.95 17.96
N LYS B 198 -28.79 -37.60 16.89
CA LYS B 198 -27.39 -37.89 16.60
C LYS B 198 -26.74 -36.96 15.58
N LEU B 199 -25.42 -37.13 15.42
CA LEU B 199 -24.70 -36.30 14.53
C LEU B 199 -23.41 -36.92 14.09
N TYR B 200 -23.27 -37.28 12.84
CA TYR B 200 -22.00 -37.85 12.43
C TYR B 200 -21.08 -36.72 12.10
N CYS B 201 -19.86 -36.69 12.61
CA CYS B 201 -18.97 -35.58 12.31
C CYS B 201 -18.04 -35.88 11.17
N ILE B 202 -17.68 -34.84 10.41
CA ILE B 202 -16.69 -34.95 9.32
C ILE B 202 -15.71 -33.84 9.60
N TYR B 203 -14.39 -34.08 9.58
CA TYR B 203 -13.39 -33.07 9.87
C TYR B 203 -12.50 -33.00 8.68
N VAL B 204 -12.54 -31.88 7.97
CA VAL B 204 -11.67 -31.70 6.82
C VAL B 204 -10.44 -30.87 7.18
N ALA B 205 -9.26 -31.40 6.87
CA ALA B 205 -8.02 -30.74 7.21
C ALA B 205 -7.29 -30.35 5.99
N ILE B 206 -7.07 -28.99 5.90
CA ILE B 206 -6.47 -28.33 4.73
C ILE B 206 -5.27 -27.53 5.19
N GLY B 207 -4.12 -27.74 4.55
CA GLY B 207 -2.90 -27.06 4.87
C GLY B 207 -2.31 -27.36 6.24
N GLN B 208 -2.98 -28.17 7.08
CA GLN B 208 -2.46 -28.51 8.39
C GLN B 208 -1.20 -29.39 8.28
N LYS B 209 -0.63 -29.70 9.45
CA LYS B 209 0.52 -30.57 9.57
C LYS B 209 0.00 -31.98 9.80
N ARG B 210 0.56 -33.02 9.11
CA ARG B 210 0.03 -34.36 9.39
C ARG B 210 0.21 -34.65 10.84
N SER B 211 1.42 -34.36 11.34
CA SER B 211 1.75 -34.52 12.73
C SER B 211 0.53 -34.15 13.56
N THR B 212 -0.16 -33.11 13.11
CA THR B 212 -1.35 -32.66 13.76
C THR B 212 -2.58 -33.50 13.54
N VAL B 213 -2.84 -33.90 12.34
CA VAL B 213 -4.07 -34.68 12.07
C VAL B 213 -3.97 -36.02 12.74
N ALA B 214 -2.81 -36.59 12.57
CA ALA B 214 -2.39 -37.83 13.28
C ALA B 214 -2.63 -37.83 14.66
N GLN B 215 -2.34 -36.69 15.26
CA GLN B 215 -2.51 -36.64 16.68
C GLN B 215 -3.95 -36.35 17.01
N LEU B 216 -4.62 -35.79 16.03
CA LEU B 216 -6.01 -35.36 16.16
C LEU B 216 -6.95 -36.56 16.27
N VAL B 217 -6.71 -37.52 15.40
CA VAL B 217 -7.53 -38.68 15.43
C VAL B 217 -7.22 -39.44 16.68
N LYS B 218 -5.94 -39.43 17.08
CA LYS B 218 -5.61 -40.12 18.29
C LYS B 218 -6.54 -39.58 19.38
N ARG B 219 -6.66 -38.33 19.49
CA ARG B 219 -7.50 -37.82 20.53
C ARG B 219 -8.93 -38.26 20.32
N LEU B 220 -9.33 -38.28 19.06
CA LEU B 220 -10.72 -38.66 18.75
C LEU B 220 -10.98 -40.12 19.07
N THR B 221 -10.00 -40.91 18.73
CA THR B 221 -9.99 -42.33 18.92
C THR B 221 -10.03 -42.60 20.38
N ASP B 222 -9.13 -42.04 21.14
CA ASP B 222 -9.22 -42.28 22.56
C ASP B 222 -10.51 -41.79 23.15
N ALA B 223 -11.24 -40.96 22.44
CA ALA B 223 -12.48 -40.53 23.07
C ALA B 223 -13.65 -41.34 22.54
N ASP B 224 -13.31 -42.20 21.62
CA ASP B 224 -14.32 -43.02 21.02
C ASP B 224 -15.34 -42.14 20.32
N ALA B 225 -14.79 -41.30 19.45
CA ALA B 225 -15.51 -40.35 18.68
C ALA B 225 -15.30 -40.60 17.21
N MET B 226 -14.21 -41.32 16.94
CA MET B 226 -13.85 -41.67 15.56
C MET B 226 -14.89 -42.59 15.00
N LYS B 227 -15.47 -43.33 15.94
CA LYS B 227 -16.50 -44.26 15.60
C LYS B 227 -17.57 -43.51 14.84
N TYR B 228 -17.73 -42.23 15.14
CA TYR B 228 -18.71 -41.48 14.42
C TYR B 228 -18.14 -40.32 13.61
N THR B 229 -16.87 -40.34 13.22
CA THR B 229 -16.30 -39.22 12.52
C THR B 229 -15.63 -39.63 11.24
N ILE B 230 -15.60 -38.81 10.18
CA ILE B 230 -14.82 -39.20 8.99
C ILE B 230 -13.72 -38.21 8.90
N VAL B 231 -12.54 -38.43 8.26
CA VAL B 231 -11.50 -37.39 8.32
C VAL B 231 -10.81 -37.24 6.99
N VAL B 232 -11.00 -36.10 6.35
CA VAL B 232 -10.35 -35.90 5.06
C VAL B 232 -9.11 -35.07 5.29
N SER B 233 -8.00 -35.45 4.67
CA SER B 233 -6.77 -34.73 4.83
C SER B 233 -6.12 -34.33 3.54
N ALA B 234 -5.84 -33.05 3.42
CA ALA B 234 -5.08 -32.45 2.32
C ALA B 234 -4.19 -31.57 3.13
N THR B 235 -3.03 -32.07 3.48
CA THR B 235 -2.13 -31.37 4.39
C THR B 235 -1.05 -30.54 3.77
N ALA B 236 -0.30 -29.87 4.66
CA ALA B 236 0.74 -28.98 4.24
C ALA B 236 1.63 -29.47 3.12
N SER B 237 1.61 -30.75 2.89
CA SER B 237 2.48 -31.33 1.88
C SER B 237 1.83 -31.75 0.59
N ASP B 238 0.48 -31.74 0.54
CA ASP B 238 -0.27 -32.22 -0.63
C ASP B 238 -0.43 -31.16 -1.70
N ALA B 239 -0.43 -31.56 -2.97
CA ALA B 239 -0.59 -30.58 -4.02
C ALA B 239 -1.75 -29.69 -3.74
N ALA B 240 -1.60 -28.38 -4.11
CA ALA B 240 -2.63 -27.36 -3.90
C ALA B 240 -4.01 -27.84 -4.32
N PRO B 241 -4.10 -28.44 -5.50
CA PRO B 241 -5.34 -28.94 -6.02
C PRO B 241 -6.07 -29.88 -5.09
N LEU B 242 -5.30 -30.63 -4.31
CA LEU B 242 -5.91 -31.52 -3.35
C LEU B 242 -6.38 -30.70 -2.21
N GLN B 243 -5.58 -29.75 -1.73
CA GLN B 243 -6.04 -28.88 -0.64
C GLN B 243 -7.33 -28.19 -1.04
N TYR B 244 -7.29 -27.74 -2.28
CA TYR B 244 -8.39 -27.04 -2.87
C TYR B 244 -9.61 -27.97 -2.78
N LEU B 245 -9.50 -29.08 -3.42
CA LEU B 245 -10.58 -30.03 -3.52
C LEU B 245 -11.16 -30.62 -2.27
N ALA B 246 -10.31 -30.91 -1.25
CA ALA B 246 -10.70 -31.48 0.03
C ALA B 246 -12.02 -31.08 0.62
N PRO B 247 -12.27 -29.82 0.84
CA PRO B 247 -13.51 -29.41 1.48
C PRO B 247 -14.79 -29.73 0.72
N TYR B 248 -14.70 -29.81 -0.61
CA TYR B 248 -15.83 -30.13 -1.42
C TYR B 248 -16.21 -31.61 -1.19
N SER B 249 -15.17 -32.45 -1.17
CA SER B 249 -15.30 -33.86 -0.92
C SER B 249 -16.00 -34.07 0.42
N GLY B 250 -15.41 -33.57 1.48
CA GLY B 250 -16.00 -33.71 2.78
C GLY B 250 -17.43 -33.30 2.69
N CYS B 251 -17.66 -32.16 2.07
CA CYS B 251 -19.00 -31.68 1.96
C CYS B 251 -19.92 -32.70 1.31
N SER B 252 -19.51 -33.34 0.24
CA SER B 252 -20.35 -34.36 -0.40
C SER B 252 -20.68 -35.52 0.59
N MET B 253 -19.68 -35.95 1.36
CA MET B 253 -19.88 -36.98 2.36
C MET B 253 -20.85 -36.51 3.39
N GLY B 254 -20.74 -35.26 3.82
CA GLY B 254 -21.70 -34.77 4.80
C GLY B 254 -23.10 -34.74 4.15
N GLU B 255 -23.15 -34.53 2.85
CA GLU B 255 -24.41 -34.42 2.17
C GLU B 255 -25.21 -35.68 2.16
N TYR B 256 -24.53 -36.80 2.20
CA TYR B 256 -25.30 -38.04 2.24
C TYR B 256 -26.22 -37.98 3.46
N PHE B 257 -25.63 -37.80 4.63
CA PHE B 257 -26.43 -37.78 5.81
C PHE B 257 -27.55 -36.73 5.71
N ARG B 258 -27.25 -35.53 5.19
CA ARG B 258 -28.27 -34.49 5.08
C ARG B 258 -29.37 -34.98 4.21
N ASP B 259 -28.93 -35.58 3.15
CA ASP B 259 -29.87 -36.09 2.21
C ASP B 259 -30.73 -37.26 2.67
N ASN B 260 -30.36 -38.00 3.71
CA ASN B 260 -31.17 -39.13 4.14
C ASN B 260 -31.77 -39.00 5.50
N GLY B 261 -32.48 -37.94 5.79
CA GLY B 261 -33.07 -37.81 7.11
C GLY B 261 -32.08 -37.88 8.27
N LYS B 262 -30.77 -37.89 7.99
CA LYS B 262 -29.77 -37.95 9.03
C LYS B 262 -29.19 -36.58 9.28
N HIS B 263 -28.25 -36.45 10.26
CA HIS B 263 -27.68 -35.16 10.60
C HIS B 263 -26.15 -35.16 10.70
N ALA B 264 -25.42 -34.42 9.84
CA ALA B 264 -23.97 -34.41 9.91
C ALA B 264 -23.42 -33.07 10.34
N LEU B 265 -22.15 -33.06 10.74
CA LEU B 265 -21.44 -31.88 11.14
C LEU B 265 -20.14 -31.86 10.39
N ILE B 266 -19.89 -30.79 9.63
CA ILE B 266 -18.64 -30.66 8.85
C ILE B 266 -17.81 -29.52 9.39
N ILE B 267 -16.51 -29.76 9.53
CA ILE B 267 -15.57 -28.80 10.03
C ILE B 267 -14.48 -28.56 9.00
N TYR B 268 -14.48 -27.32 8.44
CA TYR B 268 -13.48 -26.96 7.44
C TYR B 268 -12.34 -26.18 8.11
N ASP B 269 -11.19 -26.82 8.27
CA ASP B 269 -10.07 -26.20 8.97
C ASP B 269 -8.83 -26.14 8.10
N ASP B 270 -8.49 -24.96 7.56
CA ASP B 270 -9.18 -23.67 7.62
C ASP B 270 -9.60 -23.38 6.19
N LEU B 271 -10.47 -22.39 6.02
CA LEU B 271 -10.79 -21.97 4.65
C LEU B 271 -9.72 -20.97 4.17
N SER B 272 -9.00 -20.44 5.15
CA SER B 272 -7.91 -19.54 4.91
C SER B 272 -6.92 -20.26 3.98
N LYS B 273 -6.39 -21.41 4.44
CA LYS B 273 -5.40 -22.15 3.65
C LYS B 273 -5.94 -22.72 2.37
N GLN B 274 -7.25 -22.95 2.35
CA GLN B 274 -7.79 -23.49 1.11
C GLN B 274 -7.68 -22.37 0.09
N ALA B 275 -8.12 -21.19 0.57
CA ALA B 275 -8.10 -20.00 -0.20
C ALA B 275 -6.69 -19.75 -0.77
N VAL B 276 -5.62 -19.91 0.02
CA VAL B 276 -4.29 -19.72 -0.54
C VAL B 276 -3.93 -20.78 -1.58
N ALA B 277 -4.49 -21.97 -1.44
CA ALA B 277 -4.23 -23.05 -2.37
C ALA B 277 -4.83 -22.75 -3.71
N TYR B 278 -6.08 -22.32 -3.67
CA TYR B 278 -6.79 -21.95 -4.88
C TYR B 278 -6.08 -20.76 -5.54
N ARG B 279 -5.61 -19.81 -4.75
CA ARG B 279 -4.91 -18.66 -5.29
C ARG B 279 -3.62 -19.12 -5.93
N GLN B 280 -2.96 -20.09 -5.31
CA GLN B 280 -1.79 -20.56 -5.98
C GLN B 280 -2.20 -21.15 -7.35
N MET B 281 -3.29 -21.88 -7.36
CA MET B 281 -3.72 -22.44 -8.62
C MET B 281 -4.02 -21.39 -9.67
N SER B 282 -4.80 -20.36 -9.24
CA SER B 282 -5.18 -19.23 -10.06
C SER B 282 -4.00 -18.39 -10.59
N LEU B 283 -2.96 -18.09 -9.78
CA LEU B 283 -1.89 -17.30 -10.33
C LEU B 283 -1.16 -18.14 -11.34
N LEU B 284 -1.05 -19.43 -11.04
CA LEU B 284 -0.37 -20.28 -11.99
C LEU B 284 -1.13 -20.40 -13.29
N LEU B 285 -2.47 -20.32 -13.23
CA LEU B 285 -3.24 -20.40 -14.47
C LEU B 285 -3.21 -19.08 -15.22
N ARG B 286 -2.69 -18.06 -14.49
CA ARG B 286 -2.56 -16.69 -14.95
C ARG B 286 -3.82 -15.80 -14.80
N ARG B 287 -4.72 -16.12 -13.90
CA ARG B 287 -5.91 -15.31 -13.78
C ARG B 287 -5.60 -14.01 -13.03
N PRO B 288 -6.14 -12.88 -13.53
CA PRO B 288 -5.91 -11.58 -12.95
C PRO B 288 -6.01 -11.59 -11.46
N PRO B 289 -4.93 -11.26 -10.82
CA PRO B 289 -4.89 -11.14 -9.39
C PRO B 289 -5.61 -9.89 -8.96
N GLY B 290 -6.40 -9.95 -7.93
CA GLY B 290 -7.08 -8.77 -7.48
C GLY B 290 -6.68 -8.41 -6.07
N ARG B 291 -7.65 -8.00 -5.26
CA ARG B 291 -7.36 -7.64 -3.89
C ARG B 291 -6.53 -8.77 -3.24
N GLU B 292 -5.42 -8.46 -2.58
CA GLU B 292 -4.52 -9.43 -1.94
C GLU B 292 -4.06 -10.46 -2.91
N ALA B 293 -4.09 -10.14 -4.20
CA ALA B 293 -3.68 -11.07 -5.25
C ALA B 293 -4.63 -12.20 -5.44
N TYR B 294 -5.76 -12.19 -4.69
CA TYR B 294 -6.74 -13.25 -4.86
C TYR B 294 -7.52 -13.06 -6.16
N PRO B 295 -7.81 -14.16 -6.79
CA PRO B 295 -8.61 -14.19 -8.02
C PRO B 295 -10.04 -13.71 -7.70
N GLY B 296 -10.72 -13.21 -8.71
CA GLY B 296 -12.04 -12.70 -8.57
C GLY B 296 -13.10 -13.60 -7.99
N ASP B 297 -12.93 -14.90 -8.16
CA ASP B 297 -13.92 -15.87 -7.69
C ASP B 297 -13.71 -16.58 -6.34
N VAL B 298 -12.78 -16.15 -5.51
CA VAL B 298 -12.64 -16.81 -4.26
C VAL B 298 -13.89 -16.66 -3.45
N PHE B 299 -14.75 -15.69 -3.70
CA PHE B 299 -15.86 -15.66 -2.78
C PHE B 299 -16.67 -16.91 -3.11
N TYR B 300 -16.79 -17.04 -4.38
CA TYR B 300 -17.60 -18.14 -4.80
C TYR B 300 -17.01 -19.46 -4.38
N LEU B 301 -15.68 -19.53 -4.30
CA LEU B 301 -15.02 -20.72 -3.83
C LEU B 301 -15.66 -21.08 -2.50
N HIS B 302 -15.99 -20.07 -1.73
CA HIS B 302 -16.55 -20.39 -0.50
C HIS B 302 -18.05 -20.45 -0.46
N SER B 303 -18.76 -19.50 -1.12
CA SER B 303 -20.23 -19.52 -1.02
C SER B 303 -20.79 -20.84 -1.49
N ARG B 304 -20.28 -21.29 -2.62
CA ARG B 304 -20.78 -22.55 -3.14
C ARG B 304 -20.64 -23.63 -2.13
N LEU B 305 -19.47 -23.78 -1.60
CA LEU B 305 -19.23 -24.74 -0.55
C LEU B 305 -20.24 -24.60 0.59
N LEU B 306 -20.20 -23.49 1.33
CA LEU B 306 -21.07 -23.31 2.46
C LEU B 306 -22.56 -23.22 2.24
N GLU B 307 -22.97 -23.14 1.00
CA GLU B 307 -24.39 -23.05 0.75
C GLU B 307 -25.01 -24.41 0.97
N ARG B 308 -24.14 -25.42 0.77
CA ARG B 308 -24.45 -26.83 0.93
C ARG B 308 -24.79 -27.25 2.36
N ALA B 309 -24.35 -26.50 3.39
CA ALA B 309 -24.81 -26.89 4.71
C ALA B 309 -26.26 -26.45 4.65
N ALA B 310 -27.18 -27.12 5.32
CA ALA B 310 -28.58 -26.74 5.22
C ALA B 310 -29.49 -27.64 6.04
N LYS B 311 -30.66 -27.11 6.37
CA LYS B 311 -31.71 -27.79 7.12
C LYS B 311 -32.92 -27.99 6.17
N MET B 312 -33.07 -29.25 5.78
CA MET B 312 -34.19 -29.68 4.97
C MET B 312 -35.47 -29.81 5.82
N ASN B 313 -36.62 -29.74 5.18
CA ASN B 313 -37.84 -29.86 5.93
C ASN B 313 -38.30 -31.30 5.88
N ASP B 314 -39.41 -31.57 6.56
CA ASP B 314 -39.94 -32.93 6.59
C ASP B 314 -40.09 -33.55 5.22
N ALA B 315 -40.82 -32.87 4.33
CA ALA B 315 -40.96 -33.37 2.98
C ALA B 315 -39.76 -33.79 2.34
N PHE B 316 -38.59 -33.41 2.88
CA PHE B 316 -37.33 -33.79 2.26
C PHE B 316 -36.44 -34.61 3.16
N GLY B 317 -37.01 -35.10 4.25
CA GLY B 317 -36.25 -35.91 5.15
C GLY B 317 -35.98 -35.26 6.51
N GLY B 318 -36.06 -33.91 6.60
CA GLY B 318 -35.80 -33.23 7.87
C GLY B 318 -34.30 -33.27 8.22
N GLY B 319 -33.48 -33.92 7.38
CA GLY B 319 -32.06 -34.05 7.63
C GLY B 319 -31.33 -32.73 7.73
N SER B 320 -29.99 -32.73 7.88
CA SER B 320 -29.32 -31.46 7.99
C SER B 320 -27.81 -31.57 7.92
N LEU B 321 -27.13 -30.47 7.55
CA LEU B 321 -25.67 -30.42 7.49
C LEU B 321 -25.27 -29.14 8.19
N THR B 322 -24.36 -29.24 9.14
CA THR B 322 -23.93 -28.07 9.87
C THR B 322 -22.46 -27.75 9.59
N ALA B 323 -22.13 -26.54 9.09
CA ALA B 323 -20.74 -26.22 8.80
C ALA B 323 -20.15 -25.21 9.75
N LEU B 324 -19.01 -25.58 10.33
CA LEU B 324 -18.24 -24.74 11.20
C LEU B 324 -16.90 -24.57 10.49
N PRO B 325 -16.84 -23.69 9.55
CA PRO B 325 -15.62 -23.50 8.78
C PRO B 325 -14.63 -22.66 9.58
N VAL B 326 -13.35 -22.86 9.46
CA VAL B 326 -12.44 -22.06 10.26
C VAL B 326 -11.68 -21.07 9.40
N ILE B 327 -11.48 -19.84 9.93
CA ILE B 327 -10.76 -18.78 9.21
C ILE B 327 -9.73 -18.14 10.13
N GLU B 328 -8.49 -18.04 9.67
CA GLU B 328 -7.45 -17.42 10.50
C GLU B 328 -7.09 -15.95 10.13
N THR B 329 -7.39 -15.01 11.02
CA THR B 329 -7.11 -13.64 10.76
C THR B 329 -5.70 -13.36 11.16
N GLN B 330 -5.11 -12.27 10.63
CA GLN B 330 -3.78 -11.83 11.02
C GLN B 330 -4.02 -10.65 11.94
N ALA B 331 -3.28 -10.56 13.04
CA ALA B 331 -3.40 -9.48 13.99
C ALA B 331 -4.83 -9.03 14.32
N GLY B 332 -5.74 -9.94 14.43
CA GLY B 332 -7.09 -9.59 14.78
C GLY B 332 -7.78 -8.76 13.75
N ASP B 333 -7.21 -8.71 12.54
CA ASP B 333 -7.82 -7.91 11.48
C ASP B 333 -9.02 -8.59 10.88
N VAL B 334 -10.17 -8.23 11.37
CA VAL B 334 -11.36 -8.85 10.87
C VAL B 334 -11.86 -8.26 9.58
N SER B 335 -11.24 -7.22 9.11
CA SER B 335 -11.69 -6.60 7.87
C SER B 335 -11.11 -7.10 6.62
N ALA B 336 -10.13 -7.93 6.67
CA ALA B 336 -9.47 -8.43 5.49
C ALA B 336 -10.46 -9.00 4.46
N TYR B 337 -9.97 -9.19 3.26
CA TYR B 337 -10.78 -9.66 2.21
C TYR B 337 -11.38 -10.99 2.56
N ILE B 338 -10.51 -11.95 2.82
CA ILE B 338 -11.03 -13.29 3.10
C ILE B 338 -12.01 -13.34 4.28
N PRO B 339 -11.61 -12.87 5.46
CA PRO B 339 -12.51 -12.88 6.57
C PRO B 339 -13.84 -12.26 6.24
N THR B 340 -13.83 -11.09 5.61
CA THR B 340 -15.09 -10.46 5.26
C THR B 340 -15.90 -11.34 4.37
N ASN B 341 -15.23 -11.91 3.37
CA ASN B 341 -15.93 -12.79 2.44
C ASN B 341 -16.72 -13.83 3.19
N VAL B 342 -16.01 -14.61 4.00
CA VAL B 342 -16.62 -15.64 4.80
C VAL B 342 -17.66 -15.13 5.80
N ILE B 343 -17.46 -13.98 6.38
CA ILE B 343 -18.45 -13.51 7.31
C ILE B 343 -19.75 -13.30 6.56
N SER B 344 -19.60 -12.87 5.29
CA SER B 344 -20.73 -12.56 4.44
C SER B 344 -21.43 -13.78 3.87
N ILE B 345 -21.05 -14.95 4.37
CA ILE B 345 -21.63 -16.19 3.90
C ILE B 345 -22.29 -16.99 5.05
N THR B 346 -21.56 -17.16 6.14
CA THR B 346 -22.05 -17.90 7.26
C THR B 346 -23.18 -17.19 7.95
N ASP B 347 -23.71 -17.75 9.02
CA ASP B 347 -24.84 -17.21 9.76
C ASP B 347 -24.48 -16.74 11.13
N GLY B 348 -23.24 -16.26 11.27
CA GLY B 348 -22.73 -15.75 12.55
C GLY B 348 -21.25 -16.07 12.61
N GLN B 349 -20.58 -15.67 13.66
CA GLN B 349 -19.17 -16.00 13.81
C GLN B 349 -18.91 -16.17 15.32
N ILE B 350 -17.76 -16.78 15.61
CA ILE B 350 -17.23 -16.96 16.95
C ILE B 350 -15.80 -16.46 16.84
N PHE B 351 -15.57 -15.24 17.38
CA PHE B 351 -14.26 -14.65 17.30
C PHE B 351 -13.58 -14.89 18.61
N LEU B 352 -12.44 -15.56 18.51
CA LEU B 352 -11.58 -15.84 19.65
C LEU B 352 -10.53 -14.76 19.59
N GLU B 353 -10.20 -14.11 20.73
CA GLU B 353 -9.24 -13.01 20.81
C GLU B 353 -7.91 -13.35 21.45
N THR B 354 -6.79 -12.95 20.86
CA THR B 354 -5.49 -13.23 21.46
C THR B 354 -5.33 -12.70 22.86
N GLU B 355 -5.81 -11.51 23.07
CA GLU B 355 -5.73 -10.90 24.37
C GLU B 355 -6.36 -11.85 25.38
N LEU B 356 -7.59 -12.23 25.11
CA LEU B 356 -8.32 -13.10 25.99
C LEU B 356 -7.52 -14.34 26.31
N PHE B 357 -7.01 -14.98 25.30
CA PHE B 357 -6.22 -16.18 25.45
C PHE B 357 -5.10 -16.10 26.47
N TYR B 358 -4.26 -15.07 26.36
CA TYR B 358 -3.15 -14.86 27.27
C TYR B 358 -3.60 -14.59 28.66
N LYS B 359 -4.50 -13.60 28.74
CA LYS B 359 -5.13 -13.15 29.97
C LYS B 359 -5.76 -14.34 30.73
N GLY B 360 -5.69 -15.53 30.13
CA GLY B 360 -6.21 -16.73 30.68
C GLY B 360 -7.71 -16.92 30.50
N ILE B 361 -8.37 -16.26 29.55
CA ILE B 361 -9.83 -16.48 29.39
C ILE B 361 -9.99 -17.37 28.22
N ARG B 362 -10.30 -18.65 28.47
CA ARG B 362 -10.38 -19.71 27.56
C ARG B 362 -11.68 -20.48 27.75
N PRO B 363 -12.51 -20.74 26.73
CA PRO B 363 -12.33 -20.31 25.35
C PRO B 363 -12.35 -18.79 25.10
N ALA B 364 -11.26 -18.33 24.49
CA ALA B 364 -11.00 -16.92 24.22
C ALA B 364 -12.14 -16.25 23.45
N ILE B 365 -13.36 -16.54 23.80
CA ILE B 365 -14.45 -15.99 23.06
C ILE B 365 -14.65 -14.53 23.34
N ASN B 366 -15.03 -13.75 22.31
CA ASN B 366 -15.34 -12.35 22.46
C ASN B 366 -16.84 -12.28 22.44
N VAL B 367 -17.43 -12.26 23.60
CA VAL B 367 -18.87 -12.29 23.70
C VAL B 367 -19.65 -11.18 23.07
N GLY B 368 -19.06 -10.03 22.85
CA GLY B 368 -19.86 -8.97 22.23
C GLY B 368 -19.87 -9.06 20.71
N LEU B 369 -18.66 -9.20 20.18
CA LEU B 369 -18.39 -9.31 18.77
C LEU B 369 -19.15 -10.51 18.21
N SER B 370 -18.87 -11.73 18.75
CA SER B 370 -19.42 -13.02 18.28
C SER B 370 -20.93 -13.03 18.13
N VAL B 371 -21.48 -13.78 17.14
CA VAL B 371 -22.93 -13.82 16.87
C VAL B 371 -23.41 -15.19 16.38
N SER B 372 -24.73 -15.36 16.45
CA SER B 372 -25.44 -16.49 15.92
C SER B 372 -26.75 -15.97 15.32
N ARG B 373 -26.72 -15.65 14.02
CA ARG B 373 -27.86 -15.08 13.29
C ARG B 373 -29.11 -15.90 13.31
N VAL B 374 -28.99 -17.23 13.30
CA VAL B 374 -30.15 -18.10 13.27
C VAL B 374 -30.43 -19.02 14.43
N GLY B 375 -29.49 -19.17 15.34
CA GLY B 375 -29.59 -20.10 16.43
C GLY B 375 -30.50 -19.88 17.64
N SER B 376 -31.10 -18.70 17.89
CA SER B 376 -31.93 -18.58 19.11
C SER B 376 -33.02 -19.60 19.16
N ALA B 377 -33.65 -19.83 18.03
CA ALA B 377 -34.70 -20.82 17.97
C ALA B 377 -34.14 -22.21 18.30
N ALA B 378 -32.95 -22.50 17.78
CA ALA B 378 -32.32 -23.77 18.01
C ALA B 378 -32.01 -23.98 19.45
N GLN B 379 -31.86 -22.92 20.16
CA GLN B 379 -31.55 -23.08 21.54
C GLN B 379 -32.76 -23.53 22.37
N THR B 380 -32.35 -24.31 23.38
CA THR B 380 -33.23 -24.89 24.35
C THR B 380 -33.78 -23.84 25.29
N ARG B 381 -34.98 -24.03 25.74
CA ARG B 381 -35.59 -23.11 26.67
C ARG B 381 -34.80 -22.98 27.97
N ALA B 382 -34.46 -24.14 28.53
CA ALA B 382 -33.75 -24.22 29.79
C ALA B 382 -32.60 -23.23 29.80
N MET B 383 -31.78 -23.26 28.75
CA MET B 383 -30.67 -22.31 28.63
C MET B 383 -31.20 -20.89 28.46
N LYS B 384 -32.31 -20.79 27.67
CA LYS B 384 -33.01 -19.52 27.47
C LYS B 384 -33.22 -18.93 28.85
N GLN B 385 -33.71 -19.80 29.76
CA GLN B 385 -34.03 -19.52 31.15
C GLN B 385 -32.86 -18.97 31.94
N VAL B 386 -31.69 -19.57 31.77
CA VAL B 386 -30.54 -19.08 32.50
C VAL B 386 -29.62 -18.19 31.68
N ALA B 387 -29.33 -18.64 30.47
CA ALA B 387 -28.47 -17.92 29.57
C ALA B 387 -29.08 -16.59 29.18
N GLY B 388 -30.40 -16.51 29.22
CA GLY B 388 -31.15 -15.32 28.84
C GLY B 388 -30.77 -14.04 29.58
N THR B 389 -30.56 -14.17 30.90
CA THR B 389 -30.18 -13.12 31.82
C THR B 389 -28.69 -12.95 32.02
N MET B 390 -27.95 -13.77 31.29
CA MET B 390 -26.51 -13.81 31.37
C MET B 390 -25.84 -12.82 30.47
N LYS B 391 -26.29 -12.70 29.22
CA LYS B 391 -25.63 -11.72 28.38
C LYS B 391 -26.06 -10.37 28.90
N LEU B 392 -27.31 -10.34 29.40
CA LEU B 392 -27.88 -9.13 29.98
C LEU B 392 -27.03 -8.61 31.11
N GLU B 393 -26.66 -9.48 32.04
CA GLU B 393 -25.81 -9.11 33.15
C GLU B 393 -24.44 -8.73 32.61
N LEU B 394 -24.00 -9.54 31.63
CA LEU B 394 -22.74 -9.40 30.92
C LEU B 394 -22.77 -8.22 29.96
N ALA B 395 -23.93 -7.66 29.73
CA ALA B 395 -24.00 -6.51 28.88
C ALA B 395 -23.62 -5.28 29.70
N GLN B 396 -24.17 -5.26 30.91
CA GLN B 396 -23.98 -4.23 31.91
C GLN B 396 -22.58 -4.24 32.56
N TYR B 397 -21.84 -5.30 32.28
CA TYR B 397 -20.49 -5.48 32.80
C TYR B 397 -19.52 -5.10 31.70
N ARG B 398 -19.91 -5.41 30.47
CA ARG B 398 -19.05 -5.13 29.34
C ARG B 398 -18.54 -3.72 29.36
N GLU B 399 -19.47 -2.85 29.68
CA GLU B 399 -19.18 -1.44 29.75
C GLU B 399 -18.10 -1.03 30.73
N VAL B 400 -18.45 -1.05 32.03
CA VAL B 400 -17.59 -0.68 33.14
C VAL B 400 -16.31 -1.48 33.26
N ALA B 401 -16.18 -2.51 32.45
CA ALA B 401 -14.98 -3.35 32.47
C ALA B 401 -13.93 -2.87 31.46
N ALA B 402 -13.28 -1.80 31.85
CA ALA B 402 -12.28 -1.06 31.10
C ALA B 402 -10.92 -1.72 30.88
N PHE B 403 -10.12 -1.00 30.06
CA PHE B 403 -8.75 -1.41 29.79
C PHE B 403 -8.01 -1.07 31.09
N ALA B 404 -8.40 0.13 31.60
CA ALA B 404 -7.91 0.74 32.83
C ALA B 404 -7.87 -0.31 33.96
N GLN B 405 -6.62 -0.64 34.35
CA GLN B 405 -6.34 -1.61 35.38
C GLN B 405 -6.66 -1.04 36.73
N PHE B 406 -6.20 0.21 36.94
CA PHE B 406 -6.35 0.83 38.24
C PHE B 406 -7.43 1.90 38.26
N GLY B 407 -8.65 1.44 38.52
CA GLY B 407 -9.80 2.31 38.61
C GLY B 407 -10.61 2.03 39.89
N SER B 408 -10.81 3.12 40.68
CA SER B 408 -11.62 3.12 41.93
C SER B 408 -13.05 3.53 41.55
N ASP B 409 -14.04 3.11 42.29
CA ASP B 409 -15.34 3.60 41.90
C ASP B 409 -16.27 3.80 43.02
N LEU B 410 -17.40 4.39 42.58
CA LEU B 410 -18.55 4.73 43.39
C LEU B 410 -19.84 4.19 42.76
N ASP B 411 -20.94 4.53 43.39
CA ASP B 411 -22.27 4.11 42.99
C ASP B 411 -22.44 2.60 43.18
N ALA B 412 -23.30 2.20 44.07
CA ALA B 412 -23.50 0.79 44.32
C ALA B 412 -23.91 -0.07 43.11
N ALA B 413 -24.92 0.43 42.37
CA ALA B 413 -25.45 -0.26 41.21
C ALA B 413 -24.33 -0.61 40.28
N THR B 414 -23.76 0.39 39.67
CA THR B 414 -22.64 0.20 38.78
C THR B 414 -21.56 -0.71 39.42
N GLN B 415 -21.39 -0.63 40.76
CA GLN B 415 -20.41 -1.48 41.45
C GLN B 415 -20.82 -2.94 41.34
N GLN B 416 -22.03 -3.20 41.78
CA GLN B 416 -22.61 -4.51 41.75
C GLN B 416 -22.51 -5.16 40.36
N LEU B 417 -22.85 -4.42 39.35
CA LEU B 417 -22.79 -4.92 37.98
C LEU B 417 -21.39 -5.45 37.65
N LEU B 418 -20.42 -4.76 38.13
CA LEU B 418 -19.05 -5.13 37.90
C LEU B 418 -18.68 -6.45 38.61
N SER B 419 -19.42 -6.81 39.64
CA SER B 419 -19.14 -8.01 40.40
C SER B 419 -19.76 -9.25 39.82
N ARG B 420 -20.88 -9.15 39.12
CA ARG B 420 -21.39 -10.39 38.58
C ARG B 420 -20.40 -10.80 37.51
N GLY B 421 -20.25 -9.85 36.60
CA GLY B 421 -19.43 -9.98 35.46
C GLY B 421 -18.16 -10.75 35.62
N VAL B 422 -17.47 -10.54 36.71
CA VAL B 422 -16.23 -11.26 36.94
C VAL B 422 -16.48 -12.73 37.27
N ARG B 423 -17.65 -12.98 37.86
CA ARG B 423 -18.03 -14.33 38.20
C ARG B 423 -18.47 -15.03 36.93
N LEU B 424 -19.48 -14.42 36.30
CA LEU B 424 -20.03 -14.95 35.08
C LEU B 424 -18.91 -15.30 34.11
N THR B 425 -17.93 -14.46 34.06
CA THR B 425 -16.81 -14.72 33.20
C THR B 425 -16.02 -15.94 33.63
N GLU B 426 -16.03 -16.28 34.92
CA GLU B 426 -15.28 -17.44 35.37
C GLU B 426 -16.04 -18.71 34.99
N LEU B 427 -17.36 -18.53 34.95
CA LEU B 427 -18.30 -19.59 34.61
C LEU B 427 -18.12 -20.05 33.18
N LEU B 428 -17.64 -19.14 32.34
CA LEU B 428 -17.49 -19.44 30.94
C LEU B 428 -16.15 -20.04 30.57
N LYS B 429 -15.20 -19.97 31.51
CA LYS B 429 -13.93 -20.60 31.23
C LYS B 429 -14.20 -22.07 31.25
N GLN B 430 -13.56 -22.81 30.39
CA GLN B 430 -13.73 -24.25 30.27
C GLN B 430 -12.46 -24.90 29.75
N GLY B 431 -12.14 -26.09 30.21
CA GLY B 431 -10.96 -26.78 29.71
C GLY B 431 -11.29 -27.60 28.47
N GLN B 432 -10.29 -28.23 27.94
CA GLN B 432 -10.54 -29.03 26.78
C GLN B 432 -11.01 -30.40 27.15
N TYR B 433 -11.60 -31.07 26.15
CA TYR B 433 -12.00 -32.45 26.25
C TYR B 433 -12.91 -32.68 27.40
N SER B 434 -13.72 -31.67 27.73
CA SER B 434 -14.66 -31.90 28.80
C SER B 434 -16.01 -31.29 28.51
N PRO B 435 -16.56 -31.65 27.38
CA PRO B 435 -17.84 -31.12 26.97
C PRO B 435 -18.91 -31.45 28.01
N MET B 436 -19.80 -30.51 28.31
CA MET B 436 -20.82 -30.70 29.31
C MET B 436 -22.20 -30.99 28.77
N ALA B 437 -23.04 -31.67 29.56
CA ALA B 437 -24.40 -31.96 29.14
C ALA B 437 -25.23 -30.72 29.32
N ILE B 438 -26.05 -30.36 28.33
CA ILE B 438 -26.86 -29.14 28.43
C ILE B 438 -27.44 -28.89 29.82
N GLU B 439 -27.91 -29.97 30.44
CA GLU B 439 -28.45 -29.91 31.76
C GLU B 439 -27.41 -29.50 32.80
N GLU B 440 -26.17 -29.91 32.58
CA GLU B 440 -25.13 -29.55 33.50
C GLU B 440 -24.84 -28.06 33.41
N GLN B 441 -24.80 -27.57 32.16
CA GLN B 441 -24.53 -26.18 31.87
C GLN B 441 -25.56 -25.28 32.52
N VAL B 442 -26.83 -25.59 32.32
CA VAL B 442 -27.84 -24.75 32.91
C VAL B 442 -27.69 -24.74 34.41
N ALA B 443 -27.22 -25.87 34.92
CA ALA B 443 -27.03 -26.00 36.34
C ALA B 443 -26.07 -24.96 36.88
N VAL B 444 -24.85 -25.09 36.44
CA VAL B 444 -23.85 -24.14 36.87
C VAL B 444 -24.23 -22.69 36.51
N ILE B 445 -24.74 -22.45 35.30
CA ILE B 445 -25.15 -21.09 34.92
C ILE B 445 -26.17 -20.56 35.89
N TYR B 446 -27.04 -21.44 36.35
CA TYR B 446 -28.06 -21.04 37.29
C TYR B 446 -27.36 -20.32 38.45
N ALA B 447 -26.44 -21.09 39.01
CA ALA B 447 -25.69 -20.68 40.16
C ALA B 447 -25.18 -19.26 40.05
N GLY B 448 -24.65 -18.90 38.90
CA GLY B 448 -24.11 -17.57 38.74
C GLY B 448 -25.17 -16.51 38.49
N VAL B 449 -26.05 -16.81 37.56
CA VAL B 449 -27.09 -15.90 37.17
C VAL B 449 -28.13 -15.65 38.23
N ARG B 450 -28.19 -16.51 39.23
CA ARG B 450 -29.17 -16.33 40.28
C ARG B 450 -28.61 -15.63 41.52
N GLY B 451 -27.28 -15.55 41.61
CA GLY B 451 -26.61 -14.84 42.69
C GLY B 451 -25.81 -15.69 43.65
N TYR B 452 -26.00 -17.00 43.58
CA TYR B 452 -25.33 -17.93 44.45
C TYR B 452 -23.85 -17.80 44.51
N LEU B 453 -23.27 -16.87 43.72
CA LEU B 453 -21.82 -16.76 43.67
C LEU B 453 -21.37 -15.35 43.93
N ASP B 454 -22.35 -14.49 44.12
CA ASP B 454 -22.11 -13.10 44.42
C ASP B 454 -21.26 -12.90 45.68
N LYS B 455 -21.63 -13.62 46.75
CA LYS B 455 -21.00 -13.58 48.09
C LYS B 455 -19.60 -14.19 48.09
N LEU B 456 -19.22 -14.61 46.89
CA LEU B 456 -17.98 -15.30 46.65
C LEU B 456 -16.89 -14.56 45.84
N GLU B 457 -15.66 -15.04 46.04
CA GLU B 457 -14.45 -14.51 45.41
C GLU B 457 -13.99 -15.18 44.14
N PRO B 458 -13.95 -14.40 43.06
CA PRO B 458 -13.57 -14.82 41.72
C PRO B 458 -12.54 -15.94 41.62
N SER B 459 -11.63 -16.03 42.54
CA SER B 459 -10.70 -17.11 42.39
C SER B 459 -11.27 -18.46 42.76
N LYS B 460 -12.38 -18.43 43.47
CA LYS B 460 -12.98 -19.70 43.87
C LYS B 460 -14.02 -20.25 42.88
N ILE B 461 -14.48 -19.41 41.95
CA ILE B 461 -15.49 -19.80 40.98
C ILE B 461 -15.17 -21.09 40.29
N THR B 462 -13.95 -21.18 39.75
CA THR B 462 -13.55 -22.40 39.06
C THR B 462 -13.80 -23.62 39.94
N LYS B 463 -13.21 -23.53 41.12
CA LYS B 463 -13.27 -24.53 42.14
C LYS B 463 -14.68 -24.87 42.58
N PHE B 464 -15.55 -23.87 42.59
CA PHE B 464 -16.91 -24.14 42.98
C PHE B 464 -17.48 -25.06 41.92
N GLU B 465 -17.33 -24.60 40.71
CA GLU B 465 -17.89 -25.29 39.58
C GLU B 465 -17.63 -26.79 39.57
N ASN B 466 -16.36 -27.23 39.55
CA ASN B 466 -16.07 -28.66 39.53
C ASN B 466 -16.70 -29.40 40.70
N ALA B 467 -16.47 -28.86 41.88
CA ALA B 467 -16.96 -29.40 43.11
C ALA B 467 -18.49 -29.46 43.22
N PHE B 468 -19.15 -28.37 42.82
CA PHE B 468 -20.60 -28.30 42.86
C PHE B 468 -21.18 -29.20 41.82
N LEU B 469 -20.44 -29.32 40.77
CA LEU B 469 -20.92 -30.07 39.64
C LEU B 469 -20.88 -31.56 39.93
N SER B 470 -19.75 -32.05 40.42
CA SER B 470 -19.64 -33.45 40.73
C SER B 470 -20.75 -33.85 41.70
N HIS B 471 -20.96 -32.97 42.63
CA HIS B 471 -21.93 -33.13 43.66
C HIS B 471 -23.32 -33.41 43.15
N VAL B 472 -23.83 -32.56 42.28
CA VAL B 472 -25.16 -32.80 41.76
C VAL B 472 -25.18 -33.90 40.70
N ILE B 473 -24.00 -34.23 40.21
CA ILE B 473 -23.90 -35.29 39.22
C ILE B 473 -23.99 -36.64 39.91
N SER B 474 -23.29 -36.72 41.04
CA SER B 474 -23.27 -37.91 41.85
C SER B 474 -24.63 -38.08 42.52
N GLN B 475 -24.89 -37.12 43.37
CA GLN B 475 -26.10 -37.09 44.14
C GLN B 475 -27.43 -36.84 43.47
N HIS B 476 -27.59 -35.81 42.63
CA HIS B 476 -28.92 -35.61 42.09
C HIS B 476 -29.14 -35.85 40.63
N GLN B 477 -28.83 -37.05 40.14
CA GLN B 477 -29.08 -37.35 38.72
C GLN B 477 -30.57 -37.21 38.40
N ALA B 478 -31.32 -37.22 39.49
CA ALA B 478 -32.76 -37.13 39.54
C ALA B 478 -33.34 -35.84 39.04
N LEU B 479 -32.72 -34.74 39.38
CA LEU B 479 -33.23 -33.45 39.01
C LEU B 479 -32.75 -33.17 37.61
N LEU B 480 -31.48 -33.49 37.42
CA LEU B 480 -30.88 -33.25 36.13
C LEU B 480 -31.74 -33.87 35.04
N GLY B 481 -31.97 -35.18 35.16
CA GLY B 481 -32.80 -35.92 34.23
C GLY B 481 -34.11 -35.21 33.98
N LYS B 482 -34.74 -34.64 35.01
CA LYS B 482 -35.99 -33.95 34.74
C LYS B 482 -35.72 -32.79 33.82
N ILE B 483 -34.85 -31.88 34.26
CA ILE B 483 -34.44 -30.69 33.49
C ILE B 483 -34.20 -31.08 32.04
N ARG B 484 -33.29 -32.02 31.84
CA ARG B 484 -32.93 -32.52 30.53
C ARG B 484 -34.15 -33.08 29.81
N THR B 485 -34.87 -33.95 30.51
CA THR B 485 -36.01 -34.59 29.91
C THR B 485 -37.12 -33.59 29.64
N ASP B 486 -37.58 -32.88 30.69
CA ASP B 486 -38.57 -31.83 30.51
C ASP B 486 -38.08 -30.91 29.39
N GLY B 487 -36.86 -30.39 29.51
CA GLY B 487 -36.26 -29.52 28.51
C GLY B 487 -36.49 -28.08 28.90
N LYS B 488 -37.08 -27.94 30.08
CA LYS B 488 -37.42 -26.67 30.65
C LYS B 488 -37.14 -26.74 32.13
N ILE B 489 -37.26 -25.62 32.86
CA ILE B 489 -37.02 -25.64 34.30
C ILE B 489 -38.33 -25.40 35.04
N SER B 490 -39.01 -26.49 35.42
CA SER B 490 -40.28 -26.44 36.13
C SER B 490 -40.15 -25.87 37.51
N GLU B 491 -41.28 -25.37 38.02
CA GLU B 491 -41.33 -24.76 39.32
C GLU B 491 -40.67 -25.61 40.39
N GLU B 492 -40.92 -26.91 40.33
CA GLU B 492 -40.31 -27.78 41.31
C GLU B 492 -38.81 -27.83 41.01
N SER B 493 -38.50 -28.14 39.78
CA SER B 493 -37.13 -28.29 39.40
C SER B 493 -36.33 -27.09 39.87
N ASP B 494 -36.89 -25.91 39.55
CA ASP B 494 -36.26 -24.67 39.91
C ASP B 494 -36.20 -24.49 41.41
N ALA B 495 -37.30 -24.86 42.05
CA ALA B 495 -37.40 -24.77 43.50
C ALA B 495 -36.38 -25.72 44.15
N LYS B 496 -36.34 -26.92 43.58
CA LYS B 496 -35.47 -28.00 43.99
C LYS B 496 -34.01 -27.59 43.81
N LEU B 497 -33.74 -27.05 42.64
CA LEU B 497 -32.40 -26.59 42.30
C LEU B 497 -31.93 -25.50 43.31
N LYS B 498 -32.78 -24.47 43.49
CA LYS B 498 -32.50 -23.37 44.39
C LYS B 498 -31.97 -23.79 45.75
N GLU B 499 -32.62 -24.74 46.35
CA GLU B 499 -32.15 -25.20 47.61
C GLU B 499 -30.82 -25.94 47.40
N ILE B 500 -30.72 -26.65 46.31
CA ILE B 500 -29.52 -27.37 46.02
C ILE B 500 -28.31 -26.45 45.98
N VAL B 501 -28.42 -25.29 45.33
CA VAL B 501 -27.27 -24.40 45.32
C VAL B 501 -27.08 -23.90 46.74
N THR B 502 -28.22 -23.65 47.34
CA THR B 502 -28.30 -23.18 48.70
C THR B 502 -27.42 -24.01 49.64
N ASN B 503 -27.76 -25.28 49.75
CA ASN B 503 -27.04 -26.14 50.63
C ASN B 503 -25.58 -26.28 50.30
N PHE B 504 -25.29 -26.66 49.06
CA PHE B 504 -23.91 -26.83 48.66
C PHE B 504 -23.10 -25.64 49.15
N LEU B 505 -23.63 -24.49 48.90
CA LEU B 505 -22.94 -23.29 49.27
C LEU B 505 -22.56 -23.31 50.73
N ALA B 506 -23.60 -23.43 51.52
CA ALA B 506 -23.51 -23.44 52.97
C ALA B 506 -22.41 -24.33 53.51
N GLY B 507 -22.01 -25.33 52.70
CA GLY B 507 -20.98 -26.28 53.12
C GLY B 507 -19.65 -26.10 52.40
N PHE B 508 -19.65 -25.24 51.39
CA PHE B 508 -18.44 -25.03 50.63
C PHE B 508 -17.30 -24.43 51.44
N GLU B 509 -16.17 -25.14 51.41
CA GLU B 509 -14.92 -24.70 52.05
C GLU B 509 -14.16 -23.73 51.11
N ALA B 510 -13.80 -22.54 51.63
CA ALA B 510 -13.10 -21.53 50.86
C ALA B 510 -11.79 -22.06 50.35
N ALA C 19 -21.22 -6.17 -62.82
CA ALA C 19 -20.13 -5.87 -61.90
C ALA C 19 -20.55 -4.94 -60.74
N ASP C 20 -21.15 -5.51 -59.71
CA ASP C 20 -21.55 -4.69 -58.58
C ASP C 20 -20.27 -4.27 -57.94
N THR C 21 -20.01 -2.97 -57.95
CA THR C 21 -18.76 -2.46 -57.42
C THR C 21 -18.94 -1.54 -56.24
N SER C 22 -20.04 -1.71 -55.53
CA SER C 22 -20.36 -0.83 -54.44
C SER C 22 -19.56 -1.08 -53.17
N VAL C 23 -19.16 -2.35 -53.04
CA VAL C 23 -18.48 -2.81 -51.85
C VAL C 23 -17.01 -3.20 -52.07
N ASP C 24 -16.18 -2.30 -52.61
CA ASP C 24 -14.77 -2.53 -52.82
C ASP C 24 -14.09 -2.32 -51.51
N LEU C 25 -12.97 -2.94 -51.31
CA LEU C 25 -12.38 -2.79 -50.01
C LEU C 25 -11.62 -1.51 -49.78
N GLU C 26 -11.90 -0.48 -50.53
CA GLU C 26 -11.13 0.70 -50.25
C GLU C 26 -11.90 1.76 -49.52
N GLU C 27 -13.18 1.79 -49.76
CA GLU C 27 -14.03 2.77 -49.11
C GLU C 27 -14.97 2.12 -48.15
N THR C 28 -14.93 0.77 -48.17
CA THR C 28 -15.79 -0.04 -47.33
C THR C 28 -14.99 -1.19 -46.71
N GLY C 29 -15.56 -1.83 -45.69
CA GLY C 29 -14.90 -2.96 -45.07
C GLY C 29 -15.98 -3.86 -44.52
N ARG C 30 -15.60 -4.97 -43.87
CA ARG C 30 -16.60 -5.88 -43.31
C ARG C 30 -16.20 -6.32 -41.89
N VAL C 31 -17.13 -6.29 -40.94
CA VAL C 31 -16.78 -6.67 -39.59
C VAL C 31 -16.19 -8.05 -39.51
N LEU C 32 -14.95 -8.14 -39.04
CA LEU C 32 -14.31 -9.43 -38.84
C LEU C 32 -14.83 -10.05 -37.52
N SER C 33 -15.05 -9.19 -36.50
CA SER C 33 -15.50 -9.62 -35.18
C SER C 33 -15.98 -8.40 -34.42
N ILE C 34 -16.83 -8.59 -33.42
CA ILE C 34 -17.35 -7.50 -32.62
C ILE C 34 -17.57 -7.99 -31.20
N GLY C 35 -17.25 -7.15 -30.24
CA GLY C 35 -17.45 -7.51 -28.87
C GLY C 35 -17.08 -6.34 -28.02
N ASP C 36 -17.86 -6.14 -26.99
CA ASP C 36 -17.57 -5.06 -26.06
C ASP C 36 -17.40 -3.72 -26.70
N GLY C 37 -18.08 -3.50 -27.83
CA GLY C 37 -18.02 -2.21 -28.48
C GLY C 37 -16.83 -1.97 -29.35
N ILE C 38 -16.06 -3.01 -29.61
CA ILE C 38 -14.91 -2.85 -30.48
C ILE C 38 -15.08 -3.70 -31.72
N ALA C 39 -15.11 -3.09 -32.87
CA ALA C 39 -15.23 -3.85 -34.09
C ALA C 39 -13.88 -3.96 -34.75
N ARG C 40 -13.57 -5.14 -35.25
CA ARG C 40 -12.32 -5.24 -35.97
C ARG C 40 -12.72 -5.44 -37.43
N VAL C 41 -12.88 -4.30 -38.14
CA VAL C 41 -13.29 -4.17 -39.55
C VAL C 41 -12.22 -4.54 -40.54
N HIS C 42 -12.60 -5.25 -41.58
CA HIS C 42 -11.66 -5.78 -42.57
C HIS C 42 -11.20 -5.00 -43.82
N GLY C 43 -11.96 -4.15 -44.47
CA GLY C 43 -11.30 -3.51 -45.63
C GLY C 43 -10.75 -2.16 -45.23
N LEU C 44 -11.62 -1.17 -45.41
CA LEU C 44 -11.38 0.20 -45.06
C LEU C 44 -9.97 0.65 -45.41
N ARG C 45 -9.48 0.23 -46.58
CA ARG C 45 -8.15 0.58 -47.02
C ARG C 45 -7.78 2.03 -47.08
N ASN C 46 -8.74 2.93 -47.27
CA ASN C 46 -8.45 4.34 -47.36
C ASN C 46 -8.97 5.11 -46.17
N VAL C 47 -9.28 4.50 -45.02
CA VAL C 47 -9.76 5.32 -43.91
C VAL C 47 -8.62 6.09 -43.32
N GLN C 48 -8.93 7.15 -42.64
CA GLN C 48 -7.87 7.90 -42.05
C GLN C 48 -7.95 7.70 -40.58
N ALA C 49 -6.84 7.73 -39.85
CA ALA C 49 -6.95 7.57 -38.41
C ALA C 49 -7.92 8.63 -37.87
N GLU C 50 -8.78 8.24 -36.94
CA GLU C 50 -9.74 9.16 -36.36
C GLU C 50 -10.94 9.54 -37.22
N GLU C 51 -11.13 8.83 -38.36
CA GLU C 51 -12.25 9.17 -39.21
C GLU C 51 -13.48 8.42 -38.75
N MET C 52 -14.67 8.95 -39.11
CA MET C 52 -15.92 8.30 -38.75
C MET C 52 -16.40 7.37 -39.83
N VAL C 53 -16.90 6.23 -39.43
CA VAL C 53 -17.40 5.24 -40.36
C VAL C 53 -18.86 4.93 -40.00
N GLU C 54 -19.59 4.23 -40.88
CA GLU C 54 -20.96 3.90 -40.57
C GLU C 54 -21.18 2.40 -40.68
N PHE C 55 -22.06 1.91 -39.82
CA PHE C 55 -22.38 0.51 -39.77
C PHE C 55 -23.73 0.29 -40.47
N SER C 56 -23.99 -0.93 -41.00
CA SER C 56 -25.29 -1.20 -41.65
C SER C 56 -26.48 -0.65 -40.84
N SER C 57 -26.36 -0.83 -39.54
CA SER C 57 -27.35 -0.40 -38.58
C SER C 57 -27.47 1.13 -38.36
N GLY C 58 -26.89 1.96 -39.24
CA GLY C 58 -26.98 3.41 -39.03
C GLY C 58 -26.16 3.88 -37.81
N LEU C 59 -25.44 2.95 -37.22
CA LEU C 59 -24.62 3.19 -36.07
C LEU C 59 -23.29 3.71 -36.60
N LYS C 60 -22.86 4.79 -36.03
CA LYS C 60 -21.59 5.43 -36.32
C LYS C 60 -20.49 4.95 -35.37
N GLY C 61 -19.27 4.85 -35.88
CA GLY C 61 -18.12 4.44 -35.11
C GLY C 61 -16.93 5.31 -35.46
N MET C 62 -15.77 5.05 -34.92
CA MET C 62 -14.60 5.87 -35.17
C MET C 62 -13.34 5.02 -35.31
N SER C 63 -12.63 5.24 -36.37
CA SER C 63 -11.44 4.52 -36.69
C SER C 63 -10.25 4.91 -35.86
N LEU C 64 -10.02 4.19 -34.79
CA LEU C 64 -8.91 4.51 -33.91
C LEU C 64 -7.62 3.75 -34.18
N ASN C 65 -7.64 2.43 -34.32
CA ASN C 65 -6.37 1.74 -34.60
C ASN C 65 -6.21 1.44 -36.09
N LEU C 66 -5.22 1.94 -36.80
CA LEU C 66 -5.19 1.47 -38.18
C LEU C 66 -4.07 0.46 -38.26
N GLU C 67 -4.40 -0.81 -38.22
CA GLU C 67 -3.45 -1.88 -38.24
C GLU C 67 -3.24 -2.48 -39.64
N PRO C 68 -2.13 -3.23 -39.80
CA PRO C 68 -1.80 -3.83 -41.03
C PRO C 68 -2.95 -4.61 -41.60
N ASP C 69 -3.53 -5.46 -40.80
CA ASP C 69 -4.63 -6.29 -41.27
C ASP C 69 -6.04 -5.92 -40.80
N ASN C 70 -6.28 -4.85 -40.05
CA ASN C 70 -7.64 -4.58 -39.65
C ASN C 70 -7.75 -3.16 -39.14
N VAL C 71 -8.96 -2.66 -38.92
CA VAL C 71 -9.16 -1.34 -38.39
C VAL C 71 -9.88 -1.49 -37.06
N GLY C 72 -9.36 -0.93 -35.99
CA GLY C 72 -10.09 -1.09 -34.75
C GLY C 72 -11.09 0.02 -34.64
N VAL C 73 -12.37 -0.33 -34.69
CA VAL C 73 -13.39 0.71 -34.60
C VAL C 73 -14.15 0.75 -33.28
N VAL C 74 -14.12 1.92 -32.70
CA VAL C 74 -14.80 2.23 -31.48
C VAL C 74 -16.24 2.56 -31.90
N VAL C 75 -17.26 2.07 -31.23
CA VAL C 75 -18.63 2.27 -31.61
C VAL C 75 -19.44 3.23 -30.74
N PHE C 76 -19.97 4.26 -31.42
CA PHE C 76 -20.81 5.27 -30.79
C PHE C 76 -22.24 4.78 -30.59
N GLY C 77 -22.40 3.65 -29.86
CA GLY C 77 -23.75 3.10 -29.60
C GLY C 77 -23.75 1.65 -29.19
N ASN C 78 -24.93 1.06 -29.10
CA ASN C 78 -25.01 -0.32 -28.71
C ASN C 78 -24.46 -1.26 -29.76
N ASP C 79 -23.32 -1.88 -29.45
CA ASP C 79 -22.76 -2.84 -30.37
C ASP C 79 -23.60 -4.08 -30.56
N LYS C 80 -24.74 -4.18 -29.94
CA LYS C 80 -25.54 -5.38 -30.10
C LYS C 80 -26.05 -5.61 -31.50
N LEU C 81 -26.18 -4.53 -32.23
CA LEU C 81 -26.72 -4.65 -33.57
C LEU C 81 -25.68 -4.98 -34.61
N ILE C 82 -24.45 -5.14 -34.20
CA ILE C 82 -23.37 -5.43 -35.15
C ILE C 82 -22.92 -6.87 -35.13
N LYS C 83 -22.77 -7.45 -36.31
CA LYS C 83 -22.38 -8.85 -36.37
C LYS C 83 -21.23 -9.05 -37.31
N GLU C 84 -20.53 -10.17 -37.17
CA GLU C 84 -19.42 -10.43 -38.06
C GLU C 84 -19.91 -10.35 -39.49
N GLY C 85 -19.17 -9.74 -40.41
CA GLY C 85 -19.64 -9.67 -41.77
C GLY C 85 -20.28 -8.33 -42.19
N ASP C 86 -20.90 -7.58 -41.27
CA ASP C 86 -21.52 -6.32 -41.63
C ASP C 86 -20.65 -5.44 -42.49
N ILE C 87 -21.29 -4.61 -43.28
CA ILE C 87 -20.58 -3.68 -44.12
C ILE C 87 -20.38 -2.41 -43.32
N VAL C 88 -19.17 -1.87 -43.43
CA VAL C 88 -18.78 -0.63 -42.78
C VAL C 88 -18.35 0.31 -43.89
N LYS C 89 -18.83 1.54 -43.81
CA LYS C 89 -18.55 2.52 -44.82
C LYS C 89 -17.79 3.71 -44.32
N ARG C 90 -16.81 4.18 -45.12
CA ARG C 90 -16.13 5.40 -44.71
C ARG C 90 -17.13 6.54 -44.73
N THR C 91 -16.72 7.67 -44.20
CA THR C 91 -17.54 8.86 -44.16
C THR C 91 -16.75 9.98 -44.78
N GLY C 92 -15.46 9.73 -44.81
CA GLY C 92 -14.45 10.59 -45.33
C GLY C 92 -14.15 11.72 -44.40
N ALA C 93 -14.95 11.83 -43.30
CA ALA C 93 -14.80 12.92 -42.36
C ALA C 93 -14.24 12.63 -40.98
N ILE C 94 -13.29 13.46 -40.55
CA ILE C 94 -12.82 13.33 -39.17
C ILE C 94 -14.02 13.81 -38.35
N VAL C 95 -14.28 13.15 -37.26
CA VAL C 95 -15.42 13.42 -36.38
C VAL C 95 -15.69 14.88 -36.08
N ASP C 96 -16.96 15.27 -36.19
CA ASP C 96 -17.34 16.63 -35.91
C ASP C 96 -18.73 16.68 -35.38
N VAL C 97 -19.24 17.88 -35.11
CA VAL C 97 -20.57 18.10 -34.53
C VAL C 97 -21.18 19.51 -34.83
N PRO C 98 -22.51 19.56 -34.77
CA PRO C 98 -23.27 20.78 -34.92
C PRO C 98 -22.69 21.87 -34.03
N VAL C 99 -22.73 23.13 -34.44
CA VAL C 99 -22.16 24.16 -33.59
C VAL C 99 -22.96 25.43 -33.78
N GLY C 100 -22.92 26.38 -32.86
CA GLY C 100 -23.66 27.60 -33.08
C GLY C 100 -24.85 27.88 -32.17
N GLU C 101 -25.34 29.09 -32.31
CA GLU C 101 -26.42 29.66 -31.55
C GLU C 101 -27.67 28.85 -31.51
N GLU C 102 -27.87 28.04 -32.53
CA GLU C 102 -29.08 27.22 -32.58
C GLU C 102 -29.21 26.30 -31.37
N LEU C 103 -28.08 25.80 -30.87
CA LEU C 103 -28.05 24.91 -29.74
C LEU C 103 -28.51 25.47 -28.41
N LEU C 104 -28.38 26.78 -28.19
CA LEU C 104 -28.78 27.37 -26.92
C LEU C 104 -30.15 26.90 -26.44
N GLY C 105 -30.32 26.67 -25.17
CA GLY C 105 -31.61 26.22 -24.67
C GLY C 105 -31.97 24.81 -25.04
N ARG C 106 -31.02 24.06 -25.63
CA ARG C 106 -31.34 22.69 -26.01
C ARG C 106 -30.45 21.67 -25.38
N VAL C 107 -30.97 20.48 -25.24
CA VAL C 107 -30.21 19.38 -24.64
C VAL C 107 -29.73 18.36 -25.69
N VAL C 108 -28.47 18.30 -25.95
CA VAL C 108 -28.04 17.36 -26.97
C VAL C 108 -27.23 16.19 -26.46
N ASP C 109 -27.07 15.14 -27.26
CA ASP C 109 -26.29 14.03 -26.82
C ASP C 109 -24.83 14.29 -27.16
N ALA C 110 -23.94 13.32 -27.00
CA ALA C 110 -22.53 13.57 -27.31
C ALA C 110 -22.28 13.89 -28.78
N LEU C 111 -23.24 13.62 -29.66
CA LEU C 111 -22.99 13.86 -31.07
C LEU C 111 -23.71 15.08 -31.62
N GLY C 112 -24.60 15.62 -30.82
CA GLY C 112 -25.26 16.81 -31.26
C GLY C 112 -26.74 16.63 -31.29
N ASN C 113 -27.17 15.43 -31.62
CA ASN C 113 -28.58 15.14 -31.68
C ASN C 113 -29.35 15.60 -30.45
N ALA C 114 -30.55 16.14 -30.68
CA ALA C 114 -31.37 16.63 -29.57
C ALA C 114 -31.92 15.48 -28.76
N ILE C 115 -32.15 15.71 -27.47
CA ILE C 115 -32.69 14.65 -26.63
C ILE C 115 -33.83 15.20 -25.80
N ASP C 116 -34.21 16.43 -26.12
CA ASP C 116 -35.32 17.09 -25.44
C ASP C 116 -36.58 16.95 -26.26
N GLY C 117 -36.50 16.08 -27.28
CA GLY C 117 -37.63 15.84 -28.18
C GLY C 117 -38.41 17.12 -28.52
N LYS C 118 -37.67 18.19 -28.72
CA LYS C 118 -38.17 19.47 -29.08
C LYS C 118 -37.76 19.75 -30.50
N GLY C 119 -37.60 18.74 -31.33
CA GLY C 119 -37.24 19.01 -32.72
C GLY C 119 -35.76 19.06 -33.03
N PRO C 120 -35.42 19.00 -34.33
CA PRO C 120 -34.05 19.04 -34.84
C PRO C 120 -33.47 20.40 -34.52
N ILE C 121 -32.15 20.50 -34.54
CA ILE C 121 -31.42 21.72 -34.25
C ILE C 121 -31.33 22.45 -35.59
N GLY C 122 -31.42 23.78 -35.65
CA GLY C 122 -31.30 24.37 -37.00
C GLY C 122 -29.87 24.70 -37.44
N SER C 123 -28.94 23.80 -37.23
CA SER C 123 -27.55 24.08 -37.48
C SER C 123 -27.11 24.27 -38.91
N LYS C 124 -26.29 25.29 -39.08
CA LYS C 124 -25.70 25.60 -40.36
C LYS C 124 -24.19 25.47 -40.30
N ALA C 125 -23.64 25.26 -39.08
CA ALA C 125 -22.20 25.13 -38.88
C ALA C 125 -21.81 23.86 -38.18
N ARG C 126 -20.62 23.35 -38.51
CA ARG C 126 -20.08 22.18 -37.88
C ARG C 126 -18.67 22.45 -37.44
N ARG C 127 -18.12 21.54 -36.67
CA ARG C 127 -16.80 21.78 -36.13
C ARG C 127 -16.18 20.47 -35.72
N ARG C 128 -14.92 20.23 -36.02
CA ARG C 128 -14.30 18.98 -35.58
C ARG C 128 -14.20 18.97 -34.05
N VAL C 129 -14.55 17.86 -33.41
CA VAL C 129 -14.49 17.83 -31.97
C VAL C 129 -13.05 17.96 -31.50
N GLY C 130 -12.12 17.47 -32.36
CA GLY C 130 -10.73 17.52 -32.01
C GLY C 130 -9.83 18.54 -32.70
N LEU C 131 -9.79 19.77 -32.20
CA LEU C 131 -8.94 20.82 -32.79
C LEU C 131 -7.97 21.36 -31.75
N LYS C 132 -6.75 21.51 -32.19
CA LYS C 132 -5.72 22.02 -31.29
C LYS C 132 -6.12 23.41 -30.76
N ALA C 133 -5.70 23.71 -29.52
CA ALA C 133 -5.98 25.00 -28.93
C ALA C 133 -5.15 26.02 -29.63
N PRO C 134 -5.70 27.21 -29.82
CA PRO C 134 -5.01 28.33 -30.39
C PRO C 134 -3.66 28.51 -29.67
N GLY C 135 -2.64 28.83 -30.46
CA GLY C 135 -1.31 29.05 -30.00
C GLY C 135 -1.10 30.29 -29.18
N ILE C 136 0.18 30.65 -29.18
CA ILE C 136 0.71 31.79 -28.42
C ILE C 136 0.23 33.15 -28.94
N ILE C 137 0.45 33.30 -30.26
CA ILE C 137 0.13 34.51 -31.00
C ILE C 137 -1.31 34.97 -30.94
N PRO C 138 -2.26 34.10 -31.17
CA PRO C 138 -3.66 34.42 -31.12
C PRO C 138 -4.25 34.77 -29.80
N ARG C 139 -3.52 34.79 -28.68
CA ARG C 139 -4.24 35.13 -27.45
C ARG C 139 -3.67 36.33 -26.75
N ILE C 140 -4.40 36.80 -25.76
CA ILE C 140 -4.04 37.94 -24.96
C ILE C 140 -4.36 37.59 -23.50
N SER C 141 -3.51 38.06 -22.58
CA SER C 141 -3.67 37.83 -21.13
C SER C 141 -5.12 37.94 -20.69
N VAL C 142 -5.57 37.05 -19.81
CA VAL C 142 -6.93 37.06 -19.28
C VAL C 142 -7.04 38.28 -18.43
N ARG C 143 -8.03 39.16 -18.72
CA ARG C 143 -8.17 40.40 -17.95
C ARG C 143 -9.57 40.70 -17.44
N GLU C 144 -10.58 40.19 -18.14
CA GLU C 144 -11.97 40.41 -17.78
C GLU C 144 -12.46 39.38 -16.77
N PRO C 145 -13.08 39.81 -15.69
CA PRO C 145 -13.60 38.90 -14.71
C PRO C 145 -14.67 37.99 -15.30
N MET C 146 -14.96 36.91 -14.60
CA MET C 146 -15.99 35.97 -14.91
C MET C 146 -16.57 35.84 -13.53
N GLN C 147 -17.64 36.56 -13.22
CA GLN C 147 -18.16 36.55 -11.88
C GLN C 147 -19.01 35.33 -11.59
N THR C 148 -18.65 34.63 -10.47
CA THR C 148 -19.38 33.44 -10.06
C THR C 148 -20.63 33.83 -9.31
N GLY C 149 -20.51 34.77 -8.41
CA GLY C 149 -21.68 35.17 -7.64
C GLY C 149 -21.43 34.71 -6.22
N ILE C 150 -20.31 34.03 -6.10
CA ILE C 150 -19.91 33.52 -4.81
C ILE C 150 -18.73 34.30 -4.26
N LYS C 151 -18.97 34.99 -3.18
CA LYS C 151 -17.94 35.80 -2.56
C LYS C 151 -16.61 35.10 -2.46
N ALA C 152 -16.66 33.98 -1.79
CA ALA C 152 -15.51 33.10 -1.56
C ALA C 152 -14.67 32.94 -2.78
N VAL C 153 -15.36 32.66 -3.85
CA VAL C 153 -14.70 32.46 -5.10
C VAL C 153 -14.24 33.74 -5.71
N ASP C 154 -15.20 34.59 -6.00
CA ASP C 154 -14.90 35.85 -6.62
C ASP C 154 -13.90 36.73 -5.85
N SER C 155 -13.74 36.47 -4.55
CA SER C 155 -12.84 37.25 -3.72
C SER C 155 -11.49 36.62 -3.49
N LEU C 156 -11.48 35.33 -3.22
CA LEU C 156 -10.27 34.63 -2.92
C LEU C 156 -9.67 33.88 -4.05
N VAL C 157 -10.47 33.29 -4.91
CA VAL C 157 -9.86 32.60 -6.04
C VAL C 157 -10.59 33.03 -7.35
N PRO C 158 -10.29 34.26 -7.77
CA PRO C 158 -10.86 34.91 -8.91
C PRO C 158 -10.77 34.13 -10.19
N ILE C 159 -11.82 34.21 -11.02
CA ILE C 159 -11.79 33.52 -12.31
C ILE C 159 -12.04 34.55 -13.40
N GLY C 160 -11.12 34.60 -14.35
CA GLY C 160 -11.21 35.52 -15.48
C GLY C 160 -11.63 34.81 -16.78
N ARG C 161 -11.97 35.53 -17.84
CA ARG C 161 -12.40 34.82 -19.01
C ARG C 161 -11.25 34.30 -19.78
N GLY C 162 -11.38 33.06 -20.26
CA GLY C 162 -10.30 32.39 -20.97
C GLY C 162 -9.48 31.52 -19.95
N GLN C 163 -9.83 31.68 -18.66
CA GLN C 163 -9.19 30.92 -17.59
C GLN C 163 -9.85 29.58 -17.42
N ARG C 164 -9.06 28.66 -16.90
CA ARG C 164 -9.54 27.32 -16.56
C ARG C 164 -9.44 27.15 -15.06
N GLU C 165 -10.52 26.95 -14.36
CA GLU C 165 -10.39 26.82 -12.93
C GLU C 165 -11.10 25.51 -12.56
N LEU C 166 -10.46 24.68 -11.76
CA LEU C 166 -11.00 23.37 -11.42
C LEU C 166 -11.86 23.35 -10.19
N ILE C 167 -12.91 22.56 -10.25
CA ILE C 167 -13.73 22.36 -9.04
C ILE C 167 -13.39 20.93 -8.57
N ILE C 168 -12.76 20.74 -7.41
CA ILE C 168 -12.38 19.39 -7.04
C ILE C 168 -12.73 19.10 -5.60
N GLY C 169 -13.18 17.88 -5.33
CA GLY C 169 -13.60 17.47 -3.98
C GLY C 169 -14.28 16.09 -3.96
N ASP C 170 -14.55 15.50 -2.78
CA ASP C 170 -15.16 14.18 -2.75
C ASP C 170 -16.61 14.23 -3.19
N ARG C 171 -17.31 13.08 -3.24
CA ARG C 171 -18.72 13.09 -3.61
C ARG C 171 -19.53 14.00 -2.68
N GLN C 172 -20.55 14.68 -3.19
CA GLN C 172 -21.38 15.49 -2.33
C GLN C 172 -20.71 16.58 -1.54
N THR C 173 -19.59 17.12 -2.00
CA THR C 173 -19.09 18.23 -1.22
C THR C 173 -19.65 19.52 -1.80
N GLY C 174 -20.46 19.43 -2.89
CA GLY C 174 -21.04 20.62 -3.46
C GLY C 174 -20.45 21.12 -4.76
N LYS C 175 -19.64 20.33 -5.40
CA LYS C 175 -19.00 20.75 -6.63
C LYS C 175 -19.95 21.28 -7.71
N THR C 176 -20.99 20.61 -8.03
CA THR C 176 -21.87 21.07 -9.07
C THR C 176 -22.53 22.38 -8.76
N SER C 177 -22.88 22.54 -7.49
CA SER C 177 -23.51 23.77 -7.11
C SER C 177 -22.67 24.97 -7.54
N ILE C 178 -21.35 24.98 -7.30
CA ILE C 178 -20.47 26.08 -7.73
C ILE C 178 -20.75 26.39 -9.21
N ALA C 179 -20.83 25.36 -10.00
CA ALA C 179 -21.12 25.56 -11.40
C ALA C 179 -22.52 26.10 -11.70
N ILE C 180 -23.54 25.59 -11.02
CA ILE C 180 -24.88 26.03 -11.27
C ILE C 180 -25.00 27.48 -10.91
N ASP C 181 -24.68 27.81 -9.68
CA ASP C 181 -24.75 29.21 -9.27
C ASP C 181 -24.10 30.18 -10.28
N THR C 182 -23.00 29.74 -10.87
CA THR C 182 -22.30 30.54 -11.83
C THR C 182 -23.12 30.83 -13.09
N ILE C 183 -23.67 29.76 -13.63
CA ILE C 183 -24.47 29.81 -14.83
C ILE C 183 -25.65 30.70 -14.58
N ILE C 184 -26.18 30.57 -13.42
CA ILE C 184 -27.34 31.35 -13.07
C ILE C 184 -26.99 32.79 -12.84
N ASN C 185 -25.84 33.05 -12.30
CA ASN C 185 -25.47 34.41 -12.03
C ASN C 185 -25.32 35.18 -13.32
N GLN C 186 -25.14 34.48 -14.41
CA GLN C 186 -24.96 35.14 -15.68
C GLN C 186 -26.19 35.80 -16.30
N LYS C 187 -27.36 35.66 -15.69
CA LYS C 187 -28.55 36.29 -16.24
C LYS C 187 -28.32 37.80 -16.29
N ARG C 188 -27.78 38.35 -15.17
CA ARG C 188 -27.43 39.77 -14.98
C ARG C 188 -27.00 40.42 -16.27
N PHE C 189 -25.94 39.87 -16.86
CA PHE C 189 -25.41 40.42 -18.06
C PHE C 189 -26.15 40.01 -19.29
N ASN C 190 -26.61 38.79 -19.33
CA ASN C 190 -27.30 38.32 -20.53
C ASN C 190 -28.67 38.95 -20.77
N ASP C 191 -29.35 39.29 -19.69
CA ASP C 191 -30.63 39.95 -19.80
C ASP C 191 -30.40 41.42 -20.12
N GLY C 192 -29.16 41.83 -19.89
CA GLY C 192 -28.70 43.17 -20.15
C GLY C 192 -28.51 43.47 -21.63
N THR C 193 -28.00 44.69 -21.80
CA THR C 193 -27.70 45.38 -23.05
C THR C 193 -26.38 44.96 -23.71
N ASP C 194 -25.28 45.20 -22.97
CA ASP C 194 -23.88 44.93 -23.36
C ASP C 194 -23.63 43.48 -23.83
N GLU C 195 -23.13 43.34 -25.07
CA GLU C 195 -22.86 42.02 -25.61
C GLU C 195 -21.51 41.47 -25.19
N LYS C 196 -20.65 42.38 -24.80
CA LYS C 196 -19.35 42.00 -24.37
C LYS C 196 -19.43 41.35 -23.02
N LYS C 197 -20.37 41.80 -22.21
CA LYS C 197 -20.50 41.23 -20.88
C LYS C 197 -21.25 39.88 -20.91
N LYS C 198 -22.00 39.60 -21.97
CA LYS C 198 -22.74 38.36 -22.03
C LYS C 198 -21.86 37.14 -22.04
N LEU C 199 -22.41 36.09 -21.45
CA LEU C 199 -21.70 34.82 -21.32
C LEU C 199 -22.57 33.62 -21.58
N TYR C 200 -22.30 32.95 -22.67
CA TYR C 200 -23.08 31.78 -23.01
C TYR C 200 -22.52 30.59 -22.26
N CYS C 201 -23.40 29.77 -21.69
CA CYS C 201 -22.91 28.65 -20.93
C CYS C 201 -23.14 27.30 -21.53
N ILE C 202 -22.18 26.37 -21.28
CA ILE C 202 -22.28 25.00 -21.76
C ILE C 202 -22.08 24.06 -20.59
N TYR C 203 -22.97 23.10 -20.43
CA TYR C 203 -22.90 22.16 -19.34
C TYR C 203 -22.83 20.76 -19.93
N VAL C 204 -21.70 20.12 -19.73
CA VAL C 204 -21.48 18.75 -20.15
C VAL C 204 -21.59 17.74 -19.01
N ALA C 205 -22.65 16.94 -19.01
CA ALA C 205 -22.79 15.92 -17.99
C ALA C 205 -22.17 14.66 -18.49
N ILE C 206 -21.25 14.03 -17.67
CA ILE C 206 -20.53 12.80 -18.13
C ILE C 206 -20.61 11.65 -17.14
N GLY C 207 -21.19 10.50 -17.54
CA GLY C 207 -21.27 9.34 -16.67
C GLY C 207 -22.34 9.52 -15.61
N GLN C 208 -22.89 10.70 -15.58
CA GLN C 208 -23.96 11.08 -14.67
C GLN C 208 -25.23 10.24 -14.94
N LYS C 209 -26.30 10.47 -14.20
CA LYS C 209 -27.57 9.75 -14.27
C LYS C 209 -28.67 10.59 -14.87
N ARG C 210 -29.37 10.02 -15.81
CA ARG C 210 -30.41 10.77 -16.47
C ARG C 210 -31.36 11.54 -15.63
N SER C 211 -31.79 10.93 -14.56
CA SER C 211 -32.71 11.67 -13.75
C SER C 211 -32.07 12.89 -13.11
N THR C 212 -30.79 12.82 -12.77
CA THR C 212 -30.07 13.92 -12.15
C THR C 212 -29.90 15.11 -13.10
N VAL C 213 -29.63 14.75 -14.34
CA VAL C 213 -29.47 15.74 -15.37
C VAL C 213 -30.84 16.40 -15.60
N ALA C 214 -31.87 15.58 -15.79
CA ALA C 214 -33.22 16.09 -15.97
C ALA C 214 -33.60 17.04 -14.85
N GLN C 215 -33.13 16.76 -13.65
CA GLN C 215 -33.38 17.64 -12.53
C GLN C 215 -32.69 18.96 -12.81
N LEU C 216 -31.44 18.83 -13.19
CA LEU C 216 -30.54 19.93 -13.48
C LEU C 216 -31.13 20.88 -14.51
N VAL C 217 -31.63 20.31 -15.59
CA VAL C 217 -32.16 21.16 -16.60
C VAL C 217 -33.45 21.78 -16.17
N LYS C 218 -34.07 21.17 -15.19
CA LYS C 218 -35.28 21.78 -14.73
C LYS C 218 -34.92 23.06 -14.03
N ARG C 219 -34.13 22.97 -12.99
CA ARG C 219 -33.66 24.12 -12.24
C ARG C 219 -33.15 25.27 -13.15
N LEU C 220 -32.35 24.88 -14.14
CA LEU C 220 -31.86 25.88 -15.06
C LEU C 220 -33.03 26.59 -15.73
N THR C 221 -33.99 25.79 -16.16
CA THR C 221 -35.18 26.36 -16.72
C THR C 221 -35.92 27.22 -15.72
N ASP C 222 -36.15 26.70 -14.53
CA ASP C 222 -36.83 27.46 -13.49
C ASP C 222 -36.12 28.76 -13.14
N ALA C 223 -34.83 28.86 -13.46
CA ALA C 223 -34.02 30.03 -13.16
C ALA C 223 -33.89 30.95 -14.35
N ASP C 224 -34.48 30.50 -15.43
CA ASP C 224 -34.46 31.24 -16.67
C ASP C 224 -33.05 31.34 -17.18
N ALA C 225 -32.34 30.24 -17.07
CA ALA C 225 -30.99 30.16 -17.52
C ALA C 225 -30.83 29.28 -18.75
N MET C 226 -31.82 28.46 -19.06
CA MET C 226 -31.66 27.61 -20.21
C MET C 226 -31.42 28.36 -21.51
N LYS C 227 -32.17 29.46 -21.65
CA LYS C 227 -32.10 30.34 -22.80
C LYS C 227 -30.67 30.56 -23.28
N TYR C 228 -29.73 30.68 -22.34
CA TYR C 228 -28.37 30.85 -22.76
C TYR C 228 -27.47 29.64 -22.53
N THR C 229 -28.04 28.49 -22.26
CA THR C 229 -27.21 27.34 -22.01
C THR C 229 -27.47 26.25 -23.02
N ILE C 230 -26.48 25.43 -23.29
CA ILE C 230 -26.60 24.26 -24.15
C ILE C 230 -26.23 23.10 -23.25
N VAL C 231 -26.87 21.96 -23.28
CA VAL C 231 -26.43 20.97 -22.32
C VAL C 231 -26.09 19.75 -23.10
N VAL C 232 -24.81 19.34 -23.11
CA VAL C 232 -24.45 18.10 -23.85
C VAL C 232 -24.49 17.02 -22.81
N SER C 233 -25.26 15.96 -23.04
CA SER C 233 -25.41 14.89 -22.04
C SER C 233 -24.86 13.58 -22.52
N ALA C 234 -23.95 13.00 -21.76
CA ALA C 234 -23.43 11.67 -22.14
C ALA C 234 -23.45 10.89 -20.84
N THR C 235 -24.62 10.37 -20.48
CA THR C 235 -24.93 9.66 -19.25
C THR C 235 -24.57 8.17 -19.14
N ALA C 236 -24.65 7.70 -17.90
CA ALA C 236 -24.30 6.37 -17.42
C ALA C 236 -24.55 5.21 -18.34
N SER C 237 -25.69 5.16 -18.98
CA SER C 237 -25.92 4.07 -19.90
C SER C 237 -25.37 4.40 -21.31
N ASP C 238 -24.86 5.65 -21.58
CA ASP C 238 -24.33 5.99 -22.91
C ASP C 238 -23.06 5.23 -23.14
N ALA C 239 -22.82 4.79 -24.37
CA ALA C 239 -21.63 4.01 -24.65
C ALA C 239 -20.43 4.72 -24.17
N ALA C 240 -19.37 3.94 -23.90
CA ALA C 240 -18.14 4.54 -23.43
C ALA C 240 -17.66 5.68 -24.32
N PRO C 241 -17.62 5.44 -25.63
CA PRO C 241 -17.14 6.42 -26.56
C PRO C 241 -17.98 7.66 -26.57
N LEU C 242 -19.26 7.56 -26.23
CA LEU C 242 -20.03 8.77 -26.22
C LEU C 242 -19.56 9.63 -25.09
N GLN C 243 -19.47 9.04 -23.92
CA GLN C 243 -19.01 9.69 -22.71
C GLN C 243 -17.62 10.25 -22.90
N TYR C 244 -16.82 9.51 -23.65
CA TYR C 244 -15.47 9.93 -23.89
C TYR C 244 -15.46 11.24 -24.72
N LEU C 245 -16.14 11.18 -25.89
CA LEU C 245 -16.23 12.28 -26.84
C LEU C 245 -16.89 13.49 -26.30
N ALA C 246 -17.93 13.28 -25.50
CA ALA C 246 -18.71 14.33 -24.92
C ALA C 246 -18.02 15.63 -24.59
N PRO C 247 -16.94 15.60 -23.81
CA PRO C 247 -16.25 16.84 -23.50
C PRO C 247 -15.74 17.56 -24.75
N TYR C 248 -15.01 16.89 -25.61
CA TYR C 248 -14.53 17.51 -26.81
C TYR C 248 -15.72 18.07 -27.59
N SER C 249 -16.83 17.31 -27.63
CA SER C 249 -18.01 17.78 -28.34
C SER C 249 -18.44 19.12 -27.84
N GLY C 250 -18.75 19.17 -26.57
CA GLY C 250 -19.17 20.41 -25.98
C GLY C 250 -18.14 21.52 -26.17
N CYS C 251 -16.87 21.16 -26.17
CA CYS C 251 -15.82 22.14 -26.32
C CYS C 251 -16.00 22.92 -27.58
N SER C 252 -16.14 22.17 -28.66
CA SER C 252 -16.34 22.64 -30.03
C SER C 252 -17.51 23.57 -30.18
N MET C 253 -18.53 23.32 -29.41
CA MET C 253 -19.68 24.17 -29.50
C MET C 253 -19.31 25.47 -28.84
N GLY C 254 -18.39 25.40 -27.89
CA GLY C 254 -18.00 26.59 -27.21
C GLY C 254 -17.06 27.42 -28.01
N GLU C 255 -16.26 26.81 -28.85
CA GLU C 255 -15.30 27.60 -29.58
C GLU C 255 -15.97 28.48 -30.59
N TYR C 256 -17.17 28.06 -30.95
CA TYR C 256 -17.94 28.83 -31.89
C TYR C 256 -17.95 30.27 -31.32
N PHE C 257 -18.50 30.39 -30.13
CA PHE C 257 -18.59 31.66 -29.51
C PHE C 257 -17.23 32.28 -29.34
N ARG C 258 -16.25 31.47 -28.97
CA ARG C 258 -14.92 31.97 -28.69
C ARG C 258 -14.27 32.59 -29.90
N ASP C 259 -14.48 31.94 -31.01
CA ASP C 259 -13.89 32.38 -32.23
C ASP C 259 -14.63 33.50 -32.91
N ASN C 260 -15.80 33.86 -32.38
CA ASN C 260 -16.60 34.90 -32.97
C ASN C 260 -16.80 36.06 -32.05
N GLY C 261 -15.74 36.42 -31.38
CA GLY C 261 -15.85 37.55 -30.50
C GLY C 261 -16.96 37.49 -29.47
N LYS C 262 -17.52 36.30 -29.24
CA LYS C 262 -18.56 36.14 -28.22
C LYS C 262 -17.90 35.46 -27.03
N HIS C 263 -18.62 35.36 -25.89
CA HIS C 263 -18.04 34.76 -24.70
C HIS C 263 -18.80 33.53 -24.26
N ALA C 264 -18.04 32.47 -23.94
CA ALA C 264 -18.64 31.17 -23.49
C ALA C 264 -18.00 30.66 -22.23
N LEU C 265 -18.76 29.88 -21.49
CA LEU C 265 -18.36 29.24 -20.25
C LEU C 265 -18.75 27.76 -20.33
N ILE C 266 -17.80 26.87 -20.14
CA ILE C 266 -18.15 25.43 -20.25
C ILE C 266 -17.82 24.63 -19.03
N ILE C 267 -18.79 23.84 -18.51
CA ILE C 267 -18.58 23.08 -17.29
C ILE C 267 -18.36 21.64 -17.71
N TYR C 268 -17.27 20.99 -17.31
CA TYR C 268 -17.08 19.57 -17.66
C TYR C 268 -17.40 18.77 -16.39
N ASP C 269 -18.64 18.30 -16.32
CA ASP C 269 -19.07 17.64 -15.12
C ASP C 269 -19.30 16.17 -15.26
N ASP C 270 -18.36 15.26 -14.87
CA ASP C 270 -17.01 15.54 -14.37
C ASP C 270 -16.01 14.82 -15.22
N LEU C 271 -14.74 15.20 -15.14
CA LEU C 271 -13.73 14.62 -15.97
C LEU C 271 -13.17 13.29 -15.45
N SER C 272 -13.75 12.83 -14.34
CA SER C 272 -13.33 11.62 -13.67
C SER C 272 -13.98 10.43 -14.37
N LYS C 273 -15.28 10.55 -14.57
CA LYS C 273 -16.04 9.55 -15.24
C LYS C 273 -15.63 9.47 -16.70
N GLN C 274 -15.19 10.58 -17.29
CA GLN C 274 -14.79 10.45 -18.66
C GLN C 274 -13.51 9.61 -18.73
N ALA C 275 -12.61 9.83 -17.76
CA ALA C 275 -11.35 9.10 -17.77
C ALA C 275 -11.59 7.62 -17.73
N VAL C 276 -12.56 7.19 -16.87
CA VAL C 276 -12.87 5.77 -16.81
C VAL C 276 -13.37 5.31 -18.16
N ALA C 277 -14.23 6.07 -18.79
CA ALA C 277 -14.67 5.69 -20.12
C ALA C 277 -13.44 5.59 -21.02
N TYR C 278 -12.53 6.56 -20.92
CA TYR C 278 -11.38 6.46 -21.76
C TYR C 278 -10.64 5.17 -21.47
N ARG C 279 -10.38 4.91 -20.19
CA ARG C 279 -9.70 3.70 -19.75
C ARG C 279 -10.34 2.47 -20.31
N GLN C 280 -11.65 2.41 -20.20
CA GLN C 280 -12.38 1.28 -20.72
C GLN C 280 -12.17 1.16 -22.21
N MET C 281 -12.53 2.23 -22.92
CA MET C 281 -12.43 2.23 -24.35
C MET C 281 -11.06 1.79 -24.77
N SER C 282 -10.11 2.38 -24.12
CA SER C 282 -8.73 2.09 -24.38
C SER C 282 -8.26 0.66 -24.08
N LEU C 283 -8.69 0.10 -22.97
CA LEU C 283 -8.26 -1.20 -22.64
C LEU C 283 -8.92 -2.18 -23.57
N LEU C 284 -10.17 -1.94 -23.89
CA LEU C 284 -10.84 -2.87 -24.77
C LEU C 284 -10.22 -2.88 -26.16
N LEU C 285 -9.33 -1.92 -26.46
CA LEU C 285 -8.68 -1.88 -27.77
C LEU C 285 -7.35 -2.53 -27.63
N ARG C 286 -7.15 -3.13 -26.46
CA ARG C 286 -5.94 -3.85 -26.10
C ARG C 286 -4.74 -2.94 -25.92
N ARG C 287 -4.93 -1.66 -25.59
CA ARG C 287 -3.78 -0.78 -25.37
C ARG C 287 -3.33 -1.00 -23.94
N PRO C 288 -2.11 -1.45 -23.70
CA PRO C 288 -1.63 -1.76 -22.39
C PRO C 288 -1.98 -0.72 -21.38
N PRO C 289 -2.50 -1.19 -20.26
CA PRO C 289 -2.90 -0.34 -19.15
C PRO C 289 -1.69 0.30 -18.57
N GLY C 290 -1.84 1.47 -17.96
CA GLY C 290 -0.70 2.19 -17.34
C GLY C 290 -0.95 2.37 -15.86
N ARG C 291 -0.35 3.39 -15.29
CA ARG C 291 -0.51 3.68 -13.88
C ARG C 291 -1.97 3.66 -13.51
N GLU C 292 -2.26 3.05 -12.41
CA GLU C 292 -3.65 2.95 -11.99
C GLU C 292 -4.63 2.36 -12.96
N ALA C 293 -4.11 1.66 -13.96
CA ALA C 293 -4.92 0.98 -14.97
C ALA C 293 -5.29 1.84 -16.16
N TYR C 294 -5.10 3.17 -16.04
CA TYR C 294 -5.42 4.07 -17.14
C TYR C 294 -4.33 4.06 -18.19
N PRO C 295 -4.70 4.49 -19.38
CA PRO C 295 -3.79 4.56 -20.49
C PRO C 295 -2.67 5.46 -20.08
N GLY C 296 -1.51 5.28 -20.68
CA GLY C 296 -0.38 6.11 -20.30
C GLY C 296 -0.63 7.58 -20.62
N ASP C 297 -1.64 7.87 -21.46
CA ASP C 297 -1.89 9.24 -21.84
C ASP C 297 -3.12 9.91 -21.25
N VAL C 298 -3.54 9.56 -20.06
CA VAL C 298 -4.68 10.28 -19.54
C VAL C 298 -4.37 11.76 -19.36
N PHE C 299 -3.13 12.13 -18.93
CA PHE C 299 -2.83 13.53 -18.76
C PHE C 299 -3.17 14.20 -20.08
N TYR C 300 -2.54 13.69 -21.10
CA TYR C 300 -2.80 14.23 -22.41
C TYR C 300 -4.28 14.31 -22.72
N LEU C 301 -5.05 13.30 -22.41
CA LEU C 301 -6.47 13.29 -22.68
C LEU C 301 -7.11 14.54 -22.15
N HIS C 302 -6.73 15.00 -21.00
CA HIS C 302 -7.32 16.20 -20.47
C HIS C 302 -6.63 17.50 -20.90
N SER C 303 -5.30 17.49 -21.01
CA SER C 303 -4.57 18.69 -21.36
C SER C 303 -5.10 19.28 -22.66
N ARG C 304 -5.07 18.46 -23.64
CA ARG C 304 -5.52 18.71 -24.97
C ARG C 304 -6.85 19.44 -24.96
N LEU C 305 -7.72 19.03 -24.07
CA LEU C 305 -9.05 19.59 -24.01
C LEU C 305 -9.06 20.96 -23.35
N LEU C 306 -8.63 21.02 -22.11
CA LEU C 306 -8.59 22.25 -21.36
C LEU C 306 -7.70 23.33 -21.99
N GLU C 307 -6.79 22.95 -22.86
CA GLU C 307 -5.96 24.01 -23.44
C GLU C 307 -6.84 24.90 -24.30
N ARG C 308 -7.86 24.27 -24.86
CA ARG C 308 -8.78 24.96 -25.72
C ARG C 308 -9.45 26.13 -25.05
N ALA C 309 -9.72 26.08 -23.75
CA ALA C 309 -10.34 27.23 -23.11
C ALA C 309 -9.27 28.28 -23.25
N ALA C 310 -9.65 29.44 -23.79
CA ALA C 310 -8.67 30.50 -24.04
C ALA C 310 -9.26 31.90 -24.28
N LYS C 311 -8.37 32.94 -24.19
CA LYS C 311 -8.68 34.36 -24.42
C LYS C 311 -8.03 34.78 -25.74
N MET C 312 -8.86 35.10 -26.75
CA MET C 312 -8.31 35.50 -28.02
C MET C 312 -8.04 36.97 -28.08
N ASN C 313 -6.98 37.41 -28.75
CA ASN C 313 -6.72 38.84 -28.81
C ASN C 313 -7.75 39.51 -29.67
N ASP C 314 -7.70 40.84 -29.69
CA ASP C 314 -8.60 41.61 -30.55
C ASP C 314 -8.42 41.21 -32.00
N ALA C 315 -7.23 40.76 -32.36
CA ALA C 315 -7.00 40.34 -33.72
C ALA C 315 -7.86 39.14 -34.08
N PHE C 316 -8.28 38.37 -33.06
CA PHE C 316 -9.07 37.20 -33.34
C PHE C 316 -10.48 37.28 -32.83
N GLY C 317 -10.89 38.48 -32.52
CA GLY C 317 -12.22 38.66 -32.10
C GLY C 317 -12.29 38.99 -30.65
N GLY C 318 -11.20 38.78 -29.93
CA GLY C 318 -11.21 39.08 -28.49
C GLY C 318 -12.19 38.17 -27.72
N GLY C 319 -12.71 37.16 -28.40
CA GLY C 319 -13.63 36.24 -27.75
C GLY C 319 -12.83 35.40 -26.80
N SER C 320 -13.52 34.49 -26.07
CA SER C 320 -12.88 33.61 -25.10
C SER C 320 -13.74 32.41 -24.71
N LEU C 321 -13.06 31.44 -24.16
CA LEU C 321 -13.69 30.23 -23.65
C LEU C 321 -13.13 30.02 -22.25
N THR C 322 -14.00 29.92 -21.26
CA THR C 322 -13.61 29.71 -19.89
C THR C 322 -14.08 28.33 -19.46
N ALA C 323 -13.17 27.53 -18.85
CA ALA C 323 -13.58 26.19 -18.44
C ALA C 323 -13.56 25.87 -16.93
N LEU C 324 -14.58 25.15 -16.53
CA LEU C 324 -14.71 24.73 -15.15
C LEU C 324 -14.92 23.22 -15.14
N PRO C 325 -13.83 22.48 -15.19
CA PRO C 325 -13.86 21.03 -15.13
C PRO C 325 -14.02 20.61 -13.67
N VAL C 326 -14.67 19.48 -13.47
CA VAL C 326 -14.89 18.94 -12.16
C VAL C 326 -14.15 17.61 -12.04
N ILE C 327 -13.60 17.33 -10.88
CA ILE C 327 -12.89 16.09 -10.61
C ILE C 327 -13.27 15.60 -9.22
N GLU C 328 -13.47 14.27 -9.09
CA GLU C 328 -13.88 13.73 -7.80
C GLU C 328 -12.79 13.06 -7.03
N THR C 329 -12.45 13.54 -5.86
CA THR C 329 -11.40 12.85 -5.15
C THR C 329 -12.03 11.71 -4.32
N GLN C 330 -11.18 10.93 -3.66
CA GLN C 330 -11.65 9.88 -2.76
C GLN C 330 -10.92 10.13 -1.47
N ALA C 331 -11.64 10.06 -0.35
CA ALA C 331 -11.01 10.35 0.93
C ALA C 331 -10.24 11.65 0.87
N GLY C 332 -10.92 12.67 0.37
CA GLY C 332 -10.37 14.01 0.20
C GLY C 332 -8.89 14.09 -0.19
N ASP C 333 -8.39 13.04 -0.81
CA ASP C 333 -7.00 13.04 -1.17
C ASP C 333 -6.72 13.70 -2.49
N VAL C 334 -6.32 14.97 -2.41
CA VAL C 334 -5.96 15.77 -3.59
C VAL C 334 -4.63 15.41 -4.15
N SER C 335 -3.81 14.76 -3.35
CA SER C 335 -2.55 14.45 -3.90
C SER C 335 -2.68 13.39 -4.98
N ALA C 336 -3.76 12.66 -4.94
CA ALA C 336 -4.00 11.62 -5.91
C ALA C 336 -3.61 11.90 -7.36
N TYR C 337 -3.06 10.86 -7.98
CA TYR C 337 -2.59 10.92 -9.35
C TYR C 337 -3.49 11.65 -10.32
N ILE C 338 -4.73 11.21 -10.50
CA ILE C 338 -5.56 11.96 -11.41
C ILE C 338 -5.73 13.40 -10.97
N PRO C 339 -6.22 13.60 -9.72
CA PRO C 339 -6.37 14.92 -9.18
C PRO C 339 -5.18 15.83 -9.50
N THR C 340 -3.99 15.30 -9.26
CA THR C 340 -2.85 16.12 -9.57
C THR C 340 -2.66 16.25 -11.07
N ASN C 341 -3.08 15.27 -11.82
CA ASN C 341 -2.91 15.40 -13.26
C ASN C 341 -3.64 16.59 -13.74
N VAL C 342 -4.89 16.76 -13.28
CA VAL C 342 -5.69 17.90 -13.70
C VAL C 342 -5.31 19.18 -13.00
N ILE C 343 -5.00 19.14 -11.73
CA ILE C 343 -4.61 20.40 -11.10
C ILE C 343 -3.43 21.07 -11.82
N SER C 344 -2.60 20.25 -12.53
CA SER C 344 -1.43 20.77 -13.20
C SER C 344 -1.67 21.23 -14.61
N ILE C 345 -2.89 21.42 -14.93
CA ILE C 345 -3.24 21.83 -16.26
C ILE C 345 -4.02 23.12 -16.12
N THR C 346 -4.95 23.16 -15.16
CA THR C 346 -5.79 24.32 -14.94
C THR C 346 -5.09 25.52 -14.33
N ASP C 347 -5.76 26.66 -14.39
CA ASP C 347 -5.27 27.93 -13.86
C ASP C 347 -5.75 28.11 -12.46
N GLY C 348 -5.78 27.02 -11.69
CA GLY C 348 -6.21 27.05 -10.28
C GLY C 348 -7.22 25.94 -9.96
N GLN C 349 -7.63 25.90 -8.70
CA GLN C 349 -8.58 24.91 -8.23
C GLN C 349 -9.35 25.41 -7.04
N ILE C 350 -10.60 24.92 -6.96
CA ILE C 350 -11.48 25.18 -5.86
C ILE C 350 -11.65 23.90 -5.10
N PHE C 351 -11.03 23.77 -3.94
CA PHE C 351 -11.15 22.50 -3.27
C PHE C 351 -12.17 22.53 -2.18
N LEU C 352 -13.16 21.68 -2.35
CA LEU C 352 -14.22 21.61 -1.35
C LEU C 352 -14.03 20.47 -0.31
N GLU C 353 -14.08 20.68 1.00
CA GLU C 353 -13.89 19.56 1.96
C GLU C 353 -15.20 19.22 2.67
N THR C 354 -15.48 17.95 2.93
CA THR C 354 -16.72 17.61 3.59
C THR C 354 -16.61 18.03 5.04
N GLU C 355 -15.40 18.08 5.52
CA GLU C 355 -15.19 18.49 6.89
C GLU C 355 -15.74 19.89 7.12
N LEU C 356 -15.35 20.82 6.24
CA LEU C 356 -15.76 22.21 6.31
C LEU C 356 -17.27 22.28 6.18
N PHE C 357 -17.76 21.54 5.20
CA PHE C 357 -19.17 21.48 4.92
C PHE C 357 -19.92 21.17 6.20
N TYR C 358 -19.60 20.08 6.81
CA TYR C 358 -20.35 19.69 7.98
C TYR C 358 -20.23 20.72 9.08
N LYS C 359 -19.03 21.29 9.16
CA LYS C 359 -18.72 22.32 10.14
C LYS C 359 -19.55 23.58 9.98
N GLY C 360 -20.23 23.73 8.88
CA GLY C 360 -21.03 24.90 8.65
C GLY C 360 -20.50 25.76 7.51
N ILE C 361 -19.23 25.59 7.21
CA ILE C 361 -18.59 26.33 6.15
C ILE C 361 -18.99 25.90 4.74
N ARG C 362 -20.09 26.46 4.29
CA ARG C 362 -20.72 26.27 3.03
C ARG C 362 -20.71 27.56 2.18
N PRO C 363 -20.07 27.63 1.00
CA PRO C 363 -19.33 26.56 0.37
C PRO C 363 -18.10 26.03 1.12
N ALA C 364 -17.87 24.74 1.00
CA ALA C 364 -16.76 24.16 1.73
C ALA C 364 -15.41 24.52 1.06
N ILE C 365 -15.23 25.77 0.63
CA ILE C 365 -13.97 26.11 0.03
C ILE C 365 -12.87 26.14 1.08
N ASN C 366 -11.82 25.47 0.73
CA ASN C 366 -10.65 25.41 1.54
C ASN C 366 -9.68 26.44 1.00
N VAL C 367 -9.68 27.55 1.72
CA VAL C 367 -8.89 28.69 1.41
C VAL C 367 -7.47 28.34 1.05
N GLY C 368 -6.82 27.73 2.00
CA GLY C 368 -5.43 27.33 1.87
C GLY C 368 -5.13 26.52 0.65
N LEU C 369 -5.93 25.53 0.36
CA LEU C 369 -5.69 24.65 -0.76
C LEU C 369 -6.21 25.12 -2.13
N SER C 370 -7.11 26.10 -2.17
CA SER C 370 -7.60 26.53 -3.45
C SER C 370 -6.82 27.71 -3.96
N VAL C 371 -6.62 27.87 -5.28
CA VAL C 371 -5.83 29.00 -5.77
C VAL C 371 -6.37 29.38 -7.11
N SER C 372 -5.87 30.55 -7.58
CA SER C 372 -6.20 31.13 -8.87
C SER C 372 -4.91 31.63 -9.42
N ARG C 373 -4.51 31.10 -10.55
CA ARG C 373 -3.24 31.53 -11.11
C ARG C 373 -3.33 32.87 -11.88
N VAL C 374 -4.51 33.42 -11.90
CA VAL C 374 -4.74 34.68 -12.57
C VAL C 374 -4.65 35.84 -11.59
N GLY C 375 -4.89 35.56 -10.34
CA GLY C 375 -4.75 36.64 -9.39
C GLY C 375 -5.78 37.72 -9.64
N SER C 376 -5.47 38.95 -9.18
CA SER C 376 -6.35 40.12 -9.24
C SER C 376 -6.59 40.63 -10.61
N ALA C 377 -5.77 40.26 -11.56
CA ALA C 377 -6.02 40.69 -12.93
C ALA C 377 -7.40 40.28 -13.39
N ALA C 378 -8.08 39.43 -12.67
CA ALA C 378 -9.38 39.03 -13.14
C ALA C 378 -10.44 39.64 -12.29
N GLN C 379 -10.02 40.57 -11.43
CA GLN C 379 -10.88 41.27 -10.48
C GLN C 379 -11.13 42.76 -10.72
N THR C 380 -12.32 43.22 -10.41
CA THR C 380 -12.61 44.65 -10.53
C THR C 380 -11.80 45.37 -9.46
N ARG C 381 -11.45 46.64 -9.64
CA ARG C 381 -10.68 47.30 -8.62
C ARG C 381 -11.41 47.30 -7.32
N ALA C 382 -12.73 47.35 -7.41
CA ALA C 382 -13.53 47.35 -6.19
C ALA C 382 -13.16 46.15 -5.36
N MET C 383 -13.19 44.98 -6.00
CA MET C 383 -12.86 43.75 -5.35
C MET C 383 -11.42 43.67 -4.93
N LYS C 384 -10.52 43.99 -5.82
CA LYS C 384 -9.10 43.97 -5.46
C LYS C 384 -8.87 44.84 -4.24
N GLN C 385 -9.59 45.95 -4.23
CA GLN C 385 -9.50 46.88 -3.15
C GLN C 385 -9.77 46.21 -1.83
N VAL C 386 -10.92 45.57 -1.72
CA VAL C 386 -11.31 44.90 -0.50
C VAL C 386 -10.56 43.60 -0.20
N ALA C 387 -10.39 42.73 -1.17
CA ALA C 387 -9.77 41.45 -0.88
C ALA C 387 -8.35 41.29 -1.28
N GLY C 388 -7.65 42.37 -1.48
CA GLY C 388 -6.29 42.26 -1.92
C GLY C 388 -5.36 41.40 -1.06
N THR C 389 -5.48 41.47 0.25
CA THR C 389 -4.55 40.69 1.03
C THR C 389 -5.23 39.62 1.83
N MET C 390 -6.53 39.61 1.78
CA MET C 390 -7.34 38.69 2.55
C MET C 390 -6.93 37.23 2.48
N LYS C 391 -6.55 36.78 1.28
CA LYS C 391 -6.18 35.37 1.11
C LYS C 391 -5.09 34.89 2.03
N LEU C 392 -3.94 35.50 1.93
CA LEU C 392 -2.83 35.10 2.77
C LEU C 392 -3.11 35.39 4.26
N GLU C 393 -4.08 36.27 4.50
CA GLU C 393 -4.41 36.65 5.85
C GLU C 393 -5.10 35.50 6.51
N LEU C 394 -6.09 34.97 5.81
CA LEU C 394 -6.85 33.86 6.26
C LEU C 394 -5.98 32.64 6.38
N ALA C 395 -5.03 32.48 5.47
CA ALA C 395 -4.14 31.34 5.52
C ALA C 395 -3.43 31.44 6.84
N GLN C 396 -2.79 32.57 7.04
CA GLN C 396 -2.10 32.82 8.28
C GLN C 396 -3.02 32.73 9.51
N TYR C 397 -4.31 32.89 9.29
CA TYR C 397 -5.22 32.83 10.39
C TYR C 397 -5.39 31.38 10.77
N ARG C 398 -5.63 30.57 9.82
CA ARG C 398 -5.93 29.18 10.05
C ARG C 398 -4.82 28.53 10.82
N GLU C 399 -3.60 28.95 10.49
CA GLU C 399 -2.44 28.43 11.19
C GLU C 399 -2.60 28.78 12.69
N VAL C 400 -2.40 30.05 13.05
CA VAL C 400 -2.48 30.42 14.46
C VAL C 400 -3.73 29.92 15.11
N ALA C 401 -4.79 29.82 14.36
CA ALA C 401 -5.98 29.27 14.96
C ALA C 401 -5.69 27.88 15.48
N ALA C 402 -4.81 27.18 14.73
CA ALA C 402 -4.44 25.85 15.16
C ALA C 402 -3.44 25.95 16.31
N PHE C 403 -2.37 26.67 16.08
CA PHE C 403 -1.33 26.88 17.07
C PHE C 403 -1.78 27.38 18.43
N ALA C 404 -3.04 27.73 18.59
CA ALA C 404 -3.49 28.21 19.86
C ALA C 404 -4.75 27.49 20.31
N GLN C 405 -4.90 26.22 19.89
CA GLN C 405 -6.06 25.39 20.32
C GLN C 405 -5.91 24.99 21.82
N PHE C 406 -5.04 25.83 22.42
CA PHE C 406 -4.45 25.96 23.74
C PHE C 406 -3.91 27.39 23.79
N GLY C 407 -4.70 28.30 24.35
CA GLY C 407 -4.34 29.71 24.47
C GLY C 407 -2.95 30.04 25.05
N SER C 408 -1.89 29.59 24.37
CA SER C 408 -0.49 29.73 24.74
C SER C 408 0.12 31.13 24.90
N ASP C 409 0.13 31.80 26.10
CA ASP C 409 0.84 33.13 26.27
C ASP C 409 0.67 34.07 25.08
N LEU C 410 -0.58 34.18 24.57
CA LEU C 410 -0.87 34.95 23.36
C LEU C 410 -0.94 36.47 23.47
N ASP C 411 -0.15 37.13 22.60
CA ASP C 411 -0.06 38.59 22.49
C ASP C 411 -1.36 39.27 21.99
N ALA C 412 -1.25 40.44 21.32
CA ALA C 412 -2.39 41.17 20.76
C ALA C 412 -2.51 40.96 19.26
N ALA C 413 -1.42 41.24 18.53
CA ALA C 413 -1.40 41.08 17.07
C ALA C 413 -2.06 39.77 16.61
N THR C 414 -2.00 38.76 17.51
CA THR C 414 -2.56 37.46 17.24
C THR C 414 -3.99 37.31 17.72
N GLN C 415 -4.34 38.11 18.71
CA GLN C 415 -5.69 38.09 19.22
C GLN C 415 -6.53 38.82 18.20
N GLN C 416 -5.90 39.82 17.59
CA GLN C 416 -6.57 40.56 16.56
C GLN C 416 -6.66 39.67 15.33
N LEU C 417 -5.62 38.90 15.12
CA LEU C 417 -5.58 38.00 13.99
C LEU C 417 -6.70 36.94 14.07
N LEU C 418 -6.95 36.41 15.23
CA LEU C 418 -8.00 35.43 15.32
C LEU C 418 -9.37 36.06 15.28
N SER C 419 -9.49 37.30 15.76
CA SER C 419 -10.76 38.01 15.77
C SER C 419 -11.22 38.38 14.38
N ARG C 420 -10.28 38.75 13.52
CA ARG C 420 -10.62 39.07 12.15
C ARG C 420 -10.93 37.77 11.43
N GLY C 421 -10.00 36.82 11.58
CA GLY C 421 -10.15 35.52 10.95
C GLY C 421 -11.57 34.96 11.08
N VAL C 422 -12.03 34.86 12.30
CA VAL C 422 -13.34 34.35 12.46
C VAL C 422 -14.42 35.16 11.78
N ARG C 423 -14.37 36.50 11.95
CA ARG C 423 -15.39 37.37 11.36
C ARG C 423 -15.45 37.24 9.83
N LEU C 424 -14.27 37.22 9.24
CA LEU C 424 -14.16 37.13 7.82
C LEU C 424 -14.64 35.81 7.32
N THR C 425 -14.38 34.79 8.08
CA THR C 425 -14.78 33.47 7.68
C THR C 425 -16.27 33.32 7.58
N GLU C 426 -16.97 34.07 8.44
CA GLU C 426 -18.42 34.04 8.49
C GLU C 426 -18.99 34.74 7.28
N LEU C 427 -18.30 35.78 6.84
CA LEU C 427 -18.80 36.58 5.71
C LEU C 427 -18.71 35.86 4.39
N LEU C 428 -17.69 35.00 4.28
CA LEU C 428 -17.50 34.22 3.05
C LEU C 428 -18.52 33.06 2.93
N LYS C 429 -19.31 32.87 3.99
CA LYS C 429 -20.32 31.80 3.96
C LYS C 429 -21.37 32.23 2.96
N GLN C 430 -22.17 31.31 2.45
CA GLN C 430 -23.15 31.72 1.46
C GLN C 430 -24.06 30.57 1.17
N GLY C 431 -25.30 30.89 0.85
CA GLY C 431 -26.32 29.91 0.54
C GLY C 431 -26.29 29.53 -0.92
N GLN C 432 -27.27 28.80 -1.39
CA GLN C 432 -27.29 28.39 -2.76
C GLN C 432 -28.20 29.22 -3.60
N TYR C 433 -28.01 29.16 -4.93
CA TYR C 433 -28.93 29.83 -5.86
C TYR C 433 -29.14 31.32 -5.67
N SER C 434 -28.30 32.04 -4.89
CA SER C 434 -28.45 33.49 -4.76
C SER C 434 -27.19 34.25 -5.03
N PRO C 435 -26.69 34.11 -6.24
CA PRO C 435 -25.44 34.73 -6.65
C PRO C 435 -25.45 36.22 -6.39
N MET C 436 -24.44 36.76 -5.73
CA MET C 436 -24.48 38.17 -5.47
C MET C 436 -23.82 38.97 -6.55
N ALA C 437 -24.25 40.24 -6.64
CA ALA C 437 -23.67 41.15 -7.60
C ALA C 437 -22.38 41.66 -7.03
N ILE C 438 -21.44 41.92 -7.92
CA ILE C 438 -20.13 42.39 -7.50
C ILE C 438 -20.13 43.48 -6.44
N GLU C 439 -20.96 44.51 -6.63
CA GLU C 439 -21.01 45.61 -5.66
C GLU C 439 -21.48 45.16 -4.30
N GLU C 440 -22.37 44.17 -4.33
CA GLU C 440 -22.90 43.64 -3.09
C GLU C 440 -21.80 42.99 -2.28
N GLN C 441 -21.00 42.24 -2.99
CA GLN C 441 -19.91 41.59 -2.37
C GLN C 441 -19.02 42.62 -1.74
N VAL C 442 -18.55 43.57 -2.54
CA VAL C 442 -17.67 44.57 -1.99
C VAL C 442 -18.19 45.23 -0.73
N ALA C 443 -19.48 45.52 -0.70
CA ALA C 443 -20.03 46.13 0.46
C ALA C 443 -19.79 45.28 1.70
N VAL C 444 -20.28 44.02 1.63
CA VAL C 444 -20.14 43.08 2.76
C VAL C 444 -18.72 42.73 3.17
N ILE C 445 -17.83 42.48 2.18
CA ILE C 445 -16.47 42.18 2.56
C ILE C 445 -15.93 43.40 3.27
N TYR C 446 -16.17 44.54 2.64
CA TYR C 446 -15.75 45.83 3.10
C TYR C 446 -15.94 45.89 4.60
N ALA C 447 -17.19 45.71 4.94
CA ALA C 447 -17.59 45.79 6.31
C ALA C 447 -16.66 45.02 7.24
N GLY C 448 -16.27 43.86 6.78
CA GLY C 448 -15.43 43.01 7.60
C GLY C 448 -14.00 43.37 7.67
N VAL C 449 -13.44 43.46 6.51
CA VAL C 449 -12.04 43.76 6.28
C VAL C 449 -11.61 45.06 6.98
N ARG C 450 -12.59 45.95 7.12
CA ARG C 450 -12.33 47.23 7.70
C ARG C 450 -12.41 47.23 9.17
N GLY C 451 -12.72 46.09 9.71
CA GLY C 451 -12.76 46.04 11.13
C GLY C 451 -14.06 46.54 11.67
N TYR C 452 -14.96 47.06 10.84
CA TYR C 452 -16.20 47.49 11.48
C TYR C 452 -16.99 46.38 12.21
N LEU C 453 -16.67 45.12 11.93
CA LEU C 453 -17.36 44.04 12.57
C LEU C 453 -16.57 43.34 13.65
N ASP C 454 -15.34 43.77 13.90
CA ASP C 454 -14.47 43.13 14.91
C ASP C 454 -15.09 43.03 16.30
N LYS C 455 -16.20 43.73 16.53
CA LYS C 455 -16.78 43.66 17.87
C LYS C 455 -18.13 42.98 17.90
N LEU C 456 -18.59 42.63 16.70
CA LEU C 456 -19.86 41.95 16.60
C LEU C 456 -19.59 40.50 17.02
N GLU C 457 -20.64 39.77 17.41
CA GLU C 457 -20.45 38.41 17.84
C GLU C 457 -20.54 37.58 16.60
N PRO C 458 -19.60 36.71 16.40
CA PRO C 458 -19.54 35.86 15.25
C PRO C 458 -20.86 35.30 14.83
N SER C 459 -21.57 34.80 15.78
CA SER C 459 -22.89 34.27 15.53
C SER C 459 -23.82 35.29 14.88
N LYS C 460 -23.54 36.56 15.15
CA LYS C 460 -24.37 37.62 14.63
C LYS C 460 -24.18 37.91 13.15
N ILE C 461 -22.93 37.89 12.77
CA ILE C 461 -22.45 38.18 11.45
C ILE C 461 -23.33 37.86 10.26
N THR C 462 -23.77 36.64 10.19
CA THR C 462 -24.58 36.23 9.08
C THR C 462 -25.86 37.03 9.01
N LYS C 463 -26.49 37.20 10.17
CA LYS C 463 -27.73 37.93 10.26
C LYS C 463 -27.50 39.38 9.90
N PHE C 464 -26.42 39.90 10.38
CA PHE C 464 -26.10 41.24 10.07
C PHE C 464 -26.03 41.40 8.57
N GLU C 465 -25.21 40.58 7.93
CA GLU C 465 -25.06 40.70 6.51
C GLU C 465 -26.38 40.70 5.79
N ASN C 466 -27.34 40.01 6.33
CA ASN C 466 -28.61 40.02 5.62
C ASN C 466 -29.33 41.37 5.78
N ALA C 467 -29.19 41.91 7.00
CA ALA C 467 -29.77 43.17 7.36
C ALA C 467 -29.14 44.26 6.50
N PHE C 468 -27.83 44.40 6.68
CA PHE C 468 -27.02 45.38 6.00
C PHE C 468 -27.33 45.40 4.52
N LEU C 469 -27.11 44.28 3.88
CA LEU C 469 -27.34 44.17 2.46
C LEU C 469 -28.71 44.65 2.08
N SER C 470 -29.63 44.42 3.01
CA SER C 470 -30.99 44.87 2.79
C SER C 470 -31.04 46.37 2.72
N HIS C 471 -30.45 46.96 3.73
CA HIS C 471 -30.40 48.37 3.83
C HIS C 471 -29.85 48.99 2.57
N VAL C 472 -28.58 48.83 2.28
CA VAL C 472 -28.02 49.46 1.10
C VAL C 472 -28.74 49.25 -0.22
N ILE C 473 -29.23 48.04 -0.47
CA ILE C 473 -29.91 47.72 -1.72
C ILE C 473 -31.15 48.52 -1.97
N SER C 474 -31.90 48.63 -0.89
CA SER C 474 -33.17 49.33 -0.87
C SER C 474 -32.97 50.85 -0.80
N GLN C 475 -32.37 51.31 0.30
CA GLN C 475 -32.12 52.71 0.43
C GLN C 475 -31.02 53.12 -0.55
N HIS C 476 -29.77 52.90 -0.20
CA HIS C 476 -28.58 53.25 -0.95
C HIS C 476 -28.21 52.69 -2.32
N GLN C 477 -29.10 52.39 -3.23
CA GLN C 477 -28.61 51.92 -4.52
C GLN C 477 -27.78 52.90 -5.30
N ALA C 478 -27.60 54.09 -4.75
CA ALA C 478 -26.80 55.08 -5.45
C ALA C 478 -25.32 54.78 -5.28
N LEU C 479 -25.01 54.27 -4.10
CA LEU C 479 -23.65 53.92 -3.78
C LEU C 479 -23.37 52.62 -4.49
N LEU C 480 -24.37 51.79 -4.53
CA LEU C 480 -24.18 50.52 -5.15
C LEU C 480 -23.95 50.71 -6.62
N GLY C 481 -24.80 51.52 -7.23
CA GLY C 481 -24.66 51.79 -8.63
C GLY C 481 -23.35 52.54 -8.97
N LYS C 482 -22.76 53.24 -8.01
CA LYS C 482 -21.54 53.98 -8.33
C LYS C 482 -20.33 53.08 -8.24
N ILE C 483 -20.33 52.28 -7.20
CA ILE C 483 -19.26 51.32 -6.95
C ILE C 483 -19.28 50.36 -8.14
N ARG C 484 -20.48 49.97 -8.48
CA ARG C 484 -20.68 49.08 -9.57
C ARG C 484 -20.17 49.71 -10.85
N THR C 485 -20.64 50.92 -11.10
CA THR C 485 -20.29 51.69 -12.28
C THR C 485 -18.86 52.10 -12.33
N ASP C 486 -18.40 52.99 -11.43
CA ASP C 486 -16.99 53.37 -11.42
C ASP C 486 -16.14 52.13 -11.44
N GLY C 487 -16.66 51.07 -10.80
CA GLY C 487 -15.95 49.81 -10.69
C GLY C 487 -14.87 49.84 -9.60
N LYS C 488 -14.73 51.01 -8.99
CA LYS C 488 -13.79 51.22 -7.96
C LYS C 488 -14.50 51.77 -6.76
N ILE C 489 -13.74 51.91 -5.70
CA ILE C 489 -14.24 52.50 -4.49
C ILE C 489 -13.52 53.84 -4.36
N SER C 490 -14.24 54.88 -4.76
CA SER C 490 -13.72 56.22 -4.68
C SER C 490 -13.57 56.63 -3.21
N GLU C 491 -13.03 57.83 -3.02
CA GLU C 491 -12.78 58.39 -1.71
C GLU C 491 -14.06 58.77 -1.00
N GLU C 492 -15.01 59.21 -1.77
CA GLU C 492 -16.26 59.57 -1.15
C GLU C 492 -17.11 58.34 -0.95
N SER C 493 -16.99 57.37 -1.87
CA SER C 493 -17.77 56.15 -1.73
C SER C 493 -17.27 55.44 -0.51
N ASP C 494 -15.96 55.41 -0.39
CA ASP C 494 -15.41 54.78 0.78
C ASP C 494 -15.84 55.49 2.05
N ALA C 495 -16.11 56.76 1.93
CA ALA C 495 -16.58 57.57 3.05
C ALA C 495 -18.08 57.39 3.27
N LYS C 496 -18.91 57.31 2.21
CA LYS C 496 -20.36 57.06 2.36
C LYS C 496 -20.55 55.64 2.86
N LEU C 497 -19.63 54.74 2.50
CA LEU C 497 -19.77 53.43 3.02
C LEU C 497 -19.54 53.45 4.51
N LYS C 498 -18.38 53.97 4.99
CA LYS C 498 -18.07 53.96 6.42
C LYS C 498 -19.22 54.37 7.30
N GLU C 499 -19.83 55.41 6.83
CA GLU C 499 -20.94 56.00 7.49
C GLU C 499 -22.05 55.00 7.69
N ILE C 500 -22.48 54.40 6.61
CA ILE C 500 -23.56 53.46 6.69
C ILE C 500 -23.28 52.32 7.61
N VAL C 501 -22.16 51.64 7.38
CA VAL C 501 -21.92 50.47 8.20
C VAL C 501 -21.92 50.74 9.66
N THR C 502 -21.05 51.67 10.06
CA THR C 502 -20.92 52.04 11.46
C THR C 502 -22.25 52.39 12.13
N ASN C 503 -23.05 53.23 11.46
CA ASN C 503 -24.33 53.61 12.02
C ASN C 503 -25.32 52.47 12.07
N PHE C 504 -25.52 51.84 10.93
CA PHE C 504 -26.44 50.74 10.89
C PHE C 504 -26.00 49.73 11.94
N LEU C 505 -24.72 49.41 11.93
CA LEU C 505 -24.23 48.42 12.85
C LEU C 505 -24.71 48.75 14.26
N ALA C 506 -24.55 49.99 14.65
CA ALA C 506 -24.98 50.39 15.95
C ALA C 506 -26.46 50.15 16.17
N GLY C 507 -27.34 50.71 15.30
CA GLY C 507 -28.79 50.54 15.47
C GLY C 507 -29.03 49.08 15.66
N PHE C 508 -28.34 48.36 14.81
CA PHE C 508 -28.45 46.93 14.82
C PHE C 508 -27.99 46.34 16.14
N GLU C 509 -26.96 46.91 16.73
CA GLU C 509 -26.47 46.36 17.97
C GLU C 509 -27.18 46.95 19.18
N ALA C 510 -28.44 47.35 18.99
CA ALA C 510 -29.22 47.93 20.08
C ALA C 510 -29.44 46.97 21.24
N THR D 13 15.00 7.77 -49.84
CA THR D 13 14.06 6.64 -49.75
C THR D 13 12.63 7.13 -49.50
N THR D 14 11.67 6.25 -49.82
CA THR D 14 10.24 6.50 -49.65
C THR D 14 9.59 5.29 -49.02
N GLY D 15 8.96 5.46 -47.86
CA GLY D 15 8.30 4.36 -47.19
C GLY D 15 6.81 4.61 -47.21
N ARG D 16 6.02 3.66 -46.74
CA ARG D 16 4.58 3.86 -46.69
C ARG D 16 4.14 3.63 -45.26
N ILE D 17 3.05 4.24 -44.87
CA ILE D 17 2.59 4.04 -43.51
C ILE D 17 1.92 2.71 -43.48
N VAL D 18 2.16 1.86 -42.49
CA VAL D 18 1.47 0.57 -42.50
C VAL D 18 0.51 0.45 -41.32
N ALA D 19 0.78 1.20 -40.26
CA ALA D 19 -0.06 1.19 -39.08
C ALA D 19 -0.01 2.52 -38.33
N VAL D 20 -1.17 2.95 -37.81
CA VAL D 20 -1.28 4.16 -37.04
C VAL D 20 -2.05 3.88 -35.82
N ILE D 21 -1.45 4.18 -34.66
CA ILE D 21 -2.06 3.96 -33.35
C ILE D 21 -1.57 5.06 -32.47
N GLY D 22 -2.32 6.11 -32.43
CA GLY D 22 -1.89 7.21 -31.61
C GLY D 22 -0.68 7.88 -32.22
N ALA D 23 0.23 8.32 -31.37
CA ALA D 23 1.45 9.04 -31.75
C ALA D 23 2.46 8.16 -32.41
N VAL D 24 2.24 6.87 -32.40
CA VAL D 24 3.21 5.95 -32.97
C VAL D 24 2.81 5.45 -34.34
N VAL D 25 3.69 5.64 -35.32
CA VAL D 25 3.40 5.29 -36.71
C VAL D 25 4.51 4.38 -37.24
N ASP D 26 4.09 3.21 -37.83
CA ASP D 26 5.04 2.25 -38.37
C ASP D 26 5.18 2.48 -39.83
N VAL D 27 6.41 2.49 -40.35
CA VAL D 27 6.64 2.80 -41.78
C VAL D 27 7.44 1.68 -42.50
N GLN D 28 7.00 1.36 -43.70
CA GLN D 28 7.67 0.34 -44.45
C GLN D 28 8.41 0.90 -45.64
N PHE D 29 9.75 0.76 -45.62
CA PHE D 29 10.59 1.23 -46.70
C PHE D 29 10.93 0.06 -47.60
N ASP D 30 10.85 0.27 -48.91
CA ASP D 30 11.11 -0.80 -49.88
C ASP D 30 12.60 -1.03 -50.07
N GLU D 31 13.30 0.11 -50.19
CA GLU D 31 14.73 0.19 -50.38
C GLU D 31 15.32 1.17 -49.35
N GLY D 32 16.47 0.87 -48.75
CA GLY D 32 17.13 1.79 -47.81
C GLY D 32 16.32 2.26 -46.61
N LEU D 33 16.62 1.63 -45.49
CA LEU D 33 15.99 1.88 -44.23
C LEU D 33 16.65 3.04 -43.49
N PRO D 34 15.88 4.09 -43.24
CA PRO D 34 16.37 5.24 -42.52
C PRO D 34 16.82 4.81 -41.13
N PRO D 35 17.99 5.26 -40.77
CA PRO D 35 18.58 4.93 -39.50
C PRO D 35 17.76 5.49 -38.36
N ILE D 36 18.05 5.01 -37.15
CA ILE D 36 17.38 5.47 -35.97
C ILE D 36 17.75 6.95 -35.74
N LEU D 37 16.75 7.76 -35.33
CA LEU D 37 16.87 9.19 -35.06
C LEU D 37 16.55 10.05 -36.28
N ASN D 38 16.56 9.41 -37.44
CA ASN D 38 16.25 10.10 -38.66
C ASN D 38 14.85 10.70 -38.66
N ALA D 39 14.69 11.87 -39.28
CA ALA D 39 13.39 12.48 -39.37
C ALA D 39 12.83 12.20 -40.72
N LEU D 40 11.56 11.87 -40.80
CA LEU D 40 10.91 11.55 -42.05
C LEU D 40 9.75 12.54 -42.20
N GLU D 41 9.40 12.93 -43.44
CA GLU D 41 8.29 13.85 -43.63
C GLU D 41 7.13 13.13 -44.30
N VAL D 42 5.95 13.31 -43.74
CA VAL D 42 4.78 12.65 -44.32
C VAL D 42 4.30 13.46 -45.53
N GLN D 43 4.16 12.77 -46.64
CA GLN D 43 3.74 13.48 -47.81
C GLN D 43 2.25 13.67 -47.80
N GLY D 44 1.77 14.72 -48.45
CA GLY D 44 0.34 14.98 -48.58
C GLY D 44 -0.35 15.66 -47.42
N ARG D 45 0.35 16.56 -46.70
CA ARG D 45 -0.27 17.21 -45.57
C ARG D 45 -0.21 18.74 -45.59
N GLU D 46 -1.35 19.41 -45.27
CA GLU D 46 -1.35 20.86 -45.28
C GLU D 46 -0.25 21.39 -44.40
N THR D 47 0.06 20.66 -43.36
CA THR D 47 1.12 21.02 -42.44
C THR D 47 2.22 19.97 -42.46
N ARG D 48 3.39 20.42 -42.16
CA ARG D 48 4.56 19.58 -42.12
C ARG D 48 4.57 18.54 -41.00
N LEU D 49 4.50 17.24 -41.34
CA LEU D 49 4.54 16.24 -40.29
C LEU D 49 5.85 15.48 -40.29
N VAL D 50 6.59 15.55 -39.19
CA VAL D 50 7.82 14.82 -39.11
C VAL D 50 7.57 13.66 -38.15
N LEU D 51 8.14 12.50 -38.53
CA LEU D 51 8.13 11.26 -37.77
C LEU D 51 9.56 10.91 -37.34
N GLU D 52 9.85 10.73 -36.04
CA GLU D 52 11.22 10.39 -35.72
C GLU D 52 11.30 8.89 -35.66
N VAL D 53 12.25 8.28 -36.37
CA VAL D 53 12.36 6.83 -36.33
C VAL D 53 12.77 6.35 -34.95
N ALA D 54 12.02 5.43 -34.39
CA ALA D 54 12.34 5.02 -33.05
C ALA D 54 12.97 3.70 -32.96
N GLN D 55 12.54 2.79 -33.84
CA GLN D 55 13.05 1.43 -33.82
C GLN D 55 12.99 0.78 -35.17
N HIS D 56 13.79 -0.26 -35.32
CA HIS D 56 13.81 -1.08 -36.51
C HIS D 56 13.09 -2.39 -36.15
N LEU D 57 11.87 -2.53 -36.55
CA LEU D 57 11.11 -3.68 -36.18
C LEU D 57 11.52 -4.93 -36.91
N GLY D 58 12.11 -4.68 -38.04
CA GLY D 58 12.56 -5.74 -38.94
C GLY D 58 11.61 -5.85 -40.11
N GLU D 59 12.05 -6.45 -41.19
CA GLU D 59 11.18 -6.56 -42.31
C GLU D 59 11.03 -5.21 -42.97
N SER D 60 12.08 -4.47 -42.83
CA SER D 60 12.15 -3.20 -43.42
C SER D 60 11.02 -2.32 -43.00
N THR D 61 10.75 -2.38 -41.70
CA THR D 61 9.70 -1.59 -41.15
C THR D 61 10.30 -0.93 -39.95
N VAL D 62 10.06 0.36 -39.80
CA VAL D 62 10.56 1.09 -38.67
C VAL D 62 9.42 1.59 -37.80
N ARG D 63 9.58 1.61 -36.52
CA ARG D 63 8.53 2.14 -35.69
C ARG D 63 8.96 3.55 -35.33
N THR D 64 8.02 4.54 -35.50
CA THR D 64 8.39 5.95 -35.26
C THR D 64 7.43 6.72 -34.35
N ILE D 65 7.90 7.86 -33.83
CA ILE D 65 7.06 8.73 -33.02
C ILE D 65 6.71 9.99 -33.85
N ALA D 66 5.43 10.32 -33.97
CA ALA D 66 4.97 11.49 -34.70
C ALA D 66 5.25 12.81 -34.01
N MET D 67 5.74 13.82 -34.76
CA MET D 67 5.98 15.09 -34.10
C MET D 67 4.73 15.94 -34.09
N ASP D 68 3.61 15.32 -34.47
CA ASP D 68 2.36 16.07 -34.46
C ASP D 68 1.20 15.14 -34.59
N GLY D 69 0.01 15.69 -34.73
CA GLY D 69 -1.21 14.91 -34.87
C GLY D 69 -1.14 13.81 -35.91
N THR D 70 -1.76 12.71 -35.64
CA THR D 70 -1.82 11.61 -36.59
C THR D 70 -3.20 11.47 -37.23
N GLU D 71 -4.14 12.41 -36.96
CA GLU D 71 -5.46 12.32 -37.61
C GLU D 71 -5.35 12.41 -39.11
N GLY D 72 -6.22 11.71 -39.78
CA GLY D 72 -6.13 11.84 -41.21
C GLY D 72 -5.07 10.99 -41.90
N LEU D 73 -4.17 10.38 -41.12
CA LEU D 73 -3.16 9.61 -41.82
C LEU D 73 -3.83 8.34 -42.30
N VAL D 74 -3.32 7.79 -43.39
CA VAL D 74 -3.94 6.64 -43.97
C VAL D 74 -2.95 5.58 -44.22
N ARG D 75 -3.39 4.34 -44.04
CA ARG D 75 -2.49 3.23 -44.28
C ARG D 75 -2.04 3.33 -45.73
N GLY D 76 -0.75 3.21 -46.03
CA GLY D 76 -0.29 3.32 -47.40
C GLY D 76 0.26 4.71 -47.71
N GLN D 77 -0.05 5.72 -46.89
CA GLN D 77 0.45 7.09 -47.13
C GLN D 77 1.99 7.16 -47.34
N LYS D 78 2.42 8.06 -48.20
CA LYS D 78 3.84 8.15 -48.51
C LYS D 78 4.67 8.91 -47.52
N VAL D 79 5.93 8.49 -47.33
CA VAL D 79 6.83 9.09 -46.33
C VAL D 79 8.25 9.08 -46.86
N LEU D 80 8.94 10.23 -46.90
CA LEU D 80 10.31 10.29 -47.42
C LEU D 80 11.37 10.36 -46.33
N ASP D 81 12.45 9.58 -46.42
CA ASP D 81 13.44 9.74 -45.37
C ASP D 81 14.18 11.04 -45.57
N SER D 82 14.13 11.93 -44.59
CA SER D 82 14.85 13.19 -44.75
C SER D 82 16.36 12.96 -44.76
N GLY D 83 16.80 11.76 -44.44
CA GLY D 83 18.23 11.55 -44.40
C GLY D 83 18.96 12.17 -43.20
N ALA D 84 18.26 12.67 -42.13
CA ALA D 84 18.91 13.26 -40.95
C ALA D 84 17.97 13.54 -39.78
N PRO D 85 18.48 13.45 -38.54
CA PRO D 85 17.66 13.77 -37.39
C PRO D 85 17.06 15.19 -37.53
N ILE D 86 16.11 15.52 -36.68
CA ILE D 86 15.52 16.83 -36.75
C ILE D 86 16.62 17.88 -36.57
N ARG D 87 16.76 18.72 -37.59
CA ARG D 87 17.74 19.79 -37.55
C ARG D 87 17.06 21.17 -37.45
N ILE D 88 17.46 22.03 -36.58
CA ILE D 88 16.78 23.31 -36.52
C ILE D 88 17.67 24.53 -36.80
N PRO D 89 17.04 25.62 -37.22
CA PRO D 89 17.78 26.82 -37.42
C PRO D 89 18.43 27.21 -36.12
N VAL D 90 19.75 27.15 -36.00
CA VAL D 90 20.44 27.61 -34.78
C VAL D 90 21.29 28.82 -35.12
N GLY D 91 21.52 29.72 -34.17
CA GLY D 91 22.29 30.90 -34.49
C GLY D 91 21.70 32.12 -33.84
N PRO D 92 22.32 33.23 -34.06
CA PRO D 92 21.85 34.47 -33.52
C PRO D 92 20.50 34.92 -34.09
N GLU D 93 20.16 34.49 -35.32
CA GLU D 93 18.88 34.87 -35.88
C GLU D 93 17.68 34.16 -35.30
N THR D 94 17.90 33.48 -34.20
CA THR D 94 16.87 32.79 -33.48
C THR D 94 16.37 33.69 -32.35
N LEU D 95 17.25 34.59 -31.95
CA LEU D 95 16.95 35.51 -30.88
C LEU D 95 15.73 36.35 -31.16
N GLY D 96 14.94 36.57 -30.12
CA GLY D 96 13.73 37.33 -30.24
C GLY D 96 12.65 36.53 -30.97
N ARG D 97 12.98 35.32 -31.41
CA ARG D 97 11.99 34.53 -32.12
C ARG D 97 11.42 33.35 -31.34
N ILE D 98 10.28 32.84 -31.85
CA ILE D 98 9.55 31.70 -31.34
C ILE D 98 9.56 30.56 -32.35
N MET D 99 10.11 29.44 -31.88
CA MET D 99 10.27 28.19 -32.64
C MET D 99 9.49 27.00 -32.06
N ASN D 100 9.32 26.06 -32.94
CA ASN D 100 8.69 24.77 -32.93
C ASN D 100 9.62 23.66 -32.48
N VAL D 101 9.11 22.44 -32.34
CA VAL D 101 10.03 21.37 -31.98
C VAL D 101 10.93 21.21 -33.16
N ILE D 102 10.34 21.41 -34.32
CA ILE D 102 11.02 21.23 -35.57
C ILE D 102 11.60 22.50 -36.19
N GLY D 103 11.77 23.51 -35.40
CA GLY D 103 12.39 24.70 -35.95
C GLY D 103 11.57 25.56 -36.84
N GLU D 104 10.28 25.51 -36.71
CA GLU D 104 9.51 26.42 -37.55
C GLU D 104 9.09 27.63 -36.73
N PRO D 105 9.07 28.80 -37.33
CA PRO D 105 8.68 29.99 -36.58
C PRO D 105 7.24 29.87 -36.33
N ILE D 106 6.81 30.28 -35.12
CA ILE D 106 5.42 30.13 -34.73
C ILE D 106 4.91 31.48 -34.20
N ASP D 107 5.69 32.50 -34.52
CA ASP D 107 5.37 33.85 -34.10
C ASP D 107 4.79 34.65 -35.23
N GLU D 108 4.64 34.05 -36.39
CA GLU D 108 4.07 34.79 -37.50
C GLU D 108 4.90 35.98 -38.01
N ARG D 109 6.23 35.92 -37.84
CA ARG D 109 7.10 37.01 -38.28
C ARG D 109 8.00 36.62 -39.45
N GLY D 110 7.68 35.52 -40.17
CA GLY D 110 8.50 35.08 -41.31
C GLY D 110 9.64 34.12 -40.98
N PRO D 111 10.26 33.57 -42.01
CA PRO D 111 11.37 32.63 -41.89
C PRO D 111 12.42 33.06 -40.91
N ILE D 112 13.29 32.11 -40.56
CA ILE D 112 14.41 32.36 -39.64
C ILE D 112 15.61 32.14 -40.55
N LYS D 113 16.26 33.23 -40.93
CA LYS D 113 17.37 33.11 -41.86
C LYS D 113 18.73 32.91 -41.26
N THR D 114 18.99 31.68 -40.78
CA THR D 114 20.25 31.31 -40.14
C THR D 114 21.27 30.86 -41.15
N LYS D 115 22.55 31.04 -40.80
CA LYS D 115 23.55 30.58 -41.75
C LYS D 115 23.58 29.05 -41.67
N GLN D 116 23.42 28.51 -40.44
CA GLN D 116 23.46 27.08 -40.19
C GLN D 116 22.26 26.53 -39.49
N PHE D 117 22.22 25.21 -39.54
CA PHE D 117 21.18 24.39 -38.96
C PHE D 117 21.81 23.33 -38.10
N ALA D 118 21.10 22.88 -37.06
CA ALA D 118 21.63 21.85 -36.17
C ALA D 118 20.64 20.73 -35.84
N ALA D 119 21.17 19.50 -35.69
CA ALA D 119 20.35 18.36 -35.30
C ALA D 119 20.16 18.41 -33.79
N ILE D 120 18.94 18.19 -33.38
CA ILE D 120 18.60 18.26 -32.00
C ILE D 120 19.22 17.15 -31.22
N HIS D 121 19.60 16.08 -31.92
CA HIS D 121 20.25 14.95 -31.25
C HIS D 121 21.76 15.09 -31.33
N ALA D 122 22.49 14.94 -30.24
CA ALA D 122 23.93 15.05 -30.29
C ALA D 122 24.56 14.48 -29.04
N GLU D 123 25.86 14.09 -29.07
CA GLU D 123 26.57 13.53 -27.92
C GLU D 123 26.86 14.57 -26.85
N ALA D 124 26.89 14.15 -25.58
CA ALA D 124 27.19 15.09 -24.51
C ALA D 124 28.70 15.32 -24.37
N PRO D 125 29.06 16.53 -23.89
CA PRO D 125 30.45 16.88 -23.67
C PRO D 125 31.18 15.80 -22.89
N GLU D 126 32.41 15.54 -23.32
CA GLU D 126 33.25 14.58 -22.71
C GLU D 126 33.68 14.95 -21.32
N PHE D 127 34.19 13.98 -20.59
CA PHE D 127 34.65 14.23 -19.24
C PHE D 127 35.75 15.29 -19.16
N VAL D 128 36.72 15.23 -20.09
CA VAL D 128 37.80 16.19 -20.11
C VAL D 128 37.37 17.54 -20.63
N GLU D 129 36.05 17.79 -20.77
CA GLU D 129 35.50 19.06 -21.20
C GLU D 129 34.86 19.80 -20.03
N MET D 130 34.84 19.14 -18.88
CA MET D 130 34.21 19.70 -17.67
C MET D 130 35.00 20.83 -17.04
N SER D 131 34.26 21.72 -16.40
CA SER D 131 34.77 22.89 -15.72
C SER D 131 34.41 22.83 -14.28
N VAL D 132 35.22 23.45 -13.39
CA VAL D 132 34.93 23.37 -11.97
C VAL D 132 34.95 24.70 -11.24
N GLU D 133 34.67 25.81 -11.96
CA GLU D 133 34.64 27.09 -11.26
C GLU D 133 33.36 27.19 -10.50
N GLN D 134 33.34 27.75 -9.30
CA GLN D 134 32.08 27.83 -8.57
C GLN D 134 31.91 29.19 -7.89
N GLU D 135 31.12 30.06 -8.51
CA GLU D 135 30.95 31.35 -7.95
C GLU D 135 29.54 31.71 -7.74
N ILE D 136 29.21 32.06 -6.52
CA ILE D 136 27.84 32.38 -6.18
C ILE D 136 27.12 33.30 -7.16
N LEU D 137 25.87 33.05 -7.48
CA LEU D 137 25.09 33.87 -8.37
C LEU D 137 23.93 34.45 -7.57
N VAL D 138 24.13 35.60 -6.91
CA VAL D 138 23.07 36.20 -6.06
C VAL D 138 21.79 36.49 -6.81
N THR D 139 20.69 36.11 -6.19
CA THR D 139 19.37 36.28 -6.78
C THR D 139 18.46 37.35 -6.18
N GLY D 140 18.68 37.69 -4.94
CA GLY D 140 17.82 38.62 -4.34
C GLY D 140 16.74 38.01 -3.52
N ILE D 141 16.67 36.68 -3.62
CA ILE D 141 15.68 35.90 -2.88
C ILE D 141 16.29 35.50 -1.55
N LYS D 142 15.72 35.97 -0.44
CA LYS D 142 16.25 35.65 0.87
C LYS D 142 16.59 34.18 1.05
N VAL D 143 15.58 33.33 0.93
CA VAL D 143 15.78 31.89 1.10
C VAL D 143 16.91 31.27 0.30
N VAL D 144 16.78 31.37 -1.02
CA VAL D 144 17.75 30.77 -1.87
C VAL D 144 19.13 31.18 -1.48
N ASP D 145 19.33 32.47 -1.55
CA ASP D 145 20.61 33.02 -1.24
C ASP D 145 21.17 32.58 0.10
N LEU D 146 20.36 32.76 1.13
CA LEU D 146 20.83 32.38 2.41
C LEU D 146 21.27 30.95 2.52
N LEU D 147 20.34 30.07 2.20
CA LEU D 147 20.50 28.66 2.37
C LEU D 147 20.89 27.79 1.24
N ALA D 148 20.61 28.16 0.00
CA ALA D 148 20.96 27.28 -1.14
C ALA D 148 21.35 28.11 -2.33
N PRO D 149 22.39 28.87 -2.18
CA PRO D 149 22.90 29.77 -3.18
C PRO D 149 23.06 29.11 -4.53
N TYR D 150 22.69 29.84 -5.60
CA TYR D 150 22.82 29.30 -6.95
C TYR D 150 24.23 29.63 -7.36
N ALA D 151 24.73 28.94 -8.33
CA ALA D 151 26.05 29.17 -8.79
C ALA D 151 26.06 29.45 -10.27
N LYS D 152 26.84 30.46 -10.57
CA LYS D 152 27.05 30.89 -11.92
C LYS D 152 27.54 29.68 -12.71
N GLY D 153 26.95 29.39 -13.88
CA GLY D 153 27.33 28.22 -14.71
C GLY D 153 26.87 26.85 -14.16
N GLY D 154 26.26 26.85 -12.99
CA GLY D 154 25.83 25.62 -12.37
C GLY D 154 24.48 25.14 -12.86
N LYS D 155 24.07 23.95 -12.39
CA LYS D 155 22.79 23.36 -12.74
C LYS D 155 21.84 23.60 -11.57
N ILE D 156 20.73 24.29 -11.81
CA ILE D 156 19.79 24.64 -10.75
C ILE D 156 18.49 23.95 -10.97
N GLY D 157 17.82 23.50 -9.89
CA GLY D 157 16.53 22.83 -10.11
C GLY D 157 15.45 23.30 -9.17
N LEU D 158 14.28 23.61 -9.73
CA LEU D 158 13.16 24.07 -8.90
C LEU D 158 12.14 22.96 -8.81
N PHE D 159 12.09 22.26 -7.65
CA PHE D 159 11.16 21.15 -7.46
C PHE D 159 9.88 21.57 -6.78
N GLY D 160 8.75 21.07 -7.27
CA GLY D 160 7.46 21.40 -6.64
C GLY D 160 6.29 20.68 -7.28
N GLY D 161 5.33 20.30 -6.47
CA GLY D 161 4.14 19.62 -6.94
C GLY D 161 3.27 20.67 -7.64
N ALA D 162 2.07 20.32 -8.09
CA ALA D 162 1.22 21.26 -8.80
C ALA D 162 0.79 22.47 -8.04
N GLY D 163 1.09 23.60 -8.64
CA GLY D 163 0.72 24.88 -8.11
C GLY D 163 1.42 25.32 -6.85
N VAL D 164 2.72 25.07 -6.71
CA VAL D 164 3.41 25.55 -5.49
C VAL D 164 4.35 26.69 -5.76
N GLY D 165 4.60 27.04 -7.02
CA GLY D 165 5.45 28.18 -7.26
C GLY D 165 6.60 27.99 -8.22
N LYS D 166 6.69 26.83 -8.82
CA LYS D 166 7.78 26.58 -9.70
C LYS D 166 7.91 27.67 -10.74
N THR D 167 6.83 27.95 -11.44
CA THR D 167 6.86 28.92 -12.49
C THR D 167 7.10 30.34 -12.06
N VAL D 168 6.36 30.74 -11.02
CA VAL D 168 6.56 32.07 -10.49
C VAL D 168 8.02 32.21 -10.17
N LEU D 169 8.59 31.26 -9.42
CA LEU D 169 10.01 31.35 -9.09
C LEU D 169 10.85 31.48 -10.32
N ILE D 170 10.48 30.82 -11.39
CA ILE D 170 11.31 30.91 -12.55
C ILE D 170 11.12 32.25 -13.16
N MET D 171 9.97 32.80 -12.85
CA MET D 171 9.60 34.10 -13.37
C MET D 171 10.39 35.25 -12.75
N GLU D 172 10.54 35.19 -11.42
CA GLU D 172 11.26 36.22 -10.70
C GLU D 172 12.73 36.11 -10.93
N LEU D 173 13.19 34.95 -11.33
CA LEU D 173 14.60 34.79 -11.54
C LEU D 173 14.98 35.41 -12.87
N ILE D 174 14.03 35.34 -13.78
CA ILE D 174 14.26 35.90 -15.11
C ILE D 174 14.40 37.40 -14.95
N ASN D 175 13.53 37.92 -14.09
CA ASN D 175 13.50 39.33 -13.76
C ASN D 175 14.75 39.74 -13.00
N ASN D 176 15.02 39.14 -11.88
CA ASN D 176 16.15 39.47 -11.08
C ASN D 176 17.49 39.13 -11.67
N VAL D 177 17.56 38.37 -12.78
CA VAL D 177 18.88 37.88 -13.29
C VAL D 177 19.05 37.90 -14.79
N ALA D 178 18.04 37.39 -15.44
CA ALA D 178 18.06 37.33 -16.87
C ALA D 178 18.12 38.73 -17.37
N LYS D 179 17.27 39.56 -16.82
CA LYS D 179 17.22 40.96 -17.21
C LYS D 179 18.53 41.77 -17.27
N ALA D 180 19.41 41.63 -16.29
CA ALA D 180 20.65 42.38 -16.40
C ALA D 180 21.67 41.65 -17.25
N HIS D 181 21.66 40.32 -17.13
CA HIS D 181 22.55 39.40 -17.82
C HIS D 181 22.99 39.87 -19.19
N GLY D 182 24.30 40.03 -19.35
CA GLY D 182 24.87 40.41 -20.63
C GLY D 182 25.30 39.13 -21.38
N GLY D 183 24.39 38.58 -22.19
CA GLY D 183 24.62 37.34 -22.92
C GLY D 183 23.27 36.82 -23.36
N TYR D 184 23.21 35.69 -24.05
CA TYR D 184 21.89 35.29 -24.43
C TYR D 184 21.16 34.50 -23.35
N SER D 185 19.90 34.22 -23.66
CA SER D 185 19.00 33.47 -22.85
C SER D 185 18.10 32.69 -23.74
N VAL D 186 17.81 31.43 -23.38
CA VAL D 186 16.95 30.58 -24.15
C VAL D 186 15.94 30.06 -23.16
N PHE D 187 14.67 30.29 -23.43
CA PHE D 187 13.65 29.81 -22.55
C PHE D 187 12.95 28.76 -23.43
N ALA D 188 12.83 27.54 -22.91
CA ALA D 188 12.13 26.45 -23.61
C ALA D 188 10.93 26.03 -22.83
N GLY D 189 9.75 26.19 -23.34
CA GLY D 189 8.60 25.76 -22.57
C GLY D 189 8.28 24.37 -23.04
N VAL D 190 8.43 23.37 -22.14
CA VAL D 190 8.17 21.99 -22.46
C VAL D 190 6.95 21.46 -21.76
N GLY D 191 5.95 21.10 -22.52
CA GLY D 191 4.72 20.53 -21.98
C GLY D 191 4.02 21.39 -20.95
N GLU D 192 4.23 22.71 -20.96
CA GLU D 192 3.52 23.55 -20.00
C GLU D 192 2.31 24.25 -20.59
N ARG D 193 1.83 25.29 -19.91
CA ARG D 193 0.62 26.00 -20.36
C ARG D 193 0.80 27.01 -21.48
N THR D 194 0.03 26.88 -22.54
CA THR D 194 0.12 27.83 -23.65
C THR D 194 -0.09 29.29 -23.20
N ARG D 195 -1.10 29.53 -22.33
CA ARG D 195 -1.38 30.84 -21.78
C ARG D 195 -0.08 31.49 -21.32
N GLU D 196 0.78 30.68 -20.73
CA GLU D 196 2.05 31.07 -20.19
C GLU D 196 3.08 31.58 -21.18
N GLY D 197 3.15 31.00 -22.37
CA GLY D 197 4.11 31.47 -23.39
C GLY D 197 3.72 32.88 -23.92
N ASN D 198 2.40 33.10 -23.95
CA ASN D 198 1.84 34.35 -24.32
C ASN D 198 2.10 35.35 -23.22
N ASP D 199 1.99 34.95 -21.96
CA ASP D 199 2.29 35.94 -20.95
C ASP D 199 3.76 36.36 -21.04
N LEU D 200 4.63 35.38 -21.11
CA LEU D 200 6.03 35.61 -21.19
C LEU D 200 6.45 36.37 -22.44
N TYR D 201 6.00 35.97 -23.62
CA TYR D 201 6.40 36.67 -24.83
C TYR D 201 6.15 38.16 -24.76
N HIS D 202 4.91 38.44 -24.45
CA HIS D 202 4.52 39.80 -24.32
C HIS D 202 5.23 40.53 -23.21
N GLU D 203 5.82 39.83 -22.29
CA GLU D 203 6.53 40.51 -21.22
C GLU D 203 7.95 40.80 -21.69
N MET D 204 8.51 39.90 -22.45
CA MET D 204 9.83 40.08 -22.96
C MET D 204 9.88 41.33 -23.82
N ILE D 205 8.81 41.51 -24.57
CA ILE D 205 8.67 42.67 -25.41
C ILE D 205 8.46 43.95 -24.63
N GLU D 206 7.41 44.04 -23.82
CA GLU D 206 7.21 45.23 -23.06
C GLU D 206 8.42 45.59 -22.22
N SER D 207 9.42 44.76 -22.18
CA SER D 207 10.59 45.07 -21.42
C SER D 207 11.83 45.05 -22.30
N GLY D 208 11.62 45.08 -23.59
CA GLY D 208 12.73 45.08 -24.48
C GLY D 208 13.64 43.87 -24.44
N VAL D 209 13.31 42.80 -23.69
CA VAL D 209 14.24 41.67 -23.77
C VAL D 209 14.10 41.08 -25.15
N ILE D 210 12.92 41.28 -25.67
CA ILE D 210 12.67 40.87 -27.00
C ILE D 210 12.46 42.18 -27.73
N ASN D 211 13.05 42.32 -28.93
CA ASN D 211 12.91 43.53 -29.72
C ASN D 211 12.43 43.17 -31.08
N LEU D 212 11.24 43.64 -31.46
CA LEU D 212 10.69 43.25 -32.77
C LEU D 212 11.09 44.10 -33.98
N LYS D 213 11.67 45.24 -33.67
CA LYS D 213 12.07 46.14 -34.70
C LYS D 213 13.53 46.05 -35.09
N ASP D 214 14.37 45.71 -34.11
CA ASP D 214 15.80 45.61 -34.34
C ASP D 214 16.41 44.30 -33.88
N ALA D 215 17.72 44.28 -33.90
CA ALA D 215 18.48 43.12 -33.46
C ALA D 215 18.96 43.21 -32.03
N THR D 216 18.25 43.94 -31.18
CA THR D 216 18.68 44.02 -29.79
C THR D 216 18.10 42.88 -28.95
N SER D 217 17.52 41.87 -29.63
CA SER D 217 16.94 40.73 -28.94
C SER D 217 17.99 39.92 -28.20
N LYS D 218 17.74 39.72 -26.94
CA LYS D 218 18.67 39.02 -26.07
C LYS D 218 18.18 37.67 -25.57
N VAL D 219 17.03 37.16 -26.12
CA VAL D 219 16.37 35.96 -25.69
C VAL D 219 15.67 35.24 -26.83
N ALA D 220 16.02 33.98 -27.11
CA ALA D 220 15.32 33.19 -28.12
C ALA D 220 14.26 32.31 -27.41
N LEU D 221 13.10 32.01 -28.03
CA LEU D 221 12.12 31.20 -27.32
C LEU D 221 11.72 29.97 -28.07
N VAL D 222 11.56 28.81 -27.40
CA VAL D 222 11.15 27.55 -28.06
C VAL D 222 9.98 26.92 -27.29
N TYR D 223 8.93 26.46 -28.00
CA TYR D 223 7.75 25.97 -27.30
C TYR D 223 7.11 24.69 -27.82
N GLY D 224 6.78 23.82 -26.89
CA GLY D 224 6.10 22.56 -27.17
C GLY D 224 5.17 22.27 -26.01
N GLN D 225 4.10 23.07 -25.92
CA GLN D 225 3.12 23.01 -24.84
C GLN D 225 2.26 21.74 -24.64
N MET D 226 1.47 21.76 -23.57
CA MET D 226 0.59 20.68 -23.16
C MET D 226 -0.48 20.32 -24.15
N ASN D 227 -0.67 21.17 -25.15
CA ASN D 227 -1.69 20.92 -26.12
C ASN D 227 -1.12 20.13 -27.26
N GLU D 228 0.09 19.63 -27.11
CA GLU D 228 0.78 18.88 -28.15
C GLU D 228 0.76 17.38 -27.88
N PRO D 229 1.02 16.63 -28.92
CA PRO D 229 1.08 15.19 -28.85
C PRO D 229 2.39 14.79 -28.19
N PRO D 230 2.43 13.70 -27.45
CA PRO D 230 3.59 13.20 -26.74
C PRO D 230 4.88 13.38 -27.50
N GLY D 231 4.84 13.11 -28.81
CA GLY D 231 6.01 13.26 -29.66
C GLY D 231 6.69 14.63 -29.53
N ALA D 232 5.93 15.69 -29.77
CA ALA D 232 6.50 16.99 -29.65
C ALA D 232 7.09 17.21 -28.29
N ARG D 233 6.33 16.80 -27.30
CA ARG D 233 6.77 17.00 -25.95
C ARG D 233 8.07 16.29 -25.61
N ALA D 234 8.27 15.17 -26.30
CA ALA D 234 9.45 14.40 -26.03
C ALA D 234 10.69 15.05 -26.60
N ARG D 235 10.47 16.03 -27.51
CA ARG D 235 11.56 16.71 -28.20
C ARG D 235 11.79 18.20 -27.95
N VAL D 236 10.74 19.04 -27.74
CA VAL D 236 11.04 20.46 -27.55
C VAL D 236 12.26 20.77 -26.67
N ALA D 237 12.40 20.06 -25.54
CA ALA D 237 13.54 20.28 -24.65
C ALA D 237 14.82 20.13 -25.45
N LEU D 238 14.81 19.22 -26.39
CA LEU D 238 16.02 19.04 -27.19
C LEU D 238 16.25 20.25 -28.07
N THR D 239 15.19 20.68 -28.72
CA THR D 239 15.27 21.83 -29.57
C THR D 239 15.83 23.00 -28.79
N GLY D 240 15.20 23.26 -27.69
CA GLY D 240 15.60 24.34 -26.80
C GLY D 240 17.03 24.25 -26.41
N LEU D 241 17.38 23.11 -25.90
CA LEU D 241 18.70 22.88 -25.47
C LEU D 241 19.61 23.04 -26.63
N THR D 242 19.19 22.59 -27.79
CA THR D 242 20.07 22.70 -28.92
C THR D 242 20.39 24.15 -29.26
N VAL D 243 19.38 25.03 -29.22
CA VAL D 243 19.62 26.42 -29.49
C VAL D 243 20.69 26.91 -28.52
N ALA D 244 20.46 26.67 -27.24
CA ALA D 244 21.40 27.06 -26.24
C ALA D 244 22.83 26.50 -26.43
N GLU D 245 23.01 25.27 -26.86
CA GLU D 245 24.38 24.81 -26.99
C GLU D 245 25.19 25.63 -28.00
N TYR D 246 24.50 26.20 -29.02
CA TYR D 246 25.14 26.99 -30.06
C TYR D 246 25.82 28.13 -29.34
N PHE D 247 25.00 28.99 -28.76
CA PHE D 247 25.58 30.16 -28.14
C PHE D 247 26.69 29.79 -27.17
N ARG D 248 26.76 28.54 -26.74
CA ARG D 248 27.80 28.15 -25.80
C ARG D 248 29.11 27.82 -26.48
N ASP D 249 29.00 27.02 -27.50
CA ASP D 249 30.12 26.54 -28.26
C ASP D 249 30.54 27.44 -29.44
N GLN D 250 29.68 27.50 -30.46
CA GLN D 250 29.96 28.28 -31.63
C GLN D 250 30.14 29.77 -31.40
N GLU D 251 29.65 30.33 -30.28
CA GLU D 251 29.87 31.73 -29.99
C GLU D 251 30.74 31.86 -28.76
N GLY D 252 30.57 30.89 -27.88
CA GLY D 252 31.35 30.84 -26.67
C GLY D 252 30.85 31.74 -25.56
N GLN D 253 29.63 32.26 -25.67
CA GLN D 253 29.10 33.15 -24.65
C GLN D 253 28.60 32.54 -23.35
N ASP D 254 28.12 33.43 -22.47
CA ASP D 254 27.55 33.01 -21.21
C ASP D 254 26.06 32.83 -21.44
N VAL D 255 25.57 31.59 -21.50
CA VAL D 255 24.16 31.43 -21.74
C VAL D 255 23.38 31.22 -20.47
N LEU D 256 22.11 31.52 -20.50
CA LEU D 256 21.27 31.29 -19.37
C LEU D 256 20.20 30.41 -19.97
N LEU D 257 19.96 29.19 -19.46
CA LEU D 257 18.95 28.29 -20.06
C LEU D 257 17.75 28.10 -19.14
N PHE D 258 16.55 28.36 -19.64
CA PHE D 258 15.45 28.15 -18.74
C PHE D 258 14.55 27.12 -19.32
N ILE D 259 14.19 26.09 -18.54
CA ILE D 259 13.31 25.05 -19.03
C ILE D 259 12.23 24.92 -18.02
N ASP D 260 11.00 24.94 -18.52
CA ASP D 260 9.83 24.82 -17.69
C ASP D 260 8.81 24.08 -18.50
N ASN D 261 8.55 22.79 -18.18
CA ASN D 261 9.08 22.02 -17.05
C ASN D 261 9.70 20.75 -17.54
N ILE D 262 10.94 20.48 -17.16
CA ILE D 262 11.64 19.31 -17.67
C ILE D 262 10.94 17.99 -17.38
N PHE D 263 10.08 17.94 -16.33
CA PHE D 263 9.35 16.73 -16.04
C PHE D 263 8.64 16.26 -17.32
N ARG D 264 7.95 17.21 -17.94
CA ARG D 264 7.19 16.96 -19.18
C ARG D 264 7.98 16.15 -20.22
N PHE D 265 9.31 16.24 -20.24
CA PHE D 265 10.08 15.48 -21.20
C PHE D 265 9.90 14.01 -20.89
N THR D 266 9.97 13.74 -19.60
CA THR D 266 9.88 12.38 -19.14
C THR D 266 8.44 11.83 -19.22
N GLN D 267 7.47 12.66 -18.95
CA GLN D 267 6.13 12.14 -19.00
C GLN D 267 5.78 11.89 -20.44
N ALA D 268 6.34 12.71 -21.32
CA ALA D 268 6.12 12.55 -22.73
C ALA D 268 6.51 11.11 -23.12
N GLY D 269 7.72 10.71 -22.72
CA GLY D 269 8.22 9.41 -23.03
C GLY D 269 7.31 8.36 -22.50
N SER D 270 6.92 8.48 -21.23
CA SER D 270 6.05 7.45 -20.67
C SER D 270 4.77 7.28 -21.45
N GLU D 271 4.31 8.36 -22.02
CA GLU D 271 3.08 8.31 -22.75
C GLU D 271 3.12 7.45 -23.99
N VAL D 272 4.27 7.22 -24.61
CA VAL D 272 4.27 6.40 -25.82
C VAL D 272 4.91 5.06 -25.59
N SER D 273 5.59 4.98 -24.47
CA SER D 273 6.33 3.79 -24.05
C SER D 273 5.62 2.52 -24.30
N ALA D 274 4.37 2.39 -23.89
CA ALA D 274 3.68 1.14 -24.10
C ALA D 274 3.53 0.86 -25.57
N LEU D 275 3.06 1.87 -26.35
CA LEU D 275 2.91 1.64 -27.79
C LEU D 275 4.21 1.20 -28.45
N LEU D 276 5.34 1.36 -27.76
CA LEU D 276 6.62 0.94 -28.27
C LEU D 276 6.94 -0.51 -27.88
N GLY D 277 6.01 -1.10 -27.17
CA GLY D 277 6.11 -2.47 -26.73
C GLY D 277 7.09 -2.74 -25.60
N ARG D 278 6.94 -2.04 -24.47
CA ARG D 278 7.88 -2.26 -23.39
C ARG D 278 7.21 -2.63 -22.07
N ILE D 279 7.81 -3.51 -21.28
CA ILE D 279 7.19 -3.76 -20.00
C ILE D 279 7.43 -2.51 -19.17
N PRO D 280 6.44 -2.06 -18.44
CA PRO D 280 6.59 -0.87 -17.63
C PRO D 280 7.57 -1.11 -16.52
N SER D 281 8.29 -0.09 -16.09
CA SER D 281 9.20 -0.20 -14.97
C SER D 281 8.36 0.20 -13.74
N ALA D 282 8.93 0.60 -12.62
CA ALA D 282 8.03 0.94 -11.54
C ALA D 282 7.30 2.26 -11.76
N VAL D 283 6.28 2.50 -10.95
CA VAL D 283 5.45 3.70 -11.02
C VAL D 283 4.92 3.99 -12.40
N GLY D 284 4.94 3.00 -13.27
CA GLY D 284 4.39 3.23 -14.59
C GLY D 284 5.40 3.74 -15.59
N TYR D 285 6.53 4.25 -15.09
CA TYR D 285 7.57 4.82 -15.97
C TYR D 285 8.12 3.84 -16.97
N GLN D 286 8.71 4.33 -18.03
CA GLN D 286 9.26 3.45 -19.00
C GLN D 286 10.53 2.94 -18.38
N PRO D 287 11.04 1.82 -18.83
CA PRO D 287 12.26 1.25 -18.26
C PRO D 287 13.52 2.02 -18.62
N THR D 288 13.46 2.90 -19.60
CA THR D 288 14.68 3.64 -19.98
C THR D 288 14.78 5.06 -19.37
N LEU D 289 13.91 5.36 -18.42
CA LEU D 289 13.85 6.64 -17.79
C LEU D 289 15.22 7.25 -17.56
N ALA D 290 15.97 6.61 -16.70
CA ALA D 290 17.22 7.17 -16.31
C ALA D 290 18.17 7.47 -17.45
N THR D 291 18.29 6.52 -18.36
CA THR D 291 19.20 6.73 -19.45
C THR D 291 18.67 7.78 -20.39
N ASP D 292 17.36 7.76 -20.55
CA ASP D 292 16.74 8.75 -21.38
C ASP D 292 17.04 10.14 -20.81
N MET D 293 17.01 10.22 -19.49
CA MET D 293 17.27 11.42 -18.82
C MET D 293 18.74 11.76 -18.91
N GLY D 294 19.57 10.73 -18.73
CA GLY D 294 21.00 10.89 -18.72
C GLY D 294 21.57 11.49 -19.99
N THR D 295 21.25 10.86 -21.13
CA THR D 295 21.77 11.36 -22.39
C THR D 295 21.32 12.77 -22.67
N MET D 296 20.26 13.23 -22.00
CA MET D 296 19.82 14.60 -22.22
C MET D 296 20.46 15.58 -21.23
N GLN D 297 20.21 15.35 -19.98
CA GLN D 297 20.74 16.19 -18.95
C GLN D 297 22.24 16.36 -19.09
N GLU D 298 22.92 15.36 -19.66
CA GLU D 298 24.37 15.48 -19.78
C GLU D 298 24.82 16.54 -20.77
N ARG D 299 23.92 17.02 -21.64
CA ARG D 299 24.25 18.07 -22.62
C ARG D 299 24.05 19.42 -22.02
N ILE D 300 23.03 19.46 -21.19
CA ILE D 300 22.74 20.67 -20.51
C ILE D 300 23.89 20.85 -19.53
N THR D 301 24.98 21.47 -20.01
CA THR D 301 26.11 21.67 -19.12
C THR D 301 27.11 22.75 -19.54
N THR D 302 27.81 23.29 -18.54
CA THR D 302 28.85 24.24 -18.79
C THR D 302 30.08 23.47 -19.22
N THR D 303 30.85 23.99 -20.17
CA THR D 303 32.08 23.35 -20.64
C THR D 303 33.18 24.38 -20.60
N LYS D 304 34.31 24.08 -21.21
CA LYS D 304 35.40 25.04 -21.19
C LYS D 304 35.16 26.06 -22.27
N LYS D 305 34.45 25.65 -23.33
CA LYS D 305 34.14 26.58 -24.41
C LYS D 305 33.27 27.73 -23.98
N GLY D 306 32.14 27.37 -23.33
CA GLY D 306 31.18 28.36 -22.87
C GLY D 306 30.57 27.96 -21.53
N SER D 307 29.63 28.76 -21.03
CA SER D 307 29.02 28.51 -19.75
C SER D 307 27.51 28.54 -19.86
N ILE D 308 26.84 27.55 -19.25
CA ILE D 308 25.41 27.59 -19.27
C ILE D 308 24.95 27.71 -17.84
N THR D 309 23.87 28.40 -17.62
CA THR D 309 23.29 28.54 -16.32
C THR D 309 21.84 28.21 -16.57
N SER D 310 21.55 26.93 -16.40
CA SER D 310 20.25 26.33 -16.59
C SER D 310 19.43 26.38 -15.34
N VAL D 311 18.17 26.78 -15.46
CA VAL D 311 17.23 26.81 -14.35
C VAL D 311 16.12 25.95 -14.87
N GLN D 312 15.93 24.77 -14.30
CA GLN D 312 14.91 23.88 -14.80
C GLN D 312 13.83 23.68 -13.81
N ALA D 313 12.61 23.80 -14.23
CA ALA D 313 11.54 23.55 -13.29
C ALA D 313 11.25 22.07 -13.34
N ILE D 314 11.05 21.43 -12.13
CA ILE D 314 10.82 20.00 -12.06
C ILE D 314 9.54 19.69 -11.29
N TYR D 315 8.56 19.14 -12.02
CA TYR D 315 7.27 18.72 -11.48
C TYR D 315 7.41 17.47 -10.61
N VAL D 316 6.65 17.40 -9.53
CA VAL D 316 6.67 16.29 -8.58
C VAL D 316 5.27 15.73 -8.43
N PRO D 317 5.01 14.69 -9.22
CA PRO D 317 3.75 14.01 -9.27
C PRO D 317 3.28 13.62 -7.88
N ALA D 318 2.04 13.91 -7.58
CA ALA D 318 1.44 13.60 -6.30
C ALA D 318 2.17 14.17 -5.12
N ASP D 319 3.01 15.14 -5.34
CA ASP D 319 3.76 15.72 -4.25
C ASP D 319 4.78 14.78 -3.69
N ASP D 320 4.97 13.65 -4.35
CA ASP D 320 5.94 12.68 -3.87
C ASP D 320 7.35 12.82 -4.41
N LEU D 321 8.24 13.48 -3.64
CA LEU D 321 9.58 13.62 -4.12
C LEU D 321 10.26 12.31 -4.49
N THR D 322 9.70 11.18 -4.09
CA THR D 322 10.39 9.92 -4.39
C THR D 322 10.03 9.37 -5.73
N ASP D 323 9.04 9.98 -6.37
CA ASP D 323 8.63 9.53 -7.68
C ASP D 323 9.86 9.34 -8.58
N PRO D 324 9.93 8.24 -9.27
CA PRO D 324 11.07 7.93 -10.08
C PRO D 324 11.59 9.09 -10.88
N ALA D 325 10.72 10.05 -11.26
CA ALA D 325 11.23 11.18 -12.07
C ALA D 325 11.95 12.27 -11.32
N PRO D 326 11.27 12.92 -10.42
CA PRO D 326 11.90 13.96 -9.67
C PRO D 326 13.12 13.37 -9.00
N ALA D 327 12.91 12.20 -8.45
CA ALA D 327 13.95 11.43 -7.79
C ALA D 327 15.16 11.22 -8.67
N THR D 328 14.93 10.76 -9.87
CA THR D 328 16.04 10.57 -10.76
C THR D 328 16.76 11.88 -11.15
N THR D 329 16.12 13.04 -11.09
CA THR D 329 16.73 14.29 -11.51
C THR D 329 17.67 14.98 -10.52
N PHE D 330 17.48 14.78 -9.21
CA PHE D 330 18.30 15.42 -8.24
C PHE D 330 19.78 15.35 -8.52
N ALA D 331 20.29 14.19 -8.92
CA ALA D 331 21.71 14.00 -9.22
C ALA D 331 22.25 14.90 -10.32
N HIS D 332 21.37 15.42 -11.21
CA HIS D 332 21.82 16.27 -12.30
C HIS D 332 22.06 17.73 -11.92
N LEU D 333 21.79 18.10 -10.68
CA LEU D 333 21.85 19.46 -10.26
C LEU D 333 23.01 19.85 -9.36
N ASP D 334 23.37 21.14 -9.39
CA ASP D 334 24.37 21.68 -8.51
C ASP D 334 23.71 22.45 -7.41
N ALA D 335 22.45 22.82 -7.63
CA ALA D 335 21.73 23.54 -6.61
C ALA D 335 20.29 23.22 -6.72
N THR D 336 19.59 23.03 -5.56
CA THR D 336 18.21 22.62 -5.62
C THR D 336 17.32 23.44 -4.70
N THR D 337 16.22 23.93 -5.23
CA THR D 337 15.26 24.68 -4.45
C THR D 337 14.01 23.81 -4.30
N VAL D 338 13.75 23.25 -3.12
CA VAL D 338 12.61 22.38 -3.06
C VAL D 338 11.45 23.11 -2.50
N LEU D 339 10.35 23.16 -3.26
CA LEU D 339 9.16 23.87 -2.83
C LEU D 339 8.19 22.90 -2.18
N SER D 340 7.32 23.33 -1.25
CA SER D 340 6.37 22.42 -0.58
C SER D 340 4.96 22.99 -0.40
N ARG D 341 3.96 22.22 -0.81
CA ARG D 341 2.59 22.66 -0.65
C ARG D 341 2.24 22.92 0.80
N ALA D 342 2.96 22.25 1.70
CA ALA D 342 2.70 22.43 3.14
C ALA D 342 3.10 23.83 3.57
N ILE D 343 4.14 24.33 2.91
CA ILE D 343 4.60 25.66 3.22
C ILE D 343 3.68 26.65 2.54
N ALA D 344 3.50 26.47 1.25
CA ALA D 344 2.60 27.32 0.53
C ALA D 344 1.22 27.38 1.17
N GLU D 345 0.78 26.25 1.64
CA GLU D 345 -0.51 26.17 2.25
C GLU D 345 -0.67 27.17 3.39
N LEU D 346 0.42 27.58 4.01
CA LEU D 346 0.38 28.53 5.11
C LEU D 346 0.45 29.96 4.65
N GLY D 347 0.65 30.17 3.38
CA GLY D 347 0.75 31.51 2.87
C GLY D 347 2.20 31.98 2.81
N ILE D 348 3.13 31.06 2.89
CA ILE D 348 4.51 31.47 2.85
C ILE D 348 5.09 31.29 1.48
N TYR D 349 5.20 32.41 0.78
CA TYR D 349 5.74 32.45 -0.54
C TYR D 349 7.07 33.20 -0.60
N PRO D 350 8.12 32.77 -1.34
CA PRO D 350 8.16 31.49 -2.07
C PRO D 350 8.20 30.29 -1.10
N ALA D 351 7.39 29.29 -1.42
CA ALA D 351 7.24 28.17 -0.52
C ALA D 351 8.45 27.20 -0.50
N VAL D 352 9.69 27.70 -0.40
CA VAL D 352 10.86 26.81 -0.35
C VAL D 352 10.92 26.09 0.98
N ASP D 353 11.38 24.85 0.95
CA ASP D 353 11.54 24.05 2.16
C ASP D 353 12.97 24.25 2.60
N PRO D 354 13.20 24.96 3.69
CA PRO D 354 14.52 25.31 4.24
C PRO D 354 15.38 24.13 4.65
N LEU D 355 14.74 22.99 4.86
CA LEU D 355 15.44 21.81 5.27
C LEU D 355 15.49 20.78 4.16
N ASP D 356 15.16 21.16 2.95
CA ASP D 356 15.20 20.18 1.88
C ASP D 356 15.82 20.77 0.63
N SER D 357 16.37 21.96 0.79
CA SER D 357 16.93 22.69 -0.33
C SER D 357 18.37 22.76 -0.19
N THR D 358 19.12 22.49 -1.26
CA THR D 358 20.58 22.45 -1.07
C THR D 358 21.30 23.05 -2.24
N SER D 359 22.57 23.39 -2.02
CA SER D 359 23.43 23.98 -3.00
C SER D 359 24.80 23.43 -2.82
N ARG D 360 25.48 23.19 -3.91
CA ARG D 360 26.79 22.63 -3.80
C ARG D 360 27.81 23.60 -3.28
N ILE D 361 27.49 24.88 -3.31
CA ILE D 361 28.43 25.86 -2.82
C ILE D 361 28.24 26.20 -1.38
N MET D 362 27.29 25.54 -0.71
CA MET D 362 27.09 25.84 0.71
C MET D 362 28.25 25.25 1.44
N ASP D 363 29.35 25.93 1.26
CA ASP D 363 30.62 25.57 1.81
C ASP D 363 31.30 26.80 2.40
N PRO D 364 31.80 26.68 3.64
CA PRO D 364 32.49 27.77 4.31
C PRO D 364 33.66 28.23 3.45
N ASN D 365 34.33 27.29 2.84
CA ASN D 365 35.42 27.62 1.98
C ASN D 365 34.98 28.38 0.79
N ILE D 366 33.68 28.42 0.51
CA ILE D 366 33.20 29.11 -0.69
C ILE D 366 32.40 30.39 -0.44
N VAL D 367 31.45 30.35 0.52
CA VAL D 367 30.62 31.51 0.85
C VAL D 367 31.08 32.22 2.12
N GLY D 368 31.89 31.52 2.91
CA GLY D 368 32.37 32.04 4.16
C GLY D 368 31.52 31.50 5.33
N SER D 369 32.11 31.55 6.51
CA SER D 369 31.51 31.06 7.73
C SER D 369 30.39 31.90 8.25
N GLU D 370 30.40 33.22 7.97
CA GLU D 370 29.29 34.02 8.50
C GLU D 370 28.06 33.58 7.75
N HIS D 371 28.27 33.40 6.46
CA HIS D 371 27.20 32.93 5.63
C HIS D 371 26.76 31.58 6.21
N TYR D 372 27.75 30.72 6.23
CA TYR D 372 27.57 29.37 6.62
C TYR D 372 26.93 29.21 8.00
N ASP D 373 27.51 29.82 8.99
CA ASP D 373 27.07 29.60 10.34
C ASP D 373 25.64 30.04 10.53
N VAL D 374 25.29 31.02 9.74
CA VAL D 374 23.95 31.58 9.80
C VAL D 374 22.94 30.58 9.23
N ALA D 375 23.28 30.13 8.03
CA ALA D 375 22.46 29.20 7.32
C ALA D 375 22.15 28.02 8.20
N ARG D 376 23.25 27.38 8.57
CA ARG D 376 23.18 26.22 9.42
C ARG D 376 22.45 26.54 10.70
N GLY D 377 22.63 27.77 11.18
CA GLY D 377 21.97 28.17 12.40
C GLY D 377 20.47 28.18 12.21
N VAL D 378 20.09 28.72 11.05
CA VAL D 378 18.71 28.84 10.67
C VAL D 378 18.02 27.50 10.50
N GLN D 379 18.79 26.59 9.95
CA GLN D 379 18.31 25.27 9.72
C GLN D 379 18.19 24.47 11.01
N LYS D 380 19.12 24.63 11.93
CA LYS D 380 19.01 23.88 13.18
C LYS D 380 17.71 24.17 13.90
N ILE D 381 17.46 25.45 14.09
CA ILE D 381 16.27 25.88 14.79
C ILE D 381 14.95 25.45 14.17
N LEU D 382 14.92 25.43 12.84
CA LEU D 382 13.73 25.05 12.12
C LEU D 382 13.50 23.56 12.32
N GLN D 383 14.62 22.82 12.34
CA GLN D 383 14.58 21.38 12.56
C GLN D 383 14.17 21.14 13.99
N ASP D 384 14.86 21.84 14.88
CA ASP D 384 14.56 21.75 16.29
C ASP D 384 13.06 21.96 16.52
N TYR D 385 12.48 22.92 15.84
CA TYR D 385 11.07 23.22 15.94
C TYR D 385 10.21 22.18 15.26
N LYS D 386 10.65 21.63 14.14
CA LYS D 386 9.85 20.64 13.44
C LYS D 386 9.53 19.51 14.40
N SER D 387 10.60 18.99 14.99
CA SER D 387 10.56 17.91 15.98
C SER D 387 9.54 18.18 17.09
N LEU D 388 9.56 19.39 17.61
CA LEU D 388 8.61 19.70 18.66
C LEU D 388 7.17 19.91 18.20
N GLN D 389 6.95 20.43 17.00
CA GLN D 389 5.61 20.73 16.49
C GLN D 389 4.51 19.75 16.88
N ASP D 390 4.69 18.50 16.45
CA ASP D 390 3.75 17.43 16.67
C ASP D 390 3.53 17.10 18.14
N ILE D 391 4.50 17.41 18.96
CA ILE D 391 4.40 17.10 20.36
C ILE D 391 3.73 18.15 21.19
N ILE D 392 4.12 19.41 21.08
CA ILE D 392 3.42 20.37 21.91
C ILE D 392 1.98 20.50 21.43
N ALA D 393 1.76 19.91 20.26
CA ALA D 393 0.44 19.91 19.64
C ALA D 393 -0.58 19.31 20.59
N ILE D 394 -0.26 18.13 21.07
CA ILE D 394 -1.07 17.34 21.98
C ILE D 394 -0.78 17.67 23.44
N LEU D 395 0.48 17.45 23.82
CA LEU D 395 0.94 17.69 25.17
C LEU D 395 0.95 19.17 25.53
N GLY D 396 0.62 20.05 24.59
CA GLY D 396 0.60 21.48 24.90
C GLY D 396 1.99 22.07 25.18
N MET D 397 2.01 23.35 25.61
CA MET D 397 3.23 24.12 25.83
C MET D 397 3.81 24.35 27.23
N ASP D 398 3.01 24.22 28.24
CA ASP D 398 3.48 24.50 29.57
C ASP D 398 4.80 23.80 30.04
N GLU D 399 4.81 22.48 29.91
CA GLU D 399 5.94 21.66 30.29
C GLU D 399 7.24 21.98 29.57
N LEU D 400 7.18 22.86 28.55
CA LEU D 400 8.38 23.21 27.80
C LEU D 400 9.29 24.19 28.53
N SER D 401 10.55 23.93 28.47
CA SER D 401 11.54 24.75 29.12
C SER D 401 11.64 26.09 28.43
N GLU D 402 11.80 27.19 29.18
CA GLU D 402 11.98 28.51 28.57
C GLU D 402 12.97 28.50 27.45
N GLU D 403 13.94 27.62 27.66
CA GLU D 403 15.02 27.42 26.71
C GLU D 403 14.48 26.94 25.38
N ASP D 404 13.59 25.98 25.50
CA ASP D 404 12.94 25.35 24.41
C ASP D 404 11.74 26.13 23.86
N LYS D 405 11.19 27.10 24.61
CA LYS D 405 10.04 27.85 24.15
C LYS D 405 10.38 29.18 23.50
N LEU D 406 11.68 29.39 23.43
CA LEU D 406 12.24 30.57 22.82
C LEU D 406 12.59 30.17 21.39
N THR D 407 12.92 28.90 21.21
CA THR D 407 13.21 28.42 19.88
C THR D 407 11.88 28.24 19.16
N VAL D 408 10.81 28.01 19.92
CA VAL D 408 9.52 27.90 19.28
C VAL D 408 9.24 29.29 18.73
N SER D 409 9.55 30.27 19.56
CA SER D 409 9.41 31.66 19.22
C SER D 409 10.20 31.99 17.98
N ARG D 410 11.51 32.08 18.14
CA ARG D 410 12.43 32.42 17.07
C ARG D 410 12.20 31.67 15.77
N ALA D 411 11.85 30.38 15.90
CA ALA D 411 11.57 29.53 14.74
C ALA D 411 10.39 30.07 13.97
N ARG D 412 9.23 30.23 14.63
CA ARG D 412 8.04 30.77 13.99
C ARG D 412 8.31 32.11 13.32
N LYS D 413 9.21 32.89 13.90
CA LYS D 413 9.56 34.19 13.36
C LYS D 413 10.39 34.04 12.11
N ILE D 414 11.38 33.17 12.15
CA ILE D 414 12.22 32.89 10.99
C ILE D 414 11.40 32.38 9.76
N GLN D 415 10.48 31.47 10.06
CA GLN D 415 9.57 30.84 9.13
C GLN D 415 8.92 31.92 8.34
N ARG D 416 8.74 33.02 8.98
CA ARG D 416 8.13 34.19 8.36
C ARG D 416 9.14 35.04 7.60
N PHE D 417 10.22 35.35 8.28
CA PHE D 417 11.24 36.17 7.68
C PHE D 417 11.73 35.53 6.41
N LEU D 418 11.41 34.25 6.24
CA LEU D 418 11.84 33.60 5.03
C LEU D 418 10.91 33.91 3.88
N SER D 419 9.68 34.28 4.20
CA SER D 419 8.81 34.62 3.11
C SER D 419 9.28 35.92 2.52
N GLN D 420 8.81 36.21 1.33
CA GLN D 420 9.16 37.42 0.65
C GLN D 420 8.19 37.70 -0.48
N PRO D 421 7.75 38.93 -0.62
CA PRO D 421 6.89 39.37 -1.71
C PRO D 421 7.64 39.48 -2.96
N PHE D 422 7.27 38.66 -3.93
CA PHE D 422 7.94 38.70 -5.21
C PHE D 422 7.37 39.81 -6.10
N GLN D 423 8.18 40.31 -7.01
CA GLN D 423 7.77 41.38 -7.92
C GLN D 423 6.86 40.93 -9.06
N VAL D 424 6.75 39.64 -9.22
CA VAL D 424 6.01 38.96 -10.25
C VAL D 424 4.72 38.35 -9.74
N ALA D 425 4.46 38.58 -8.46
CA ALA D 425 3.32 38.05 -7.76
C ALA D 425 2.53 39.10 -7.02
N GLU D 426 2.58 40.34 -7.50
CA GLU D 426 1.80 41.33 -6.80
C GLU D 426 0.37 40.98 -7.04
N VAL D 427 0.07 40.46 -8.22
CA VAL D 427 -1.30 40.10 -8.50
C VAL D 427 -1.73 39.07 -7.51
N PHE D 428 -0.76 38.41 -6.88
CA PHE D 428 -1.12 37.36 -5.94
C PHE D 428 -1.14 37.79 -4.48
N THR D 429 -0.05 38.45 -4.05
CA THR D 429 0.13 38.85 -2.68
C THR D 429 -0.51 40.15 -2.29
N GLY D 430 -0.72 41.05 -3.27
CA GLY D 430 -1.23 42.36 -2.93
C GLY D 430 -0.14 43.15 -2.19
N HIS D 431 1.13 42.88 -2.53
CA HIS D 431 2.27 43.53 -1.90
C HIS D 431 3.32 43.87 -2.93
N LEU D 432 4.00 44.98 -2.75
CA LEU D 432 5.04 45.37 -3.66
C LEU D 432 6.22 44.43 -3.53
N GLY D 433 6.76 43.98 -4.67
CA GLY D 433 7.87 43.03 -4.64
C GLY D 433 9.14 43.63 -4.12
N LYS D 434 9.79 42.89 -3.23
CA LYS D 434 11.03 43.36 -2.64
C LYS D 434 12.16 42.45 -3.08
N LEU D 435 13.33 43.00 -3.37
CA LEU D 435 14.52 42.24 -3.67
C LEU D 435 15.45 42.56 -2.50
N VAL D 436 16.06 41.52 -1.89
CA VAL D 436 17.03 41.73 -0.79
C VAL D 436 18.43 41.29 -1.15
N PRO D 437 19.40 42.14 -0.81
CA PRO D 437 20.82 41.88 -1.04
C PRO D 437 21.37 40.85 -0.02
N LEU D 438 22.35 40.06 -0.47
CA LEU D 438 22.92 39.03 0.33
C LEU D 438 23.22 39.38 1.80
N LYS D 439 23.82 40.53 2.04
CA LYS D 439 24.15 40.88 3.41
C LYS D 439 22.95 41.30 4.22
N GLU D 440 21.97 41.81 3.54
CA GLU D 440 20.80 42.23 4.29
C GLU D 440 20.13 40.98 4.81
N THR D 441 20.27 39.92 4.01
CA THR D 441 19.71 38.64 4.36
C THR D 441 20.44 38.05 5.56
N ILE D 442 21.73 37.78 5.37
CA ILE D 442 22.58 37.20 6.41
C ILE D 442 22.41 37.89 7.76
N LYS D 443 22.52 39.21 7.73
CA LYS D 443 22.38 40.03 8.90
C LYS D 443 21.03 39.87 9.57
N GLY D 444 19.98 40.02 8.79
CA GLY D 444 18.64 39.92 9.31
C GLY D 444 18.41 38.64 10.09
N PHE D 445 18.85 37.55 9.50
CA PHE D 445 18.68 36.29 10.19
C PHE D 445 19.57 36.24 11.40
N GLN D 446 20.84 36.65 11.20
CA GLN D 446 21.85 36.70 12.24
C GLN D 446 21.28 37.32 13.51
N GLN D 447 20.53 38.38 13.30
CA GLN D 447 19.92 39.10 14.36
C GLN D 447 18.81 38.33 14.99
N ILE D 448 17.93 37.76 14.18
CA ILE D 448 16.82 37.02 14.75
C ILE D 448 17.34 35.93 15.65
N LEU D 449 18.36 35.27 15.13
CA LEU D 449 19.04 34.18 15.79
C LEU D 449 19.70 34.59 17.09
N ALA D 450 20.07 35.87 17.09
CA ALA D 450 20.73 36.48 18.21
C ALA D 450 19.79 36.91 19.34
N GLY D 451 18.50 36.78 19.17
CA GLY D 451 17.59 37.20 20.23
C GLY D 451 17.27 38.69 20.15
N GLU D 452 17.87 39.39 19.18
CA GLU D 452 17.71 40.83 18.98
C GLU D 452 16.36 41.32 18.56
N TYR D 453 15.25 40.49 18.56
CA TYR D 453 13.90 40.90 18.09
C TYR D 453 12.81 40.11 18.75
N ASP D 454 13.17 39.44 19.82
CA ASP D 454 12.25 38.62 20.58
C ASP D 454 11.08 39.44 21.10
N HIS D 455 11.15 40.76 20.90
CA HIS D 455 10.08 41.62 21.32
C HIS D 455 9.04 41.81 20.23
N LEU D 456 9.49 42.06 18.98
CA LEU D 456 8.54 42.22 17.88
C LEU D 456 7.66 40.96 17.71
N PRO D 457 6.48 41.14 17.16
CA PRO D 457 5.56 40.05 16.92
C PRO D 457 5.91 39.30 15.62
N GLU D 458 5.53 38.00 15.57
CA GLU D 458 5.83 37.17 14.40
C GLU D 458 5.36 37.85 13.17
N GLN D 459 4.04 38.16 13.19
CA GLN D 459 3.39 38.81 12.06
C GLN D 459 4.22 39.94 11.45
N ALA D 460 4.97 40.64 12.26
CA ALA D 460 5.80 41.71 11.76
C ALA D 460 6.82 41.16 10.77
N PHE D 461 7.13 39.85 10.94
CA PHE D 461 8.12 39.10 10.12
C PHE D 461 7.59 38.48 8.84
N TYR D 462 6.27 38.47 8.68
CA TYR D 462 5.61 37.91 7.52
C TYR D 462 5.51 38.88 6.32
N MET D 463 5.85 38.38 5.11
CA MET D 463 5.82 39.09 3.85
C MET D 463 6.42 40.44 3.84
N VAL D 464 7.72 40.49 4.04
CA VAL D 464 8.45 41.74 4.08
C VAL D 464 9.77 41.49 3.41
N GLY D 465 10.48 42.54 3.06
CA GLY D 465 11.77 42.35 2.46
C GLY D 465 12.81 42.32 3.56
N PRO D 466 13.60 43.37 3.63
CA PRO D 466 14.67 43.52 4.60
C PRO D 466 14.15 43.67 6.03
N ILE D 467 14.99 43.22 6.95
CA ILE D 467 14.68 43.20 8.35
C ILE D 467 14.06 44.48 8.85
N GLU D 468 14.43 45.61 8.25
CA GLU D 468 13.87 46.87 8.70
C GLU D 468 12.37 46.99 8.52
N GLU D 469 11.89 46.35 7.46
CA GLU D 469 10.48 46.41 7.20
C GLU D 469 9.70 45.63 8.26
N ALA D 470 10.39 44.64 8.85
CA ALA D 470 9.82 43.83 9.92
C ALA D 470 9.66 44.67 11.19
N VAL D 471 10.67 45.54 11.41
CA VAL D 471 10.65 46.46 12.53
C VAL D 471 9.60 47.53 12.25
N ALA D 472 9.61 48.09 11.03
CA ALA D 472 8.62 49.09 10.72
C ALA D 472 7.23 48.53 10.90
N LYS D 473 6.98 47.40 10.26
CA LYS D 473 5.70 46.72 10.35
C LYS D 473 5.26 46.43 11.81
N ALA D 474 6.20 46.23 12.72
CA ALA D 474 5.83 45.97 14.12
C ALA D 474 4.98 47.12 14.63
N ASP D 475 5.54 48.30 14.42
CA ASP D 475 4.92 49.56 14.80
C ASP D 475 3.56 49.69 14.17
N LYS D 476 3.50 49.63 12.83
CA LYS D 476 2.21 49.73 12.16
C LYS D 476 1.21 48.79 12.83
N LEU D 477 1.72 47.60 13.20
CA LEU D 477 0.89 46.62 13.86
C LEU D 477 0.63 47.01 15.25
N ALA D 478 1.54 47.81 15.84
CA ALA D 478 1.35 48.28 17.21
C ALA D 478 -0.02 48.94 17.46
N GLU D 479 -0.92 48.90 16.44
CA GLU D 479 -2.30 49.37 16.24
C GLU D 479 -2.35 50.45 15.22
N THR E 13 20.22 -40.54 -21.63
CA THR E 13 19.82 -39.51 -22.59
C THR E 13 20.79 -38.34 -22.70
N THR E 14 21.04 -37.95 -23.94
CA THR E 14 21.92 -36.82 -24.23
C THR E 14 21.16 -35.67 -24.90
N GLY E 15 20.94 -34.55 -24.19
CA GLY E 15 20.21 -33.44 -24.78
C GLY E 15 21.13 -32.32 -25.21
N ARG E 16 20.58 -31.39 -25.96
CA ARG E 16 21.32 -30.21 -26.38
C ARG E 16 20.72 -29.00 -25.63
N ILE E 17 21.45 -27.88 -25.63
CA ILE E 17 20.96 -26.66 -25.01
C ILE E 17 20.25 -25.86 -26.09
N VAL E 18 18.98 -25.48 -25.87
CA VAL E 18 18.32 -24.72 -26.91
C VAL E 18 18.32 -23.25 -26.62
N ALA E 19 18.30 -22.93 -25.32
CA ALA E 19 18.31 -21.54 -24.92
C ALA E 19 18.88 -21.33 -23.53
N VAL E 20 19.52 -20.16 -23.32
CA VAL E 20 20.12 -19.79 -22.07
C VAL E 20 19.78 -18.36 -21.82
N ILE E 21 19.01 -18.12 -20.76
CA ILE E 21 18.60 -16.79 -20.41
C ILE E 21 18.89 -16.58 -18.95
N GLY E 22 20.07 -16.07 -18.68
CA GLY E 22 20.39 -15.86 -17.29
C GLY E 22 20.55 -17.21 -16.68
N ALA E 23 19.95 -17.45 -15.52
CA ALA E 23 20.16 -18.74 -14.90
C ALA E 23 19.11 -19.72 -15.22
N VAL E 24 18.64 -19.68 -16.44
CA VAL E 24 17.59 -20.57 -16.83
C VAL E 24 17.86 -21.15 -18.18
N VAL E 25 18.16 -22.43 -18.17
CA VAL E 25 18.53 -23.12 -19.39
C VAL E 25 17.46 -24.05 -19.95
N ASP E 26 17.25 -23.95 -21.25
CA ASP E 26 16.29 -24.82 -21.86
C ASP E 26 17.03 -25.84 -22.64
N VAL E 27 16.69 -27.12 -22.43
CA VAL E 27 17.40 -28.23 -23.08
C VAL E 27 16.46 -29.15 -23.85
N GLN E 28 16.89 -29.53 -25.07
CA GLN E 28 16.11 -30.39 -25.94
C GLN E 28 16.63 -31.82 -26.12
N PHE E 29 15.77 -32.77 -25.82
CA PHE E 29 16.05 -34.18 -25.98
C PHE E 29 15.38 -34.77 -27.21
N ASP E 30 16.07 -35.67 -27.93
CA ASP E 30 15.54 -36.29 -29.13
C ASP E 30 14.58 -37.44 -28.77
N GLU E 31 15.07 -38.43 -28.03
CA GLU E 31 14.24 -39.52 -27.51
C GLU E 31 14.46 -39.51 -26.03
N GLY E 32 13.33 -39.65 -25.36
CA GLY E 32 13.23 -39.70 -23.90
C GLY E 32 13.65 -38.44 -23.17
N LEU E 33 12.62 -37.80 -22.56
CA LEU E 33 12.67 -36.55 -21.79
C LEU E 33 12.78 -36.69 -20.25
N PRO E 34 13.80 -36.13 -19.61
CA PRO E 34 13.93 -36.22 -18.17
C PRO E 34 12.75 -35.65 -17.44
N PRO E 35 12.17 -36.42 -16.52
CA PRO E 35 11.04 -35.96 -15.75
C PRO E 35 11.42 -34.70 -14.99
N ILE E 36 10.44 -34.04 -14.36
CA ILE E 36 10.69 -32.83 -13.58
C ILE E 36 11.48 -33.19 -12.31
N LEU E 37 12.48 -32.42 -11.97
CA LEU E 37 13.29 -32.62 -10.77
C LEU E 37 14.60 -33.34 -10.99
N ASN E 38 14.70 -33.95 -12.15
CA ASN E 38 15.93 -34.60 -12.47
C ASN E 38 17.06 -33.60 -12.55
N ALA E 39 18.26 -34.08 -12.36
CA ALA E 39 19.46 -33.25 -12.44
C ALA E 39 20.18 -33.59 -13.70
N LEU E 40 20.45 -32.57 -14.50
CA LEU E 40 21.14 -32.81 -15.75
C LEU E 40 22.54 -32.25 -15.58
N GLU E 41 23.53 -32.87 -16.21
CA GLU E 41 24.93 -32.44 -16.14
C GLU E 41 25.32 -31.77 -17.43
N VAL E 42 25.93 -30.63 -17.34
CA VAL E 42 26.28 -29.98 -18.57
C VAL E 42 27.63 -30.52 -18.99
N GLN E 43 27.77 -30.85 -20.27
CA GLN E 43 28.99 -31.42 -20.79
C GLN E 43 30.08 -30.48 -21.25
N GLY E 44 31.31 -30.68 -20.79
CA GLY E 44 32.45 -29.87 -21.18
C GLY E 44 32.63 -28.55 -20.45
N ARG E 45 32.63 -28.56 -19.11
CA ARG E 45 32.80 -27.34 -18.34
C ARG E 45 33.81 -27.53 -17.23
N GLU E 46 34.78 -26.59 -17.14
CA GLU E 46 35.81 -26.60 -16.12
C GLU E 46 35.29 -27.21 -14.84
N THR E 47 34.07 -26.79 -14.46
CA THR E 47 33.43 -27.31 -13.25
C THR E 47 32.06 -27.87 -13.52
N ARG E 48 31.55 -28.53 -12.49
CA ARG E 48 30.24 -29.16 -12.55
C ARG E 48 29.06 -28.17 -12.58
N LEU E 49 28.26 -28.30 -13.64
CA LEU E 49 27.09 -27.49 -13.83
C LEU E 49 25.86 -28.38 -13.78
N VAL E 50 25.12 -28.34 -12.69
CA VAL E 50 23.93 -29.14 -12.62
C VAL E 50 22.72 -28.24 -12.88
N LEU E 51 21.86 -28.67 -13.81
CA LEU E 51 20.64 -27.95 -14.19
C LEU E 51 19.47 -28.74 -13.64
N GLU E 52 18.69 -28.24 -12.71
CA GLU E 52 17.59 -29.07 -12.25
C GLU E 52 16.43 -28.91 -13.20
N VAL E 53 15.62 -29.96 -13.45
CA VAL E 53 14.47 -29.82 -14.36
C VAL E 53 13.25 -29.20 -13.69
N ALA E 54 12.51 -28.35 -14.40
CA ALA E 54 11.39 -27.69 -13.77
C ALA E 54 10.15 -27.86 -14.50
N GLN E 55 10.19 -27.91 -15.85
CA GLN E 55 8.97 -27.98 -16.67
C GLN E 55 9.18 -28.68 -17.99
N HIS E 56 8.10 -29.20 -18.53
CA HIS E 56 8.13 -29.87 -19.83
C HIS E 56 7.37 -29.03 -20.84
N LEU E 57 8.11 -28.10 -21.41
CA LEU E 57 7.55 -27.15 -22.35
C LEU E 57 6.89 -27.84 -23.53
N GLY E 58 7.02 -29.13 -23.68
CA GLY E 58 6.40 -29.71 -24.87
C GLY E 58 7.38 -29.55 -26.03
N GLU E 59 7.34 -30.48 -26.94
CA GLU E 59 8.23 -30.49 -28.06
C GLU E 59 9.61 -31.01 -27.69
N SER E 60 9.63 -31.98 -26.77
CA SER E 60 10.91 -32.53 -26.38
C SER E 60 11.81 -31.49 -25.74
N THR E 61 11.25 -30.44 -25.09
CA THR E 61 12.18 -29.53 -24.48
C THR E 61 11.85 -29.36 -23.03
N VAL E 62 12.88 -29.32 -22.16
CA VAL E 62 12.69 -29.08 -20.76
C VAL E 62 13.22 -27.71 -20.38
N ARG E 63 12.62 -27.11 -19.36
CA ARG E 63 13.09 -25.85 -18.87
C ARG E 63 13.70 -26.11 -17.51
N THR E 64 15.00 -25.85 -17.39
CA THR E 64 15.72 -26.08 -16.14
C THR E 64 16.30 -24.83 -15.52
N ILE E 65 16.66 -24.91 -14.24
CA ILE E 65 17.27 -23.82 -13.55
C ILE E 65 18.67 -24.22 -13.18
N ALA E 66 19.67 -23.45 -13.60
CA ALA E 66 21.08 -23.72 -13.32
C ALA E 66 21.45 -23.64 -11.82
N MET E 67 22.41 -24.45 -11.33
CA MET E 67 22.77 -24.35 -9.91
C MET E 67 24.02 -23.54 -9.72
N ASP E 68 24.53 -23.02 -10.84
CA ASP E 68 25.74 -22.21 -10.91
C ASP E 68 25.86 -21.39 -12.20
N GLY E 69 26.77 -20.42 -12.32
CA GLY E 69 26.87 -19.58 -13.49
C GLY E 69 26.72 -20.26 -14.86
N THR E 70 25.80 -19.78 -15.68
CA THR E 70 25.60 -20.28 -17.03
C THR E 70 26.53 -19.54 -18.00
N GLU E 71 27.45 -18.85 -17.35
CA GLU E 71 28.47 -17.99 -17.89
C GLU E 71 28.96 -18.28 -19.29
N GLY E 72 29.34 -19.50 -19.67
CA GLY E 72 29.83 -19.61 -21.03
C GLY E 72 29.10 -20.58 -21.93
N LEU E 73 27.88 -20.96 -21.52
CA LEU E 73 27.09 -21.92 -22.27
C LEU E 73 26.85 -21.56 -23.71
N VAL E 74 26.69 -22.58 -24.52
CA VAL E 74 26.54 -22.41 -25.94
C VAL E 74 25.36 -23.21 -26.47
N ARG E 75 24.55 -22.55 -27.32
CA ARG E 75 23.41 -23.26 -27.89
C ARG E 75 23.98 -24.45 -28.62
N GLY E 76 23.51 -25.63 -28.29
CA GLY E 76 24.04 -26.85 -28.91
C GLY E 76 24.86 -27.65 -27.88
N GLN E 77 25.40 -26.99 -26.82
CA GLN E 77 26.18 -27.66 -25.79
C GLN E 77 25.50 -28.96 -25.37
N LYS E 78 26.26 -30.00 -24.97
CA LYS E 78 25.67 -31.30 -24.60
C LYS E 78 25.24 -31.38 -23.15
N VAL E 79 24.09 -32.00 -22.93
CA VAL E 79 23.57 -32.17 -21.58
C VAL E 79 23.20 -33.60 -21.38
N LEU E 80 23.73 -34.14 -20.32
CA LEU E 80 23.46 -35.52 -20.00
C LEU E 80 22.51 -35.69 -18.84
N ASP E 81 21.35 -36.32 -19.11
CA ASP E 81 20.37 -36.57 -18.05
C ASP E 81 20.90 -37.55 -17.05
N SER E 82 21.12 -37.12 -15.82
CA SER E 82 21.63 -38.07 -14.87
C SER E 82 20.52 -39.03 -14.44
N GLY E 83 19.37 -39.00 -15.13
CA GLY E 83 18.24 -39.88 -14.80
C GLY E 83 17.73 -39.85 -13.34
N ALA E 84 17.95 -38.73 -12.60
CA ALA E 84 17.54 -38.63 -11.21
C ALA E 84 17.84 -37.24 -10.68
N PRO E 85 17.16 -36.87 -9.61
CA PRO E 85 17.36 -35.60 -8.93
C PRO E 85 18.76 -35.55 -8.38
N ILE E 86 19.11 -34.40 -7.84
CA ILE E 86 20.39 -34.22 -7.23
C ILE E 86 20.53 -35.20 -6.09
N ARG E 87 21.60 -35.99 -6.17
CA ARG E 87 21.85 -36.99 -5.12
C ARG E 87 23.13 -36.69 -4.42
N ILE E 88 23.21 -36.89 -3.10
CA ILE E 88 24.40 -36.52 -2.34
C ILE E 88 24.94 -37.63 -1.42
N PRO E 89 26.19 -37.55 -1.10
CA PRO E 89 26.76 -38.49 -0.21
C PRO E 89 26.12 -38.28 1.13
N VAL E 90 25.58 -39.34 1.72
CA VAL E 90 24.94 -39.35 3.03
C VAL E 90 25.63 -40.34 3.93
N GLY E 91 25.48 -40.18 5.22
CA GLY E 91 26.14 -41.10 6.11
C GLY E 91 27.15 -40.42 7.00
N PRO E 92 27.87 -41.21 7.80
CA PRO E 92 28.80 -40.72 8.81
C PRO E 92 29.96 -39.91 8.31
N GLU E 93 30.52 -40.36 7.19
CA GLU E 93 31.65 -39.67 6.60
C GLU E 93 31.38 -38.27 6.09
N THR E 94 30.19 -37.77 6.40
CA THR E 94 29.78 -36.45 6.03
C THR E 94 30.01 -35.55 7.23
N LEU E 95 29.85 -36.16 8.42
CA LEU E 95 30.01 -35.45 9.65
C LEU E 95 31.35 -34.78 9.63
N GLY E 96 31.37 -33.48 9.95
CA GLY E 96 32.60 -32.69 9.96
C GLY E 96 33.08 -32.18 8.60
N ARG E 97 32.44 -32.58 7.54
CA ARG E 97 32.83 -32.11 6.24
C ARG E 97 31.95 -30.94 5.83
N ILE E 98 32.42 -30.16 4.87
CA ILE E 98 31.60 -29.07 4.38
C ILE E 98 31.14 -29.45 2.99
N MET E 99 29.85 -29.26 2.75
CA MET E 99 29.38 -29.64 1.46
C MET E 99 28.45 -28.68 0.73
N ASN E 100 28.62 -28.74 -0.57
CA ASN E 100 27.95 -28.02 -1.62
C ASN E 100 26.48 -28.41 -1.64
N VAL E 101 25.76 -27.92 -2.62
CA VAL E 101 24.31 -28.17 -2.82
C VAL E 101 24.07 -29.53 -3.47
N ILE E 102 25.05 -29.91 -4.28
CA ILE E 102 25.04 -31.15 -5.01
C ILE E 102 26.03 -32.11 -4.40
N GLY E 103 26.13 -31.98 -3.10
CA GLY E 103 26.98 -32.86 -2.38
C GLY E 103 28.45 -32.81 -2.78
N GLU E 104 29.02 -31.64 -2.85
CA GLU E 104 30.42 -31.55 -3.22
C GLU E 104 31.17 -31.03 -1.97
N PRO E 105 32.50 -31.28 -1.96
CA PRO E 105 33.35 -30.84 -0.88
C PRO E 105 33.90 -29.46 -1.13
N ILE E 106 33.70 -28.62 -0.14
CA ILE E 106 34.13 -27.23 -0.26
C ILE E 106 35.04 -26.87 0.87
N ASP E 107 35.67 -27.88 1.44
CA ASP E 107 36.58 -27.71 2.57
C ASP E 107 37.92 -28.24 2.19
N GLU E 108 37.98 -28.68 0.95
CA GLU E 108 39.24 -29.14 0.40
C GLU E 108 39.92 -30.29 1.15
N ARG E 109 39.14 -31.14 1.80
CA ARG E 109 39.66 -32.29 2.51
C ARG E 109 39.42 -33.52 1.65
N GLY E 110 39.46 -33.33 0.32
CA GLY E 110 39.26 -34.42 -0.63
C GLY E 110 37.82 -34.89 -0.66
N PRO E 111 37.57 -35.99 -1.36
CA PRO E 111 36.26 -36.59 -1.58
C PRO E 111 35.45 -37.05 -0.38
N ILE E 112 34.15 -36.76 -0.44
CA ILE E 112 33.27 -37.25 0.61
C ILE E 112 32.96 -38.67 0.16
N LYS E 113 33.57 -39.64 0.84
CA LYS E 113 33.40 -41.04 0.48
C LYS E 113 32.42 -41.78 1.39
N THR E 114 31.16 -41.84 0.99
CA THR E 114 30.17 -42.56 1.76
C THR E 114 29.76 -43.74 0.90
N LYS E 115 28.93 -44.60 1.48
CA LYS E 115 28.46 -45.76 0.73
C LYS E 115 27.20 -45.38 -0.04
N GLN E 116 26.30 -44.72 0.67
CA GLN E 116 25.05 -44.31 0.09
C GLN E 116 25.01 -42.89 -0.31
N PHE E 117 24.27 -42.66 -1.41
CA PHE E 117 23.97 -41.37 -2.02
C PHE E 117 22.48 -41.20 -1.84
N ALA E 118 21.98 -39.97 -1.57
CA ALA E 118 20.55 -39.79 -1.36
C ALA E 118 19.97 -38.64 -2.15
N ALA E 119 18.99 -38.89 -3.00
CA ALA E 119 18.37 -37.82 -3.75
C ALA E 119 17.75 -36.84 -2.78
N ILE E 120 17.91 -35.56 -3.07
CA ILE E 120 17.40 -34.51 -2.20
C ILE E 120 15.90 -34.29 -2.24
N HIS E 121 15.27 -34.48 -3.39
CA HIS E 121 13.82 -34.30 -3.44
C HIS E 121 13.11 -35.58 -3.00
N ALA E 122 12.65 -35.61 -1.74
CA ALA E 122 11.98 -36.78 -1.18
C ALA E 122 10.65 -36.41 -0.61
N GLU E 123 9.70 -37.39 -0.58
CA GLU E 123 8.36 -37.14 -0.02
C GLU E 123 8.39 -37.21 1.50
N ALA E 124 7.32 -36.87 2.15
CA ALA E 124 7.36 -36.90 3.59
C ALA E 124 6.61 -38.08 4.22
N PRO E 125 7.07 -38.46 5.40
CA PRO E 125 6.51 -39.52 6.16
C PRO E 125 5.00 -39.61 6.17
N GLU E 126 4.52 -40.62 5.43
CA GLU E 126 3.09 -40.95 5.32
C GLU E 126 2.45 -40.85 6.69
N PHE E 127 1.15 -40.65 6.69
CA PHE E 127 0.37 -40.54 7.90
C PHE E 127 0.57 -41.68 8.90
N VAL E 128 0.70 -42.86 8.31
CA VAL E 128 0.89 -44.08 9.06
C VAL E 128 2.30 -44.25 9.62
N GLU E 129 3.19 -43.32 9.33
CA GLU E 129 4.53 -43.35 9.87
C GLU E 129 4.63 -42.31 10.98
N MET E 130 3.67 -41.42 10.96
CA MET E 130 3.64 -40.38 11.93
C MET E 130 3.63 -40.89 13.32
N SER E 131 4.34 -40.24 14.23
CA SER E 131 4.25 -40.64 15.63
C SER E 131 2.96 -40.00 16.12
N VAL E 132 2.26 -40.60 17.07
CA VAL E 132 1.01 -40.00 17.50
C VAL E 132 1.17 -39.11 18.68
N GLU E 133 2.40 -39.03 19.20
CA GLU E 133 2.56 -38.29 20.44
C GLU E 133 3.72 -37.33 20.59
N GLN E 134 3.38 -36.33 21.41
CA GLN E 134 4.21 -35.22 21.80
C GLN E 134 5.14 -35.55 22.96
N GLU E 135 6.45 -35.44 22.68
CA GLU E 135 7.51 -35.68 23.66
C GLU E 135 8.51 -34.56 23.64
N ILE E 136 8.89 -34.06 24.82
CA ILE E 136 9.87 -32.99 24.85
C ILE E 136 11.21 -33.56 24.54
N LEU E 137 12.03 -32.82 23.82
CA LEU E 137 13.39 -33.24 23.55
C LEU E 137 14.22 -32.40 24.50
N VAL E 138 15.02 -33.01 25.35
CA VAL E 138 15.81 -32.22 26.31
C VAL E 138 17.17 -31.84 25.76
N THR E 139 17.54 -30.61 26.00
CA THR E 139 18.79 -30.10 25.52
C THR E 139 19.74 -29.86 26.67
N GLY E 140 19.18 -29.80 27.85
CA GLY E 140 20.01 -29.56 29.01
C GLY E 140 20.16 -28.09 29.30
N ILE E 141 19.41 -27.27 28.59
CA ILE E 141 19.47 -25.87 28.82
C ILE E 141 18.30 -25.42 29.70
N LYS E 142 18.64 -24.97 30.88
CA LYS E 142 17.68 -24.53 31.86
C LYS E 142 16.52 -23.65 31.36
N VAL E 143 16.80 -22.61 30.57
CA VAL E 143 15.71 -21.78 30.09
C VAL E 143 14.86 -22.56 29.11
N VAL E 144 15.55 -23.03 28.08
CA VAL E 144 14.94 -23.77 27.01
C VAL E 144 14.11 -24.92 27.50
N ASP E 145 14.71 -25.79 28.29
CA ASP E 145 13.99 -26.95 28.82
C ASP E 145 12.89 -26.59 29.82
N LEU E 146 13.05 -25.54 30.60
CA LEU E 146 12.03 -25.22 31.58
C LEU E 146 10.86 -24.35 31.07
N LEU E 147 11.14 -23.33 30.26
CA LEU E 147 10.11 -22.40 29.79
C LEU E 147 9.63 -22.48 28.33
N ALA E 148 10.48 -23.00 27.46
CA ALA E 148 10.15 -23.15 26.05
C ALA E 148 10.67 -24.45 25.49
N PRO E 149 10.22 -25.56 26.04
CA PRO E 149 10.66 -26.88 25.68
C PRO E 149 10.57 -27.21 24.23
N TYR E 150 11.71 -27.70 23.72
CA TYR E 150 11.76 -28.08 22.32
C TYR E 150 10.85 -29.30 22.18
N ALA E 151 10.50 -29.75 20.99
CA ALA E 151 9.64 -30.92 20.83
C ALA E 151 10.35 -31.89 19.90
N LYS E 152 10.20 -33.16 20.14
CA LYS E 152 10.89 -34.06 19.25
C LYS E 152 10.31 -33.93 17.86
N GLY E 153 11.13 -33.76 16.82
CA GLY E 153 10.61 -33.67 15.45
C GLY E 153 9.99 -32.33 15.08
N GLY E 154 9.79 -31.45 16.08
CA GLY E 154 9.23 -30.11 15.96
C GLY E 154 10.20 -29.11 15.35
N LYS E 155 9.69 -27.86 15.18
CA LYS E 155 10.47 -26.77 14.60
C LYS E 155 10.48 -25.58 15.49
N ILE E 156 11.71 -25.08 15.70
CA ILE E 156 11.93 -23.95 16.58
C ILE E 156 12.46 -22.70 15.88
N GLY E 157 11.82 -21.58 16.20
CA GLY E 157 12.18 -20.30 15.63
C GLY E 157 13.14 -19.59 16.53
N LEU E 158 14.37 -19.49 16.06
CA LEU E 158 15.43 -18.86 16.80
C LEU E 158 15.59 -17.41 16.38
N PHE E 159 15.12 -16.53 17.23
CA PHE E 159 15.19 -15.11 16.98
C PHE E 159 16.39 -14.49 17.65
N GLY E 160 16.75 -13.25 17.26
CA GLY E 160 17.92 -12.56 17.80
C GLY E 160 19.09 -12.91 16.88
N GLY E 161 20.14 -12.09 16.83
CA GLY E 161 21.25 -12.38 15.93
C GLY E 161 22.64 -12.36 16.56
N ALA E 162 23.39 -11.31 16.25
CA ALA E 162 24.75 -11.16 16.74
C ALA E 162 24.92 -10.51 18.09
N GLY E 163 26.09 -10.81 18.64
CA GLY E 163 26.47 -10.29 19.93
C GLY E 163 25.82 -11.16 20.97
N VAL E 164 24.54 -11.54 20.68
CA VAL E 164 23.79 -12.45 21.53
C VAL E 164 24.31 -13.81 21.06
N GLY E 165 24.63 -14.69 21.99
CA GLY E 165 25.26 -15.98 21.74
C GLY E 165 24.73 -16.97 20.72
N LYS E 166 24.13 -16.47 19.65
CA LYS E 166 23.58 -17.33 18.62
C LYS E 166 24.46 -18.51 18.27
N THR E 167 25.70 -18.30 17.85
CA THR E 167 26.51 -19.44 17.45
C THR E 167 27.01 -20.34 18.57
N VAL E 168 27.03 -19.83 19.79
CA VAL E 168 27.49 -20.63 20.89
C VAL E 168 26.37 -21.54 21.37
N LEU E 169 25.17 -21.04 21.29
CA LEU E 169 23.99 -21.79 21.64
C LEU E 169 23.73 -22.87 20.60
N ILE E 170 24.05 -22.56 19.36
CA ILE E 170 23.84 -23.51 18.30
C ILE E 170 24.79 -24.64 18.49
N MET E 171 25.95 -24.28 19.01
CA MET E 171 27.01 -25.25 19.23
C MET E 171 26.84 -26.07 20.49
N GLU E 172 26.20 -25.50 21.51
CA GLU E 172 25.99 -26.28 22.70
C GLU E 172 24.91 -27.30 22.42
N LEU E 173 23.80 -26.85 21.77
CA LEU E 173 22.70 -27.75 21.41
C LEU E 173 23.28 -28.95 20.69
N ILE E 174 24.13 -28.71 19.69
CA ILE E 174 24.77 -29.80 18.95
C ILE E 174 25.40 -30.82 19.90
N ASN E 175 26.30 -30.32 20.70
CA ASN E 175 27.00 -31.09 21.68
C ASN E 175 26.02 -31.84 22.55
N ASN E 176 25.16 -31.13 23.28
CA ASN E 176 24.17 -31.79 24.14
C ASN E 176 23.31 -32.81 23.41
N VAL E 177 23.18 -32.73 22.09
CA VAL E 177 22.37 -33.74 21.41
C VAL E 177 23.22 -35.00 21.30
N ALA E 178 24.48 -34.83 20.91
CA ALA E 178 25.38 -35.97 20.87
C ALA E 178 25.46 -36.61 22.23
N LYS E 179 25.64 -35.81 23.27
CA LYS E 179 25.71 -36.31 24.63
C LYS E 179 24.47 -37.05 25.08
N ALA E 180 23.46 -36.28 25.39
CA ALA E 180 22.22 -36.83 25.90
C ALA E 180 21.40 -37.70 24.99
N HIS E 181 21.61 -37.72 23.65
CA HIS E 181 20.70 -38.51 22.81
C HIS E 181 21.40 -39.28 21.75
N GLY E 182 22.72 -39.24 21.81
CA GLY E 182 23.52 -39.96 20.83
C GLY E 182 23.13 -39.58 19.39
N GLY E 183 22.42 -38.46 19.27
CA GLY E 183 22.03 -37.98 17.97
C GLY E 183 23.06 -36.98 17.47
N TYR E 184 23.19 -36.98 16.14
CA TYR E 184 24.08 -36.08 15.39
C TYR E 184 23.31 -34.87 14.84
N SER E 185 24.04 -33.87 14.29
CA SER E 185 23.35 -32.72 13.72
C SER E 185 23.90 -32.30 12.39
N VAL E 186 22.99 -31.63 11.66
CA VAL E 186 23.30 -31.03 10.36
C VAL E 186 23.19 -29.52 10.39
N PHE E 187 23.98 -28.88 9.54
CA PHE E 187 23.92 -27.45 9.44
C PHE E 187 23.82 -27.11 7.97
N ALA E 188 22.67 -26.45 7.69
CA ALA E 188 22.40 -25.92 6.38
C ALA E 188 22.35 -24.38 6.42
N GLY E 189 23.35 -23.75 5.77
CA GLY E 189 23.35 -22.34 5.72
C GLY E 189 22.77 -21.91 4.40
N VAL E 190 21.52 -21.44 4.46
CA VAL E 190 20.80 -21.03 3.25
C VAL E 190 21.12 -19.58 2.99
N GLY E 191 21.87 -19.32 1.94
CA GLY E 191 22.28 -17.97 1.70
C GLY E 191 23.26 -17.50 2.80
N GLU E 192 24.33 -18.24 2.98
CA GLU E 192 25.34 -17.92 3.97
C GLU E 192 26.36 -16.94 3.39
N ARG E 193 26.83 -16.00 4.20
CA ARG E 193 27.85 -15.09 3.70
C ARG E 193 29.19 -15.82 3.77
N THR E 194 29.81 -16.14 2.63
CA THR E 194 31.09 -16.84 2.59
C THR E 194 32.03 -16.52 3.76
N ARG E 195 32.05 -15.28 4.13
CA ARG E 195 32.85 -14.85 5.23
C ARG E 195 32.44 -15.54 6.49
N GLU E 196 31.15 -15.44 6.76
CA GLU E 196 30.54 -15.99 7.94
C GLU E 196 30.56 -17.51 7.98
N GLY E 197 30.69 -18.19 6.83
CA GLY E 197 30.70 -19.65 6.84
C GLY E 197 32.02 -20.14 7.38
N ASN E 198 33.05 -19.64 6.74
CA ASN E 198 34.43 -19.94 7.10
C ASN E 198 34.69 -19.61 8.59
N ASP E 199 33.99 -18.62 9.08
CA ASP E 199 34.12 -18.24 10.45
C ASP E 199 33.38 -19.18 11.37
N LEU E 200 32.34 -19.80 10.85
CA LEU E 200 31.55 -20.74 11.64
C LEU E 200 32.35 -22.00 11.69
N TYR E 201 32.93 -22.37 10.57
CA TYR E 201 33.74 -23.55 10.46
C TYR E 201 34.79 -23.61 11.57
N HIS E 202 35.75 -22.71 11.49
CA HIS E 202 36.82 -22.65 12.47
C HIS E 202 36.31 -22.55 13.90
N GLU E 203 35.13 -22.00 14.07
CA GLU E 203 34.63 -21.82 15.40
C GLU E 203 34.10 -23.11 15.99
N MET E 204 33.62 -23.96 15.16
CA MET E 204 33.12 -25.20 15.62
C MET E 204 34.31 -26.06 15.89
N ILE E 205 35.25 -26.01 14.95
CA ILE E 205 36.50 -26.71 15.06
C ILE E 205 37.19 -26.40 16.36
N GLU E 206 37.44 -25.13 16.64
CA GLU E 206 38.09 -24.70 17.88
C GLU E 206 37.34 -25.20 19.12
N SER E 207 36.03 -25.43 19.00
CA SER E 207 35.26 -25.89 20.14
C SER E 207 35.04 -27.38 20.10
N GLY E 208 35.68 -28.00 19.14
CA GLY E 208 35.61 -29.40 19.02
C GLY E 208 34.49 -30.00 18.20
N VAL E 209 33.23 -29.47 18.24
CA VAL E 209 32.11 -30.06 17.46
C VAL E 209 32.52 -30.63 16.13
N ILE E 210 33.60 -30.08 15.59
CA ILE E 210 34.22 -30.61 14.41
C ILE E 210 35.62 -31.06 14.77
N ASN E 211 36.02 -32.19 14.22
CA ASN E 211 37.36 -32.69 14.49
C ASN E 211 38.01 -33.10 13.19
N LEU E 212 39.05 -32.37 12.83
CA LEU E 212 39.72 -32.62 11.56
C LEU E 212 40.69 -33.78 11.60
N LYS E 213 41.12 -34.07 12.83
CA LYS E 213 42.08 -35.12 13.11
C LYS E 213 41.48 -36.51 13.21
N ASP E 214 40.41 -36.62 14.00
CA ASP E 214 39.81 -37.91 14.19
C ASP E 214 38.52 -38.14 13.41
N ALA E 215 37.57 -38.77 14.15
CA ALA E 215 36.23 -39.08 13.66
C ALA E 215 35.20 -38.85 14.75
N THR E 216 35.40 -37.79 15.50
CA THR E 216 34.51 -37.43 16.57
C THR E 216 33.65 -36.21 16.27
N SER E 217 33.61 -35.83 14.98
CA SER E 217 32.84 -34.67 14.56
C SER E 217 31.35 -34.95 14.80
N LYS E 218 30.59 -34.04 15.42
CA LYS E 218 29.18 -34.30 15.64
C LYS E 218 28.25 -33.52 14.69
N VAL E 219 28.83 -32.84 13.69
CA VAL E 219 28.04 -32.04 12.77
C VAL E 219 28.52 -32.19 11.36
N ALA E 220 27.60 -32.08 10.43
CA ALA E 220 27.96 -32.07 9.01
C ALA E 220 27.59 -30.67 8.51
N LEU E 221 28.45 -29.96 7.72
CA LEU E 221 28.02 -28.64 7.33
C LEU E 221 27.58 -28.61 5.87
N VAL E 222 26.37 -28.04 5.61
CA VAL E 222 25.92 -27.90 4.23
C VAL E 222 25.82 -26.44 3.84
N TYR E 223 26.50 -25.99 2.77
CA TYR E 223 26.50 -24.57 2.47
C TYR E 223 25.88 -24.05 1.16
N GLY E 224 25.06 -23.01 1.25
CA GLY E 224 24.46 -22.35 0.09
C GLY E 224 24.80 -20.87 0.18
N GLN E 225 26.00 -20.52 -0.23
CA GLN E 225 26.48 -19.13 -0.15
C GLN E 225 25.65 -18.15 -0.94
N MET E 226 25.72 -16.89 -0.51
CA MET E 226 24.94 -15.84 -1.12
C MET E 226 25.23 -15.56 -2.58
N ASN E 227 26.40 -15.96 -3.08
CA ASN E 227 26.73 -15.70 -4.46
C ASN E 227 26.09 -16.69 -5.35
N GLU E 228 25.69 -17.81 -4.80
CA GLU E 228 25.12 -18.87 -5.58
C GLU E 228 23.79 -18.40 -6.17
N PRO E 229 23.43 -18.93 -7.36
CA PRO E 229 22.22 -18.56 -8.03
C PRO E 229 21.00 -18.99 -7.25
N PRO E 230 19.86 -18.35 -7.51
CA PRO E 230 18.62 -18.63 -6.82
C PRO E 230 18.37 -20.10 -6.59
N GLY E 231 18.48 -20.90 -7.67
CA GLY E 231 18.26 -22.35 -7.63
C GLY E 231 19.04 -23.06 -6.52
N ALA E 232 20.30 -22.65 -6.35
CA ALA E 232 21.19 -23.17 -5.35
C ALA E 232 20.80 -22.85 -3.97
N ARG E 233 20.53 -21.61 -3.73
CA ARG E 233 20.16 -21.21 -2.39
C ARG E 233 18.79 -21.71 -2.11
N ALA E 234 18.16 -22.12 -3.19
CA ALA E 234 16.81 -22.66 -3.11
C ALA E 234 16.74 -24.07 -2.56
N ARG E 235 17.65 -24.93 -3.10
CA ARG E 235 17.79 -26.34 -2.75
C ARG E 235 18.63 -26.68 -1.53
N VAL E 236 19.75 -26.00 -1.27
CA VAL E 236 20.61 -26.35 -0.14
C VAL E 236 19.90 -26.71 1.14
N ALA E 237 18.72 -26.19 1.37
CA ALA E 237 18.15 -26.63 2.62
C ALA E 237 17.65 -28.03 2.50
N LEU E 238 17.28 -28.42 1.30
CA LEU E 238 16.80 -29.76 1.11
C LEU E 238 17.96 -30.72 1.27
N THR E 239 19.07 -30.35 0.66
CA THR E 239 20.26 -31.15 0.74
C THR E 239 20.59 -31.43 2.21
N GLY E 240 20.56 -30.37 3.02
CA GLY E 240 20.84 -30.54 4.43
C GLY E 240 19.84 -31.51 5.01
N LEU E 241 18.63 -31.39 4.53
CA LEU E 241 17.56 -32.24 4.99
C LEU E 241 17.89 -33.67 4.66
N THR E 242 18.31 -33.95 3.42
CA THR E 242 18.61 -35.30 3.01
C THR E 242 19.55 -36.04 3.93
N VAL E 243 20.62 -35.35 4.23
CA VAL E 243 21.65 -35.77 5.13
C VAL E 243 21.00 -36.13 6.47
N ALA E 244 20.36 -35.15 7.17
CA ALA E 244 19.71 -35.42 8.44
C ALA E 244 18.78 -36.64 8.39
N GLU E 245 18.01 -36.74 7.31
CA GLU E 245 17.10 -37.86 7.15
C GLU E 245 17.80 -39.20 7.26
N TYR E 246 19.03 -39.26 6.81
CA TYR E 246 19.75 -40.50 6.96
C TYR E 246 19.80 -40.89 8.47
N PHE E 247 20.45 -40.06 9.28
CA PHE E 247 20.68 -40.39 10.67
C PHE E 247 19.38 -40.73 11.43
N ARG E 248 18.28 -40.76 10.71
CA ARG E 248 16.98 -41.05 11.28
C ARG E 248 16.32 -42.25 10.60
N ASP E 249 16.39 -42.26 9.29
CA ASP E 249 15.81 -43.31 8.49
C ASP E 249 16.73 -44.50 8.24
N GLN E 250 17.99 -44.34 8.55
CA GLN E 250 18.94 -45.40 8.34
C GLN E 250 19.52 -45.90 9.62
N GLU E 251 19.53 -45.01 10.64
CA GLU E 251 20.16 -45.24 11.92
C GLU E 251 19.28 -44.82 13.06
N GLY E 252 18.08 -44.46 12.73
CA GLY E 252 17.07 -44.06 13.69
C GLY E 252 17.51 -43.27 14.91
N GLN E 253 18.32 -42.23 14.70
CA GLN E 253 18.74 -41.38 15.80
C GLN E 253 17.77 -40.23 15.88
N ASP E 254 18.14 -39.31 16.72
CA ASP E 254 17.41 -38.08 16.87
C ASP E 254 18.37 -37.04 16.37
N VAL E 255 18.17 -36.69 15.09
CA VAL E 255 19.00 -35.69 14.45
C VAL E 255 18.51 -34.30 14.78
N LEU E 256 19.42 -33.33 14.59
CA LEU E 256 19.18 -31.89 14.75
C LEU E 256 19.40 -31.23 13.41
N LEU E 257 18.41 -30.46 12.94
CA LEU E 257 18.58 -29.76 11.68
C LEU E 257 18.56 -28.29 11.97
N PHE E 258 19.56 -27.61 11.44
CA PHE E 258 19.69 -26.18 11.61
C PHE E 258 19.62 -25.53 10.26
N ILE E 259 18.61 -24.67 10.09
CA ILE E 259 18.50 -23.97 8.82
C ILE E 259 18.73 -22.51 9.15
N ASP E 260 19.79 -21.96 8.59
CA ASP E 260 20.11 -20.57 8.80
C ASP E 260 20.26 -19.93 7.44
N ASN E 261 19.31 -19.06 7.09
CA ASN E 261 18.17 -18.73 7.93
C ASN E 261 16.95 -19.04 7.12
N ILE E 262 15.90 -19.43 7.77
CA ILE E 262 14.66 -19.82 7.11
C ILE E 262 14.09 -18.87 6.07
N PHE E 263 14.34 -17.57 6.26
CA PHE E 263 13.87 -16.55 5.37
C PHE E 263 14.54 -16.66 4.00
N ARG E 264 15.85 -16.83 3.99
CA ARG E 264 16.52 -16.87 2.73
C ARG E 264 16.10 -18.02 1.88
N PHE E 265 15.39 -18.95 2.57
CA PHE E 265 14.89 -20.15 1.90
C PHE E 265 13.78 -19.74 0.93
N THR E 266 12.83 -19.03 1.52
CA THR E 266 11.67 -18.46 0.90
C THR E 266 12.06 -17.48 -0.22
N GLN E 267 12.97 -16.61 0.14
CA GLN E 267 13.42 -15.64 -0.81
C GLN E 267 13.99 -16.34 -2.00
N ALA E 268 14.85 -17.29 -1.77
CA ALA E 268 15.44 -17.99 -2.88
C ALA E 268 14.33 -18.60 -3.73
N GLY E 269 13.22 -18.90 -3.05
CA GLY E 269 12.08 -19.50 -3.69
C GLY E 269 11.51 -18.53 -4.69
N SER E 270 11.27 -17.30 -4.19
CA SER E 270 10.74 -16.22 -5.04
C SER E 270 11.60 -15.94 -6.25
N GLU E 271 12.91 -15.85 -6.04
CA GLU E 271 13.76 -15.56 -7.16
C GLU E 271 13.60 -16.60 -8.27
N VAL E 272 13.67 -17.85 -7.88
CA VAL E 272 13.53 -18.89 -8.86
C VAL E 272 12.17 -18.74 -9.56
N SER E 273 11.13 -18.48 -8.74
CA SER E 273 9.79 -18.35 -9.27
C SER E 273 9.71 -17.35 -10.36
N ALA E 274 10.12 -16.13 -10.01
CA ALA E 274 10.15 -15.02 -10.93
C ALA E 274 10.88 -15.37 -12.19
N LEU E 275 11.98 -16.08 -12.04
CA LEU E 275 12.74 -16.44 -13.21
C LEU E 275 11.93 -17.39 -14.10
N LEU E 276 11.09 -18.17 -13.47
CA LEU E 276 10.32 -19.07 -14.25
C LEU E 276 9.10 -18.33 -14.78
N GLY E 277 9.18 -17.03 -14.70
CA GLY E 277 8.11 -16.19 -15.19
C GLY E 277 6.75 -16.39 -14.56
N ARG E 278 6.65 -16.82 -13.33
CA ARG E 278 5.30 -16.92 -12.85
C ARG E 278 4.92 -15.69 -12.07
N ILE E 279 3.68 -15.27 -12.28
CA ILE E 279 3.13 -14.12 -11.60
C ILE E 279 3.31 -14.21 -10.06
N PRO E 280 3.85 -13.21 -9.40
CA PRO E 280 4.08 -13.21 -7.96
C PRO E 280 2.78 -13.10 -7.20
N SER E 281 2.70 -13.38 -5.90
CA SER E 281 1.40 -13.17 -5.31
C SER E 281 1.51 -12.03 -4.32
N ALA E 282 0.60 -11.92 -3.31
CA ALA E 282 0.65 -10.82 -2.37
C ALA E 282 2.03 -10.58 -1.88
N VAL E 283 2.42 -9.31 -1.81
CA VAL E 283 3.73 -8.84 -1.36
C VAL E 283 4.90 -9.29 -2.24
N GLY E 284 4.60 -9.78 -3.44
CA GLY E 284 5.70 -10.16 -4.24
C GLY E 284 6.20 -11.56 -4.18
N TYR E 285 5.75 -12.28 -3.15
CA TYR E 285 6.25 -13.66 -2.98
C TYR E 285 5.77 -14.58 -4.09
N GLN E 286 6.19 -15.83 -4.04
CA GLN E 286 5.76 -16.82 -5.01
C GLN E 286 4.31 -17.27 -4.73
N PRO E 287 3.64 -17.66 -5.79
CA PRO E 287 2.24 -18.14 -5.70
C PRO E 287 2.22 -19.41 -4.88
N THR E 288 3.34 -20.12 -4.98
CA THR E 288 3.57 -21.38 -4.29
C THR E 288 4.32 -21.23 -2.99
N LEU E 289 4.17 -20.15 -2.32
CA LEU E 289 4.85 -19.92 -1.08
C LEU E 289 4.58 -21.01 -0.07
N ALA E 290 3.29 -21.30 0.17
CA ALA E 290 2.87 -22.27 1.19
C ALA E 290 3.24 -23.70 0.90
N THR E 291 3.28 -24.06 -0.36
CA THR E 291 3.64 -25.39 -0.69
C THR E 291 5.16 -25.58 -0.72
N ASP E 292 5.85 -24.60 -1.25
CA ASP E 292 7.28 -24.66 -1.28
C ASP E 292 7.80 -24.93 0.14
N MET E 293 7.05 -24.45 1.11
CA MET E 293 7.42 -24.54 2.51
C MET E 293 7.07 -25.84 3.09
N GLY E 294 5.82 -26.17 2.84
CA GLY E 294 5.29 -27.41 3.33
C GLY E 294 6.04 -28.62 2.78
N THR E 295 6.34 -28.64 1.52
CA THR E 295 7.02 -29.80 1.03
C THR E 295 8.35 -30.02 1.68
N MET E 296 8.83 -28.98 2.32
CA MET E 296 10.09 -29.13 3.01
C MET E 296 9.87 -29.36 4.52
N GLN E 297 9.17 -28.44 5.18
CA GLN E 297 8.92 -28.54 6.60
C GLN E 297 8.41 -29.90 7.05
N GLU E 298 7.54 -30.48 6.29
CA GLU E 298 6.89 -31.72 6.64
C GLU E 298 7.77 -32.95 6.73
N ARG E 299 8.96 -32.84 6.12
CA ARG E 299 9.92 -33.93 6.16
C ARG E 299 10.65 -33.92 7.52
N ILE E 300 10.37 -32.90 8.31
CA ILE E 300 10.93 -32.76 9.63
C ILE E 300 9.89 -33.17 10.65
N THR E 301 10.12 -34.37 11.22
CA THR E 301 9.26 -35.00 12.22
C THR E 301 9.87 -36.21 12.85
N THR E 302 9.01 -36.74 13.72
CA THR E 302 9.20 -37.96 14.48
C THR E 302 8.52 -39.09 13.78
N THR E 303 9.26 -39.92 13.11
CA THR E 303 8.66 -41.08 12.49
C THR E 303 8.84 -42.23 13.45
N LYS E 304 8.46 -43.42 13.05
CA LYS E 304 8.65 -44.53 13.95
C LYS E 304 10.14 -44.87 14.12
N LYS E 305 10.94 -44.69 13.02
CA LYS E 305 12.38 -44.93 13.01
C LYS E 305 13.19 -43.96 13.86
N GLY E 306 12.85 -42.68 13.82
CA GLY E 306 13.56 -41.71 14.62
C GLY E 306 12.88 -40.35 14.56
N SER E 307 13.71 -39.28 14.50
CA SER E 307 13.16 -37.92 14.40
C SER E 307 14.19 -36.90 14.00
N ILE E 308 13.73 -35.93 13.24
CA ILE E 308 14.57 -34.81 12.97
C ILE E 308 13.98 -33.62 13.70
N THR E 309 14.77 -32.85 14.41
CA THR E 309 14.27 -31.65 15.09
C THR E 309 14.93 -30.43 14.44
N SER E 310 14.16 -29.39 14.02
CA SER E 310 14.83 -28.29 13.35
C SER E 310 14.89 -26.96 14.03
N VAL E 311 16.11 -26.43 14.10
CA VAL E 311 16.30 -25.07 14.61
C VAL E 311 16.48 -24.19 13.39
N GLN E 312 15.50 -23.32 13.25
CA GLN E 312 15.45 -22.42 12.14
C GLN E 312 15.66 -20.98 12.51
N ALA E 313 16.64 -20.38 11.87
CA ALA E 313 16.89 -18.98 12.13
C ALA E 313 15.93 -18.13 11.29
N ILE E 314 15.14 -17.30 11.95
CA ILE E 314 14.14 -16.47 11.27
C ILE E 314 14.46 -14.99 11.22
N TYR E 315 14.26 -14.44 10.04
CA TYR E 315 14.42 -13.03 9.81
C TYR E 315 13.02 -12.51 9.59
N VAL E 316 12.56 -11.51 10.26
CA VAL E 316 11.22 -10.97 9.96
C VAL E 316 11.31 -9.69 9.14
N PRO E 317 10.79 -9.70 7.93
CA PRO E 317 10.79 -8.55 7.07
C PRO E 317 9.96 -7.39 7.58
N ALA E 318 10.47 -6.18 7.40
CA ALA E 318 9.82 -4.98 7.83
C ALA E 318 9.34 -5.02 9.25
N ASP E 319 9.87 -5.93 10.03
CA ASP E 319 9.41 -6.03 11.41
C ASP E 319 7.95 -6.32 11.42
N ASP E 320 7.47 -6.80 10.30
CA ASP E 320 6.07 -7.11 10.09
C ASP E 320 5.76 -8.58 10.28
N LEU E 321 5.33 -8.94 11.47
CA LEU E 321 5.00 -10.35 11.75
C LEU E 321 3.87 -10.97 10.91
N THR E 322 3.11 -10.10 10.24
CA THR E 322 2.04 -10.58 9.40
C THR E 322 2.51 -10.58 7.97
N ASP E 323 3.81 -10.38 7.77
CA ASP E 323 4.31 -10.40 6.42
C ASP E 323 4.15 -11.84 5.97
N PRO E 324 3.75 -12.08 4.76
CA PRO E 324 3.59 -13.43 4.24
C PRO E 324 4.74 -14.37 4.51
N ALA E 325 5.99 -13.88 4.47
CA ALA E 325 7.12 -14.78 4.69
C ALA E 325 7.07 -15.34 6.07
N PRO E 326 7.16 -14.49 7.03
CA PRO E 326 7.11 -14.92 8.40
C PRO E 326 5.84 -15.65 8.76
N ALA E 327 4.69 -15.05 8.48
CA ALA E 327 3.41 -15.64 8.80
C ALA E 327 3.31 -17.11 8.34
N THR E 328 3.71 -17.31 7.09
CA THR E 328 3.68 -18.64 6.55
C THR E 328 4.51 -19.53 7.44
N THR E 329 5.69 -19.08 7.72
CA THR E 329 6.60 -19.84 8.55
C THR E 329 6.05 -20.25 9.88
N PHE E 330 5.37 -19.37 10.59
CA PHE E 330 4.89 -19.77 11.88
C PHE E 330 3.93 -20.92 11.84
N ALA E 331 3.36 -21.21 10.69
CA ALA E 331 2.40 -22.27 10.57
C ALA E 331 2.98 -23.61 10.96
N HIS E 332 4.29 -23.68 10.88
CA HIS E 332 5.00 -24.89 11.19
C HIS E 332 5.77 -24.90 12.50
N LEU E 333 6.04 -23.77 13.13
CA LEU E 333 6.87 -23.73 14.33
C LEU E 333 6.21 -24.19 15.62
N ASP E 334 6.94 -24.99 16.44
CA ASP E 334 6.43 -25.48 17.71
C ASP E 334 6.96 -24.74 18.90
N ALA E 335 7.87 -23.85 18.63
CA ALA E 335 8.47 -23.08 19.66
C ALA E 335 9.47 -22.10 19.10
N THR E 336 9.64 -21.05 19.89
CA THR E 336 10.52 -19.94 19.59
C THR E 336 11.53 -19.80 20.72
N THR E 337 12.73 -19.49 20.31
CA THR E 337 13.84 -19.24 21.19
C THR E 337 14.29 -17.83 20.84
N VAL E 338 13.91 -16.87 21.68
CA VAL E 338 14.24 -15.49 21.45
C VAL E 338 15.53 -15.10 22.14
N LEU E 339 16.65 -14.93 21.40
CA LEU E 339 17.90 -14.49 22.04
C LEU E 339 17.81 -12.97 22.27
N SER E 340 18.15 -12.47 23.48
CA SER E 340 18.01 -11.04 23.79
C SER E 340 19.24 -10.25 24.22
N ARG E 341 19.56 -9.18 23.46
CA ARG E 341 20.68 -8.30 23.74
C ARG E 341 20.60 -7.64 25.08
N ALA E 342 19.39 -7.39 25.51
CA ALA E 342 19.18 -6.78 26.78
C ALA E 342 19.60 -7.69 27.90
N ILE E 343 19.22 -8.94 27.78
CA ILE E 343 19.56 -9.88 28.80
C ILE E 343 21.08 -10.02 28.84
N ALA E 344 21.72 -10.21 27.66
CA ALA E 344 23.18 -10.41 27.60
C ALA E 344 23.97 -9.32 28.28
N GLU E 345 23.53 -8.12 28.00
CA GLU E 345 24.14 -6.95 28.57
C GLU E 345 24.13 -6.94 30.09
N LEU E 346 23.27 -7.75 30.72
CA LEU E 346 23.24 -7.83 32.16
C LEU E 346 24.23 -8.93 32.58
N GLY E 347 24.85 -9.57 31.56
CA GLY E 347 25.82 -10.65 31.74
C GLY E 347 25.19 -12.03 31.57
N ILE E 348 23.85 -12.05 31.71
CA ILE E 348 23.04 -13.27 31.61
C ILE E 348 23.21 -14.03 30.32
N TYR E 349 23.56 -15.33 30.49
CA TYR E 349 23.90 -16.24 29.45
C TYR E 349 23.55 -17.73 29.74
N PRO E 350 22.94 -18.54 28.85
CA PRO E 350 22.42 -18.09 27.56
C PRO E 350 21.30 -17.05 27.67
N ALA E 351 21.55 -16.01 26.87
CA ALA E 351 20.80 -14.78 26.78
C ALA E 351 19.38 -14.93 26.25
N VAL E 352 18.75 -16.05 26.53
CA VAL E 352 17.39 -16.36 26.13
C VAL E 352 16.39 -15.55 26.97
N ASP E 353 15.27 -15.19 26.37
CA ASP E 353 14.26 -14.40 27.07
C ASP E 353 13.23 -15.34 27.64
N PRO E 354 13.17 -15.38 28.93
CA PRO E 354 12.23 -16.24 29.65
C PRO E 354 10.74 -15.92 29.46
N LEU E 355 10.43 -14.70 29.02
CA LEU E 355 9.04 -14.31 28.86
C LEU E 355 8.62 -14.24 27.40
N ASP E 356 9.57 -14.01 26.50
CA ASP E 356 9.23 -13.91 25.10
C ASP E 356 9.33 -15.20 24.38
N SER E 357 10.22 -16.08 24.83
CA SER E 357 10.40 -17.39 24.20
C SER E 357 9.28 -18.32 24.54
N THR E 358 8.78 -19.08 23.51
CA THR E 358 7.59 -19.90 23.75
C THR E 358 7.64 -21.31 23.22
N SER E 359 6.61 -22.09 23.59
CA SER E 359 6.48 -23.48 23.16
C SER E 359 5.04 -24.01 23.12
N ARG E 360 4.71 -24.75 22.05
CA ARG E 360 3.37 -25.30 21.93
C ARG E 360 3.08 -26.36 22.97
N ILE E 361 4.11 -27.17 23.26
CA ILE E 361 4.01 -28.24 24.22
C ILE E 361 3.98 -27.82 25.68
N MET E 362 3.94 -26.51 25.99
CA MET E 362 3.86 -26.12 27.37
C MET E 362 2.43 -26.16 27.78
N ASP E 363 2.00 -27.40 27.87
CA ASP E 363 0.64 -27.77 28.23
C ASP E 363 0.74 -28.91 29.21
N PRO E 364 0.10 -28.74 30.35
CA PRO E 364 0.08 -29.75 31.39
C PRO E 364 -0.32 -31.07 30.81
N ASN E 365 -1.15 -30.99 29.77
CA ASN E 365 -1.62 -32.18 29.11
C ASN E 365 -0.50 -32.87 28.40
N ILE E 366 0.66 -32.19 28.35
CA ILE E 366 1.82 -32.67 27.59
C ILE E 366 3.08 -32.78 28.41
N VAL E 367 3.31 -31.77 29.23
CA VAL E 367 4.51 -31.75 30.06
C VAL E 367 4.21 -32.25 31.46
N GLY E 368 2.93 -32.44 31.69
CA GLY E 368 2.50 -32.92 32.96
C GLY E 368 2.41 -31.79 33.97
N SER E 369 1.32 -31.82 34.73
CA SER E 369 0.96 -30.87 35.79
C SER E 369 2.15 -30.26 36.52
N GLU E 370 3.03 -31.13 37.03
CA GLU E 370 4.21 -30.69 37.75
C GLU E 370 4.99 -29.74 36.85
N HIS E 371 5.63 -30.31 35.79
CA HIS E 371 6.39 -29.51 34.83
C HIS E 371 5.60 -28.21 34.52
N TYR E 372 4.42 -28.39 34.04
CA TYR E 372 3.63 -27.27 33.69
C TYR E 372 3.51 -26.22 34.81
N ASP E 373 3.22 -26.64 36.02
CA ASP E 373 3.04 -25.70 37.10
C ASP E 373 4.30 -24.94 37.50
N VAL E 374 5.43 -25.65 37.53
CA VAL E 374 6.68 -25.01 37.92
C VAL E 374 6.91 -23.88 36.97
N ALA E 375 6.89 -24.26 35.68
CA ALA E 375 7.07 -23.37 34.56
C ALA E 375 6.15 -22.16 34.73
N ARG E 376 4.88 -22.42 34.89
CA ARG E 376 3.95 -21.34 35.07
C ARG E 376 4.22 -20.55 36.32
N GLY E 377 5.08 -21.12 37.18
CA GLY E 377 5.42 -20.46 38.44
C GLY E 377 6.55 -19.48 38.24
N VAL E 378 7.55 -19.99 37.51
CA VAL E 378 8.77 -19.27 37.15
C VAL E 378 8.40 -17.98 36.44
N GLN E 379 7.49 -18.11 35.49
CA GLN E 379 7.05 -16.99 34.69
C GLN E 379 6.27 -15.94 35.42
N LYS E 380 5.26 -16.35 36.16
CA LYS E 380 4.49 -15.36 36.88
C LYS E 380 5.37 -14.54 37.79
N ILE E 381 6.17 -15.25 38.59
CA ILE E 381 7.08 -14.60 39.51
C ILE E 381 7.93 -13.61 38.72
N LEU E 382 8.49 -14.09 37.60
CA LEU E 382 9.30 -13.26 36.70
C LEU E 382 8.47 -12.10 36.16
N GLN E 383 7.18 -12.34 36.07
CA GLN E 383 6.28 -11.31 35.58
C GLN E 383 6.06 -10.27 36.64
N ASP E 384 5.77 -10.72 37.85
CA ASP E 384 5.52 -9.84 38.96
C ASP E 384 6.69 -8.91 39.27
N TYR E 385 7.87 -9.51 39.37
CA TYR E 385 9.06 -8.72 39.65
C TYR E 385 9.12 -7.57 38.63
N LYS E 386 8.81 -7.86 37.39
CA LYS E 386 8.85 -6.85 36.34
C LYS E 386 8.04 -5.59 36.71
N SER E 387 6.90 -5.83 37.36
CA SER E 387 6.04 -4.75 37.81
C SER E 387 6.80 -3.85 38.78
N LEU E 388 7.17 -4.46 39.90
CA LEU E 388 7.88 -3.78 40.95
C LEU E 388 9.12 -3.03 40.43
N GLN E 389 9.73 -3.57 39.37
CA GLN E 389 10.93 -3.01 38.78
C GLN E 389 10.81 -1.48 38.61
N ASP E 390 9.58 -1.03 38.25
CA ASP E 390 9.30 0.39 38.05
C ASP E 390 9.30 1.16 39.38
N ILE E 391 8.62 0.58 40.38
CA ILE E 391 8.55 1.18 41.70
C ILE E 391 9.92 1.35 42.34
N ILE E 392 10.62 0.22 42.49
CA ILE E 392 11.97 0.11 43.06
C ILE E 392 12.88 1.31 42.75
N ALA E 393 13.12 1.54 41.44
CA ALA E 393 13.98 2.62 40.95
C ALA E 393 13.54 4.05 41.28
N ILE E 394 12.22 4.27 41.29
CA ILE E 394 11.66 5.59 41.54
C ILE E 394 11.41 5.90 43.03
N LEU E 395 10.41 5.21 43.60
CA LEU E 395 10.03 5.40 44.99
C LEU E 395 10.93 4.64 45.99
N GLY E 396 11.99 4.03 45.47
CA GLY E 396 12.91 3.27 46.31
C GLY E 396 12.29 1.97 46.82
N MET E 397 13.17 0.97 46.85
CA MET E 397 12.93 -0.41 47.25
C MET E 397 12.35 -0.67 48.63
N ASP E 398 11.49 0.17 49.22
CA ASP E 398 11.05 -0.20 50.56
C ASP E 398 9.62 -0.20 50.98
N GLU E 399 8.67 0.33 50.20
CA GLU E 399 7.30 0.21 50.70
C GLU E 399 6.88 -1.27 50.58
N LEU E 400 7.84 -2.01 50.05
CA LEU E 400 7.85 -3.42 49.79
C LEU E 400 7.48 -4.24 51.03
N SER E 401 6.49 -5.11 50.82
CA SER E 401 5.98 -5.98 51.87
C SER E 401 6.84 -7.20 52.12
N GLU E 402 6.61 -7.83 53.30
CA GLU E 402 7.28 -9.07 53.69
C GLU E 402 7.11 -10.04 52.51
N GLU E 403 6.00 -9.77 51.79
CA GLU E 403 5.58 -10.45 50.60
C GLU E 403 6.25 -9.91 49.34
N ASP E 404 6.15 -8.62 49.11
CA ASP E 404 6.71 -8.01 47.95
C ASP E 404 8.21 -8.12 47.92
N LYS E 405 8.80 -8.39 49.09
CA LYS E 405 10.23 -8.51 49.20
C LYS E 405 10.72 -9.91 48.88
N LEU E 406 9.80 -10.88 48.98
CA LEU E 406 10.14 -12.25 48.70
C LEU E 406 10.03 -12.57 47.23
N THR E 407 9.00 -12.03 46.61
CA THR E 407 8.78 -12.22 45.20
C THR E 407 10.02 -11.79 44.42
N VAL E 408 10.58 -10.68 44.89
CA VAL E 408 11.77 -10.11 44.29
C VAL E 408 12.96 -11.02 44.49
N SER E 409 13.31 -11.15 45.77
CA SER E 409 14.43 -11.97 46.22
C SER E 409 14.54 -13.25 45.40
N ARG E 410 13.44 -13.99 45.43
CA ARG E 410 13.29 -15.24 44.72
C ARG E 410 13.50 -15.02 43.21
N ALA E 411 12.70 -14.10 42.66
CA ALA E 411 12.73 -13.75 41.26
C ALA E 411 14.15 -13.49 40.81
N ARG E 412 14.89 -12.79 41.68
CA ARG E 412 16.27 -12.45 41.42
C ARG E 412 17.16 -13.67 41.54
N LYS E 413 16.75 -14.63 42.38
CA LYS E 413 17.54 -15.84 42.52
C LYS E 413 17.29 -16.69 41.27
N ILE E 414 15.99 -16.69 40.94
CA ILE E 414 15.44 -17.38 39.79
C ILE E 414 16.09 -16.97 38.49
N GLN E 415 15.99 -15.66 38.21
CA GLN E 415 16.57 -15.07 37.00
C GLN E 415 17.96 -15.61 36.75
N ARG E 416 18.75 -15.68 37.83
CA ARG E 416 20.11 -16.16 37.77
C ARG E 416 20.18 -17.63 37.57
N PHE E 417 19.37 -18.34 38.32
CA PHE E 417 19.37 -19.79 38.20
C PHE E 417 19.08 -20.19 36.76
N LEU E 418 18.36 -19.31 36.07
CA LEU E 418 18.02 -19.53 34.68
C LEU E 418 19.21 -19.34 33.72
N SER E 419 20.36 -18.90 34.27
CA SER E 419 21.60 -18.70 33.50
C SER E 419 22.42 -19.96 33.55
N GLN E 420 23.44 -20.10 32.69
CA GLN E 420 24.19 -21.34 32.74
C GLN E 420 25.48 -21.43 31.89
N PRO E 421 26.48 -22.15 32.44
CA PRO E 421 27.79 -22.41 31.79
C PRO E 421 27.72 -23.42 30.68
N PHE E 422 28.22 -23.12 29.49
CA PHE E 422 28.18 -24.09 28.45
C PHE E 422 29.51 -24.82 28.29
N GLN E 423 29.45 -26.11 27.98
CA GLN E 423 30.68 -26.84 27.76
C GLN E 423 31.33 -26.33 26.49
N VAL E 424 30.58 -25.74 25.57
CA VAL E 424 31.23 -25.23 24.36
C VAL E 424 32.15 -24.06 24.70
N ALA E 425 31.77 -23.30 25.71
CA ALA E 425 32.53 -22.18 26.18
C ALA E 425 33.36 -22.54 27.42
N GLU E 426 34.26 -23.47 27.27
CA GLU E 426 35.13 -23.86 28.36
C GLU E 426 36.56 -23.47 27.97
N VAL E 427 36.89 -23.48 26.64
CA VAL E 427 38.20 -23.11 26.03
C VAL E 427 38.80 -21.83 26.64
N PHE E 428 38.05 -21.21 27.55
CA PHE E 428 38.40 -20.03 28.29
C PHE E 428 37.31 -19.24 28.92
N THR E 429 36.46 -19.93 29.58
CA THR E 429 35.47 -19.28 30.36
C THR E 429 35.96 -19.62 31.74
N GLY E 430 36.92 -20.56 31.73
CA GLY E 430 37.54 -21.10 32.94
C GLY E 430 36.55 -22.03 33.63
N HIS E 431 35.31 -21.57 33.62
CA HIS E 431 34.19 -22.30 34.20
C HIS E 431 33.71 -23.49 33.33
N LEU E 432 33.65 -24.63 34.01
CA LEU E 432 33.26 -25.90 33.46
C LEU E 432 31.80 -25.90 33.07
N GLY E 433 31.50 -26.58 31.96
CA GLY E 433 30.15 -26.68 31.44
C GLY E 433 29.17 -27.63 32.16
N LYS E 434 27.87 -27.26 32.12
CA LYS E 434 26.80 -28.02 32.76
C LYS E 434 25.67 -28.43 31.81
N LEU E 435 25.27 -29.70 31.84
CA LEU E 435 24.15 -30.16 31.04
C LEU E 435 23.05 -30.57 31.99
N VAL E 436 22.48 -29.66 32.70
CA VAL E 436 21.40 -29.94 33.63
C VAL E 436 20.28 -30.78 33.01
N PRO E 437 19.82 -31.79 33.77
CA PRO E 437 18.75 -32.72 33.38
C PRO E 437 17.40 -32.16 33.73
N LEU E 438 16.41 -32.56 32.94
CA LEU E 438 15.04 -32.08 33.08
C LEU E 438 14.49 -32.18 34.49
N LYS E 439 14.83 -33.32 35.10
CA LYS E 439 14.42 -33.67 36.46
C LYS E 439 14.96 -32.69 37.45
N GLU E 440 16.24 -32.38 37.23
CA GLU E 440 16.98 -31.47 38.06
C GLU E 440 16.57 -30.03 37.88
N THR E 441 16.10 -29.77 36.66
CA THR E 441 15.60 -28.47 36.18
C THR E 441 14.34 -28.11 36.93
N ILE E 442 13.36 -29.00 36.88
CA ILE E 442 12.11 -28.72 37.57
C ILE E 442 12.31 -28.69 39.08
N LYS E 443 13.12 -29.62 39.61
CA LYS E 443 13.37 -29.64 41.04
C LYS E 443 13.95 -28.32 41.46
N GLY E 444 15.02 -27.95 40.74
CA GLY E 444 15.70 -26.72 40.97
C GLY E 444 14.74 -25.56 41.21
N PHE E 445 14.12 -25.08 40.15
CA PHE E 445 13.17 -23.98 40.25
C PHE E 445 12.02 -24.25 41.20
N GLN E 446 11.68 -25.52 41.32
CA GLN E 446 10.61 -25.90 42.19
C GLN E 446 10.83 -25.35 43.57
N GLN E 447 12.01 -25.67 44.08
CA GLN E 447 12.48 -25.28 45.41
C GLN E 447 12.62 -23.77 45.64
N ILE E 448 13.20 -23.07 44.65
CA ILE E 448 13.35 -21.62 44.82
C ILE E 448 11.97 -21.03 45.03
N LEU E 449 11.03 -21.54 44.21
CA LEU E 449 9.66 -21.08 44.31
C LEU E 449 9.15 -21.43 45.69
N ALA E 450 9.44 -22.69 46.01
CA ALA E 450 9.09 -23.29 47.28
C ALA E 450 9.55 -22.40 48.41
N GLY E 451 10.85 -22.07 48.29
CA GLY E 451 11.50 -21.22 49.26
C GLY E 451 12.57 -21.94 50.07
N GLU E 452 13.08 -23.09 49.59
CA GLU E 452 14.09 -23.83 50.34
C GLU E 452 15.37 -23.05 50.47
N TYR E 453 15.70 -22.28 49.43
CA TYR E 453 16.92 -21.52 49.43
C TYR E 453 16.75 -20.04 49.54
N ASP E 454 15.61 -19.60 50.11
CA ASP E 454 15.40 -18.16 50.28
C ASP E 454 16.52 -17.49 51.07
N HIS E 455 17.06 -18.25 52.04
CA HIS E 455 18.16 -17.79 52.85
C HIS E 455 19.40 -17.63 51.97
N LEU E 456 19.61 -18.60 51.06
CA LEU E 456 20.71 -18.58 50.11
C LEU E 456 20.72 -17.21 49.44
N PRO E 457 21.89 -16.82 49.02
CA PRO E 457 22.17 -15.55 48.41
C PRO E 457 22.34 -15.65 46.88
N GLU E 458 22.13 -14.51 46.20
CA GLU E 458 22.21 -14.38 44.76
C GLU E 458 23.37 -15.09 44.08
N GLN E 459 24.57 -14.55 44.24
CA GLN E 459 25.75 -15.12 43.61
C GLN E 459 25.97 -16.60 43.89
N ALA E 460 25.08 -17.21 44.61
CA ALA E 460 25.26 -18.61 44.82
C ALA E 460 24.74 -19.35 43.56
N PHE E 461 23.73 -18.74 42.87
CA PHE E 461 22.98 -19.25 41.68
C PHE E 461 23.48 -18.86 40.32
N TYR E 462 24.33 -17.85 40.28
CA TYR E 462 24.86 -17.38 39.02
C TYR E 462 25.77 -18.42 38.36
N MET E 463 25.47 -18.75 37.13
CA MET E 463 26.25 -19.69 36.36
C MET E 463 26.64 -20.97 37.05
N VAL E 464 25.65 -21.83 37.28
CA VAL E 464 25.84 -23.12 37.93
C VAL E 464 24.96 -24.11 37.19
N GLY E 465 25.02 -25.36 37.58
CA GLY E 465 24.17 -26.35 36.97
C GLY E 465 22.96 -26.59 37.88
N PRO E 466 22.96 -27.76 38.51
CA PRO E 466 21.90 -28.18 39.38
C PRO E 466 21.97 -27.45 40.69
N ILE E 467 20.82 -27.28 41.31
CA ILE E 467 20.70 -26.59 42.59
C ILE E 467 21.78 -26.94 43.61
N GLU E 468 22.27 -28.17 43.53
CA GLU E 468 23.31 -28.63 44.44
C GLU E 468 24.50 -27.70 44.42
N GLU E 469 24.76 -27.16 43.22
CA GLU E 469 25.85 -26.23 43.01
C GLU E 469 25.51 -24.86 43.53
N ALA E 470 24.22 -24.57 43.64
CA ALA E 470 23.78 -23.30 44.20
C ALA E 470 24.14 -23.25 45.70
N VAL E 471 24.08 -24.45 46.31
CA VAL E 471 24.39 -24.71 47.71
C VAL E 471 25.89 -24.60 48.01
N ALA E 472 26.69 -25.35 47.24
CA ALA E 472 28.13 -25.37 47.38
C ALA E 472 28.80 -24.03 47.09
N LYS E 473 28.26 -23.28 46.10
CA LYS E 473 28.79 -21.97 45.75
C LYS E 473 28.62 -21.02 46.93
N ALA E 474 27.52 -21.18 47.64
CA ALA E 474 27.23 -20.38 48.80
C ALA E 474 28.24 -20.67 49.91
N ASP E 475 28.65 -21.95 50.02
CA ASP E 475 29.64 -22.40 51.00
C ASP E 475 30.96 -21.69 50.76
N LYS E 476 31.36 -21.74 49.49
CA LYS E 476 32.58 -21.11 49.06
C LYS E 476 32.47 -19.60 49.16
N LEU E 477 31.22 -19.11 49.39
CA LEU E 477 30.95 -17.66 49.49
C LEU E 477 30.43 -17.25 50.88
N ALA E 478 30.89 -18.00 51.89
CA ALA E 478 30.50 -17.77 53.28
C ALA E 478 29.00 -17.95 53.46
N THR F 13 -31.24 -22.24 -35.49
CA THR F 13 -29.89 -22.53 -35.98
C THR F 13 -29.12 -23.41 -35.00
N THR F 14 -28.24 -24.29 -35.55
CA THR F 14 -27.42 -25.17 -34.71
C THR F 14 -25.92 -24.93 -34.77
N GLY F 15 -25.32 -24.57 -33.64
CA GLY F 15 -23.89 -24.38 -33.58
C GLY F 15 -23.35 -25.59 -32.84
N ARG F 16 -22.04 -25.67 -32.67
CA ARG F 16 -21.41 -26.76 -31.95
C ARG F 16 -20.50 -26.24 -30.85
N ILE F 17 -20.55 -26.80 -29.65
CA ILE F 17 -19.67 -26.34 -28.61
C ILE F 17 -18.22 -26.50 -29.02
N VAL F 18 -17.51 -25.38 -29.15
CA VAL F 18 -16.10 -25.35 -29.54
C VAL F 18 -15.19 -25.38 -28.35
N ALA F 19 -15.48 -24.54 -27.34
CA ALA F 19 -14.62 -24.55 -26.20
C ALA F 19 -15.38 -24.33 -24.97
N VAL F 20 -14.85 -24.81 -23.87
CA VAL F 20 -15.54 -24.64 -22.61
C VAL F 20 -14.58 -24.37 -21.49
N ILE F 21 -14.82 -23.27 -20.75
CA ILE F 21 -13.99 -22.85 -19.62
C ILE F 21 -14.92 -22.26 -18.63
N GLY F 22 -15.15 -22.90 -17.49
CA GLY F 22 -16.06 -22.30 -16.54
C GLY F 22 -17.37 -21.92 -17.21
N ALA F 23 -17.78 -20.69 -17.10
CA ALA F 23 -19.03 -20.30 -17.69
C ALA F 23 -18.90 -19.74 -19.07
N VAL F 24 -17.74 -19.85 -19.64
CA VAL F 24 -17.57 -19.27 -20.93
C VAL F 24 -17.47 -20.36 -21.92
N VAL F 25 -18.53 -20.51 -22.67
CA VAL F 25 -18.66 -21.54 -23.70
C VAL F 25 -18.60 -20.90 -25.09
N ASP F 26 -17.68 -21.35 -25.92
CA ASP F 26 -17.56 -20.81 -27.25
C ASP F 26 -18.21 -21.75 -28.21
N VAL F 27 -19.19 -21.24 -28.95
CA VAL F 27 -19.97 -22.00 -29.93
C VAL F 27 -19.83 -21.48 -31.37
N GLN F 28 -19.61 -22.40 -32.29
CA GLN F 28 -19.43 -22.06 -33.69
C GLN F 28 -20.66 -22.38 -34.52
N PHE F 29 -20.97 -21.56 -35.49
CA PHE F 29 -22.12 -21.84 -36.30
C PHE F 29 -21.71 -21.83 -37.75
N ASP F 30 -22.51 -22.49 -38.58
CA ASP F 30 -22.18 -22.56 -39.98
C ASP F 30 -23.07 -21.70 -40.85
N GLU F 31 -24.36 -21.74 -40.59
CA GLU F 31 -25.21 -20.92 -41.43
C GLU F 31 -25.71 -19.64 -40.75
N GLY F 32 -26.29 -19.73 -39.57
CA GLY F 32 -26.76 -18.50 -38.95
C GLY F 32 -26.01 -18.13 -37.69
N LEU F 33 -25.25 -17.03 -37.74
CA LEU F 33 -24.53 -16.55 -36.58
C LEU F 33 -25.48 -15.68 -35.77
N PRO F 34 -25.74 -16.07 -34.54
CA PRO F 34 -26.66 -15.34 -33.72
C PRO F 34 -26.07 -14.02 -33.22
N PRO F 35 -26.92 -13.01 -33.19
CA PRO F 35 -26.53 -11.72 -32.69
C PRO F 35 -26.19 -11.79 -31.20
N ILE F 36 -25.45 -10.81 -30.78
CA ILE F 36 -25.09 -10.68 -29.42
C ILE F 36 -26.36 -10.46 -28.57
N LEU F 37 -26.41 -11.08 -27.40
CA LEU F 37 -27.51 -11.02 -26.43
C LEU F 37 -28.54 -12.13 -26.62
N ASN F 38 -28.44 -12.83 -27.72
CA ASN F 38 -29.34 -13.91 -28.01
C ASN F 38 -29.09 -15.09 -27.12
N ALA F 39 -30.18 -15.69 -26.67
CA ALA F 39 -30.12 -16.88 -25.84
C ALA F 39 -30.10 -18.17 -26.64
N LEU F 40 -29.07 -19.01 -26.48
CA LEU F 40 -28.97 -20.29 -27.17
C LEU F 40 -29.32 -21.44 -26.21
N GLU F 41 -29.90 -22.50 -26.70
CA GLU F 41 -30.20 -23.58 -25.81
C GLU F 41 -29.29 -24.74 -26.16
N VAL F 42 -28.51 -25.21 -25.17
CA VAL F 42 -27.59 -26.31 -25.41
C VAL F 42 -28.42 -27.53 -25.54
N GLN F 43 -28.09 -28.35 -26.51
CA GLN F 43 -28.86 -29.56 -26.72
C GLN F 43 -28.19 -30.74 -26.09
N GLY F 44 -28.99 -31.71 -25.67
CA GLY F 44 -28.50 -32.94 -25.09
C GLY F 44 -28.29 -32.93 -23.60
N ARG F 45 -29.21 -32.30 -22.87
CA ARG F 45 -29.09 -32.15 -21.44
C ARG F 45 -30.33 -32.48 -20.59
N GLU F 46 -30.08 -32.99 -19.40
CA GLU F 46 -31.18 -33.31 -18.53
C GLU F 46 -32.03 -32.08 -18.29
N THR F 47 -31.43 -30.89 -18.01
CA THR F 47 -32.17 -29.62 -17.77
C THR F 47 -31.72 -28.45 -18.66
N ARG F 48 -32.57 -27.43 -18.70
CA ARG F 48 -32.32 -26.28 -19.52
C ARG F 48 -31.02 -25.60 -19.23
N LEU F 49 -30.24 -25.39 -20.29
CA LEU F 49 -28.98 -24.66 -20.19
C LEU F 49 -28.95 -23.57 -21.27
N VAL F 50 -29.24 -22.41 -20.81
CA VAL F 50 -29.22 -21.31 -21.71
C VAL F 50 -27.82 -20.67 -21.72
N LEU F 51 -27.39 -20.28 -22.91
CA LEU F 51 -26.14 -19.58 -23.20
C LEU F 51 -26.48 -18.22 -23.76
N GLU F 52 -25.94 -17.15 -23.19
CA GLU F 52 -26.25 -15.85 -23.74
C GLU F 52 -25.08 -15.38 -24.57
N VAL F 53 -25.29 -15.09 -25.86
CA VAL F 53 -24.21 -14.63 -26.73
C VAL F 53 -23.59 -13.35 -26.20
N ALA F 54 -22.24 -13.30 -26.19
CA ALA F 54 -21.53 -12.15 -25.69
C ALA F 54 -20.74 -11.45 -26.77
N GLN F 55 -20.27 -12.17 -27.77
CA GLN F 55 -19.52 -11.44 -28.78
C GLN F 55 -19.19 -12.29 -29.98
N HIS F 56 -18.89 -11.64 -31.12
CA HIS F 56 -18.53 -12.41 -32.28
C HIS F 56 -17.04 -12.39 -32.38
N LEU F 57 -16.41 -13.53 -32.11
CA LEU F 57 -14.94 -13.65 -32.15
C LEU F 57 -14.42 -13.69 -33.57
N GLY F 58 -15.36 -13.65 -34.54
CA GLY F 58 -15.01 -13.77 -35.95
C GLY F 58 -14.75 -15.26 -36.25
N GLU F 59 -14.47 -15.60 -37.50
CA GLU F 59 -14.23 -16.99 -37.87
C GLU F 59 -15.51 -17.76 -37.59
N SER F 60 -16.62 -17.09 -37.81
CA SER F 60 -17.89 -17.76 -37.59
C SER F 60 -18.09 -18.35 -36.20
N THR F 61 -17.50 -17.80 -35.16
CA THR F 61 -17.68 -18.32 -33.82
C THR F 61 -18.30 -17.22 -32.94
N VAL F 62 -18.97 -17.60 -31.87
CA VAL F 62 -19.54 -16.66 -30.93
C VAL F 62 -19.11 -17.05 -29.54
N ARG F 63 -18.78 -16.07 -28.73
CA ARG F 63 -18.43 -16.40 -27.37
C ARG F 63 -19.57 -16.01 -26.49
N THR F 64 -20.06 -17.02 -25.69
CA THR F 64 -21.27 -16.90 -24.86
C THR F 64 -21.07 -17.16 -23.38
N ILE F 65 -22.04 -16.80 -22.55
CA ILE F 65 -21.90 -16.99 -21.13
C ILE F 65 -22.96 -17.93 -20.64
N ALA F 66 -22.60 -19.08 -20.12
CA ALA F 66 -23.65 -19.97 -19.63
C ALA F 66 -24.50 -19.45 -18.51
N MET F 67 -25.73 -19.89 -18.43
CA MET F 67 -26.56 -19.44 -17.32
C MET F 67 -26.66 -20.45 -16.19
N ASP F 68 -26.00 -21.60 -16.36
CA ASP F 68 -25.98 -22.67 -15.35
C ASP F 68 -24.67 -23.42 -15.43
N GLY F 69 -24.38 -24.30 -14.47
CA GLY F 69 -23.12 -25.05 -14.47
C GLY F 69 -22.93 -25.69 -15.84
N THR F 70 -21.70 -25.72 -16.31
CA THR F 70 -21.32 -26.25 -17.62
C THR F 70 -20.72 -27.66 -17.58
N GLU F 71 -20.75 -28.32 -16.41
CA GLU F 71 -20.16 -29.65 -16.35
C GLU F 71 -20.88 -30.57 -17.29
N GLY F 72 -20.14 -31.46 -17.94
CA GLY F 72 -20.80 -32.40 -18.80
C GLY F 72 -20.76 -31.98 -20.21
N LEU F 73 -20.69 -30.68 -20.48
CA LEU F 73 -20.65 -30.28 -21.88
C LEU F 73 -19.47 -30.90 -22.54
N VAL F 74 -19.61 -31.12 -23.86
CA VAL F 74 -18.56 -31.77 -24.64
C VAL F 74 -18.28 -31.03 -25.93
N ARG F 75 -16.99 -30.92 -26.32
CA ARG F 75 -16.71 -30.20 -27.56
C ARG F 75 -17.46 -30.91 -28.68
N GLY F 76 -17.92 -30.16 -29.64
CA GLY F 76 -18.68 -30.72 -30.72
C GLY F 76 -20.17 -30.81 -30.38
N GLN F 77 -20.58 -30.57 -29.12
CA GLN F 77 -21.99 -30.66 -28.73
C GLN F 77 -22.89 -29.67 -29.45
N LYS F 78 -24.15 -30.02 -29.71
CA LYS F 78 -25.05 -29.14 -30.45
C LYS F 78 -25.75 -28.10 -29.62
N VAL F 79 -25.76 -26.86 -30.11
CA VAL F 79 -26.40 -25.71 -29.49
C VAL F 79 -27.38 -25.14 -30.51
N LEU F 80 -28.51 -24.64 -30.04
CA LEU F 80 -29.56 -24.08 -30.86
C LEU F 80 -29.88 -22.58 -30.64
N ASP F 81 -29.90 -21.77 -31.69
CA ASP F 81 -30.22 -20.36 -31.44
C ASP F 81 -31.66 -20.14 -30.99
N SER F 82 -31.91 -19.58 -29.83
CA SER F 82 -33.31 -19.40 -29.49
C SER F 82 -33.94 -18.38 -30.38
N GLY F 83 -33.10 -17.60 -31.04
CA GLY F 83 -33.62 -16.55 -31.90
C GLY F 83 -33.83 -15.22 -31.18
N ALA F 84 -33.84 -15.18 -29.86
CA ALA F 84 -34.04 -13.93 -29.16
C ALA F 84 -33.18 -13.97 -27.87
N PRO F 85 -33.25 -12.96 -27.03
CA PRO F 85 -32.50 -12.94 -25.77
C PRO F 85 -33.35 -13.61 -24.66
N ILE F 86 -32.76 -13.85 -23.49
CA ILE F 86 -33.53 -14.47 -22.41
C ILE F 86 -34.82 -13.71 -22.20
N ARG F 87 -35.95 -14.42 -22.34
CA ARG F 87 -37.29 -13.86 -22.19
C ARG F 87 -38.00 -14.45 -20.97
N ILE F 88 -38.72 -13.63 -20.18
CA ILE F 88 -39.29 -14.20 -18.97
C ILE F 88 -40.72 -13.78 -18.75
N PRO F 89 -41.51 -14.63 -18.12
CA PRO F 89 -42.91 -14.37 -17.85
C PRO F 89 -43.13 -13.09 -17.12
N VAL F 90 -43.96 -12.20 -17.67
CA VAL F 90 -44.27 -10.93 -17.01
C VAL F 90 -45.77 -10.79 -17.04
N GLY F 91 -46.27 -10.16 -16.01
CA GLY F 91 -47.67 -10.01 -15.82
C GLY F 91 -47.96 -10.19 -14.36
N PRO F 92 -49.23 -10.20 -14.02
CA PRO F 92 -49.63 -10.40 -12.65
C PRO F 92 -49.50 -11.85 -12.20
N GLU F 93 -49.38 -12.76 -13.14
CA GLU F 93 -49.23 -14.13 -12.75
C GLU F 93 -47.89 -14.47 -12.16
N THR F 94 -47.03 -13.49 -12.02
CA THR F 94 -45.72 -13.71 -11.44
C THR F 94 -45.79 -13.35 -9.96
N LEU F 95 -46.90 -12.71 -9.65
CA LEU F 95 -47.13 -12.25 -8.30
C LEU F 95 -47.26 -13.42 -7.37
N GLY F 96 -46.49 -13.46 -6.31
CA GLY F 96 -46.62 -14.60 -5.40
C GLY F 96 -45.80 -15.82 -5.83
N ARG F 97 -45.02 -15.67 -6.90
CA ARG F 97 -44.22 -16.77 -7.37
C ARG F 97 -42.72 -16.54 -7.28
N ILE F 98 -41.93 -17.60 -7.22
CA ILE F 98 -40.53 -17.42 -7.15
C ILE F 98 -40.02 -17.87 -8.49
N MET F 99 -39.16 -17.10 -9.15
CA MET F 99 -38.64 -17.53 -10.43
C MET F 99 -37.11 -17.33 -10.53
N ASN F 100 -36.53 -18.00 -11.50
CA ASN F 100 -35.14 -18.08 -11.94
C ASN F 100 -34.63 -16.92 -12.77
N VAL F 101 -33.32 -16.94 -13.09
CA VAL F 101 -32.81 -15.92 -13.99
C VAL F 101 -33.55 -16.00 -15.32
N ILE F 102 -33.73 -17.23 -15.77
CA ILE F 102 -34.37 -17.52 -17.02
C ILE F 102 -35.88 -17.66 -16.90
N GLY F 103 -36.43 -17.11 -15.89
CA GLY F 103 -37.84 -17.14 -15.75
C GLY F 103 -38.57 -18.44 -15.47
N GLU F 104 -37.93 -19.53 -15.07
CA GLU F 104 -38.70 -20.73 -14.76
C GLU F 104 -39.07 -20.70 -13.31
N PRO F 105 -40.22 -21.21 -12.91
CA PRO F 105 -40.62 -21.22 -11.50
C PRO F 105 -39.73 -22.17 -10.74
N ILE F 106 -39.47 -21.86 -9.46
CA ILE F 106 -38.65 -22.65 -8.59
C ILE F 106 -39.34 -22.73 -7.24
N ASP F 107 -40.64 -22.66 -7.30
CA ASP F 107 -41.40 -22.72 -6.09
C ASP F 107 -42.25 -23.95 -6.08
N GLU F 108 -41.93 -24.83 -7.02
CA GLU F 108 -42.65 -26.07 -7.13
C GLU F 108 -44.16 -25.89 -7.15
N ARG F 109 -44.65 -24.84 -7.82
CA ARG F 109 -46.08 -24.59 -7.89
C ARG F 109 -46.60 -24.57 -9.33
N GLY F 110 -45.89 -25.24 -10.25
CA GLY F 110 -46.37 -25.26 -11.61
C GLY F 110 -45.80 -24.15 -12.45
N PRO F 111 -46.27 -24.07 -13.68
CA PRO F 111 -45.82 -23.09 -14.61
C PRO F 111 -46.49 -21.78 -14.32
N ILE F 112 -45.76 -20.71 -14.65
CA ILE F 112 -46.23 -19.36 -14.50
C ILE F 112 -46.94 -19.13 -15.82
N LYS F 113 -48.28 -19.08 -15.77
CA LYS F 113 -49.03 -18.89 -17.01
C LYS F 113 -49.45 -17.43 -17.23
N THR F 114 -48.63 -16.79 -18.09
CA THR F 114 -48.75 -15.41 -18.48
C THR F 114 -49.05 -15.31 -19.94
N LYS F 115 -49.64 -14.15 -20.22
CA LYS F 115 -50.03 -13.76 -21.56
C LYS F 115 -48.78 -13.31 -22.34
N GLN F 116 -47.99 -12.41 -21.68
CA GLN F 116 -46.78 -11.85 -22.25
C GLN F 116 -45.50 -12.33 -21.59
N PHE F 117 -44.47 -12.22 -22.40
CA PHE F 117 -43.13 -12.56 -22.04
C PHE F 117 -42.27 -11.37 -22.35
N ALA F 118 -41.34 -11.03 -21.48
CA ALA F 118 -40.46 -9.90 -21.72
C ALA F 118 -39.01 -10.37 -21.77
N ALA F 119 -38.14 -9.70 -22.52
CA ALA F 119 -36.72 -10.06 -22.56
C ALA F 119 -35.99 -9.26 -21.51
N ILE F 120 -35.05 -9.88 -20.83
CA ILE F 120 -34.36 -9.23 -19.75
C ILE F 120 -33.48 -8.05 -20.14
N HIS F 121 -33.19 -7.92 -21.44
CA HIS F 121 -32.36 -6.82 -21.91
C HIS F 121 -33.22 -5.80 -22.63
N ALA F 122 -33.33 -4.61 -22.06
CA ALA F 122 -34.11 -3.53 -22.62
C ALA F 122 -33.24 -2.29 -22.60
N GLU F 123 -33.66 -1.16 -23.21
CA GLU F 123 -32.83 0.04 -23.13
C GLU F 123 -33.35 0.94 -22.01
N ALA F 124 -32.55 1.86 -21.49
CA ALA F 124 -33.07 2.65 -20.37
C ALA F 124 -34.02 3.73 -20.82
N PRO F 125 -35.01 4.07 -20.01
CA PRO F 125 -35.96 5.13 -20.35
C PRO F 125 -35.20 6.39 -20.82
N GLU F 126 -35.74 7.11 -21.81
CA GLU F 126 -35.09 8.27 -22.35
C GLU F 126 -35.20 9.50 -21.47
N PHE F 127 -34.34 10.45 -21.77
CA PHE F 127 -34.28 11.71 -21.05
C PHE F 127 -35.66 12.30 -20.87
N VAL F 128 -36.36 12.50 -22.00
CA VAL F 128 -37.70 13.07 -22.02
C VAL F 128 -38.68 12.29 -21.18
N GLU F 129 -38.33 11.03 -20.89
CA GLU F 129 -39.19 10.19 -20.08
C GLU F 129 -38.97 10.38 -18.59
N MET F 130 -37.88 11.01 -18.21
CA MET F 130 -37.57 11.24 -16.82
C MET F 130 -38.61 12.02 -16.03
N SER F 131 -38.52 11.90 -14.72
CA SER F 131 -39.38 12.57 -13.80
C SER F 131 -38.56 13.29 -12.82
N VAL F 132 -39.11 14.35 -12.23
CA VAL F 132 -38.39 15.20 -11.30
C VAL F 132 -39.22 15.58 -10.08
N GLU F 133 -40.26 14.80 -9.80
CA GLU F 133 -41.08 15.14 -8.64
C GLU F 133 -40.32 14.68 -7.44
N GLN F 134 -40.24 15.45 -6.37
CA GLN F 134 -39.49 14.92 -5.24
C GLN F 134 -40.32 14.91 -3.96
N GLU F 135 -40.79 13.70 -3.57
CA GLU F 135 -41.59 13.57 -2.37
C GLU F 135 -40.82 12.76 -1.32
N ILE F 136 -40.91 13.18 -0.05
CA ILE F 136 -40.18 12.46 0.99
C ILE F 136 -40.91 11.18 1.37
N LEU F 137 -40.15 10.12 1.62
CA LEU F 137 -40.71 8.85 2.03
C LEU F 137 -40.26 8.63 3.46
N VAL F 138 -41.18 8.72 4.39
CA VAL F 138 -40.83 8.54 5.80
C VAL F 138 -40.74 7.08 6.14
N THR F 139 -39.69 6.69 6.82
CA THR F 139 -39.51 5.29 7.13
C THR F 139 -39.69 4.93 8.60
N GLY F 140 -39.64 5.89 9.48
CA GLY F 140 -39.79 5.64 10.87
C GLY F 140 -38.50 5.34 11.57
N ILE F 141 -37.45 5.41 10.81
CA ILE F 141 -36.13 5.23 11.34
C ILE F 141 -35.60 6.62 11.63
N LYS F 142 -35.24 6.89 12.87
CA LYS F 142 -34.75 8.21 13.24
C LYS F 142 -33.63 8.80 12.36
N VAL F 143 -32.46 8.15 12.33
CA VAL F 143 -31.31 8.62 11.56
C VAL F 143 -31.62 8.89 10.11
N VAL F 144 -32.31 7.95 9.49
CA VAL F 144 -32.62 8.03 8.08
C VAL F 144 -33.50 9.24 7.83
N ASP F 145 -34.68 9.20 8.42
CA ASP F 145 -35.63 10.28 8.30
C ASP F 145 -35.02 11.66 8.56
N LEU F 146 -34.31 11.83 9.68
CA LEU F 146 -33.71 13.11 10.00
C LEU F 146 -32.63 13.59 9.04
N LEU F 147 -31.58 12.85 8.93
CA LEU F 147 -30.41 13.19 8.18
C LEU F 147 -30.29 12.83 6.72
N ALA F 148 -30.87 11.70 6.24
CA ALA F 148 -30.76 11.33 4.82
C ALA F 148 -32.04 10.70 4.34
N PRO F 149 -33.11 11.45 4.40
CA PRO F 149 -34.44 11.03 4.08
C PRO F 149 -34.57 10.41 2.72
N TYR F 150 -35.34 9.35 2.59
CA TYR F 150 -35.55 8.72 1.30
C TYR F 150 -36.60 9.51 0.53
N ALA F 151 -36.94 9.10 -0.70
CA ALA F 151 -37.95 9.82 -1.49
C ALA F 151 -38.80 8.94 -2.37
N LYS F 152 -40.12 9.19 -2.42
CA LYS F 152 -40.99 8.40 -3.27
C LYS F 152 -40.47 8.32 -4.69
N GLY F 153 -40.51 7.13 -5.26
CA GLY F 153 -40.05 6.85 -6.61
C GLY F 153 -38.57 7.09 -6.78
N GLY F 154 -37.90 7.33 -5.63
CA GLY F 154 -36.48 7.58 -5.59
C GLY F 154 -35.60 6.34 -5.56
N LYS F 155 -34.30 6.62 -5.57
CA LYS F 155 -33.28 5.63 -5.52
C LYS F 155 -32.51 5.58 -4.23
N ILE F 156 -32.75 4.56 -3.42
CA ILE F 156 -32.04 4.44 -2.17
C ILE F 156 -30.96 3.36 -2.20
N GLY F 157 -29.88 3.54 -1.45
CA GLY F 157 -28.81 2.55 -1.39
C GLY F 157 -28.30 2.38 0.04
N LEU F 158 -28.12 1.11 0.45
CA LEU F 158 -27.63 0.81 1.78
C LEU F 158 -26.23 0.27 1.64
N PHE F 159 -25.20 1.02 1.96
CA PHE F 159 -23.86 0.51 1.80
C PHE F 159 -23.44 -0.26 3.06
N GLY F 160 -22.86 -1.47 2.95
CA GLY F 160 -22.45 -2.14 4.21
C GLY F 160 -21.38 -3.20 4.07
N GLY F 161 -20.37 -3.20 4.96
CA GLY F 161 -19.34 -4.23 4.85
C GLY F 161 -20.00 -5.49 5.37
N ALA F 162 -19.30 -6.62 5.45
CA ALA F 162 -19.98 -7.81 5.92
C ALA F 162 -20.57 -7.75 7.33
N GLY F 163 -21.76 -8.32 7.50
CA GLY F 163 -22.51 -8.43 8.73
C GLY F 163 -22.77 -7.16 9.50
N VAL F 164 -22.94 -6.06 8.79
CA VAL F 164 -23.15 -4.74 9.41
C VAL F 164 -24.61 -4.32 9.62
N GLY F 165 -25.53 -4.83 8.78
CA GLY F 165 -26.94 -4.49 8.96
C GLY F 165 -27.70 -4.27 7.66
N LYS F 166 -27.04 -4.47 6.49
CA LYS F 166 -27.71 -4.25 5.23
C LYS F 166 -29.06 -4.95 5.14
N THR F 167 -29.05 -6.27 5.32
CA THR F 167 -30.27 -7.07 5.23
C THR F 167 -31.29 -6.78 6.31
N VAL F 168 -30.85 -6.60 7.52
CA VAL F 168 -31.77 -6.28 8.57
C VAL F 168 -32.47 -4.98 8.21
N LEU F 169 -31.71 -4.01 7.67
CA LEU F 169 -32.31 -2.73 7.29
C LEU F 169 -33.29 -2.87 6.18
N ILE F 170 -32.99 -3.71 5.20
CA ILE F 170 -33.96 -3.90 4.14
C ILE F 170 -35.28 -4.48 4.69
N MET F 171 -35.14 -5.45 5.59
CA MET F 171 -36.28 -6.09 6.17
C MET F 171 -37.12 -5.10 6.95
N GLU F 172 -36.45 -4.38 7.84
CA GLU F 172 -37.16 -3.39 8.61
C GLU F 172 -37.93 -2.43 7.72
N LEU F 173 -37.30 -2.01 6.63
CA LEU F 173 -37.94 -1.12 5.68
C LEU F 173 -39.07 -1.84 5.00
N ILE F 174 -38.87 -3.11 4.65
CA ILE F 174 -39.94 -3.87 3.98
C ILE F 174 -41.13 -3.86 4.93
N ASN F 175 -40.81 -4.05 6.21
CA ASN F 175 -41.81 -4.08 7.23
C ASN F 175 -42.53 -2.73 7.34
N ASN F 176 -41.79 -1.69 7.69
CA ASN F 176 -42.31 -0.35 7.85
C ASN F 176 -42.90 0.36 6.61
N VAL F 177 -42.57 -0.09 5.41
CA VAL F 177 -43.04 0.58 4.21
C VAL F 177 -43.77 -0.34 3.25
N ALA F 178 -43.10 -1.43 2.86
CA ALA F 178 -43.66 -2.37 1.92
C ALA F 178 -44.97 -2.91 2.41
N LYS F 179 -45.02 -3.30 3.68
CA LYS F 179 -46.23 -3.88 4.25
C LYS F 179 -47.50 -3.08 3.99
N ALA F 180 -47.42 -1.77 4.18
CA ALA F 180 -48.60 -0.95 3.93
C ALA F 180 -48.45 -0.12 2.66
N HIS F 181 -48.20 -0.83 1.57
CA HIS F 181 -48.03 -0.18 0.30
C HIS F 181 -49.19 -0.60 -0.60
N GLY F 182 -49.71 0.35 -1.39
CA GLY F 182 -50.82 0.05 -2.30
C GLY F 182 -50.50 -0.89 -3.47
N GLY F 183 -49.55 -0.46 -4.31
CA GLY F 183 -49.12 -1.21 -5.48
C GLY F 183 -48.39 -2.52 -5.17
N TYR F 184 -47.55 -2.89 -6.10
CA TYR F 184 -46.76 -4.09 -6.03
C TYR F 184 -45.34 -3.89 -5.55
N SER F 185 -44.67 -5.01 -5.34
CA SER F 185 -43.31 -5.07 -4.84
C SER F 185 -42.60 -6.17 -5.54
N VAL F 186 -41.29 -6.02 -5.71
CA VAL F 186 -40.51 -7.03 -6.34
C VAL F 186 -39.24 -7.19 -5.55
N PHE F 187 -39.02 -8.40 -5.04
CA PHE F 187 -37.80 -8.62 -4.31
C PHE F 187 -36.91 -9.38 -5.28
N ALA F 188 -35.66 -8.94 -5.37
CA ALA F 188 -34.73 -9.70 -6.15
C ALA F 188 -33.50 -10.06 -5.29
N GLY F 189 -33.30 -11.37 -5.08
CA GLY F 189 -32.18 -11.77 -4.28
C GLY F 189 -31.10 -12.09 -5.26
N VAL F 190 -30.02 -11.31 -5.23
CA VAL F 190 -28.87 -11.46 -6.10
C VAL F 190 -27.67 -11.80 -5.26
N GLY F 191 -27.05 -12.95 -5.56
CA GLY F 191 -25.83 -13.42 -4.92
C GLY F 191 -25.88 -13.54 -3.41
N GLU F 192 -27.04 -13.61 -2.82
CA GLU F 192 -27.06 -13.73 -1.38
C GLU F 192 -27.33 -15.12 -0.91
N ARG F 193 -27.72 -15.28 0.35
CA ARG F 193 -27.95 -16.59 0.91
C ARG F 193 -29.25 -17.24 0.50
N THR F 194 -29.23 -18.55 0.18
CA THR F 194 -30.46 -19.26 -0.18
C THR F 194 -31.45 -19.30 1.00
N ARG F 195 -30.94 -19.58 2.19
CA ARG F 195 -31.79 -19.61 3.35
C ARG F 195 -32.57 -18.27 3.50
N GLU F 196 -31.98 -17.19 3.01
CA GLU F 196 -32.63 -15.92 3.18
C GLU F 196 -33.86 -15.84 2.30
N GLY F 197 -33.71 -16.37 1.11
CA GLY F 197 -34.83 -16.43 0.21
C GLY F 197 -35.92 -17.23 0.87
N ASN F 198 -35.50 -18.36 1.38
CA ASN F 198 -36.40 -19.23 2.11
C ASN F 198 -36.98 -18.54 3.35
N ASP F 199 -36.17 -17.81 4.09
CA ASP F 199 -36.66 -17.13 5.26
C ASP F 199 -37.78 -16.13 4.93
N LEU F 200 -37.62 -15.47 3.80
CA LEU F 200 -38.48 -14.45 3.34
C LEU F 200 -39.78 -14.93 2.79
N TYR F 201 -39.67 -15.89 1.92
CA TYR F 201 -40.80 -16.51 1.25
C TYR F 201 -41.89 -16.95 2.23
N HIS F 202 -41.45 -17.79 3.16
CA HIS F 202 -42.29 -18.30 4.21
C HIS F 202 -42.84 -17.19 5.06
N GLU F 203 -42.07 -16.14 5.28
CA GLU F 203 -42.55 -15.05 6.10
C GLU F 203 -43.60 -14.25 5.35
N MET F 204 -43.36 -14.19 4.08
CA MET F 204 -44.22 -13.49 3.18
C MET F 204 -45.51 -14.20 3.13
N ILE F 205 -45.40 -15.52 3.19
CA ILE F 205 -46.61 -16.33 3.16
C ILE F 205 -47.53 -15.96 4.35
N GLU F 206 -46.96 -16.10 5.54
CA GLU F 206 -47.51 -15.84 6.84
C GLU F 206 -48.25 -14.53 6.96
N SER F 207 -47.63 -13.41 6.57
CA SER F 207 -48.24 -12.10 6.70
C SER F 207 -49.16 -11.77 5.56
N GLY F 208 -49.30 -12.78 4.75
CA GLY F 208 -50.16 -12.81 3.61
C GLY F 208 -49.76 -11.97 2.43
N VAL F 209 -48.54 -11.61 2.31
CA VAL F 209 -48.32 -10.83 1.16
C VAL F 209 -48.23 -11.77 0.00
N ILE F 210 -47.88 -12.97 0.32
CA ILE F 210 -47.86 -14.02 -0.65
C ILE F 210 -49.05 -14.85 -0.23
N ASN F 211 -50.01 -15.14 -1.11
CA ASN F 211 -51.16 -15.98 -0.80
C ASN F 211 -51.15 -17.10 -1.82
N LEU F 212 -51.08 -18.36 -1.33
CA LEU F 212 -50.99 -19.53 -2.23
C LEU F 212 -52.32 -20.07 -2.66
N LYS F 213 -53.34 -19.36 -2.21
CA LYS F 213 -54.71 -19.71 -2.49
C LYS F 213 -55.38 -18.84 -3.57
N ASP F 214 -55.39 -17.53 -3.34
CA ASP F 214 -55.99 -16.57 -4.23
C ASP F 214 -54.96 -15.82 -4.99
N ALA F 215 -55.47 -14.90 -5.79
CA ALA F 215 -54.62 -14.00 -6.53
C ALA F 215 -54.63 -12.69 -5.81
N THR F 216 -53.92 -12.63 -4.66
CA THR F 216 -53.95 -11.46 -3.79
C THR F 216 -52.55 -11.18 -3.26
N SER F 217 -51.59 -11.86 -3.87
CA SER F 217 -50.22 -11.65 -3.48
C SER F 217 -49.77 -10.31 -4.01
N LYS F 218 -48.98 -9.57 -3.28
CA LYS F 218 -48.54 -8.30 -3.82
C LYS F 218 -47.08 -8.28 -4.23
N VAL F 219 -46.37 -9.44 -4.08
CA VAL F 219 -44.95 -9.48 -4.32
C VAL F 219 -44.54 -10.54 -5.30
N ALA F 220 -43.59 -10.25 -6.20
CA ALA F 220 -43.08 -11.27 -7.13
C ALA F 220 -41.64 -11.54 -6.70
N LEU F 221 -41.18 -12.81 -6.56
CA LEU F 221 -39.83 -13.05 -6.06
C LEU F 221 -38.97 -13.65 -7.12
N VAL F 222 -37.73 -13.09 -7.29
CA VAL F 222 -36.74 -13.55 -8.29
C VAL F 222 -35.45 -13.80 -7.52
N TYR F 223 -34.80 -14.96 -7.77
CA TYR F 223 -33.59 -15.30 -7.02
C TYR F 223 -32.51 -15.98 -7.88
N GLY F 224 -31.24 -15.70 -7.57
CA GLY F 224 -30.09 -16.28 -8.21
C GLY F 224 -29.03 -16.09 -7.16
N GLN F 225 -29.00 -16.93 -6.13
CA GLN F 225 -28.10 -16.88 -5.01
C GLN F 225 -26.62 -17.32 -5.14
N MET F 226 -26.00 -17.23 -3.96
CA MET F 226 -24.61 -17.54 -3.70
C MET F 226 -24.11 -18.88 -4.20
N ASN F 227 -25.06 -19.75 -4.59
CA ASN F 227 -24.77 -21.06 -5.12
C ASN F 227 -24.78 -21.15 -6.65
N GLU F 228 -25.16 -20.10 -7.35
CA GLU F 228 -25.18 -20.20 -8.80
C GLU F 228 -23.86 -19.85 -9.45
N PRO F 229 -23.69 -20.34 -10.63
CA PRO F 229 -22.49 -20.04 -11.37
C PRO F 229 -22.57 -18.56 -11.69
N PRO F 230 -21.44 -17.89 -11.89
CA PRO F 230 -21.32 -16.47 -12.16
C PRO F 230 -22.33 -15.84 -13.11
N GLY F 231 -22.50 -16.43 -14.32
CA GLY F 231 -23.40 -15.92 -15.34
C GLY F 231 -24.81 -15.69 -14.81
N ALA F 232 -25.26 -16.57 -13.93
CA ALA F 232 -26.59 -16.45 -13.39
C ALA F 232 -26.71 -15.24 -12.52
N ARG F 233 -25.68 -15.08 -11.68
CA ARG F 233 -25.62 -14.00 -10.73
C ARG F 233 -25.44 -12.68 -11.48
N ALA F 234 -24.80 -12.81 -12.61
CA ALA F 234 -24.57 -11.67 -13.42
C ALA F 234 -25.85 -11.20 -14.08
N ARG F 235 -26.85 -12.10 -14.28
CA ARG F 235 -28.13 -11.72 -14.90
C ARG F 235 -29.37 -11.62 -14.02
N VAL F 236 -29.48 -12.34 -12.90
CA VAL F 236 -30.69 -12.22 -12.09
C VAL F 236 -31.14 -10.81 -11.80
N ALA F 237 -30.21 -9.86 -11.63
CA ALA F 237 -30.64 -8.50 -11.31
C ALA F 237 -31.48 -7.98 -12.46
N LEU F 238 -30.94 -8.26 -13.67
CA LEU F 238 -31.64 -7.88 -14.84
C LEU F 238 -33.03 -8.45 -14.81
N THR F 239 -33.10 -9.70 -14.39
CA THR F 239 -34.39 -10.39 -14.34
C THR F 239 -35.39 -9.74 -13.42
N GLY F 240 -35.02 -9.52 -12.17
CA GLY F 240 -35.96 -8.92 -11.24
C GLY F 240 -36.36 -7.57 -11.77
N LEU F 241 -35.36 -6.97 -12.31
CA LEU F 241 -35.53 -5.67 -12.89
C LEU F 241 -36.68 -5.66 -13.90
N THR F 242 -36.59 -6.54 -14.85
CA THR F 242 -37.58 -6.65 -15.86
C THR F 242 -38.97 -6.77 -15.30
N VAL F 243 -39.15 -7.71 -14.39
CA VAL F 243 -40.45 -7.90 -13.77
C VAL F 243 -40.98 -6.56 -13.29
N ALA F 244 -40.14 -5.79 -12.58
CA ALA F 244 -40.53 -4.51 -12.06
C ALA F 244 -40.93 -3.59 -13.18
N GLU F 245 -40.12 -3.56 -14.24
CA GLU F 245 -40.44 -2.68 -15.37
C GLU F 245 -41.83 -2.88 -15.86
N TYR F 246 -42.26 -4.17 -15.97
CA TYR F 246 -43.61 -4.45 -16.39
C TYR F 246 -44.58 -3.64 -15.53
N PHE F 247 -44.62 -3.85 -14.24
CA PHE F 247 -45.63 -3.17 -13.47
C PHE F 247 -45.62 -1.66 -13.65
N ARG F 248 -44.43 -1.11 -13.76
CA ARG F 248 -44.27 0.31 -13.92
C ARG F 248 -44.96 0.89 -15.16
N ASP F 249 -44.53 0.42 -16.31
CA ASP F 249 -44.98 0.89 -17.58
C ASP F 249 -46.29 0.37 -18.10
N GLN F 250 -46.48 -0.94 -17.97
CA GLN F 250 -47.64 -1.63 -18.49
C GLN F 250 -48.87 -1.44 -17.68
N GLU F 251 -48.75 -0.88 -16.46
CA GLU F 251 -49.91 -0.76 -15.57
C GLU F 251 -49.84 0.54 -14.78
N GLY F 252 -48.90 1.41 -15.18
CA GLY F 252 -48.69 2.71 -14.53
C GLY F 252 -48.71 2.56 -13.01
N GLN F 253 -48.30 1.38 -12.58
CA GLN F 253 -48.24 0.96 -11.19
C GLN F 253 -47.12 1.58 -10.36
N ASP F 254 -47.41 1.76 -9.07
CA ASP F 254 -46.41 2.27 -8.18
C ASP F 254 -45.73 1.06 -7.57
N VAL F 255 -44.50 0.86 -7.99
CA VAL F 255 -43.71 -0.24 -7.55
C VAL F 255 -42.72 0.07 -6.44
N LEU F 256 -42.29 -1.03 -5.82
CA LEU F 256 -41.30 -1.13 -4.75
C LEU F 256 -40.39 -2.24 -5.26
N LEU F 257 -39.11 -2.03 -5.23
CA LEU F 257 -38.20 -2.99 -5.73
C LEU F 257 -37.07 -3.10 -4.77
N PHE F 258 -36.96 -4.28 -4.14
CA PHE F 258 -35.90 -4.55 -3.19
C PHE F 258 -34.91 -5.49 -3.80
N ILE F 259 -33.60 -5.18 -3.70
CA ILE F 259 -32.56 -6.05 -4.25
C ILE F 259 -31.53 -6.32 -3.19
N ASP F 260 -31.14 -7.59 -3.03
CA ASP F 260 -30.11 -7.93 -2.07
C ASP F 260 -29.27 -8.95 -2.79
N ASN F 261 -28.05 -8.66 -3.20
CA ASN F 261 -27.29 -7.47 -2.98
C ASN F 261 -26.81 -7.07 -4.35
N ILE F 262 -26.86 -5.80 -4.74
CA ILE F 262 -26.48 -5.44 -6.10
C ILE F 262 -24.96 -5.47 -6.38
N PHE F 263 -24.22 -5.58 -5.28
CA PHE F 263 -22.80 -5.62 -5.39
C PHE F 263 -22.51 -6.93 -6.15
N ARG F 264 -23.28 -7.96 -5.80
CA ARG F 264 -23.06 -9.31 -6.31
C ARG F 264 -22.98 -9.38 -7.83
N PHE F 265 -23.80 -8.56 -8.47
CA PHE F 265 -23.85 -8.48 -9.92
C PHE F 265 -22.46 -8.11 -10.46
N THR F 266 -21.92 -7.02 -9.90
CA THR F 266 -20.64 -6.55 -10.36
C THR F 266 -19.61 -7.59 -10.11
N GLN F 267 -19.65 -8.20 -8.91
CA GLN F 267 -18.73 -9.29 -8.54
C GLN F 267 -18.84 -10.40 -9.58
N ALA F 268 -20.08 -10.76 -9.88
CA ALA F 268 -20.30 -11.78 -10.86
C ALA F 268 -19.64 -11.42 -12.18
N GLY F 269 -19.78 -10.15 -12.51
CA GLY F 269 -19.20 -9.67 -13.74
C GLY F 269 -17.68 -9.89 -13.74
N SER F 270 -17.04 -9.63 -12.58
CA SER F 270 -15.61 -9.79 -12.52
C SER F 270 -15.24 -11.25 -12.66
N GLU F 271 -16.17 -12.12 -12.28
CA GLU F 271 -15.85 -13.54 -12.35
C GLU F 271 -15.67 -14.03 -13.75
N VAL F 272 -16.51 -13.64 -14.67
CA VAL F 272 -16.37 -14.10 -16.07
C VAL F 272 -15.44 -13.24 -16.96
N SER F 273 -15.26 -11.97 -16.58
CA SER F 273 -14.48 -11.06 -17.36
C SER F 273 -13.17 -11.58 -17.84
N ALA F 274 -12.38 -12.23 -17.00
CA ALA F 274 -11.11 -12.72 -17.54
C ALA F 274 -11.41 -13.74 -18.59
N LEU F 275 -12.36 -14.61 -18.28
CA LEU F 275 -12.73 -15.61 -19.22
C LEU F 275 -13.15 -14.98 -20.53
N LEU F 276 -13.80 -13.83 -20.49
CA LEU F 276 -14.11 -13.23 -21.77
C LEU F 276 -12.84 -12.78 -22.50
N GLY F 277 -11.70 -12.87 -21.81
CA GLY F 277 -10.43 -12.45 -22.39
C GLY F 277 -10.11 -10.94 -22.32
N ARG F 278 -10.59 -10.23 -21.32
CA ARG F 278 -10.32 -8.82 -21.23
C ARG F 278 -9.16 -8.44 -20.33
N ILE F 279 -8.40 -7.42 -20.71
CA ILE F 279 -7.33 -6.98 -19.83
C ILE F 279 -8.08 -6.42 -18.63
N PRO F 280 -7.64 -6.75 -17.43
CA PRO F 280 -8.33 -6.28 -16.25
C PRO F 280 -8.08 -4.82 -16.00
N SER F 281 -8.98 -4.19 -15.30
CA SER F 281 -8.87 -2.81 -14.95
C SER F 281 -8.30 -2.78 -13.54
N ALA F 282 -8.53 -1.72 -12.76
CA ALA F 282 -7.98 -1.66 -11.42
C ALA F 282 -8.59 -2.72 -10.56
N VAL F 283 -7.76 -3.25 -9.63
CA VAL F 283 -8.15 -4.23 -8.59
C VAL F 283 -8.65 -5.52 -9.20
N GLY F 284 -8.20 -5.82 -10.40
CA GLY F 284 -8.63 -7.01 -11.11
C GLY F 284 -10.05 -6.96 -11.70
N TYR F 285 -10.76 -5.84 -11.55
CA TYR F 285 -12.13 -5.74 -12.09
C TYR F 285 -12.08 -5.56 -13.58
N GLN F 286 -13.16 -5.94 -14.18
CA GLN F 286 -13.46 -5.83 -15.59
C GLN F 286 -13.45 -4.35 -15.99
N PRO F 287 -12.87 -4.07 -17.14
CA PRO F 287 -12.80 -2.71 -17.65
C PRO F 287 -14.19 -2.12 -17.94
N THR F 288 -15.24 -2.99 -18.02
CA THR F 288 -16.59 -2.53 -18.33
C THR F 288 -17.45 -2.27 -17.13
N LEU F 289 -16.78 -2.31 -15.98
CA LEU F 289 -17.48 -2.12 -14.71
C LEU F 289 -18.55 -1.04 -14.78
N ALA F 290 -18.11 0.17 -14.99
CA ALA F 290 -19.02 1.29 -14.98
C ALA F 290 -20.12 1.20 -16.01
N THR F 291 -19.80 0.87 -17.24
CA THR F 291 -20.85 0.80 -18.20
C THR F 291 -21.86 -0.28 -17.83
N ASP F 292 -21.37 -1.46 -17.38
CA ASP F 292 -22.29 -2.52 -16.98
C ASP F 292 -23.20 -2.06 -15.85
N MET F 293 -22.66 -1.30 -14.89
CA MET F 293 -23.51 -0.88 -13.83
C MET F 293 -24.59 0.02 -14.39
N GLY F 294 -24.08 0.85 -15.31
CA GLY F 294 -24.81 1.90 -16.01
C GLY F 294 -26.08 1.52 -16.79
N THR F 295 -25.88 0.67 -17.77
CA THR F 295 -27.04 0.27 -18.54
C THR F 295 -28.03 -0.55 -17.74
N MET F 296 -27.61 -0.99 -16.56
CA MET F 296 -28.45 -1.75 -15.66
C MET F 296 -29.09 -0.84 -14.62
N GLN F 297 -28.26 -0.02 -13.93
CA GLN F 297 -28.83 0.85 -12.97
C GLN F 297 -29.88 1.81 -13.55
N GLU F 298 -29.67 2.24 -14.81
CA GLU F 298 -30.52 3.17 -15.52
C GLU F 298 -31.91 2.69 -15.90
N ARG F 299 -32.20 1.43 -15.65
CA ARG F 299 -33.54 0.92 -15.92
C ARG F 299 -34.31 0.84 -14.61
N ILE F 300 -33.58 0.92 -13.50
CA ILE F 300 -34.21 0.92 -12.20
C ILE F 300 -34.51 2.39 -11.91
N THR F 301 -35.65 2.86 -12.42
CA THR F 301 -35.99 4.27 -12.23
C THR F 301 -37.44 4.57 -12.43
N THR F 302 -37.87 5.64 -11.79
CA THR F 302 -39.20 6.10 -11.92
C THR F 302 -39.27 6.86 -13.19
N THR F 303 -40.46 6.91 -13.84
CA THR F 303 -40.68 7.59 -15.12
C THR F 303 -42.06 8.27 -15.14
N LYS F 304 -42.41 8.87 -16.27
CA LYS F 304 -43.68 9.55 -16.44
C LYS F 304 -44.84 8.58 -16.42
N LYS F 305 -44.52 7.33 -16.79
CA LYS F 305 -45.47 6.27 -16.81
C LYS F 305 -45.67 5.64 -15.45
N GLY F 306 -44.59 5.46 -14.70
CA GLY F 306 -44.79 4.83 -13.42
C GLY F 306 -43.69 5.14 -12.45
N SER F 307 -43.91 4.77 -11.19
CA SER F 307 -42.99 5.03 -10.11
C SER F 307 -42.29 3.78 -9.58
N ILE F 308 -40.99 3.83 -9.37
CA ILE F 308 -40.31 2.70 -8.82
C ILE F 308 -39.48 3.15 -7.65
N THR F 309 -39.94 2.91 -6.45
CA THR F 309 -39.09 3.23 -5.33
C THR F 309 -38.21 2.00 -5.21
N SER F 310 -36.90 2.12 -5.22
CA SER F 310 -36.05 0.96 -5.12
C SER F 310 -35.01 1.11 -4.03
N VAL F 311 -34.92 0.05 -3.22
CA VAL F 311 -33.98 -0.03 -2.12
C VAL F 311 -33.03 -1.15 -2.50
N GLN F 312 -31.73 -0.87 -2.60
CA GLN F 312 -30.75 -1.84 -3.00
C GLN F 312 -29.62 -1.96 -1.96
N ALA F 313 -29.28 -3.20 -1.51
CA ALA F 313 -28.20 -3.38 -0.55
C ALA F 313 -26.89 -3.52 -1.26
N ILE F 314 -25.86 -2.75 -0.82
CA ILE F 314 -24.57 -2.70 -1.51
C ILE F 314 -23.39 -3.13 -0.63
N TYR F 315 -23.00 -4.36 -0.87
CA TYR F 315 -21.94 -4.93 -0.13
C TYR F 315 -20.65 -4.19 -0.42
N VAL F 316 -19.90 -3.90 0.63
CA VAL F 316 -18.60 -3.26 0.49
C VAL F 316 -17.48 -4.22 0.88
N PRO F 317 -16.69 -4.69 -0.09
CA PRO F 317 -15.59 -5.61 0.06
C PRO F 317 -14.43 -5.14 0.91
N ALA F 318 -14.06 -5.97 1.88
CA ALA F 318 -12.98 -5.67 2.83
C ALA F 318 -13.30 -4.37 3.56
N ASP F 319 -14.57 -3.94 3.50
CA ASP F 319 -14.96 -2.71 4.14
C ASP F 319 -14.42 -1.46 3.42
N ASP F 320 -13.83 -1.66 2.24
CA ASP F 320 -13.28 -0.57 1.47
C ASP F 320 -14.28 0.13 0.56
N LEU F 321 -14.79 1.29 0.99
CA LEU F 321 -15.74 2.07 0.20
C LEU F 321 -15.06 2.68 -1.04
N THR F 322 -13.75 2.63 -1.12
CA THR F 322 -13.15 3.18 -2.30
C THR F 322 -13.01 2.12 -3.36
N ASP F 323 -13.52 0.93 -3.05
CA ASP F 323 -13.47 -0.17 -4.00
C ASP F 323 -14.29 0.23 -5.21
N PRO F 324 -13.78 -0.02 -6.40
CA PRO F 324 -14.47 0.31 -7.64
C PRO F 324 -15.94 0.02 -7.63
N ALA F 325 -16.32 -1.12 -7.12
CA ALA F 325 -17.74 -1.48 -7.11
C ALA F 325 -18.66 -0.45 -6.41
N PRO F 326 -18.52 -0.29 -5.09
CA PRO F 326 -19.38 0.66 -4.38
C PRO F 326 -19.14 2.11 -4.85
N ALA F 327 -17.86 2.40 -5.07
CA ALA F 327 -17.44 3.69 -5.44
C ALA F 327 -18.23 4.15 -6.60
N THR F 328 -18.32 3.30 -7.58
CA THR F 328 -19.06 3.60 -8.79
C THR F 328 -20.56 3.66 -8.65
N THR F 329 -21.03 3.29 -7.48
CA THR F 329 -22.46 3.19 -7.31
C THR F 329 -23.11 4.38 -6.75
N PHE F 330 -22.33 5.15 -5.99
CA PHE F 330 -22.87 6.33 -5.35
C PHE F 330 -23.62 7.15 -6.33
N ALA F 331 -22.97 7.45 -7.43
CA ALA F 331 -23.56 8.22 -8.51
C ALA F 331 -24.90 7.74 -9.00
N HIS F 332 -25.44 6.62 -8.58
CA HIS F 332 -26.75 6.21 -9.11
C HIS F 332 -27.91 6.34 -8.11
N LEU F 333 -27.63 6.80 -6.91
CA LEU F 333 -28.69 6.89 -5.92
C LEU F 333 -29.16 8.33 -5.65
N ASP F 334 -30.33 8.44 -5.06
CA ASP F 334 -30.91 9.68 -4.65
C ASP F 334 -30.69 9.84 -3.17
N ALA F 335 -30.55 8.73 -2.47
CA ALA F 335 -30.28 8.73 -1.03
C ALA F 335 -29.45 7.54 -0.66
N THR F 336 -28.38 7.74 0.16
CA THR F 336 -27.49 6.63 0.51
C THR F 336 -27.32 6.49 2.03
N THR F 337 -27.40 5.22 2.51
CA THR F 337 -27.27 4.90 3.93
C THR F 337 -25.99 4.11 4.10
N VAL F 338 -24.90 4.78 4.44
CA VAL F 338 -23.65 4.09 4.60
C VAL F 338 -23.55 3.54 6.00
N LEU F 339 -23.55 2.17 6.14
CA LEU F 339 -23.41 1.44 7.43
C LEU F 339 -21.94 1.30 7.82
N SER F 340 -21.68 1.39 9.12
CA SER F 340 -20.34 1.34 9.61
C SER F 340 -20.06 0.24 10.57
N ARG F 341 -18.95 -0.47 10.36
CA ARG F 341 -18.55 -1.48 11.30
C ARG F 341 -18.27 -0.81 12.64
N ALA F 342 -17.46 0.25 12.63
CA ALA F 342 -17.12 0.96 13.85
C ALA F 342 -18.35 1.31 14.67
N ILE F 343 -19.35 1.80 14.02
CA ILE F 343 -20.49 2.13 14.80
C ILE F 343 -21.14 0.90 15.40
N ALA F 344 -21.37 -0.12 14.56
CA ALA F 344 -22.01 -1.34 14.98
C ALA F 344 -21.26 -1.97 16.13
N GLU F 345 -19.96 -1.97 16.01
CA GLU F 345 -19.17 -2.55 17.07
C GLU F 345 -19.29 -1.79 18.35
N LEU F 346 -19.73 -0.54 18.23
CA LEU F 346 -19.89 0.28 19.42
C LEU F 346 -21.22 -0.09 20.02
N GLY F 347 -21.98 -0.86 19.26
CA GLY F 347 -23.28 -1.22 19.74
C GLY F 347 -24.37 -0.29 19.24
N ILE F 348 -24.05 0.56 18.25
CA ILE F 348 -25.12 1.43 17.73
C ILE F 348 -25.85 0.80 16.56
N TYR F 349 -27.17 0.58 16.70
CA TYR F 349 -27.93 0.00 15.67
C TYR F 349 -29.17 0.87 15.32
N PRO F 350 -29.44 1.20 14.03
CA PRO F 350 -28.64 0.77 12.89
C PRO F 350 -27.32 1.56 12.76
N ALA F 351 -26.29 0.82 12.41
CA ALA F 351 -24.95 1.30 12.38
C ALA F 351 -24.66 2.36 11.35
N VAL F 352 -25.62 3.27 11.14
CA VAL F 352 -25.54 4.37 10.15
C VAL F 352 -24.53 5.46 10.46
N ASP F 353 -23.74 5.80 9.47
CA ASP F 353 -22.77 6.86 9.59
C ASP F 353 -23.50 8.20 9.28
N PRO F 354 -23.74 9.00 10.30
CA PRO F 354 -24.48 10.25 10.12
C PRO F 354 -23.81 11.34 9.25
N LEU F 355 -22.51 11.34 9.19
CA LEU F 355 -21.81 12.32 8.41
C LEU F 355 -21.46 11.75 7.06
N ASP F 356 -21.91 10.55 6.79
CA ASP F 356 -21.54 9.96 5.51
C ASP F 356 -22.71 9.57 4.67
N SER F 357 -23.89 9.61 5.24
CA SER F 357 -25.13 9.31 4.53
C SER F 357 -25.77 10.59 4.02
N THR F 358 -26.27 10.59 2.76
CA THR F 358 -26.74 11.84 2.21
C THR F 358 -28.04 11.65 1.47
N SER F 359 -28.68 12.73 1.07
CA SER F 359 -29.97 12.62 0.36
C SER F 359 -30.27 13.87 -0.44
N ARG F 360 -30.53 13.71 -1.70
CA ARG F 360 -30.83 14.84 -2.54
C ARG F 360 -32.07 15.66 -2.10
N ILE F 361 -32.73 15.19 -1.06
CA ILE F 361 -33.93 15.82 -0.55
C ILE F 361 -33.62 16.70 0.65
N MET F 362 -32.39 16.59 1.14
CA MET F 362 -32.02 17.40 2.26
C MET F 362 -31.86 18.83 1.79
N ASP F 363 -32.97 19.44 1.37
CA ASP F 363 -33.06 20.79 0.90
C ASP F 363 -34.20 21.43 1.63
N PRO F 364 -33.95 22.61 2.18
CA PRO F 364 -34.91 23.38 2.94
C PRO F 364 -36.19 23.56 2.19
N ASN F 365 -36.11 23.72 0.89
CA ASN F 365 -37.32 23.91 0.15
C ASN F 365 -38.10 22.65 0.00
N ILE F 366 -37.63 21.55 0.58
CA ILE F 366 -38.38 20.30 0.40
C ILE F 366 -38.77 19.70 1.74
N VAL F 367 -37.83 19.69 2.68
CA VAL F 367 -38.14 19.09 3.96
C VAL F 367 -38.62 20.13 4.97
N GLY F 368 -38.66 21.38 4.48
CA GLY F 368 -39.01 22.52 5.31
C GLY F 368 -37.74 22.94 6.06
N SER F 369 -37.64 24.18 6.44
CA SER F 369 -36.45 24.59 7.13
C SER F 369 -36.31 24.04 8.55
N GLU F 370 -37.45 23.74 9.21
CA GLU F 370 -37.33 23.21 10.56
C GLU F 370 -36.51 21.93 10.47
N HIS F 371 -36.92 21.05 9.56
CA HIS F 371 -36.23 19.84 9.35
C HIS F 371 -34.82 20.20 8.91
N TYR F 372 -34.69 20.99 7.86
CA TYR F 372 -33.38 21.32 7.41
C TYR F 372 -32.45 21.76 8.55
N ASP F 373 -32.96 22.53 9.48
CA ASP F 373 -32.07 23.10 10.45
C ASP F 373 -31.62 22.20 11.57
N VAL F 374 -32.48 21.23 11.94
CA VAL F 374 -32.12 20.30 12.99
C VAL F 374 -31.07 19.38 12.39
N ALA F 375 -31.39 18.98 11.16
CA ALA F 375 -30.55 18.10 10.41
C ALA F 375 -29.13 18.58 10.38
N ARG F 376 -28.96 19.78 9.86
CA ARG F 376 -27.63 20.33 9.80
C ARG F 376 -27.12 20.67 11.19
N GLY F 377 -28.05 20.76 12.13
CA GLY F 377 -27.66 21.11 13.48
C GLY F 377 -26.89 19.99 14.10
N VAL F 378 -27.56 18.84 13.96
CA VAL F 378 -27.04 17.58 14.45
C VAL F 378 -25.68 17.28 13.84
N GLN F 379 -25.61 17.33 12.50
CA GLN F 379 -24.34 17.09 11.85
C GLN F 379 -23.22 18.01 12.32
N LYS F 380 -23.57 19.27 12.55
CA LYS F 380 -22.56 20.18 12.94
C LYS F 380 -21.94 19.82 14.28
N ILE F 381 -22.81 19.43 15.19
CA ILE F 381 -22.30 19.08 16.50
C ILE F 381 -21.41 17.84 16.44
N LEU F 382 -21.81 16.82 15.63
CA LEU F 382 -21.04 15.61 15.51
C LEU F 382 -19.73 15.86 14.83
N GLN F 383 -19.74 16.86 13.95
CA GLN F 383 -18.52 17.19 13.24
C GLN F 383 -17.54 17.80 14.20
N ASP F 384 -18.10 18.61 15.05
CA ASP F 384 -17.32 19.28 16.06
C ASP F 384 -16.71 18.29 17.02
N TYR F 385 -17.53 17.33 17.46
CA TYR F 385 -17.09 16.32 18.37
C TYR F 385 -15.85 15.76 17.72
N LYS F 386 -16.04 15.42 16.50
CA LYS F 386 -15.01 14.80 15.75
C LYS F 386 -13.68 15.49 15.91
N SER F 387 -13.62 16.82 15.86
CA SER F 387 -12.28 17.39 15.98
C SER F 387 -11.70 17.31 17.34
N LEU F 388 -12.57 17.31 18.27
CA LEU F 388 -12.06 17.19 19.57
C LEU F 388 -11.44 15.81 19.82
N GLN F 389 -11.94 14.76 19.11
CA GLN F 389 -11.55 13.36 19.24
C GLN F 389 -10.09 12.98 19.28
N ASP F 390 -9.22 13.70 18.60
CA ASP F 390 -7.81 13.32 18.64
C ASP F 390 -7.27 13.39 20.09
N ILE F 391 -7.54 14.53 20.69
CA ILE F 391 -7.18 14.88 22.05
C ILE F 391 -7.90 14.08 23.11
N ILE F 392 -9.21 13.96 23.00
CA ILE F 392 -9.90 13.20 24.03
C ILE F 392 -9.28 11.82 24.16
N ALA F 393 -8.70 11.37 23.06
CA ALA F 393 -8.06 10.07 22.93
C ALA F 393 -6.76 9.82 23.71
N ILE F 394 -5.94 10.84 23.92
CA ILE F 394 -4.72 10.64 24.67
C ILE F 394 -4.97 11.13 26.09
N LEU F 395 -5.52 12.35 26.14
CA LEU F 395 -5.80 13.06 27.37
C LEU F 395 -7.21 13.04 27.93
N GLY F 396 -8.16 12.38 27.28
CA GLY F 396 -9.51 12.37 27.84
C GLY F 396 -10.13 13.75 27.84
N MET F 397 -11.13 13.90 28.69
CA MET F 397 -11.86 15.14 28.76
C MET F 397 -11.36 16.22 29.68
N ASP F 398 -10.59 15.84 30.68
CA ASP F 398 -10.06 16.76 31.68
C ASP F 398 -9.65 18.12 31.17
N GLU F 399 -8.68 18.11 30.25
CA GLU F 399 -8.13 19.32 29.65
C GLU F 399 -9.11 20.15 28.78
N LEU F 400 -10.29 19.59 28.53
CA LEU F 400 -11.30 20.26 27.72
C LEU F 400 -11.94 21.50 28.35
N SER F 401 -12.32 22.40 27.48
CA SER F 401 -12.98 23.59 27.88
C SER F 401 -14.38 23.28 28.34
N GLU F 402 -14.89 24.11 29.24
CA GLU F 402 -16.22 23.95 29.78
C GLU F 402 -17.21 23.91 28.63
N GLU F 403 -16.89 24.73 27.62
CA GLU F 403 -17.70 24.83 26.42
C GLU F 403 -17.56 23.56 25.61
N ASP F 404 -16.31 23.11 25.45
CA ASP F 404 -16.08 21.91 24.71
C ASP F 404 -16.74 20.73 25.33
N LYS F 405 -16.54 20.54 26.62
CA LYS F 405 -17.15 19.43 27.29
C LYS F 405 -18.65 19.37 27.05
N LEU F 406 -19.25 20.54 26.76
CA LEU F 406 -20.68 20.63 26.51
C LEU F 406 -21.02 20.12 25.15
N THR F 407 -20.14 20.31 24.18
CA THR F 407 -20.50 19.75 22.89
C THR F 407 -20.49 18.22 23.04
N VAL F 408 -19.42 17.77 23.66
CA VAL F 408 -19.23 16.38 23.93
C VAL F 408 -20.45 15.76 24.61
N SER F 409 -20.98 16.42 25.66
CA SER F 409 -22.12 15.85 26.33
C SER F 409 -23.24 15.67 25.36
N ARG F 410 -23.60 16.78 24.75
CA ARG F 410 -24.67 16.81 23.78
C ARG F 410 -24.44 15.84 22.63
N ALA F 411 -23.22 15.80 22.17
CA ALA F 411 -22.92 14.94 21.07
C ALA F 411 -23.08 13.46 21.45
N ARG F 412 -22.71 13.13 22.69
CA ARG F 412 -22.83 11.79 23.14
C ARG F 412 -24.27 11.38 23.37
N LYS F 413 -25.15 12.34 23.58
CA LYS F 413 -26.53 12.02 23.76
C LYS F 413 -27.25 12.03 22.44
N ILE F 414 -26.72 12.82 21.51
CA ILE F 414 -27.33 12.93 20.18
C ILE F 414 -26.90 11.70 19.44
N GLN F 415 -25.71 11.35 19.74
CA GLN F 415 -25.11 10.16 19.19
C GLN F 415 -25.94 8.94 19.67
N ARG F 416 -26.28 8.88 20.99
CA ARG F 416 -27.08 7.79 21.53
C ARG F 416 -28.50 7.80 20.97
N PHE F 417 -29.14 8.97 20.90
CA PHE F 417 -30.51 9.04 20.39
C PHE F 417 -30.67 8.61 18.94
N LEU F 418 -29.57 8.57 18.21
CA LEU F 418 -29.59 8.16 16.80
C LEU F 418 -29.79 6.63 16.64
N SER F 419 -29.66 5.88 17.70
CA SER F 419 -29.83 4.46 17.64
C SER F 419 -31.28 4.18 17.83
N GLN F 420 -31.69 2.95 17.54
CA GLN F 420 -33.08 2.60 17.71
C GLN F 420 -33.36 1.11 17.46
N PRO F 421 -34.29 0.49 18.18
CA PRO F 421 -34.65 -0.91 18.03
C PRO F 421 -35.64 -1.12 16.90
N PHE F 422 -35.33 -2.08 16.06
CA PHE F 422 -36.16 -2.49 14.96
C PHE F 422 -36.93 -3.74 15.37
N GLN F 423 -38.17 -3.93 14.89
CA GLN F 423 -38.89 -5.15 15.27
C GLN F 423 -38.04 -6.33 14.85
N VAL F 424 -37.75 -6.30 13.56
CA VAL F 424 -36.92 -7.25 12.90
C VAL F 424 -35.67 -7.59 13.72
N ALA F 425 -35.14 -6.72 14.58
CA ALA F 425 -33.96 -7.10 15.35
C ALA F 425 -34.22 -7.30 16.84
N GLU F 426 -35.50 -7.51 17.18
CA GLU F 426 -35.90 -7.70 18.56
C GLU F 426 -35.13 -8.81 19.25
N VAL F 427 -34.95 -9.90 18.53
CA VAL F 427 -34.23 -11.04 19.08
C VAL F 427 -32.82 -10.68 19.55
N PHE F 428 -32.26 -9.54 19.09
CA PHE F 428 -30.91 -9.18 19.48
C PHE F 428 -30.82 -7.99 20.37
N THR F 429 -31.75 -7.05 20.21
CA THR F 429 -31.68 -5.87 21.02
C THR F 429 -32.19 -6.16 22.43
N GLY F 430 -33.10 -7.14 22.49
CA GLY F 430 -33.75 -7.51 23.73
C GLY F 430 -34.85 -6.47 24.04
N HIS F 431 -35.18 -5.68 23.05
CA HIS F 431 -36.16 -4.66 23.26
C HIS F 431 -37.16 -4.69 22.13
N LEU F 432 -38.30 -4.12 22.43
CA LEU F 432 -39.38 -4.06 21.48
C LEU F 432 -39.14 -3.08 20.34
N GLY F 433 -39.31 -3.51 19.09
CA GLY F 433 -39.10 -2.63 17.95
C GLY F 433 -39.93 -1.37 18.03
N LYS F 434 -39.35 -0.24 17.57
CA LYS F 434 -39.99 1.10 17.55
C LYS F 434 -39.98 1.80 16.16
N LEU F 435 -41.03 2.59 15.90
CA LEU F 435 -41.21 3.35 14.68
C LEU F 435 -41.51 4.76 15.13
N VAL F 436 -40.62 5.71 14.85
CA VAL F 436 -40.80 7.10 15.25
C VAL F 436 -41.24 7.96 14.10
N PRO F 437 -42.33 8.67 14.29
CA PRO F 437 -42.88 9.59 13.30
C PRO F 437 -41.96 10.79 13.13
N LEU F 438 -41.82 11.23 11.89
CA LEU F 438 -40.92 12.33 11.55
C LEU F 438 -40.94 13.51 12.51
N LYS F 439 -42.11 14.12 12.69
CA LYS F 439 -42.21 15.25 13.58
C LYS F 439 -41.63 14.95 14.96
N GLU F 440 -41.67 13.67 15.34
CA GLU F 440 -41.20 13.21 16.63
C GLU F 440 -39.72 13.19 16.72
N THR F 441 -39.14 12.92 15.55
CA THR F 441 -37.70 12.90 15.37
C THR F 441 -37.19 14.33 15.31
N ILE F 442 -37.82 15.17 14.44
CA ILE F 442 -37.40 16.56 14.31
C ILE F 442 -37.33 17.15 15.69
N LYS F 443 -38.41 16.95 16.38
CA LYS F 443 -38.55 17.44 17.73
C LYS F 443 -37.45 16.99 18.70
N GLY F 444 -37.51 15.71 19.08
CA GLY F 444 -36.61 15.08 20.03
C GLY F 444 -35.19 15.51 19.83
N PHE F 445 -34.87 15.82 18.57
CA PHE F 445 -33.55 16.27 18.21
C PHE F 445 -33.34 17.75 18.51
N GLN F 446 -34.39 18.57 18.37
CA GLN F 446 -34.23 19.96 18.73
C GLN F 446 -33.81 20.07 20.18
N GLN F 447 -34.72 19.60 21.02
CA GLN F 447 -34.56 19.59 22.45
C GLN F 447 -33.16 19.21 22.89
N ILE F 448 -32.68 18.13 22.30
CA ILE F 448 -31.36 17.68 22.67
C ILE F 448 -30.37 18.79 22.39
N LEU F 449 -30.48 19.34 21.17
CA LEU F 449 -29.64 20.40 20.70
C LEU F 449 -29.74 21.62 21.57
N ALA F 450 -30.97 21.97 21.81
CA ALA F 450 -31.33 23.11 22.61
C ALA F 450 -31.04 23.01 24.12
N GLY F 451 -30.33 21.96 24.59
CA GLY F 451 -30.00 21.82 25.99
C GLY F 451 -31.15 21.51 26.95
N GLU F 452 -32.23 21.00 26.40
CA GLU F 452 -33.38 20.72 27.24
C GLU F 452 -33.20 19.48 28.04
N TYR F 453 -32.08 18.77 27.84
CA TYR F 453 -31.90 17.49 28.50
C TYR F 453 -30.51 17.29 29.00
N ASP F 454 -29.80 18.39 29.19
CA ASP F 454 -28.43 18.30 29.65
C ASP F 454 -28.29 17.64 31.01
N HIS F 455 -29.41 17.47 31.68
CA HIS F 455 -29.43 16.86 33.01
C HIS F 455 -29.54 15.36 32.96
N LEU F 456 -30.19 14.82 31.95
CA LEU F 456 -30.29 13.39 31.85
C LEU F 456 -28.93 12.74 31.56
N PRO F 457 -28.81 11.43 31.85
CA PRO F 457 -27.59 10.66 31.59
C PRO F 457 -27.67 10.15 30.16
N GLU F 458 -26.51 9.93 29.55
CA GLU F 458 -26.45 9.46 28.16
C GLU F 458 -27.32 8.24 27.93
N GLN F 459 -27.01 7.24 28.76
CA GLN F 459 -27.62 5.95 28.75
C GLN F 459 -29.10 6.04 28.55
N ALA F 460 -29.68 7.15 28.97
CA ALA F 460 -31.12 7.33 28.82
C ALA F 460 -31.55 7.37 27.37
N PHE F 461 -30.65 7.85 26.54
CA PHE F 461 -30.97 8.00 25.17
C PHE F 461 -30.78 6.76 24.36
N TYR F 462 -29.87 5.94 24.82
CA TYR F 462 -29.59 4.74 24.07
C TYR F 462 -30.78 3.86 23.84
N MET F 463 -30.86 3.34 22.65
CA MET F 463 -31.89 2.39 22.27
C MET F 463 -33.29 2.74 22.57
N VAL F 464 -33.82 3.80 22.00
CA VAL F 464 -35.20 4.22 22.30
C VAL F 464 -35.90 4.73 21.03
N GLY F 465 -37.21 4.94 21.12
CA GLY F 465 -37.96 5.48 20.03
C GLY F 465 -37.95 6.98 20.26
N PRO F 466 -39.12 7.55 20.53
CA PRO F 466 -39.37 8.97 20.78
C PRO F 466 -38.63 9.52 21.98
N ILE F 467 -38.41 10.84 22.02
CA ILE F 467 -37.68 11.42 23.15
C ILE F 467 -38.34 11.12 24.49
N GLU F 468 -39.67 11.16 24.46
CA GLU F 468 -40.47 10.91 25.61
C GLU F 468 -40.05 9.65 26.35
N GLU F 469 -39.67 8.65 25.59
CA GLU F 469 -39.23 7.39 26.16
C GLU F 469 -37.87 7.49 26.78
N ALA F 470 -37.12 8.48 26.35
CA ALA F 470 -35.78 8.66 26.83
C ALA F 470 -35.78 9.30 28.20
N VAL F 471 -36.82 10.05 28.47
CA VAL F 471 -36.96 10.74 29.73
C VAL F 471 -37.30 9.74 30.81
N ALA F 472 -38.21 8.89 30.43
CA ALA F 472 -38.63 7.82 31.27
C ALA F 472 -37.44 6.96 31.60
N LYS F 473 -36.76 6.40 30.58
CA LYS F 473 -35.62 5.55 30.81
C LYS F 473 -34.67 6.17 31.84
N ALA F 474 -34.71 7.49 31.88
CA ALA F 474 -33.90 8.23 32.81
C ALA F 474 -34.40 8.10 34.24
N ASP F 475 -35.73 8.09 34.40
CA ASP F 475 -36.35 7.88 35.70
C ASP F 475 -36.03 6.48 36.18
N LYS F 476 -36.24 5.52 35.29
CA LYS F 476 -35.93 4.13 35.58
C LYS F 476 -34.48 3.95 36.04
N LEU F 477 -33.55 4.76 35.52
CA LEU F 477 -32.17 4.60 35.94
C LEU F 477 -32.02 5.21 37.31
N ALA F 478 -32.90 6.15 37.55
CA ALA F 478 -32.75 6.88 38.75
C ALA F 478 -33.91 6.68 39.67
N ALA G 1 -4.62 7.02 4.47
CA ALA G 1 -3.48 6.13 4.30
C ALA G 1 -2.35 6.81 3.52
N THR G 2 -1.16 6.75 4.01
CA THR G 2 0.04 7.20 3.34
C THR G 2 1.10 6.82 4.29
N LEU G 3 2.01 6.01 3.83
CA LEU G 3 3.03 5.53 4.69
C LEU G 3 3.71 6.68 5.37
N LYS G 4 3.83 7.78 4.64
CA LYS G 4 4.46 8.97 5.22
C LYS G 4 3.60 9.60 6.30
N ASP G 5 2.32 9.50 6.04
CA ASP G 5 1.37 10.05 6.98
C ASP G 5 1.38 9.27 8.27
N ILE G 6 1.25 7.99 8.09
CA ILE G 6 1.24 7.11 9.22
C ILE G 6 2.56 7.20 9.96
N THR G 7 3.65 7.39 9.21
CA THR G 7 4.92 7.42 9.90
C THR G 7 5.08 8.66 10.73
N ARG G 8 4.27 9.67 10.45
CA ARG G 8 4.36 10.88 11.21
C ARG G 8 3.68 10.70 12.52
N ARG G 9 2.39 10.29 12.43
CA ARG G 9 1.63 10.06 13.62
C ARG G 9 2.41 9.12 14.47
N LEU G 10 2.58 7.85 14.04
CA LEU G 10 3.37 6.84 14.79
C LEU G 10 4.66 7.47 15.32
N LYS G 11 5.35 8.24 14.46
CA LYS G 11 6.57 8.97 14.86
C LYS G 11 6.36 9.79 16.14
N SER G 12 5.38 10.65 16.06
CA SER G 12 5.01 11.52 17.16
C SER G 12 4.37 10.86 18.40
N ILE G 13 3.48 9.87 18.25
CA ILE G 13 2.87 9.20 19.38
C ILE G 13 3.91 8.37 20.14
N LYS G 14 5.00 8.01 19.45
CA LYS G 14 6.06 7.24 20.11
C LYS G 14 6.71 8.11 21.18
N ASN G 15 6.87 9.39 20.83
CA ASN G 15 7.47 10.39 21.69
C ASN G 15 6.60 10.75 22.87
N ILE G 16 5.42 11.22 22.56
CA ILE G 16 4.50 11.60 23.58
C ILE G 16 4.29 10.51 24.61
N GLN G 17 4.43 9.25 24.18
CA GLN G 17 4.27 8.16 25.09
C GLN G 17 5.42 8.17 26.10
N LYS G 18 6.62 8.31 25.56
CA LYS G 18 7.80 8.27 26.39
C LYS G 18 7.83 9.49 27.30
N ILE G 19 7.30 10.63 26.77
CA ILE G 19 7.23 11.88 27.52
C ILE G 19 6.30 11.64 28.69
N THR G 20 5.08 11.30 28.31
CA THR G 20 4.00 10.98 29.19
C THR G 20 4.47 9.98 30.24
N LYS G 21 5.15 8.92 29.79
CA LYS G 21 5.64 7.91 30.71
C LYS G 21 6.60 8.51 31.71
N SER G 22 7.45 9.40 31.22
CA SER G 22 8.42 10.05 32.11
C SER G 22 7.82 10.97 33.15
N MET G 23 6.77 11.65 32.74
CA MET G 23 6.08 12.55 33.60
C MET G 23 5.39 11.90 34.77
N LYS G 24 5.01 10.63 34.63
CA LYS G 24 4.37 9.89 35.71
C LYS G 24 5.40 9.51 36.78
N MET G 25 6.54 8.97 36.33
CA MET G 25 7.61 8.61 37.24
C MET G 25 7.97 9.82 38.10
N VAL G 26 7.85 11.01 37.50
CA VAL G 26 8.14 12.21 38.26
C VAL G 26 7.02 12.40 39.25
N ALA G 27 5.83 12.40 38.72
CA ALA G 27 4.64 12.56 39.50
C ALA G 27 4.59 11.59 40.65
N ALA G 28 5.13 10.40 40.46
CA ALA G 28 5.12 9.45 41.56
C ALA G 28 6.10 9.92 42.65
N ALA G 29 7.29 10.31 42.20
CA ALA G 29 8.37 10.80 43.05
C ALA G 29 7.88 11.83 44.03
N LYS G 30 7.47 12.98 43.47
CA LYS G 30 6.95 14.07 44.26
C LYS G 30 5.86 13.62 45.20
N TYR G 31 5.01 12.76 44.69
CA TYR G 31 3.91 12.25 45.46
C TYR G 31 4.40 11.36 46.62
N ALA G 32 5.59 10.79 46.51
CA ALA G 32 6.07 9.98 47.62
C ALA G 32 6.31 10.98 48.73
N ARG G 33 7.24 11.90 48.46
CA ARG G 33 7.62 12.98 49.35
C ARG G 33 6.41 13.58 50.03
N ALA G 34 5.44 13.91 49.22
CA ALA G 34 4.20 14.50 49.64
C ALA G 34 3.40 13.68 50.66
N GLU G 35 3.26 12.35 50.45
CA GLU G 35 2.47 11.53 51.39
C GLU G 35 3.03 11.50 52.81
N ARG G 36 4.34 11.70 52.85
CA ARG G 36 5.05 11.74 54.11
C ARG G 36 4.83 13.11 54.77
N GLU G 37 5.23 14.16 54.04
CA GLU G 37 5.06 15.52 54.51
C GLU G 37 3.60 15.79 54.86
N LEU G 38 2.68 15.08 54.19
CA LEU G 38 1.26 15.23 54.44
C LEU G 38 0.92 14.79 55.87
N LYS G 39 1.42 13.55 56.24
CA LYS G 39 1.18 12.92 57.56
C LYS G 39 1.03 13.92 58.73
N PRO G 40 2.18 14.64 59.03
CA PRO G 40 2.24 15.62 60.12
C PRO G 40 1.35 16.89 59.92
N ALA G 41 1.33 17.42 58.69
CA ALA G 41 0.56 18.59 58.32
C ALA G 41 -0.95 18.46 58.57
N ARG G 42 -1.49 17.25 58.62
CA ARG G 42 -2.91 17.14 58.86
C ARG G 42 -3.20 17.35 60.34
N VAL G 43 -2.23 16.97 61.18
CA VAL G 43 -2.40 17.16 62.61
C VAL G 43 -2.15 18.60 62.95
N TYR G 44 -2.78 19.48 62.19
CA TYR G 44 -2.66 20.92 62.25
C TYR G 44 -3.93 21.43 61.65
N LEU G 77 -1.58 20.17 32.60
CA LEU G 77 -2.34 18.92 32.60
C LEU G 77 -2.31 18.21 33.94
N CYS G 78 -3.12 18.67 34.88
CA CYS G 78 -3.10 18.10 36.21
C CYS G 78 -4.31 17.33 36.64
N GLY G 79 -5.00 16.65 35.75
CA GLY G 79 -6.18 15.92 36.18
C GLY G 79 -7.35 16.92 36.18
N ALA G 80 -8.29 16.75 37.13
CA ALA G 80 -9.41 17.69 37.21
C ALA G 80 -9.22 18.71 38.34
N ILE G 81 -7.96 19.10 38.55
CA ILE G 81 -7.59 20.03 39.60
C ILE G 81 -8.17 21.42 39.43
N HIS G 82 -7.51 22.23 38.63
CA HIS G 82 -7.88 23.61 38.39
C HIS G 82 -9.34 23.80 38.10
N SER G 83 -9.96 22.79 37.51
CA SER G 83 -11.36 22.90 37.20
C SER G 83 -12.23 22.69 38.42
N SER G 84 -11.93 21.61 39.14
CA SER G 84 -12.72 21.29 40.33
C SER G 84 -12.87 22.48 41.25
N VAL G 85 -11.76 23.20 41.51
CA VAL G 85 -11.86 24.38 42.33
C VAL G 85 -12.63 25.47 41.57
N ALA G 86 -12.26 25.65 40.29
CA ALA G 86 -12.89 26.62 39.39
C ALA G 86 -14.42 26.60 39.43
N LYS G 87 -15.02 25.42 39.23
CA LYS G 87 -16.46 25.31 39.25
C LYS G 87 -17.03 25.72 40.59
N GLN G 88 -16.62 25.04 41.65
CA GLN G 88 -17.10 25.34 43.00
C GLN G 88 -16.70 26.72 43.54
N MET G 89 -15.95 27.48 42.74
CA MET G 89 -15.54 28.81 43.13
C MET G 89 -16.66 29.81 42.76
N LYS G 90 -17.59 29.37 41.89
CA LYS G 90 -18.73 30.16 41.42
C LYS G 90 -20.07 29.41 41.60
N LEU G 209 -6.28 33.56 59.62
CA LEU G 209 -5.38 32.56 60.16
C LEU G 209 -4.85 31.43 59.28
N ALA G 210 -3.61 31.76 58.85
CA ALA G 210 -2.62 31.07 57.96
C ALA G 210 -2.26 29.60 58.27
N ASN G 211 -2.51 29.23 59.50
CA ASN G 211 -2.29 27.88 59.99
C ASN G 211 -3.04 26.85 59.06
N ILE G 212 -4.04 27.45 58.44
CA ILE G 212 -4.90 26.85 57.42
C ILE G 212 -4.34 27.08 55.98
N ILE G 213 -3.64 28.15 55.69
CA ILE G 213 -3.06 28.32 54.34
C ILE G 213 -2.14 27.15 54.00
N TYR G 214 -1.21 26.84 54.91
CA TYR G 214 -0.31 25.75 54.73
C TYR G 214 -1.13 24.47 54.57
N TYR G 215 -2.27 24.41 55.24
CA TYR G 215 -3.07 23.22 55.18
C TYR G 215 -3.56 22.94 53.74
N SER G 216 -4.54 23.73 53.24
CA SER G 216 -5.08 23.59 51.89
C SER G 216 -3.92 23.46 50.89
N LEU G 217 -2.75 24.02 51.23
CA LEU G 217 -1.61 23.90 50.36
C LEU G 217 -1.05 22.50 50.46
N LYS G 218 -0.61 22.17 51.66
CA LYS G 218 -0.05 20.87 51.92
C LYS G 218 -0.91 19.70 51.46
N GLU G 219 -2.19 19.95 51.20
CA GLU G 219 -3.11 18.95 50.73
C GLU G 219 -3.20 19.00 49.22
N SER G 220 -3.44 20.22 48.72
CA SER G 220 -3.58 20.53 47.30
C SER G 220 -2.37 20.13 46.49
N THR G 221 -1.31 19.70 47.15
CA THR G 221 -0.17 19.24 46.37
C THR G 221 -0.16 17.73 46.35
N THR G 222 -0.68 17.12 47.40
CA THR G 222 -0.71 15.67 47.36
C THR G 222 -1.71 15.28 46.28
N SER G 223 -2.87 15.91 46.34
CA SER G 223 -3.96 15.68 45.39
C SER G 223 -3.56 15.95 43.92
N GLU G 224 -2.75 16.98 43.75
CA GLU G 224 -2.28 17.36 42.45
C GLU G 224 -1.27 16.32 41.97
N GLN G 225 -0.13 16.19 42.63
CA GLN G 225 0.88 15.20 42.25
C GLN G 225 0.27 13.81 42.17
N SER G 226 -0.92 13.63 42.75
CA SER G 226 -1.56 12.31 42.66
C SER G 226 -2.20 12.21 41.29
N ALA G 227 -2.97 13.24 41.02
CA ALA G 227 -3.71 13.40 39.82
C ALA G 227 -2.86 13.36 38.58
N ARG G 228 -1.79 14.14 38.57
CA ARG G 228 -0.93 14.17 37.39
C ARG G 228 -0.46 12.76 37.14
N MET G 229 -0.04 12.11 38.20
CA MET G 229 0.45 10.76 38.14
C MET G 229 -0.45 9.86 37.38
N THR G 230 -1.58 9.59 37.94
CA THR G 230 -2.52 8.74 37.27
C THR G 230 -2.81 9.17 35.85
N ALA G 231 -3.10 10.45 35.69
CA ALA G 231 -3.40 11.01 34.39
C ALA G 231 -2.33 10.66 33.34
N MET G 232 -1.08 10.98 33.66
CA MET G 232 -0.02 10.67 32.75
C MET G 232 0.13 9.18 32.63
N ASP G 233 -0.41 8.46 33.59
CA ASP G 233 -0.30 7.04 33.50
C ASP G 233 -1.19 6.53 32.39
N ASN G 234 -2.40 7.07 32.31
CA ASN G 234 -3.34 6.65 31.28
C ASN G 234 -2.99 7.27 29.94
N ALA G 235 -2.32 8.41 29.98
CA ALA G 235 -1.97 9.01 28.73
C ALA G 235 -1.06 8.13 27.92
N SER G 236 -0.05 7.58 28.56
CA SER G 236 0.81 6.69 27.80
C SER G 236 0.08 5.40 27.56
N LYS G 237 -0.90 5.14 28.39
CA LYS G 237 -1.62 3.91 28.19
C LYS G 237 -2.41 4.04 26.91
N ASN G 238 -2.84 5.26 26.64
CA ASN G 238 -3.56 5.61 25.42
C ASN G 238 -2.66 5.68 24.21
N ALA G 239 -1.49 6.23 24.43
CA ALA G 239 -0.54 6.37 23.39
C ALA G 239 -0.09 4.99 22.90
N SER G 240 0.06 4.08 23.84
CA SER G 240 0.46 2.74 23.50
C SER G 240 -0.61 2.06 22.69
N GLU G 241 -1.85 2.19 23.12
CA GLU G 241 -2.87 1.53 22.39
C GLU G 241 -2.87 2.03 20.97
N MET G 242 -2.39 3.24 20.81
CA MET G 242 -2.30 3.86 19.50
C MET G 242 -1.08 3.45 18.68
N ILE G 243 0.07 3.37 19.31
CA ILE G 243 1.26 2.97 18.60
C ILE G 243 1.04 1.55 18.13
N ASP G 244 0.31 0.80 18.89
CA ASP G 244 0.13 -0.56 18.50
C ASP G 244 -0.83 -0.62 17.37
N LYS G 245 -1.83 0.24 17.41
CA LYS G 245 -2.87 0.34 16.39
C LYS G 245 -2.38 0.86 15.04
N LEU G 246 -1.58 1.90 15.10
CA LEU G 246 -1.08 2.50 13.89
C LEU G 246 -0.11 1.59 13.18
N THR G 247 0.68 0.87 13.91
CA THR G 247 1.60 0.01 13.23
C THR G 247 0.94 -0.96 12.30
N LEU G 248 -0.20 -1.43 12.75
CA LEU G 248 -0.98 -2.39 12.03
C LEU G 248 -1.49 -1.78 10.75
N THR G 249 -1.92 -0.55 10.83
CA THR G 249 -2.36 0.11 9.62
C THR G 249 -1.19 0.32 8.68
N PHE G 250 -0.07 0.63 9.30
CA PHE G 250 1.07 0.81 8.54
C PHE G 250 1.25 -0.51 7.80
N ASN G 251 1.55 -1.54 8.56
CA ASN G 251 1.92 -2.79 7.93
C ASN G 251 0.91 -3.29 6.92
N ARG G 252 -0.38 -3.04 7.12
CA ARG G 252 -1.36 -3.46 6.12
C ARG G 252 -1.14 -2.65 4.83
N THR G 253 -0.90 -1.34 4.98
CA THR G 253 -0.71 -0.50 3.84
C THR G 253 0.56 -0.83 3.15
N ARG G 254 1.58 -1.08 3.96
CA ARG G 254 2.90 -1.38 3.43
C ARG G 254 2.81 -2.49 2.38
N GLN G 255 2.14 -3.55 2.85
CA GLN G 255 1.93 -4.74 2.07
C GLN G 255 1.09 -4.44 0.86
N ALA G 256 -0.04 -3.83 1.09
CA ALA G 256 -0.91 -3.47 0.00
C ALA G 256 -0.21 -2.64 -1.07
N VAL G 257 0.58 -1.64 -0.67
CA VAL G 257 1.27 -0.86 -1.68
C VAL G 257 2.10 -1.74 -2.58
N ILE G 258 2.90 -2.62 -1.98
CA ILE G 258 3.74 -3.50 -2.77
C ILE G 258 2.96 -4.35 -3.77
N THR G 259 1.81 -4.87 -3.33
CA THR G 259 1.08 -5.72 -4.20
C THR G 259 0.56 -4.93 -5.36
N LYS G 260 -0.10 -3.81 -5.03
CA LYS G 260 -0.66 -2.88 -6.00
C LYS G 260 0.33 -2.55 -7.15
N GLU G 261 1.55 -2.24 -6.81
CA GLU G 261 2.48 -1.96 -7.83
C GLU G 261 2.71 -3.16 -8.72
N LEU G 262 3.13 -4.26 -8.15
CA LEU G 262 3.42 -5.49 -8.88
C LEU G 262 2.30 -5.85 -9.83
N ILE G 263 1.09 -5.70 -9.35
CA ILE G 263 -0.04 -6.02 -10.21
C ILE G 263 -0.06 -5.06 -11.39
N GLU G 264 0.36 -3.83 -11.16
CA GLU G 264 0.34 -2.93 -12.27
C GLU G 264 1.37 -3.34 -13.31
N ILE G 265 2.53 -3.72 -12.85
CA ILE G 265 3.59 -4.09 -13.75
C ILE G 265 3.16 -5.26 -14.56
N ILE G 266 2.83 -6.32 -13.86
CA ILE G 266 2.37 -7.56 -14.48
C ILE G 266 1.26 -7.25 -15.48
N SER G 267 0.31 -6.40 -15.07
CA SER G 267 -0.76 -6.08 -15.96
C SER G 267 -0.26 -5.51 -17.27
N GLY G 268 0.64 -4.53 -17.23
CA GLY G 268 1.14 -3.96 -18.46
C GLY G 268 1.98 -4.90 -19.29
N ALA G 269 2.74 -5.80 -18.63
CA ALA G 269 3.63 -6.73 -19.33
C ALA G 269 2.82 -7.69 -20.14
N ALA G 270 1.76 -8.13 -19.51
CA ALA G 270 0.88 -9.11 -20.09
C ALA G 270 0.07 -8.65 -21.26
N ALA G 271 -0.06 -7.34 -21.44
CA ALA G 271 -0.85 -6.78 -22.54
C ALA G 271 -0.07 -6.59 -23.84
N LEU G 272 1.23 -6.95 -23.84
CA LEU G 272 2.09 -6.81 -25.03
C LEU G 272 1.83 -7.93 -26.07
#